data_3J8V
#
_entry.id   3J8V
#
_cell.length_a   1
_cell.length_b   1
_cell.length_c   1
_cell.angle_alpha   90
_cell.angle_beta   90
_cell.angle_gamma   90
#
_symmetry.space_group_name_H-M   'P 1'
#
loop_
_entity.id
_entity.type
_entity.pdbx_description
1 polymer L1
2 polymer 'H16.14J light chain'
3 polymer 'H16.14J heavy chain'
#
loop_
_entity_poly.entity_id
_entity_poly.type
_entity_poly.pdbx_seq_one_letter_code
_entity_poly.pdbx_strand_id
1 'polypeptide(L)'
;AVVSTDEYVARTNIYYHAGTSRLLAVGHPYFPIKKPNNNKILVPKVSGLQYRVFRIHLPDPNKFGFPDTSFYNPDTQRLV
WACVGVEVGRGQPLGVGISGHPLLNKLDDTENASAYAANAGVDNRECISMDYKQTQLCLIGCKPPIGEHWGKGSPCTQVA
VQPGDCPPLELINTVIQDGDMVDTGFGAMDFTTLQANKSEVPLDICTSICKYPDYIKMVSEPYGDSLFFYLRREQMFVRH
LFNRAGTVGENVPDDLYIKGSGSTANLASSNYFPTPSGSMVTSDAQIFNKPYWLQRAQGHNNGICWGNQLFVTVVDTTRS
TNMSLCAAISTSETTYKNTNFKEYLRHGEEYDLQFIFQLCKITLTADVMTYIHSMNSTILEDWNFGLQPPPGGTLEDTYR
FVTSQAIACQKHTPPAPKEDPLKKYTFWEVNLKEKFSADLDQFPLGRKFLLQLGL
;
A,B,C,D,E
2 'polypeptide(L)'
;DIVMTQSPSYLSVSLGGRVTITCKASDHINNWLAWYQQKPGNAPRLLISGATSLETGVPSRFSGSGSGKDFTLSITSLQT
EDVATYHCQQYWSTPLTFGAGTKLELKRA
;
L,J,K,M
3 'polypeptide(L)'
;QLQQSGAELVRPGSSVKISCKASGYAFSSYWMNWVKQRPGQGLEWIGQIYPGDGATNYNGKFKGKATLTADKSSSTAFMQ
ISSLTSEDSAVYFCARPYRYDGGVYAMDYWGQGTSVTVS
;
H,F,G,I
#
# COMPACT_ATOMS: atom_id res chain seq x y z
N ALA A 1 41.88 39.82 -15.88
CA ALA A 1 41.50 39.04 -14.66
C ALA A 1 40.30 39.69 -13.97
N VAL A 2 39.40 38.86 -13.44
CA VAL A 2 38.22 39.36 -12.76
C VAL A 2 38.55 39.41 -11.28
N VAL A 3 37.92 40.33 -10.56
CA VAL A 3 38.17 40.47 -9.11
C VAL A 3 36.88 40.61 -8.32
N SER A 4 36.97 40.23 -7.04
CA SER A 4 35.81 40.32 -6.16
C SER A 4 35.34 41.76 -6.11
N THR A 5 34.04 41.96 -5.91
CA THR A 5 33.49 43.31 -5.85
C THR A 5 33.97 44.00 -4.56
N ASP A 6 34.38 43.20 -3.58
CA ASP A 6 34.89 43.72 -2.32
C ASP A 6 36.12 44.58 -2.55
N GLU A 7 36.76 44.40 -3.70
CA GLU A 7 37.95 45.13 -4.10
C GLU A 7 37.67 46.60 -4.39
N TYR A 8 36.70 46.83 -5.29
CA TYR A 8 36.34 48.16 -5.72
C TYR A 8 35.01 48.71 -5.20
N VAL A 9 34.22 47.90 -4.52
CA VAL A 9 32.96 48.40 -4.02
C VAL A 9 33.05 48.66 -2.52
N ALA A 10 32.77 49.89 -2.11
CA ALA A 10 32.85 50.25 -0.71
C ALA A 10 31.49 50.11 -0.06
N ARG A 11 31.51 49.56 1.15
CA ARG A 11 30.31 49.32 1.95
C ARG A 11 30.02 50.43 2.93
N THR A 12 28.86 51.07 2.82
CA THR A 12 28.51 52.10 3.78
C THR A 12 27.82 51.41 4.95
N ASN A 13 27.23 52.21 5.81
CA ASN A 13 26.60 51.68 7.00
C ASN A 13 25.08 51.85 6.93
N ILE A 14 24.60 52.28 5.78
CA ILE A 14 23.17 52.49 5.57
C ILE A 14 22.51 51.25 5.04
N TYR A 15 21.37 50.90 5.61
CA TYR A 15 20.65 49.73 5.19
C TYR A 15 19.18 50.08 5.04
N TYR A 16 18.58 49.55 4.00
CA TYR A 16 17.17 49.78 3.76
C TYR A 16 16.42 48.46 3.61
N HIS A 17 15.14 48.48 3.94
CA HIS A 17 14.31 47.30 3.79
C HIS A 17 13.37 47.61 2.64
N ALA A 18 12.96 46.59 1.92
CA ALA A 18 12.04 46.78 0.81
C ALA A 18 11.27 45.48 0.66
N GLY A 19 10.00 45.59 0.27
CA GLY A 19 9.23 44.39 0.09
C GLY A 19 7.99 44.56 -0.75
N THR A 20 7.56 43.49 -1.40
CA THR A 20 6.35 43.52 -2.20
C THR A 20 5.23 43.43 -1.17
N SER A 21 4.06 43.91 -1.49
CA SER A 21 2.96 43.85 -0.52
C SER A 21 2.60 42.39 -0.25
N ARG A 22 2.20 41.71 -1.32
CA ARG A 22 1.80 40.33 -1.30
C ARG A 22 1.35 40.04 -2.71
N LEU A 23 2.19 39.34 -3.45
CA LEU A 23 1.85 39.01 -4.81
C LEU A 23 0.87 37.86 -4.85
N LEU A 24 -0.07 37.91 -5.79
CA LEU A 24 -1.07 36.87 -5.91
C LEU A 24 -1.23 36.44 -7.36
N ALA A 25 -1.39 35.16 -7.58
CA ALA A 25 -1.57 34.64 -8.95
C ALA A 25 -2.62 33.54 -9.03
N VAL A 26 -3.62 33.75 -9.87
CA VAL A 26 -4.68 32.78 -10.02
C VAL A 26 -4.94 32.50 -11.48
N GLY A 27 -5.10 31.23 -11.81
CA GLY A 27 -5.36 30.84 -13.18
C GLY A 27 -5.68 29.37 -13.26
N HIS A 28 -5.64 28.85 -14.48
CA HIS A 28 -5.91 27.43 -14.71
C HIS A 28 -4.55 26.73 -14.63
N PRO A 29 -4.51 25.55 -14.00
CA PRO A 29 -3.29 24.75 -13.82
C PRO A 29 -2.64 24.17 -15.06
N TYR A 30 -3.42 23.81 -16.07
CA TYR A 30 -2.83 23.18 -17.24
C TYR A 30 -2.66 24.02 -18.51
N PHE A 31 -3.57 24.94 -18.75
CA PHE A 31 -3.51 25.76 -19.95
C PHE A 31 -4.32 27.04 -19.81
N PRO A 32 -3.99 28.04 -20.63
CA PRO A 32 -4.73 29.28 -20.50
C PRO A 32 -6.10 29.21 -21.17
N ILE A 33 -7.08 29.85 -20.54
CA ILE A 33 -8.44 29.91 -21.04
C ILE A 33 -8.55 31.17 -21.88
N LYS A 34 -8.95 31.03 -23.13
CA LYS A 34 -9.10 32.20 -24.01
C LYS A 34 -10.30 32.07 -24.91
N LYS A 35 -10.60 33.17 -25.60
CA LYS A 35 -11.71 33.19 -26.56
C LYS A 35 -11.26 32.37 -27.79
N PRO A 36 -12.03 31.33 -28.17
CA PRO A 36 -11.73 30.44 -29.31
C PRO A 36 -11.43 31.18 -30.63
N ASN A 37 -12.34 32.06 -30.99
CA ASN A 37 -12.27 32.90 -32.19
C ASN A 37 -11.12 33.92 -32.01
N ASN A 38 -10.91 34.33 -30.76
CA ASN A 38 -9.94 35.30 -30.34
C ASN A 38 -8.60 34.64 -29.97
N ASN A 39 -7.71 35.41 -29.38
CA ASN A 39 -6.40 34.93 -28.94
C ASN A 39 -5.99 35.62 -27.65
N LYS A 40 -6.84 36.56 -27.24
CA LYS A 40 -6.64 37.31 -26.02
C LYS A 40 -6.86 36.31 -24.87
N ILE A 41 -5.95 36.34 -23.90
CA ILE A 41 -6.02 35.43 -22.74
C ILE A 41 -7.05 35.89 -21.72
N LEU A 42 -8.05 35.07 -21.50
CA LEU A 42 -9.11 35.41 -20.56
C LEU A 42 -8.67 35.02 -19.14
N VAL A 43 -8.10 33.82 -19.02
CA VAL A 43 -7.59 33.30 -17.75
C VAL A 43 -6.20 32.72 -18.04
N PRO A 44 -5.18 33.14 -17.30
CA PRO A 44 -3.84 32.61 -17.56
C PRO A 44 -3.53 31.23 -16.95
N LYS A 45 -2.49 30.59 -17.46
CA LYS A 45 -2.08 29.30 -16.93
C LYS A 45 -1.25 29.56 -15.68
N VAL A 46 -1.72 29.09 -14.53
CA VAL A 46 -0.98 29.27 -13.29
C VAL A 46 -0.83 27.91 -12.60
N SER A 47 0.40 27.42 -12.56
CA SER A 47 0.69 26.13 -11.98
C SER A 47 1.88 26.19 -11.04
N GLY A 48 1.88 25.30 -10.06
CA GLY A 48 2.98 25.25 -9.12
C GLY A 48 4.22 24.69 -9.80
N LEU A 49 4.06 24.26 -11.05
CA LEU A 49 5.17 23.69 -11.78
C LEU A 49 5.86 24.66 -12.73
N GLN A 50 5.54 25.95 -12.61
CA GLN A 50 6.16 26.96 -13.45
C GLN A 50 7.24 27.68 -12.68
N TYR A 51 8.18 28.25 -13.42
CA TYR A 51 9.22 29.05 -12.80
C TYR A 51 8.57 30.40 -12.57
N ARG A 52 9.02 31.09 -11.53
CA ARG A 52 8.55 32.43 -11.23
C ARG A 52 9.82 33.25 -11.27
N VAL A 53 9.95 34.10 -12.27
CA VAL A 53 11.15 34.92 -12.35
C VAL A 53 10.78 36.36 -12.09
N PHE A 54 11.22 36.89 -10.95
CA PHE A 54 10.94 38.26 -10.58
C PHE A 54 12.05 39.21 -10.97
N ARG A 55 11.68 40.24 -11.72
CA ARG A 55 12.60 41.28 -12.17
C ARG A 55 12.36 42.42 -11.17
N ILE A 56 13.25 42.52 -10.19
CA ILE A 56 13.12 43.52 -9.13
C ILE A 56 13.72 44.86 -9.49
N HIS A 57 12.89 45.89 -9.52
CA HIS A 57 13.38 47.23 -9.85
C HIS A 57 13.64 48.05 -8.61
N LEU A 58 14.88 48.51 -8.47
CA LEU A 58 15.26 49.32 -7.33
C LEU A 58 15.46 50.78 -7.66
N PRO A 59 15.15 51.67 -6.71
CA PRO A 59 15.34 53.09 -6.99
C PRO A 59 16.85 53.34 -7.16
N ASP A 60 17.23 54.16 -8.15
CA ASP A 60 18.64 54.48 -8.36
C ASP A 60 19.18 55.18 -7.13
N PRO A 61 20.14 54.58 -6.42
CA PRO A 61 20.66 55.25 -5.22
C PRO A 61 21.24 56.64 -5.50
N ASN A 62 21.64 56.88 -6.75
CA ASN A 62 22.22 58.16 -7.13
C ASN A 62 21.15 59.24 -7.29
N LYS A 63 19.96 58.84 -7.74
CA LYS A 63 18.86 59.77 -7.93
C LYS A 63 18.05 59.86 -6.65
N PHE A 64 18.21 58.83 -5.80
CA PHE A 64 17.50 58.73 -4.52
C PHE A 64 17.72 59.97 -3.67
N GLY A 65 16.79 60.22 -2.75
CA GLY A 65 16.91 61.37 -1.87
C GLY A 65 17.18 61.00 -0.42
N PHE A 66 18.45 60.83 -0.06
CA PHE A 66 18.80 60.50 1.31
C PHE A 66 18.79 61.73 2.20
N PRO A 67 18.46 61.54 3.48
CA PRO A 67 18.43 62.65 4.44
C PRO A 67 19.82 63.27 4.61
N ASP A 68 20.85 62.43 4.54
CA ASP A 68 22.22 62.89 4.66
C ASP A 68 22.96 62.39 3.42
N THR A 69 23.84 63.23 2.88
CA THR A 69 24.61 62.85 1.69
C THR A 69 26.08 63.12 1.88
N SER A 70 26.50 63.27 3.13
CA SER A 70 27.88 63.55 3.47
C SER A 70 28.74 62.30 3.40
N PHE A 71 28.11 61.14 3.56
CA PHE A 71 28.80 59.86 3.54
C PHE A 71 29.58 59.55 2.25
N TYR A 72 29.42 60.37 1.22
CA TYR A 72 30.15 60.12 -0.02
C TYR A 72 30.33 61.37 -0.88
N ASN A 73 31.22 61.30 -1.86
CA ASN A 73 31.47 62.41 -2.75
C ASN A 73 30.90 62.14 -4.14
N PRO A 74 29.75 62.76 -4.46
CA PRO A 74 29.07 62.60 -5.75
C PRO A 74 29.88 63.05 -6.97
N ASP A 75 31.13 63.42 -6.75
CA ASP A 75 32.01 63.88 -7.84
C ASP A 75 33.00 62.81 -8.21
N THR A 76 33.60 62.21 -7.19
CA THR A 76 34.56 61.16 -7.40
C THR A 76 33.92 59.79 -7.41
N GLN A 77 32.75 59.64 -6.78
CA GLN A 77 32.12 58.34 -6.74
C GLN A 77 30.67 58.21 -7.14
N ARG A 78 30.18 56.97 -7.11
CA ARG A 78 28.81 56.63 -7.46
C ARG A 78 28.23 55.65 -6.44
N LEU A 79 26.90 55.44 -6.49
CA LEU A 79 26.25 54.54 -5.55
C LEU A 79 25.58 53.33 -6.18
N VAL A 80 25.63 52.19 -5.47
CA VAL A 80 25.03 50.94 -5.94
C VAL A 80 24.39 50.23 -4.78
N TRP A 81 23.29 49.52 -5.03
CA TRP A 81 22.63 48.79 -3.96
C TRP A 81 23.22 47.39 -3.88
N ALA A 82 23.42 46.89 -2.67
CA ALA A 82 23.92 45.54 -2.47
C ALA A 82 22.90 44.72 -1.67
N CYS A 83 22.49 43.59 -2.25
CA CYS A 83 21.52 42.74 -1.58
C CYS A 83 22.20 41.97 -0.46
N VAL A 84 21.70 42.10 0.76
CA VAL A 84 22.30 41.43 1.89
C VAL A 84 21.37 40.44 2.61
N GLY A 85 20.08 40.55 2.34
CA GLY A 85 19.13 39.65 2.97
C GLY A 85 17.87 39.48 2.14
N VAL A 86 17.40 38.24 2.00
CA VAL A 86 16.20 37.94 1.23
C VAL A 86 15.31 36.96 1.98
N GLU A 87 14.01 37.15 1.86
CA GLU A 87 13.05 36.27 2.48
C GLU A 87 11.96 36.04 1.48
N VAL A 88 11.90 34.85 0.93
CA VAL A 88 10.86 34.53 -0.03
C VAL A 88 9.68 33.93 0.69
N GLY A 89 8.68 34.77 0.98
CA GLY A 89 7.52 34.29 1.69
C GLY A 89 6.58 33.57 0.75
N ARG A 90 6.01 32.47 1.23
CA ARG A 90 5.06 31.68 0.48
C ARG A 90 3.82 31.63 1.36
N GLY A 91 2.63 31.64 0.76
CA GLY A 91 1.44 31.68 1.59
C GLY A 91 0.32 30.69 1.53
N GLN A 92 0.30 29.74 0.62
CA GLN A 92 -0.85 28.83 0.66
C GLN A 92 -0.49 27.64 1.55
N PRO A 93 -1.45 26.75 1.85
CA PRO A 93 -1.08 25.60 2.68
C PRO A 93 -0.31 24.57 1.83
N LEU A 94 0.57 23.80 2.45
CA LEU A 94 1.34 22.81 1.70
C LEU A 94 0.39 21.78 1.08
N GLY A 95 0.72 21.32 -0.13
CA GLY A 95 -0.11 20.33 -0.79
C GLY A 95 0.42 19.90 -2.13
N VAL A 96 -0.07 18.78 -2.66
CA VAL A 96 0.42 18.31 -3.95
C VAL A 96 -0.62 18.36 -5.05
N GLY A 97 -0.19 18.85 -6.21
CA GLY A 97 -1.07 18.94 -7.36
C GLY A 97 -1.24 17.62 -8.08
N ILE A 98 -1.38 17.68 -9.39
CA ILE A 98 -1.59 16.47 -10.17
C ILE A 98 -1.89 16.88 -11.61
N SER A 99 -1.24 16.22 -12.56
CA SER A 99 -1.41 16.54 -13.97
C SER A 99 -1.56 15.28 -14.81
N GLY A 100 -2.40 15.35 -15.83
CA GLY A 100 -2.57 14.20 -16.71
C GLY A 100 -2.78 14.57 -18.17
N HIS A 101 -3.30 13.61 -18.93
CA HIS A 101 -3.63 13.79 -20.34
C HIS A 101 -4.74 12.79 -20.67
N PRO A 102 -5.84 13.26 -21.27
CA PRO A 102 -6.98 12.39 -21.63
C PRO A 102 -6.62 11.32 -22.66
N LEU A 103 -5.55 11.58 -23.41
CA LEU A 103 -5.08 10.67 -24.43
C LEU A 103 -3.57 10.48 -24.33
N LEU A 104 -3.11 10.07 -23.15
CA LEU A 104 -1.69 9.82 -22.93
C LEU A 104 -1.24 8.55 -23.65
N ASN A 105 -0.10 8.60 -24.32
CA ASN A 105 0.41 7.44 -25.03
C ASN A 105 0.93 6.37 -24.08
N LYS A 106 0.00 5.58 -23.56
CA LYS A 106 0.35 4.51 -22.63
C LYS A 106 -0.27 3.20 -23.13
N LEU A 107 0.56 2.31 -23.68
CA LEU A 107 0.07 1.04 -24.18
C LEU A 107 -0.35 0.17 -23.00
N ASP A 108 0.55 -0.70 -22.53
CA ASP A 108 0.21 -1.53 -21.39
C ASP A 108 1.07 -1.33 -20.14
N ASP A 109 0.61 -1.91 -19.04
CA ASP A 109 1.31 -1.84 -17.76
C ASP A 109 2.45 -2.88 -17.82
N THR A 110 3.69 -2.41 -17.83
CA THR A 110 4.82 -3.32 -17.92
C THR A 110 5.51 -3.62 -16.61
N GLU A 111 4.90 -3.17 -15.52
CA GLU A 111 5.45 -3.38 -14.16
C GLU A 111 5.26 -4.82 -13.71
N ASN A 112 4.22 -5.45 -14.25
CA ASN A 112 3.91 -6.83 -13.91
C ASN A 112 2.77 -7.31 -14.82
N ALA A 113 3.04 -8.33 -15.62
CA ALA A 113 2.01 -8.87 -16.53
C ALA A 113 1.86 -10.39 -16.42
N SER A 114 0.61 -10.86 -16.39
CA SER A 114 0.32 -12.29 -16.26
C SER A 114 0.26 -13.05 -17.58
N ALA A 115 0.11 -12.32 -18.68
CA ALA A 115 0.03 -12.92 -20.01
C ALA A 115 0.52 -11.88 -20.98
N TYR A 116 1.00 -12.31 -22.15
CA TYR A 116 1.49 -11.34 -23.13
C TYR A 116 0.35 -10.44 -23.53
N ALA A 117 0.61 -9.13 -23.55
CA ALA A 117 -0.40 -8.14 -23.91
C ALA A 117 -0.93 -8.38 -25.32
N ALA A 118 -2.13 -7.87 -25.58
CA ALA A 118 -2.80 -8.03 -26.87
C ALA A 118 -1.96 -7.57 -28.06
N ASN A 119 -2.53 -6.65 -28.85
CA ASN A 119 -1.84 -6.09 -30.02
C ASN A 119 -2.28 -4.64 -30.24
N ALA A 120 -1.30 -3.76 -30.41
CA ALA A 120 -1.58 -2.35 -30.62
C ALA A 120 -2.47 -2.20 -31.85
N GLY A 121 -3.64 -1.58 -31.65
CA GLY A 121 -4.56 -1.37 -32.75
C GLY A 121 -4.34 0.05 -33.24
N VAL A 122 -5.38 0.85 -33.19
CA VAL A 122 -5.26 2.23 -33.61
C VAL A 122 -5.62 3.04 -32.36
N ASP A 123 -4.74 3.92 -31.93
CA ASP A 123 -5.06 4.72 -30.74
C ASP A 123 -5.43 3.89 -29.50
N ASN A 124 -4.41 3.54 -28.70
CA ASN A 124 -4.62 2.79 -27.45
C ASN A 124 -4.37 3.73 -26.27
N ARG A 125 -4.37 5.03 -26.55
CA ARG A 125 -4.14 6.04 -25.52
C ARG A 125 -5.15 5.95 -24.36
N GLU A 126 -4.69 6.29 -23.16
CA GLU A 126 -5.53 6.23 -21.94
C GLU A 126 -5.54 7.57 -21.23
N CYS A 127 -6.61 7.83 -20.48
CA CYS A 127 -6.74 9.05 -19.70
C CYS A 127 -5.94 8.79 -18.43
N ILE A 128 -4.76 9.40 -18.34
CA ILE A 128 -3.88 9.19 -17.20
C ILE A 128 -3.23 10.38 -16.54
N SER A 129 -3.24 10.38 -15.21
CA SER A 129 -2.63 11.48 -14.47
C SER A 129 -1.47 10.99 -13.57
N MET A 130 -0.73 11.94 -13.00
CA MET A 130 0.39 11.61 -12.15
C MET A 130 0.78 12.80 -11.28
N ASP A 131 1.51 12.54 -10.20
CA ASP A 131 1.98 13.61 -9.33
C ASP A 131 3.45 13.83 -9.69
N TYR A 132 3.73 15.00 -10.26
CA TYR A 132 5.06 15.35 -10.73
C TYR A 132 6.13 15.29 -9.66
N LYS A 133 7.38 15.37 -10.08
CA LYS A 133 8.49 15.35 -9.16
C LYS A 133 8.53 16.64 -8.36
N GLN A 134 8.85 16.52 -7.08
CA GLN A 134 8.91 17.68 -6.18
C GLN A 134 10.16 18.50 -6.45
N THR A 135 10.01 19.82 -6.48
CA THR A 135 11.14 20.71 -6.73
C THR A 135 10.98 22.01 -5.97
N GLN A 136 12.05 22.41 -5.27
CA GLN A 136 12.09 23.66 -4.52
C GLN A 136 13.39 24.32 -4.90
N LEU A 137 13.36 25.55 -5.37
CA LEU A 137 14.61 26.19 -5.71
C LEU A 137 14.47 27.69 -5.73
N CYS A 138 15.58 28.37 -5.47
CA CYS A 138 15.61 29.81 -5.45
C CYS A 138 16.95 30.30 -5.95
N LEU A 139 16.93 31.11 -7.01
CA LEU A 139 18.14 31.66 -7.61
C LEU A 139 18.11 33.18 -7.48
N ILE A 140 19.22 33.75 -7.03
CA ILE A 140 19.30 35.20 -6.87
C ILE A 140 20.55 35.73 -7.57
N GLY A 141 20.40 36.81 -8.33
CA GLY A 141 21.54 37.40 -9.02
C GLY A 141 21.13 38.73 -9.64
N CYS A 142 22.03 39.41 -10.33
CA CYS A 142 21.65 40.68 -10.95
C CYS A 142 21.43 40.55 -12.45
N LYS A 143 21.45 39.31 -12.92
CA LYS A 143 21.22 39.00 -14.33
C LYS A 143 20.15 37.90 -14.37
N PRO A 144 19.36 37.82 -15.45
CA PRO A 144 18.35 36.77 -15.49
C PRO A 144 18.99 35.39 -15.46
N PRO A 145 18.29 34.39 -14.93
CA PRO A 145 18.75 33.01 -14.82
C PRO A 145 18.85 32.28 -16.16
N ILE A 146 19.77 31.34 -16.27
CA ILE A 146 19.93 30.59 -17.52
C ILE A 146 19.65 29.10 -17.38
N GLY A 147 18.80 28.58 -18.26
CA GLY A 147 18.51 27.16 -18.21
C GLY A 147 19.04 26.34 -19.37
N GLU A 148 18.89 25.02 -19.26
CA GLU A 148 19.31 24.09 -20.31
C GLU A 148 18.18 23.11 -20.54
N HIS A 149 18.07 22.62 -21.77
CA HIS A 149 17.05 21.65 -22.11
C HIS A 149 17.45 21.03 -23.43
N TRP A 150 16.91 19.85 -23.74
CA TRP A 150 17.21 19.20 -25.00
C TRP A 150 16.17 19.59 -26.02
N GLY A 151 16.64 19.97 -27.20
CA GLY A 151 15.74 20.34 -28.27
C GLY A 151 16.18 19.66 -29.54
N LYS A 152 15.50 19.97 -30.66
CA LYS A 152 15.88 19.35 -31.92
C LYS A 152 17.07 20.03 -32.59
N GLY A 153 18.21 19.36 -32.59
CA GLY A 153 19.39 19.92 -33.21
C GLY A 153 19.24 20.04 -34.71
N SER A 154 20.12 20.82 -35.33
CA SER A 154 20.13 21.00 -36.77
C SER A 154 20.75 19.75 -37.37
N PRO A 155 20.18 19.21 -38.45
CA PRO A 155 20.71 18.01 -39.08
C PRO A 155 21.95 18.26 -39.95
N CYS A 156 22.78 17.23 -40.07
CA CYS A 156 24.02 17.26 -40.87
C CYS A 156 23.63 17.19 -42.35
N THR A 157 24.21 18.05 -43.19
CA THR A 157 23.87 18.06 -44.62
C THR A 157 24.39 16.82 -45.37
N GLN A 158 23.62 15.74 -45.28
CA GLN A 158 23.97 14.52 -45.94
C GLN A 158 22.73 13.69 -46.19
N VAL A 159 22.67 12.58 -45.46
CA VAL A 159 21.58 11.62 -45.51
C VAL A 159 20.21 12.30 -45.30
N ALA A 160 19.47 12.47 -46.38
CA ALA A 160 18.16 13.11 -46.29
C ALA A 160 17.24 12.48 -45.23
N VAL A 161 16.92 13.24 -44.20
CA VAL A 161 16.03 12.79 -43.14
C VAL A 161 14.80 12.12 -43.73
N GLN A 162 14.66 10.82 -43.52
CA GLN A 162 13.49 10.11 -43.99
C GLN A 162 12.37 10.49 -43.01
N PRO A 163 11.13 10.67 -43.50
CA PRO A 163 10.04 11.03 -42.58
C PRO A 163 9.96 10.02 -41.44
N GLY A 164 9.74 10.52 -40.23
CA GLY A 164 9.65 9.63 -39.09
C GLY A 164 11.00 9.31 -38.48
N ASP A 165 12.08 9.70 -39.15
CA ASP A 165 13.43 9.47 -38.63
C ASP A 165 13.55 10.14 -37.28
N CYS A 166 14.33 9.55 -36.38
CA CYS A 166 14.52 10.13 -35.06
C CYS A 166 15.24 11.49 -35.20
N PRO A 167 14.69 12.56 -34.58
CA PRO A 167 15.30 13.89 -34.66
C PRO A 167 16.55 13.98 -33.80
N PRO A 168 17.54 14.75 -34.25
CA PRO A 168 18.80 14.92 -33.50
C PRO A 168 18.62 15.79 -32.26
N LEU A 169 19.36 15.48 -31.20
CA LEU A 169 19.27 16.25 -29.96
C LEU A 169 20.33 17.32 -29.89
N GLU A 170 20.10 18.32 -29.06
CA GLU A 170 21.09 19.37 -28.88
C GLU A 170 20.77 20.11 -27.59
N LEU A 171 21.73 20.18 -26.68
CA LEU A 171 21.49 20.88 -25.42
C LEU A 171 21.44 22.36 -25.75
N ILE A 172 20.32 22.99 -25.43
CA ILE A 172 20.12 24.39 -25.73
C ILE A 172 20.01 25.29 -24.51
N ASN A 173 20.93 26.24 -24.41
CA ASN A 173 20.90 27.18 -23.30
C ASN A 173 19.89 28.25 -23.64
N THR A 174 19.07 28.62 -22.66
CA THR A 174 18.03 29.62 -22.87
C THR A 174 17.91 30.51 -21.65
N VAL A 175 17.13 31.59 -21.75
CA VAL A 175 16.93 32.46 -20.60
C VAL A 175 15.67 31.93 -19.96
N ILE A 176 15.70 31.70 -18.65
CA ILE A 176 14.51 31.19 -17.98
C ILE A 176 13.54 32.32 -17.71
N GLN A 177 12.42 32.29 -18.42
CA GLN A 177 11.40 33.31 -18.27
C GLN A 177 10.31 32.94 -17.29
N ASP A 178 9.64 33.97 -16.77
CA ASP A 178 8.56 33.76 -15.82
C ASP A 178 7.44 33.01 -16.53
N GLY A 179 7.02 31.89 -15.99
CA GLY A 179 5.96 31.14 -16.63
C GLY A 179 6.47 29.87 -17.28
N ASP A 180 7.79 29.78 -17.48
CA ASP A 180 8.38 28.58 -18.06
C ASP A 180 8.09 27.38 -17.13
N MET A 181 8.19 26.17 -17.67
CA MET A 181 7.92 24.96 -16.88
C MET A 181 9.19 24.26 -16.37
N VAL A 182 9.09 23.64 -15.20
CA VAL A 182 10.21 22.93 -14.58
C VAL A 182 10.15 21.47 -14.95
N ASP A 183 11.31 20.83 -15.06
CA ASP A 183 11.33 19.41 -15.35
C ASP A 183 10.39 18.79 -14.33
N THR A 184 9.53 17.89 -14.78
CA THR A 184 8.52 17.28 -13.92
C THR A 184 8.71 15.79 -13.71
N GLY A 185 9.77 15.24 -14.28
CA GLY A 185 10.01 13.82 -14.16
C GLY A 185 10.29 13.23 -15.51
N PHE A 186 10.13 14.03 -16.55
CA PHE A 186 10.41 13.57 -17.91
C PHE A 186 11.65 14.27 -18.47
N GLY A 187 12.43 14.88 -17.57
CA GLY A 187 13.65 15.57 -17.97
C GLY A 187 13.40 16.94 -18.55
N ALA A 188 14.47 17.66 -18.83
CA ALA A 188 14.34 19.01 -19.39
C ALA A 188 14.49 18.99 -20.91
N MET A 189 13.36 19.02 -21.61
CA MET A 189 13.37 18.97 -23.06
C MET A 189 12.19 19.72 -23.65
N ASP A 190 12.29 19.96 -24.96
CA ASP A 190 11.25 20.67 -25.71
C ASP A 190 10.31 19.64 -26.33
N PHE A 191 9.25 19.33 -25.60
CA PHE A 191 8.29 18.33 -26.03
C PHE A 191 7.54 18.62 -27.31
N THR A 192 7.40 19.91 -27.63
CA THR A 192 6.69 20.29 -28.85
C THR A 192 7.49 19.87 -30.07
N THR A 193 8.77 20.22 -30.11
CA THR A 193 9.61 19.89 -31.24
C THR A 193 10.25 18.50 -31.21
N LEU A 194 10.04 17.76 -30.10
CA LEU A 194 10.61 16.41 -29.97
C LEU A 194 9.58 15.30 -29.83
N GLN A 195 8.30 15.66 -29.81
CA GLN A 195 7.24 14.68 -29.70
C GLN A 195 6.03 15.09 -30.55
N ALA A 196 6.01 14.66 -31.80
CA ALA A 196 4.93 15.00 -32.73
C ALA A 196 3.63 14.43 -32.19
N ASN A 197 3.78 13.35 -31.43
CA ASN A 197 2.68 12.62 -30.78
C ASN A 197 1.67 13.52 -30.06
N LYS A 198 2.18 14.50 -29.35
CA LYS A 198 1.35 15.43 -28.58
C LYS A 198 0.58 14.73 -27.45
N SER A 199 0.99 13.50 -27.15
CA SER A 199 0.34 12.71 -26.11
C SER A 199 1.30 11.93 -25.21
N GLU A 200 2.58 12.28 -25.24
CA GLU A 200 3.59 11.59 -24.44
C GLU A 200 3.60 12.02 -22.95
N VAL A 201 3.21 13.26 -22.69
CA VAL A 201 3.19 13.79 -21.32
C VAL A 201 1.90 14.58 -21.08
N PRO A 202 1.57 14.85 -19.80
CA PRO A 202 0.34 15.60 -19.44
C PRO A 202 0.22 16.92 -20.18
N LEU A 203 -1.02 17.43 -20.27
CA LEU A 203 -1.29 18.68 -20.97
C LEU A 203 -0.40 19.87 -20.60
N ASP A 204 -0.18 20.09 -19.30
CA ASP A 204 0.59 21.23 -18.82
C ASP A 204 2.04 21.38 -19.26
N ILE A 205 2.66 20.34 -19.80
CA ILE A 205 4.03 20.45 -20.30
C ILE A 205 4.07 19.93 -21.72
N CYS A 206 2.94 19.34 -22.07
CA CYS A 206 2.67 18.75 -23.37
C CYS A 206 3.20 19.52 -24.60
N THR A 207 2.99 20.84 -24.63
CA THR A 207 3.46 21.64 -25.74
C THR A 207 4.31 22.77 -25.21
N SER A 208 5.07 22.49 -24.15
CA SER A 208 5.93 23.48 -23.55
C SER A 208 7.37 22.99 -23.52
N ILE A 209 8.22 23.74 -22.85
CA ILE A 209 9.61 23.34 -22.73
C ILE A 209 9.92 23.28 -21.25
N CYS A 210 10.37 22.13 -20.77
CA CYS A 210 10.71 22.01 -19.38
C CYS A 210 12.21 22.32 -19.34
N LYS A 211 12.57 23.37 -18.61
CA LYS A 211 13.95 23.78 -18.52
C LYS A 211 14.53 23.52 -17.14
N TYR A 212 15.84 23.31 -17.07
CA TYR A 212 16.50 23.04 -15.81
C TYR A 212 17.58 24.09 -15.67
N PRO A 213 17.76 24.66 -14.47
CA PRO A 213 18.79 25.68 -14.29
C PRO A 213 20.15 25.11 -14.69
N ASP A 214 20.91 25.85 -15.47
CA ASP A 214 22.24 25.38 -15.86
C ASP A 214 23.19 25.92 -14.79
N TYR A 215 23.16 25.29 -13.63
CA TYR A 215 23.99 25.69 -12.50
C TYR A 215 25.46 25.73 -12.86
N ILE A 216 25.93 24.72 -13.59
CA ILE A 216 27.34 24.65 -13.99
C ILE A 216 27.78 25.91 -14.77
N LYS A 217 27.05 26.22 -15.84
CA LYS A 217 27.37 27.38 -16.65
C LYS A 217 27.34 28.68 -15.85
N MET A 218 26.25 28.90 -15.10
CA MET A 218 26.10 30.13 -14.32
C MET A 218 27.20 30.36 -13.31
N VAL A 219 27.68 29.29 -12.68
CA VAL A 219 28.75 29.43 -11.69
C VAL A 219 30.11 29.58 -12.36
N SER A 220 30.20 29.10 -13.61
CA SER A 220 31.44 29.19 -14.36
C SER A 220 31.58 30.64 -14.79
N GLU A 221 30.44 31.25 -15.06
CA GLU A 221 30.39 32.64 -15.46
C GLU A 221 31.48 33.42 -14.72
N PRO A 222 32.35 34.12 -15.45
CA PRO A 222 33.47 34.92 -14.92
C PRO A 222 33.13 35.95 -13.84
N TYR A 223 32.14 36.80 -14.10
CA TYR A 223 31.76 37.81 -13.13
C TYR A 223 30.74 37.31 -12.10
N GLY A 224 30.02 36.24 -12.44
CA GLY A 224 29.04 35.68 -11.54
C GLY A 224 27.86 36.57 -11.18
N ASP A 225 27.34 37.29 -12.17
CA ASP A 225 26.22 38.19 -11.95
C ASP A 225 24.89 37.47 -12.07
N SER A 226 24.84 36.44 -12.90
CA SER A 226 23.57 35.73 -13.11
C SER A 226 23.05 35.09 -11.84
N LEU A 227 23.94 34.68 -10.95
CA LEU A 227 23.49 34.09 -9.70
C LEU A 227 24.58 34.08 -8.62
N PHE A 228 24.34 34.82 -7.54
CA PHE A 228 25.30 34.85 -6.46
C PHE A 228 24.81 34.13 -5.20
N PHE A 229 23.74 33.36 -5.37
CA PHE A 229 23.18 32.57 -4.27
C PHE A 229 22.06 31.68 -4.82
N TYR A 230 21.97 30.45 -4.30
CA TYR A 230 20.90 29.56 -4.72
C TYR A 230 20.62 28.43 -3.73
N LEU A 231 19.41 27.91 -3.77
CA LEU A 231 19.00 26.81 -2.95
C LEU A 231 18.22 25.86 -3.84
N ARG A 232 18.61 24.60 -3.86
CA ARG A 232 17.90 23.64 -4.68
C ARG A 232 17.56 22.39 -3.92
N ARG A 233 16.34 21.90 -4.14
CA ARG A 233 15.86 20.70 -3.48
C ARG A 233 14.90 19.99 -4.41
N GLU A 234 15.34 18.84 -4.93
CA GLU A 234 14.50 18.05 -5.82
C GLU A 234 14.57 16.55 -5.48
N GLN A 235 13.42 15.89 -5.60
CA GLN A 235 13.33 14.46 -5.32
C GLN A 235 12.28 13.86 -6.24
N MET A 236 12.44 12.58 -6.52
CA MET A 236 11.52 11.89 -7.42
C MET A 236 11.70 10.39 -7.39
N PHE A 237 10.62 9.64 -7.59
CA PHE A 237 10.70 8.19 -7.65
C PHE A 237 9.71 7.64 -8.66
N VAL A 238 9.92 6.38 -9.07
CA VAL A 238 9.07 5.73 -10.07
C VAL A 238 7.79 5.12 -9.51
N ARG A 239 6.66 5.72 -9.84
CA ARG A 239 5.36 5.24 -9.37
C ARG A 239 4.89 4.06 -10.26
N HIS A 240 4.84 4.26 -11.59
CA HIS A 240 4.42 3.19 -12.51
C HIS A 240 5.36 3.01 -13.68
N LEU A 241 5.36 1.79 -14.24
CA LEU A 241 6.23 1.51 -15.38
C LEU A 241 5.38 1.11 -16.59
N PHE A 242 5.38 1.99 -17.60
CA PHE A 242 4.57 1.76 -18.79
C PHE A 242 5.29 1.49 -20.12
N ASN A 243 4.46 1.29 -21.15
CA ASN A 243 4.86 1.00 -22.52
C ASN A 243 4.37 2.13 -23.42
N ARG A 244 5.08 2.38 -24.51
CA ARG A 244 4.65 3.43 -25.44
C ARG A 244 4.08 2.81 -26.70
N ALA A 245 2.87 3.23 -27.08
CA ALA A 245 2.25 2.75 -28.30
C ALA A 245 2.94 3.51 -29.43
N GLY A 246 2.77 3.03 -30.66
CA GLY A 246 3.41 3.67 -31.78
C GLY A 246 4.17 2.61 -32.54
N THR A 247 5.08 2.98 -33.42
CA THR A 247 5.81 1.97 -34.17
C THR A 247 7.30 2.03 -33.94
N VAL A 248 7.92 0.87 -33.94
CA VAL A 248 9.35 0.79 -33.70
C VAL A 248 10.13 1.77 -34.55
N GLY A 249 10.80 2.71 -33.88
CA GLY A 249 11.62 3.68 -34.57
C GLY A 249 12.96 3.02 -34.78
N GLU A 250 13.39 2.28 -33.76
CA GLU A 250 14.65 1.54 -33.80
C GLU A 250 14.38 0.16 -33.26
N ASN A 251 14.66 -0.85 -34.08
CA ASN A 251 14.42 -2.22 -33.69
C ASN A 251 15.42 -2.81 -32.74
N VAL A 252 14.93 -3.72 -31.91
CA VAL A 252 15.78 -4.37 -30.93
C VAL A 252 16.71 -5.35 -31.65
N PRO A 253 18.03 -5.15 -31.52
CA PRO A 253 19.01 -6.04 -32.17
C PRO A 253 18.71 -7.48 -31.73
N ASP A 254 18.51 -8.37 -32.69
CA ASP A 254 18.19 -9.76 -32.36
C ASP A 254 19.27 -10.56 -31.65
N ASP A 255 20.46 -9.98 -31.48
CA ASP A 255 21.51 -10.69 -30.77
C ASP A 255 21.24 -10.54 -29.27
N LEU A 256 20.19 -9.79 -28.93
CA LEU A 256 19.82 -9.52 -27.54
C LEU A 256 18.68 -10.39 -27.02
N TYR A 257 18.26 -11.36 -27.80
CA TYR A 257 17.16 -12.22 -27.38
C TYR A 257 16.92 -13.37 -28.33
N ILE A 258 16.10 -14.31 -27.86
CA ILE A 258 15.75 -15.47 -28.63
C ILE A 258 14.33 -15.29 -29.13
N LYS A 259 14.18 -15.35 -30.44
CA LYS A 259 12.89 -15.21 -31.10
C LYS A 259 11.83 -16.00 -30.39
N GLY A 260 10.63 -15.45 -30.30
CA GLY A 260 9.52 -16.12 -29.66
C GLY A 260 8.72 -16.95 -30.66
N SER A 261 7.41 -17.05 -30.45
CA SER A 261 6.53 -17.82 -31.35
C SER A 261 5.10 -17.74 -30.84
N GLY A 262 4.15 -17.92 -31.74
CA GLY A 262 2.74 -17.84 -31.34
C GLY A 262 2.49 -16.44 -30.85
N SER A 263 2.18 -16.27 -29.56
CA SER A 263 1.96 -14.93 -29.01
C SER A 263 3.27 -14.11 -28.90
N THR A 264 4.30 -14.73 -28.34
CA THR A 264 5.60 -14.10 -28.19
C THR A 264 6.38 -14.05 -29.51
N ALA A 265 5.69 -14.29 -30.62
CA ALA A 265 6.35 -14.24 -31.93
C ALA A 265 6.69 -12.78 -32.23
N ASN A 266 5.72 -11.91 -31.93
CA ASN A 266 5.86 -10.46 -32.13
C ASN A 266 6.29 -9.71 -30.88
N LEU A 267 7.43 -9.05 -30.94
CA LEU A 267 7.97 -8.29 -29.82
C LEU A 267 7.08 -7.12 -29.40
N ALA A 268 6.80 -7.02 -28.11
CA ALA A 268 5.98 -5.94 -27.61
C ALA A 268 6.89 -4.71 -27.54
N SER A 269 6.28 -3.52 -27.46
CA SER A 269 7.06 -2.29 -27.39
C SER A 269 8.01 -2.31 -26.22
N SER A 270 9.28 -2.08 -26.48
CA SER A 270 10.26 -2.03 -25.40
C SER A 270 10.69 -0.56 -25.25
N ASN A 271 9.75 0.32 -25.55
CA ASN A 271 9.91 1.76 -25.43
C ASN A 271 9.21 2.10 -24.11
N TYR A 272 9.84 1.71 -23.01
CA TYR A 272 9.26 1.94 -21.69
C TYR A 272 9.47 3.37 -21.22
N PHE A 273 8.56 3.79 -20.34
CA PHE A 273 8.63 5.11 -19.74
C PHE A 273 7.97 4.98 -18.37
N PRO A 274 8.57 5.62 -17.35
CA PRO A 274 8.02 5.56 -15.99
C PRO A 274 7.19 6.78 -15.68
N THR A 275 6.33 6.64 -14.68
CA THR A 275 5.46 7.70 -14.22
C THR A 275 6.16 8.26 -13.02
N PRO A 276 6.42 9.58 -12.98
CA PRO A 276 7.10 10.12 -11.80
C PRO A 276 6.18 10.27 -10.61
N SER A 277 6.80 10.61 -9.47
CA SER A 277 6.10 10.85 -8.23
C SER A 277 7.03 11.52 -7.23
N GLY A 278 6.78 12.80 -6.95
CA GLY A 278 7.56 13.51 -5.94
C GLY A 278 6.79 13.12 -4.71
N SER A 279 7.43 12.40 -3.80
CA SER A 279 6.76 11.90 -2.62
C SER A 279 6.00 12.93 -1.77
N MET A 280 5.95 12.68 -0.48
CA MET A 280 5.26 13.55 0.48
C MET A 280 5.96 14.91 0.58
N VAL A 281 5.19 15.94 0.90
CA VAL A 281 5.71 17.30 1.07
C VAL A 281 5.68 17.56 2.55
N THR A 282 6.67 18.28 3.05
CA THR A 282 6.75 18.54 4.48
C THR A 282 7.24 19.91 4.88
N SER A 283 6.83 20.34 6.07
CA SER A 283 7.24 21.63 6.61
C SER A 283 8.73 21.60 6.87
N ASP A 284 9.16 20.60 7.63
CA ASP A 284 10.56 20.46 7.98
C ASP A 284 11.48 20.62 6.78
N ALA A 285 10.98 20.32 5.58
CA ALA A 285 11.84 20.43 4.40
C ALA A 285 11.72 21.74 3.62
N GLN A 286 10.96 22.69 4.18
CA GLN A 286 10.75 23.98 3.53
C GLN A 286 12.00 24.79 3.34
N ILE A 287 12.03 25.51 2.23
CA ILE A 287 13.16 26.32 1.89
C ILE A 287 12.84 27.78 2.03
N PHE A 288 11.56 28.08 1.93
CA PHE A 288 11.08 29.43 2.01
C PHE A 288 10.63 29.84 3.41
N ASN A 289 10.21 31.09 3.54
CA ASN A 289 9.77 31.63 4.80
C ASN A 289 10.89 31.51 5.82
N LYS A 290 12.12 31.64 5.32
CA LYS A 290 13.35 31.59 6.08
C LYS A 290 14.17 32.68 5.39
N PRO A 291 14.92 33.46 6.17
CA PRO A 291 15.73 34.53 5.58
C PRO A 291 17.05 33.99 5.07
N TYR A 292 17.54 34.53 3.97
CA TYR A 292 18.83 34.11 3.41
C TYR A 292 19.79 35.29 3.60
N TRP A 293 20.92 35.06 4.25
CA TRP A 293 21.86 36.12 4.42
C TRP A 293 23.00 35.96 3.41
N LEU A 294 22.93 36.78 2.36
CA LEU A 294 23.93 36.77 1.29
C LEU A 294 25.20 37.53 1.70
N GLN A 295 25.95 37.01 2.66
CA GLN A 295 27.14 37.71 3.08
C GLN A 295 28.41 37.44 2.30
N ARG A 296 28.70 36.17 2.04
CA ARG A 296 29.91 35.82 1.29
C ARG A 296 29.46 35.10 0.05
N ALA A 297 29.65 35.68 -1.13
CA ALA A 297 29.23 34.98 -2.35
C ALA A 297 30.38 34.12 -2.86
N GLN A 298 30.05 33.02 -3.52
CA GLN A 298 31.07 32.13 -4.07
C GLN A 298 31.62 32.71 -5.38
N GLY A 299 30.88 33.64 -5.96
CA GLY A 299 31.27 34.29 -7.19
C GLY A 299 31.99 35.59 -6.87
N HIS A 300 32.44 36.29 -7.91
CA HIS A 300 33.16 37.53 -7.67
C HIS A 300 32.22 38.68 -7.40
N ASN A 301 31.00 38.58 -7.90
CA ASN A 301 30.02 39.61 -7.64
C ASN A 301 29.37 39.25 -6.32
N ASN A 302 29.72 39.95 -5.24
CA ASN A 302 29.15 39.64 -3.95
C ASN A 302 27.81 40.33 -3.66
N GLY A 303 26.83 40.02 -4.50
CA GLY A 303 25.50 40.58 -4.32
C GLY A 303 25.31 42.03 -4.71
N ILE A 304 26.16 42.53 -5.60
CA ILE A 304 25.99 43.91 -6.03
C ILE A 304 24.93 43.89 -7.11
N CYS A 305 23.92 44.74 -6.97
CA CYS A 305 22.83 44.82 -7.92
C CYS A 305 23.08 45.86 -9.01
N TRP A 306 24.05 45.59 -9.88
CA TRP A 306 24.36 46.49 -10.97
C TRP A 306 23.07 46.82 -11.76
N GLY A 307 22.92 48.07 -12.15
CA GLY A 307 21.74 48.46 -12.90
C GLY A 307 20.53 48.66 -12.00
N ASN A 308 20.75 48.60 -10.69
CA ASN A 308 19.65 48.76 -9.75
C ASN A 308 18.59 47.72 -10.09
N GLN A 309 19.06 46.55 -10.48
CA GLN A 309 18.21 45.42 -10.86
C GLN A 309 18.52 44.29 -9.90
N LEU A 310 17.65 43.30 -9.88
CA LEU A 310 17.82 42.15 -9.00
C LEU A 310 16.86 41.05 -9.49
N PHE A 311 17.39 39.85 -9.67
CA PHE A 311 16.55 38.75 -10.14
C PHE A 311 16.32 37.69 -9.09
N VAL A 312 15.07 37.31 -8.92
CA VAL A 312 14.75 36.27 -7.94
C VAL A 312 13.93 35.20 -8.64
N THR A 313 14.56 34.07 -8.90
CA THR A 313 13.88 32.97 -9.55
C THR A 313 13.44 31.99 -8.47
N VAL A 314 12.21 31.49 -8.61
CA VAL A 314 11.65 30.54 -7.65
C VAL A 314 10.81 29.45 -8.30
N VAL A 315 10.82 28.28 -7.70
CA VAL A 315 10.01 27.14 -8.15
C VAL A 315 9.64 26.45 -6.87
N ASP A 316 8.34 26.30 -6.61
CA ASP A 316 7.89 25.65 -5.39
C ASP A 316 6.70 24.78 -5.73
N THR A 317 6.90 23.47 -5.70
CA THR A 317 5.83 22.55 -6.00
C THR A 317 5.27 21.94 -4.72
N THR A 318 5.59 22.54 -3.58
CA THR A 318 5.10 22.01 -2.31
C THR A 318 3.77 22.67 -1.90
N ARG A 319 3.17 23.39 -2.84
CA ARG A 319 1.90 24.06 -2.61
C ARG A 319 1.17 24.07 -3.93
N SER A 320 1.29 22.96 -4.65
CA SER A 320 0.69 22.83 -5.96
C SER A 320 -0.78 22.43 -6.00
N THR A 321 -1.43 22.42 -4.85
CA THR A 321 -2.84 22.05 -4.78
C THR A 321 -3.66 22.81 -5.82
N ASN A 322 -4.45 22.07 -6.59
CA ASN A 322 -5.35 22.66 -7.59
C ASN A 322 -6.71 22.46 -6.95
N MET A 323 -7.61 23.43 -7.10
CA MET A 323 -8.92 23.27 -6.50
C MET A 323 -9.98 23.22 -7.60
N SER A 324 -10.83 22.21 -7.54
CA SER A 324 -11.89 22.11 -8.53
C SER A 324 -13.11 22.82 -7.98
N LEU A 325 -13.68 23.69 -8.79
CA LEU A 325 -14.89 24.40 -8.37
C LEU A 325 -15.91 24.21 -9.47
N CYS A 326 -17.11 23.71 -9.11
CA CYS A 326 -18.15 23.52 -10.11
C CYS A 326 -19.40 24.30 -9.75
N ALA A 327 -20.03 24.85 -10.77
CA ALA A 327 -21.25 25.64 -10.64
C ALA A 327 -22.40 24.87 -11.26
N ALA A 328 -23.56 24.97 -10.62
CA ALA A 328 -24.77 24.30 -11.10
C ALA A 328 -25.39 25.13 -12.22
N ILE A 329 -25.90 24.45 -13.25
CA ILE A 329 -26.53 25.13 -14.36
C ILE A 329 -27.96 25.43 -13.91
N SER A 330 -28.47 24.61 -13.00
CA SER A 330 -29.81 24.77 -12.46
C SER A 330 -29.81 24.43 -10.98
N THR A 331 -30.53 25.22 -10.19
CA THR A 331 -30.62 24.99 -8.76
C THR A 331 -31.99 24.42 -8.36
N SER A 332 -32.60 23.68 -9.29
CA SER A 332 -33.91 23.09 -9.06
C SER A 332 -33.86 21.62 -8.61
N GLU A 333 -33.91 20.71 -9.59
CA GLU A 333 -33.92 19.27 -9.34
C GLU A 333 -33.12 18.82 -8.13
N THR A 334 -33.71 17.92 -7.35
CA THR A 334 -33.09 17.36 -6.17
C THR A 334 -32.44 16.04 -6.49
N THR A 335 -32.11 15.85 -7.76
CA THR A 335 -31.49 14.63 -8.20
C THR A 335 -30.24 14.96 -8.98
N TYR A 336 -29.11 14.43 -8.54
CA TYR A 336 -27.85 14.70 -9.20
C TYR A 336 -27.89 14.33 -10.68
N LYS A 337 -27.25 15.16 -11.50
CA LYS A 337 -27.15 14.92 -12.93
C LYS A 337 -25.81 15.50 -13.30
N ASN A 338 -24.92 14.69 -13.85
CA ASN A 338 -23.61 15.23 -14.22
C ASN A 338 -23.74 16.36 -15.21
N THR A 339 -24.87 16.26 -15.90
CA THR A 339 -25.31 17.21 -16.88
C THR A 339 -25.63 18.60 -16.31
N ASN A 340 -26.01 18.65 -15.04
CA ASN A 340 -26.39 19.88 -14.39
C ASN A 340 -25.22 20.67 -13.80
N PHE A 341 -24.01 20.10 -13.76
CA PHE A 341 -22.85 20.80 -13.19
C PHE A 341 -21.64 20.95 -14.09
N LYS A 342 -21.17 22.18 -14.21
CA LYS A 342 -19.98 22.46 -15.01
C LYS A 342 -18.76 22.43 -14.10
N GLU A 343 -17.85 21.49 -14.35
CA GLU A 343 -16.64 21.35 -13.53
C GLU A 343 -15.47 22.16 -14.08
N TYR A 344 -14.73 22.82 -13.19
CA TYR A 344 -13.57 23.60 -13.61
C TYR A 344 -12.39 23.29 -12.70
N LEU A 345 -11.24 23.90 -12.99
CA LEU A 345 -10.01 23.75 -12.20
C LEU A 345 -9.28 25.09 -12.10
N ARG A 346 -8.82 25.44 -10.90
CA ARG A 346 -8.10 26.68 -10.69
C ARG A 346 -6.97 26.46 -9.69
N HIS A 347 -5.88 27.21 -9.85
CA HIS A 347 -4.76 27.08 -8.93
C HIS A 347 -4.29 28.46 -8.49
N GLY A 348 -4.05 28.63 -7.20
CA GLY A 348 -3.59 29.91 -6.69
C GLY A 348 -2.19 29.88 -6.10
N GLU A 349 -1.43 30.93 -6.35
CA GLU A 349 -0.07 31.04 -5.82
C GLU A 349 0.05 32.34 -5.03
N GLU A 350 0.70 32.29 -3.87
CA GLU A 350 0.85 33.47 -3.01
C GLU A 350 2.30 33.74 -2.63
N TYR A 351 2.83 34.88 -3.04
CA TYR A 351 4.21 35.25 -2.73
C TYR A 351 4.30 36.53 -1.92
N ASP A 352 5.46 36.76 -1.32
CA ASP A 352 5.73 37.95 -0.53
C ASP A 352 7.23 38.09 -0.42
N LEU A 353 7.81 38.92 -1.26
CA LEU A 353 9.26 39.09 -1.26
C LEU A 353 9.69 40.20 -0.31
N GLN A 354 10.81 39.99 0.37
CA GLN A 354 11.34 40.97 1.31
C GLN A 354 12.87 41.01 1.18
N PHE A 355 13.44 42.21 1.22
CA PHE A 355 14.87 42.33 1.07
C PHE A 355 15.48 43.34 2.02
N ILE A 356 16.78 43.19 2.27
CA ILE A 356 17.52 44.12 3.10
C ILE A 356 18.67 44.55 2.19
N PHE A 357 18.76 45.83 1.88
CA PHE A 357 19.81 46.33 0.99
C PHE A 357 20.81 47.21 1.69
N GLN A 358 22.07 47.06 1.32
CA GLN A 358 23.14 47.86 1.91
C GLN A 358 23.69 48.79 0.85
N LEU A 359 23.70 50.09 1.17
CA LEU A 359 24.21 51.09 0.24
C LEU A 359 25.73 50.91 0.08
N CYS A 360 26.23 51.12 -1.14
CA CYS A 360 27.64 50.97 -1.44
C CYS A 360 28.12 52.11 -2.33
N LYS A 361 29.42 52.42 -2.25
CA LYS A 361 29.98 53.51 -3.05
C LYS A 361 31.21 53.04 -3.83
N ILE A 362 31.37 53.59 -5.03
CA ILE A 362 32.49 53.25 -5.91
C ILE A 362 33.23 54.50 -6.35
N THR A 363 34.49 54.65 -5.95
CA THR A 363 35.27 55.80 -6.38
C THR A 363 35.71 55.54 -7.82
N LEU A 364 35.15 56.32 -8.75
CA LEU A 364 35.46 56.13 -10.17
C LEU A 364 36.87 56.47 -10.63
N THR A 365 37.86 55.72 -10.18
CA THR A 365 39.21 55.98 -10.62
C THR A 365 39.35 55.49 -12.06
N ALA A 366 40.56 55.58 -12.60
CA ALA A 366 40.82 55.16 -13.97
C ALA A 366 40.62 53.66 -14.10
N ASP A 367 41.41 52.93 -13.34
CA ASP A 367 41.39 51.47 -13.33
C ASP A 367 39.96 50.97 -13.13
N VAL A 368 39.30 51.53 -12.12
CA VAL A 368 37.95 51.12 -11.82
C VAL A 368 37.06 51.34 -13.03
N MET A 369 37.19 52.49 -13.67
CA MET A 369 36.36 52.77 -14.82
C MET A 369 36.67 51.85 -15.99
N THR A 370 37.94 51.44 -16.10
CA THR A 370 38.36 50.54 -17.17
C THR A 370 37.69 49.19 -16.92
N TYR A 371 37.83 48.70 -15.68
CA TYR A 371 37.26 47.42 -15.28
C TYR A 371 35.74 47.39 -15.47
N ILE A 372 35.05 48.28 -14.78
CA ILE A 372 33.60 48.35 -14.86
C ILE A 372 33.14 48.50 -16.32
N HIS A 373 33.93 49.21 -17.11
CA HIS A 373 33.60 49.42 -18.52
C HIS A 373 33.65 48.11 -19.29
N SER A 374 34.74 47.36 -19.11
CA SER A 374 34.89 46.07 -19.76
C SER A 374 33.76 45.15 -19.30
N MET A 375 33.63 45.01 -17.99
CA MET A 375 32.61 44.17 -17.38
C MET A 375 31.24 44.41 -17.96
N ASN A 376 30.78 45.65 -17.87
CA ASN A 376 29.47 45.99 -18.41
C ASN A 376 29.32 47.47 -18.67
N SER A 377 29.85 47.93 -19.80
CA SER A 377 29.78 49.33 -20.18
C SER A 377 28.52 50.09 -19.77
N THR A 378 27.34 49.48 -19.89
CA THR A 378 26.10 50.18 -19.55
C THR A 378 26.12 50.78 -18.14
N ILE A 379 26.88 50.17 -17.23
CA ILE A 379 26.96 50.65 -15.86
C ILE A 379 27.31 52.11 -15.83
N LEU A 380 28.45 52.46 -16.42
CA LEU A 380 28.93 53.84 -16.48
C LEU A 380 28.03 54.75 -17.31
N GLU A 381 27.56 54.25 -18.45
CA GLU A 381 26.71 55.05 -19.31
C GLU A 381 25.46 55.46 -18.57
N ASP A 382 24.90 54.55 -17.78
CA ASP A 382 23.70 54.85 -17.03
C ASP A 382 23.97 55.77 -15.86
N TRP A 383 25.19 55.70 -15.31
CA TRP A 383 25.50 56.56 -14.20
C TRP A 383 25.36 58.02 -14.55
N ASN A 384 26.14 58.90 -13.96
CA ASN A 384 25.91 60.32 -14.28
C ASN A 384 25.25 60.55 -15.64
N GLU A 419 16.41 52.20 -22.98
CA GLU A 419 15.40 51.18 -23.22
C GLU A 419 15.88 49.80 -22.73
N ASP A 420 14.93 48.98 -22.27
CA ASP A 420 15.16 47.63 -21.71
C ASP A 420 15.88 46.63 -22.64
N PRO A 421 17.12 46.21 -22.28
CA PRO A 421 17.91 45.25 -23.07
C PRO A 421 17.38 43.83 -23.11
N LEU A 422 16.35 43.54 -22.32
CA LEU A 422 15.72 42.21 -22.28
C LEU A 422 14.23 42.37 -22.53
N LYS A 423 13.85 43.24 -23.45
CA LYS A 423 12.44 43.46 -23.76
C LYS A 423 11.83 42.19 -24.34
N LYS A 424 12.66 41.38 -24.98
CA LYS A 424 12.21 40.14 -25.58
C LYS A 424 11.71 39.12 -24.63
N TYR A 425 12.30 39.12 -23.45
CA TYR A 425 11.93 38.19 -22.42
C TYR A 425 10.85 38.76 -21.52
N THR A 426 10.09 37.87 -20.90
CA THR A 426 9.06 38.33 -19.99
C THR A 426 9.21 37.75 -18.58
N PHE A 427 9.09 38.63 -17.57
CA PHE A 427 9.16 38.20 -16.19
C PHE A 427 8.18 38.99 -15.34
N TRP A 428 7.91 38.49 -14.14
CA TRP A 428 7.02 39.16 -13.22
C TRP A 428 7.74 40.45 -12.82
N GLU A 429 7.25 41.58 -13.33
CA GLU A 429 7.88 42.85 -13.00
C GLU A 429 7.51 43.28 -11.60
N VAL A 430 8.53 43.64 -10.83
CA VAL A 430 8.32 44.08 -9.45
C VAL A 430 8.98 45.43 -9.23
N ASN A 431 8.17 46.44 -8.93
CA ASN A 431 8.72 47.77 -8.69
C ASN A 431 8.86 48.09 -7.22
N LEU A 432 10.10 48.32 -6.79
CA LEU A 432 10.36 48.63 -5.40
C LEU A 432 10.86 50.05 -5.17
N LYS A 433 10.84 50.88 -6.21
CA LYS A 433 11.32 52.26 -6.07
C LYS A 433 10.64 53.06 -4.96
N GLU A 434 9.40 52.72 -4.62
CA GLU A 434 8.68 53.42 -3.56
C GLU A 434 8.53 52.57 -2.30
N LYS A 435 9.29 51.49 -2.23
CA LYS A 435 9.21 50.57 -1.10
C LYS A 435 10.39 50.54 -0.12
N PHE A 436 11.42 51.31 -0.39
CA PHE A 436 12.55 51.33 0.52
C PHE A 436 12.23 52.10 1.79
N SER A 437 12.66 51.55 2.92
CA SER A 437 12.46 52.19 4.21
C SER A 437 13.71 52.04 5.08
N ALA A 438 14.11 53.12 5.75
CA ALA A 438 15.30 53.07 6.59
C ALA A 438 15.04 52.45 7.95
N ASP A 439 13.78 52.24 8.30
CA ASP A 439 13.45 51.63 9.60
C ASP A 439 13.29 50.13 9.55
N LEU A 440 14.39 49.39 9.50
CA LEU A 440 14.35 47.94 9.43
C LEU A 440 13.49 47.45 10.58
N ASP A 441 13.63 48.16 11.68
CA ASP A 441 12.92 47.92 12.91
C ASP A 441 11.44 47.58 12.68
N GLN A 442 10.80 48.34 11.80
CA GLN A 442 9.39 48.20 11.47
C GLN A 442 8.96 47.02 10.61
N PHE A 443 9.91 46.17 10.22
CA PHE A 443 9.58 45.01 9.40
C PHE A 443 10.10 43.71 9.95
N PRO A 444 9.44 42.60 9.64
CA PRO A 444 9.88 41.31 10.14
C PRO A 444 11.28 40.90 9.65
N LEU A 445 11.56 41.10 8.36
CA LEU A 445 12.87 40.73 7.83
C LEU A 445 13.89 41.67 8.43
N GLY A 446 13.48 42.92 8.60
CA GLY A 446 14.39 43.89 9.18
C GLY A 446 14.76 43.54 10.62
N ARG A 447 13.78 43.15 11.42
CA ARG A 447 14.08 42.80 12.81
C ARG A 447 15.06 41.64 12.79
N LYS A 448 14.75 40.62 12.00
CA LYS A 448 15.59 39.44 11.91
C LYS A 448 17.01 39.81 11.58
N PHE A 449 17.16 40.73 10.62
CA PHE A 449 18.48 41.18 10.17
C PHE A 449 19.26 41.84 11.29
N LEU A 450 18.66 42.81 11.97
CA LEU A 450 19.36 43.50 13.06
C LEU A 450 19.80 42.47 14.11
N LEU A 451 18.87 41.68 14.58
CA LEU A 451 19.16 40.65 15.57
C LEU A 451 20.30 39.75 15.07
N GLN A 452 20.23 39.35 13.81
CA GLN A 452 21.28 38.50 13.25
C GLN A 452 22.63 39.20 13.19
N LEU A 453 22.68 40.39 12.60
CA LEU A 453 23.93 41.13 12.50
C LEU A 453 24.31 41.91 13.77
N GLY A 454 23.56 41.71 14.85
CA GLY A 454 23.84 42.42 16.09
C GLY A 454 23.80 43.92 15.89
N LEU A 455 24.94 44.51 15.55
CA LEU A 455 24.98 45.94 15.32
C LEU A 455 24.45 46.27 13.92
N ALA B 1 5.93 55.48 14.79
CA ALA B 1 6.81 54.28 14.79
C ALA B 1 6.41 53.32 15.91
N VAL B 2 6.45 52.02 15.66
CA VAL B 2 6.10 51.08 16.70
C VAL B 2 7.36 50.68 17.44
N VAL B 3 7.24 50.29 18.69
CA VAL B 3 8.41 49.90 19.47
C VAL B 3 8.16 48.66 20.29
N SER B 4 9.23 47.96 20.61
CA SER B 4 9.15 46.75 21.40
C SER B 4 8.52 47.08 22.73
N THR B 5 7.77 46.14 23.27
CA THR B 5 7.13 46.33 24.57
C THR B 5 8.20 46.43 25.66
N ASP B 6 9.39 45.93 25.39
CA ASP B 6 10.46 45.98 26.37
C ASP B 6 10.79 47.42 26.70
N GLU B 7 10.44 48.32 25.79
CA GLU B 7 10.68 49.75 25.95
C GLU B 7 9.87 50.38 27.09
N TYR B 8 8.56 50.19 27.04
CA TYR B 8 7.63 50.76 28.02
C TYR B 8 7.03 49.81 29.06
N VAL B 9 7.25 48.51 28.92
CA VAL B 9 6.71 47.56 29.87
C VAL B 9 7.81 47.04 30.80
N ALA B 10 7.62 47.27 32.10
CA ALA B 10 8.58 46.86 33.10
C ALA B 10 8.31 45.48 33.63
N ARG B 11 9.37 44.72 33.85
CA ARG B 11 9.26 43.34 34.30
C ARG B 11 9.50 43.22 35.79
N THR B 12 8.53 42.66 36.52
CA THR B 12 8.71 42.49 37.94
C THR B 12 9.31 41.11 38.11
N ASN B 13 9.43 40.70 39.36
CA ASN B 13 10.02 39.43 39.68
C ASN B 13 9.00 38.40 40.11
N ILE B 14 7.72 38.76 40.03
CA ILE B 14 6.64 37.88 40.43
C ILE B 14 6.22 36.99 39.26
N TYR B 15 6.03 35.71 39.54
CA TYR B 15 5.58 34.78 38.51
C TYR B 15 4.45 33.93 39.03
N TYR B 16 3.44 33.72 38.19
CA TYR B 16 2.31 32.91 38.58
C TYR B 16 2.08 31.80 37.57
N HIS B 17 1.55 30.68 38.06
CA HIS B 17 1.24 29.54 37.21
C HIS B 17 -0.27 29.49 37.11
N ALA B 18 -0.76 29.03 35.97
CA ALA B 18 -2.20 28.94 35.80
C ALA B 18 -2.48 27.81 34.81
N GLY B 19 -3.57 27.08 35.02
CA GLY B 19 -3.85 26.00 34.11
C GLY B 19 -5.28 25.51 34.15
N THR B 20 -5.74 25.03 33.01
CA THR B 20 -7.07 24.47 32.89
C THR B 20 -6.98 23.11 33.58
N SER B 21 -8.08 22.63 34.13
CA SER B 21 -8.04 21.34 34.82
C SER B 21 -7.69 20.24 33.81
N ARG B 22 -8.54 20.09 32.81
CA ARG B 22 -8.40 19.08 31.78
C ARG B 22 -9.63 19.24 30.92
N LEU B 23 -9.47 19.87 29.77
CA LEU B 23 -10.59 20.10 28.88
C LEU B 23 -10.90 18.83 28.12
N LEU B 24 -12.19 18.56 27.89
CA LEU B 24 -12.59 17.36 27.21
C LEU B 24 -13.66 17.66 26.20
N ALA B 25 -13.57 17.05 25.02
CA ALA B 25 -14.55 17.30 23.97
C ALA B 25 -14.96 16.02 23.26
N VAL B 26 -16.26 15.73 23.24
CA VAL B 26 -16.74 14.51 22.60
C VAL B 26 -17.90 14.82 21.67
N GLY B 27 -17.88 14.22 20.50
CA GLY B 27 -18.94 14.47 19.56
C GLY B 27 -18.80 13.60 18.32
N HIS B 28 -19.55 13.93 17.28
CA HIS B 28 -19.49 13.18 16.05
C HIS B 28 -18.39 13.80 15.18
N PRO B 29 -17.56 12.96 14.56
CA PRO B 29 -16.46 13.40 13.71
C PRO B 29 -16.79 14.18 12.43
N TYR B 30 -17.93 13.89 11.81
CA TYR B 30 -18.27 14.54 10.54
C TYR B 30 -19.32 15.65 10.56
N PHE B 31 -20.32 15.53 11.41
CA PHE B 31 -21.38 16.52 11.46
C PHE B 31 -22.11 16.48 12.79
N PRO B 32 -22.83 17.55 13.13
CA PRO B 32 -23.53 17.54 14.40
C PRO B 32 -24.83 16.76 14.33
N ILE B 33 -25.15 16.08 15.43
CA ILE B 33 -26.38 15.34 15.52
C ILE B 33 -27.41 16.24 16.18
N LYS B 34 -28.53 16.47 15.50
CA LYS B 34 -29.57 17.32 16.07
C LYS B 34 -30.95 16.76 15.78
N LYS B 35 -31.97 17.36 16.40
CA LYS B 35 -33.35 16.93 16.17
C LYS B 35 -33.76 17.42 14.75
N PRO B 36 -34.28 16.51 13.89
CA PRO B 36 -34.71 16.84 12.52
C PRO B 36 -35.68 18.00 12.43
N ASN B 37 -36.77 17.89 13.17
CA ASN B 37 -37.82 18.90 13.24
C ASN B 37 -37.28 20.17 13.91
N ASN B 38 -36.33 19.97 14.81
CA ASN B 38 -35.70 21.02 15.59
C ASN B 38 -34.39 21.52 14.95
N ASN B 39 -33.63 22.33 15.69
CA ASN B 39 -32.34 22.82 15.21
C ASN B 39 -31.33 22.89 16.34
N LYS B 40 -31.80 22.53 17.52
CA LYS B 40 -30.96 22.50 18.71
C LYS B 40 -29.96 21.36 18.50
N ILE B 41 -28.70 21.59 18.86
CA ILE B 41 -27.66 20.57 18.68
C ILE B 41 -27.66 19.58 19.85
N LEU B 42 -27.89 18.32 19.51
CA LEU B 42 -27.94 17.25 20.50
C LEU B 42 -26.53 16.74 20.79
N VAL B 43 -25.76 16.55 19.72
CA VAL B 43 -24.37 16.10 19.81
C VAL B 43 -23.58 16.97 18.85
N PRO B 44 -22.51 17.59 19.32
CA PRO B 44 -21.72 18.46 18.44
C PRO B 44 -20.69 17.74 17.54
N LYS B 45 -20.24 18.45 16.53
CA LYS B 45 -19.23 17.90 15.62
C LYS B 45 -17.88 18.12 16.27
N VAL B 46 -17.18 17.03 16.60
CA VAL B 46 -15.87 17.12 17.22
C VAL B 46 -14.90 16.26 16.41
N SER B 47 -14.01 16.94 15.71
CA SER B 47 -13.02 16.27 14.86
C SER B 47 -11.60 16.75 15.08
N GLY B 48 -10.64 15.86 14.84
CA GLY B 48 -9.25 16.23 15.02
C GLY B 48 -8.83 17.21 13.93
N LEU B 49 -9.72 17.43 12.98
CA LEU B 49 -9.42 18.32 11.88
C LEU B 49 -9.96 19.74 12.06
N GLN B 50 -10.43 20.06 13.26
CA GLN B 50 -10.94 21.40 13.48
C GLN B 50 -9.90 22.20 14.23
N TYR B 51 -10.01 23.52 14.14
CA TYR B 51 -9.13 24.42 14.86
C TYR B 51 -9.72 24.50 16.25
N ARG B 52 -8.87 24.68 17.24
CA ARG B 52 -9.28 24.84 18.62
C ARG B 52 -8.73 26.20 19.00
N VAL B 53 -9.61 27.18 19.14
CA VAL B 53 -9.18 28.50 19.49
C VAL B 53 -9.64 28.80 20.91
N PHE B 54 -8.67 28.86 21.82
CA PHE B 54 -8.95 29.13 23.23
C PHE B 54 -8.81 30.61 23.57
N ARG B 55 -9.88 31.17 24.13
CA ARG B 55 -9.95 32.55 24.57
C ARG B 55 -9.67 32.46 26.08
N ILE B 56 -8.43 32.72 26.47
CA ILE B 56 -8.00 32.63 27.86
C ILE B 56 -8.25 33.91 28.64
N HIS B 57 -9.06 33.83 29.67
CA HIS B 57 -9.35 35.00 30.48
C HIS B 57 -8.49 35.03 31.72
N LEU B 58 -7.78 36.13 31.90
CA LEU B 58 -6.90 36.29 33.05
C LEU B 58 -7.44 37.26 34.07
N PRO B 59 -7.12 37.04 35.34
CA PRO B 59 -7.62 37.99 36.33
C PRO B 59 -6.92 39.32 36.13
N ASP B 60 -7.63 40.44 36.19
CA ASP B 60 -7.00 41.77 36.03
C ASP B 60 -5.95 41.96 37.13
N PRO B 61 -4.66 42.03 36.77
CA PRO B 61 -3.65 42.20 37.80
C PRO B 61 -3.87 43.45 38.68
N ASN B 62 -4.62 44.42 38.16
CA ASN B 62 -4.90 45.64 38.90
C ASN B 62 -5.99 45.43 39.97
N LYS B 63 -6.94 44.55 39.65
CA LYS B 63 -8.02 44.23 40.56
C LYS B 63 -7.60 43.08 41.48
N PHE B 64 -6.59 42.33 41.04
CA PHE B 64 -6.05 41.19 41.76
C PHE B 64 -5.62 41.58 43.18
N GLY B 65 -5.55 40.58 44.06
CA GLY B 65 -5.16 40.84 45.43
C GLY B 65 -3.84 40.21 45.80
N PHE B 66 -2.75 40.94 45.60
CA PHE B 66 -1.43 40.42 45.94
C PHE B 66 -1.13 40.61 47.42
N PRO B 67 -0.33 39.70 47.99
CA PRO B 67 0.04 39.76 49.41
C PRO B 67 0.86 41.03 49.65
N ASP B 68 1.69 41.38 48.68
CA ASP B 68 2.50 42.58 48.77
C ASP B 68 2.19 43.46 47.57
N THR B 69 2.12 44.77 47.78
CA THR B 69 1.83 45.71 46.71
C THR B 69 2.82 46.88 46.68
N SER B 70 3.95 46.69 47.38
CA SER B 70 4.99 47.71 47.45
C SER B 70 5.82 47.74 46.17
N PHE B 71 5.82 46.64 45.43
CA PHE B 71 6.58 46.54 44.20
C PHE B 71 6.21 47.55 43.11
N TYR B 72 5.12 48.30 43.29
CA TYR B 72 4.73 49.30 42.31
C TYR B 72 3.84 50.43 42.87
N ASN B 73 3.74 51.52 42.11
CA ASN B 73 2.92 52.65 42.51
C ASN B 73 1.63 52.70 41.71
N PRO B 74 0.52 52.33 42.34
CA PRO B 74 -0.80 52.32 41.71
C PRO B 74 -1.32 53.69 41.25
N ASP B 75 -0.52 54.73 41.45
CA ASP B 75 -0.90 56.08 41.05
C ASP B 75 -0.25 56.44 39.71
N THR B 76 1.04 56.20 39.61
CA THR B 76 1.77 56.50 38.39
C THR B 76 1.69 55.36 37.39
N GLN B 77 1.51 54.13 37.86
CA GLN B 77 1.50 53.00 36.94
C GLN B 77 0.33 52.01 36.98
N ARG B 78 0.39 51.02 36.09
CA ARG B 78 -0.63 49.99 35.96
C ARG B 78 0.05 48.63 35.79
N LEU B 79 -0.73 47.55 35.91
CA LEU B 79 -0.16 46.21 35.77
C LEU B 79 -0.73 45.41 34.60
N VAL B 80 0.13 44.59 34.00
CA VAL B 80 -0.26 43.72 32.87
C VAL B 80 0.39 42.37 33.02
N TRP B 81 -0.29 41.33 32.58
CA TRP B 81 0.28 39.99 32.65
C TRP B 81 1.07 39.70 31.36
N ALA B 82 2.24 39.07 31.52
CA ALA B 82 3.06 38.72 30.37
C ALA B 82 3.21 37.20 30.33
N CYS B 83 2.87 36.60 29.18
CA CYS B 83 2.99 35.15 29.03
C CYS B 83 4.45 34.76 28.78
N VAL B 84 5.00 33.93 29.64
CA VAL B 84 6.39 33.53 29.52
C VAL B 84 6.57 32.05 29.27
N GLY B 85 5.55 31.25 29.53
CA GLY B 85 5.69 29.83 29.31
C GLY B 85 4.35 29.18 29.03
N VAL B 86 4.31 28.28 28.07
CA VAL B 86 3.07 27.59 27.71
C VAL B 86 3.33 26.12 27.47
N GLU B 87 2.40 25.28 27.89
CA GLU B 87 2.51 23.86 27.68
C GLU B 87 1.16 23.36 27.23
N VAL B 88 1.04 23.00 25.96
CA VAL B 88 -0.23 22.50 25.45
C VAL B 88 -0.25 20.99 25.64
N GLY B 89 -0.90 20.53 26.71
CA GLY B 89 -0.96 19.09 26.95
C GLY B 89 -2.04 18.45 26.12
N ARG B 90 -1.73 17.28 25.55
CA ARG B 90 -2.67 16.52 24.72
C ARG B 90 -2.76 15.15 25.38
N GLY B 91 -3.94 14.53 25.33
CA GLY B 91 -4.06 13.29 26.06
C GLY B 91 -4.54 11.98 25.51
N GLN B 92 -4.99 11.93 24.28
CA GLN B 92 -5.45 10.63 23.84
C GLN B 92 -4.25 9.94 23.20
N PRO B 93 -4.38 8.66 22.84
CA PRO B 93 -3.23 8.02 22.21
C PRO B 93 -3.10 8.51 20.74
N LEU B 94 -1.89 8.48 20.20
CA LEU B 94 -1.68 8.91 18.83
C LEU B 94 -2.41 8.00 17.89
N GLY B 95 -2.94 8.56 16.81
CA GLY B 95 -3.67 7.74 15.84
C GLY B 95 -4.23 8.54 14.69
N VAL B 96 -4.65 7.88 13.62
CA VAL B 96 -5.15 8.61 12.48
C VAL B 96 -6.61 8.35 12.17
N GLY B 97 -7.34 9.43 11.93
CA GLY B 97 -8.75 9.35 11.61
C GLY B 97 -9.01 8.93 10.17
N ILE B 98 -10.13 9.39 9.62
CA ILE B 98 -10.48 9.03 8.26
C ILE B 98 -11.85 9.66 7.95
N SER B 99 -11.97 10.24 6.76
CA SER B 99 -13.22 10.91 6.36
C SER B 99 -13.58 10.57 4.93
N GLY B 100 -14.86 10.49 4.65
CA GLY B 100 -15.30 10.20 3.29
C GLY B 100 -16.62 10.81 2.92
N HIS B 101 -17.22 10.30 1.85
CA HIS B 101 -18.50 10.78 1.38
C HIS B 101 -19.15 9.61 0.64
N PRO B 102 -20.44 9.30 0.95
CA PRO B 102 -21.20 8.20 0.33
C PRO B 102 -21.45 8.45 -1.15
N LEU B 103 -21.37 9.72 -1.56
CA LEU B 103 -21.58 10.08 -2.95
C LEU B 103 -20.49 11.06 -3.42
N LEU B 104 -19.22 10.66 -3.31
CA LEU B 104 -18.12 11.50 -3.70
C LEU B 104 -18.02 11.55 -5.20
N ASN B 105 -17.79 12.73 -5.77
CA ASN B 105 -17.67 12.86 -7.21
C ASN B 105 -16.36 12.28 -7.73
N LYS B 106 -16.35 10.98 -7.97
CA LYS B 106 -15.18 10.30 -8.46
C LYS B 106 -15.56 9.42 -9.64
N LEU B 107 -15.21 9.88 -10.83
CA LEU B 107 -15.52 9.13 -12.04
C LEU B 107 -14.65 7.88 -12.04
N ASP B 108 -13.53 7.91 -12.77
CA ASP B 108 -12.68 6.74 -12.79
C ASP B 108 -11.29 6.91 -12.20
N ASP B 109 -10.61 5.79 -12.03
CA ASP B 109 -9.26 5.75 -11.49
C ASP B 109 -8.32 6.15 -12.63
N THR B 110 -7.69 7.30 -12.52
CA THR B 110 -6.82 7.73 -13.60
C THR B 110 -5.34 7.46 -13.38
N GLU B 111 -5.01 6.79 -12.27
CA GLU B 111 -3.63 6.48 -11.89
C GLU B 111 -2.99 5.42 -12.78
N ASN B 112 -3.85 4.61 -13.39
CA ASN B 112 -3.42 3.52 -14.27
C ASN B 112 -4.67 2.87 -14.87
N ALA B 113 -4.82 2.91 -16.20
CA ALA B 113 -5.98 2.32 -16.85
C ALA B 113 -5.58 1.41 -18.00
N SER B 114 -6.24 0.26 -18.11
CA SER B 114 -5.92 -0.71 -19.17
C SER B 114 -6.70 -0.53 -20.47
N ALA B 115 -7.81 0.20 -20.39
CA ALA B 115 -8.64 0.46 -21.54
C ALA B 115 -9.36 1.78 -21.28
N TYR B 116 -9.80 2.44 -22.33
CA TYR B 116 -10.48 3.71 -22.15
C TYR B 116 -11.75 3.50 -21.34
N ALA B 117 -11.92 4.30 -20.30
CA ALA B 117 -13.09 4.21 -19.42
C ALA B 117 -14.39 4.34 -20.21
N ALA B 118 -15.47 3.78 -19.67
CA ALA B 118 -16.79 3.80 -20.31
C ALA B 118 -17.29 5.21 -20.69
N ASN B 119 -18.47 5.57 -20.20
CA ASN B 119 -19.04 6.88 -20.47
C ASN B 119 -19.86 7.35 -19.28
N ALA B 120 -19.62 8.59 -18.86
CA ALA B 120 -20.34 9.15 -17.73
C ALA B 120 -21.84 9.13 -18.01
N GLY B 121 -22.59 8.46 -17.14
CA GLY B 121 -24.03 8.41 -17.30
C GLY B 121 -24.62 9.48 -16.40
N VAL B 122 -25.47 9.06 -15.48
CA VAL B 122 -26.08 10.01 -14.56
C VAL B 122 -25.61 9.57 -13.20
N ASP B 123 -24.99 10.46 -12.44
CA ASP B 123 -24.54 10.09 -11.10
C ASP B 123 -23.64 8.83 -11.05
N ASN B 124 -22.33 9.03 -11.22
CA ASN B 124 -21.34 7.95 -11.16
C ASN B 124 -20.58 8.03 -9.84
N ARG B 125 -21.13 8.79 -8.89
CA ARG B 125 -20.52 8.99 -7.59
C ARG B 125 -20.27 7.69 -6.82
N GLU B 126 -19.16 7.63 -6.08
CA GLU B 126 -18.78 6.44 -5.30
C GLU B 126 -18.65 6.74 -3.80
N CYS B 127 -18.81 5.71 -2.97
CA CYS B 127 -18.65 5.85 -1.53
C CYS B 127 -17.15 5.76 -1.26
N ILE B 128 -16.51 6.90 -1.02
CA ILE B 128 -15.07 6.94 -0.82
C ILE B 128 -14.53 7.67 0.38
N SER B 129 -13.52 7.11 1.01
CA SER B 129 -12.90 7.74 2.18
C SER B 129 -11.40 7.95 1.97
N MET B 130 -10.80 8.74 2.85
CA MET B 130 -9.39 9.04 2.73
C MET B 130 -8.83 9.49 4.08
N ASP B 131 -7.51 9.46 4.21
CA ASP B 131 -6.87 9.92 5.44
C ASP B 131 -6.26 11.30 5.11
N TYR B 132 -6.87 12.32 5.70
CA TYR B 132 -6.46 13.71 5.48
C TYR B 132 -4.99 13.99 5.72
N LYS B 133 -4.55 15.17 5.31
CA LYS B 133 -3.16 15.55 5.51
C LYS B 133 -2.91 15.88 6.99
N GLN B 134 -1.78 15.41 7.47
CA GLN B 134 -1.39 15.63 8.85
C GLN B 134 -1.03 17.09 9.09
N THR B 135 -1.52 17.65 10.20
CA THR B 135 -1.23 19.03 10.55
C THR B 135 -1.11 19.20 12.05
N GLN B 136 -0.05 19.87 12.48
CA GLN B 136 0.15 20.16 13.91
C GLN B 136 0.52 21.62 13.95
N LEU B 137 -0.19 22.42 14.73
CA LEU B 137 0.18 23.82 14.81
C LEU B 137 -0.30 24.45 16.09
N CYS B 138 0.41 25.50 16.51
CA CYS B 138 0.07 26.21 17.72
C CYS B 138 0.40 27.68 17.58
N LEU B 139 -0.62 28.53 17.69
CA LEU B 139 -0.47 29.97 17.56
C LEU B 139 -0.81 30.62 18.91
N ILE B 140 0.00 31.58 19.34
CA ILE B 140 -0.25 32.29 20.59
C ILE B 140 -0.08 33.78 20.42
N GLY B 141 -1.03 34.53 20.93
CA GLY B 141 -1.00 35.99 20.84
C GLY B 141 -2.07 36.57 21.75
N CYS B 142 -2.22 37.89 21.76
CA CYS B 142 -3.24 38.48 22.60
C CYS B 142 -4.43 38.94 21.76
N LYS B 143 -4.43 38.56 20.49
CA LYS B 143 -5.52 38.87 19.57
C LYS B 143 -5.91 37.56 18.89
N PRO B 144 -7.16 37.42 18.46
CA PRO B 144 -7.52 36.16 17.81
C PRO B 144 -6.71 35.94 16.53
N PRO B 145 -6.52 34.69 16.14
CA PRO B 145 -5.76 34.32 14.92
C PRO B 145 -6.50 34.65 13.63
N ILE B 146 -5.75 34.93 12.57
CA ILE B 146 -6.38 35.26 11.30
C ILE B 146 -6.02 34.28 10.20
N GLY B 147 -7.04 33.83 9.48
CA GLY B 147 -6.80 32.90 8.40
C GLY B 147 -7.11 33.42 7.00
N GLU B 148 -6.76 32.62 6.00
CA GLU B 148 -7.02 32.94 4.61
C GLU B 148 -7.63 31.71 3.94
N HIS B 149 -8.47 31.95 2.93
CA HIS B 149 -9.10 30.86 2.19
C HIS B 149 -9.64 31.45 0.91
N TRP B 150 -9.87 30.62 -0.10
CA TRP B 150 -10.40 31.14 -1.34
C TRP B 150 -11.91 31.01 -1.28
N GLY B 151 -12.60 32.08 -1.68
CA GLY B 151 -14.05 32.09 -1.68
C GLY B 151 -14.52 32.63 -3.01
N LYS B 152 -15.84 32.81 -3.15
CA LYS B 152 -16.37 33.32 -4.40
C LYS B 152 -16.27 34.86 -4.43
N GLY B 153 -15.40 35.38 -5.27
CA GLY B 153 -15.26 36.82 -5.35
C GLY B 153 -16.50 37.45 -5.96
N SER B 154 -16.61 38.78 -5.86
CA SER B 154 -17.73 39.50 -6.44
C SER B 154 -17.44 39.65 -7.94
N PRO B 155 -18.46 39.46 -8.81
CA PRO B 155 -18.26 39.58 -10.25
C PRO B 155 -18.20 41.02 -10.75
N CYS B 156 -17.49 41.21 -11.87
CA CYS B 156 -17.36 42.52 -12.54
C CYS B 156 -18.68 42.83 -13.25
N THR B 157 -19.15 44.07 -13.20
CA THR B 157 -20.41 44.41 -13.85
C THR B 157 -20.27 44.52 -15.36
N GLN B 158 -20.39 43.38 -16.03
CA GLN B 158 -20.31 43.31 -17.48
C GLN B 158 -21.09 42.09 -17.97
N VAL B 159 -20.33 41.15 -18.52
CA VAL B 159 -20.84 39.90 -19.06
C VAL B 159 -21.70 39.13 -18.05
N ALA B 160 -23.02 39.16 -18.25
CA ALA B 160 -23.92 38.48 -17.33
C ALA B 160 -23.51 37.03 -17.12
N VAL B 161 -23.18 36.69 -15.88
CA VAL B 161 -22.78 35.34 -15.52
C VAL B 161 -23.80 34.31 -16.05
N GLN B 162 -23.39 33.56 -17.06
CA GLN B 162 -24.25 32.52 -17.62
C GLN B 162 -24.32 31.43 -16.55
N PRO B 163 -25.49 30.83 -16.33
CA PRO B 163 -25.58 29.78 -15.30
C PRO B 163 -24.51 28.69 -15.54
N GLY B 164 -23.87 28.21 -14.48
CA GLY B 164 -22.86 27.19 -14.67
C GLY B 164 -21.48 27.76 -14.94
N ASP B 165 -21.42 29.06 -15.18
CA ASP B 165 -20.16 29.76 -15.43
C ASP B 165 -19.26 29.57 -14.23
N CYS B 166 -17.96 29.46 -14.45
CA CYS B 166 -17.03 29.28 -13.33
C CYS B 166 -17.06 30.52 -12.45
N PRO B 167 -17.20 30.34 -11.11
CA PRO B 167 -17.25 31.49 -10.20
C PRO B 167 -15.88 32.09 -9.98
N PRO B 168 -15.82 33.41 -9.79
CA PRO B 168 -14.54 34.10 -9.57
C PRO B 168 -13.98 33.84 -8.16
N LEU B 169 -12.65 33.73 -8.08
CA LEU B 169 -11.97 33.47 -6.80
C LEU B 169 -11.51 34.76 -6.12
N GLU B 170 -11.33 34.69 -4.82
CA GLU B 170 -10.90 35.85 -4.08
C GLU B 170 -10.35 35.38 -2.73
N LEU B 171 -9.09 35.71 -2.43
CA LEU B 171 -8.52 35.32 -1.16
C LEU B 171 -9.20 36.16 -0.09
N ILE B 172 -9.83 35.50 0.87
CA ILE B 172 -10.58 36.16 1.92
C ILE B 172 -9.98 35.94 3.31
N ASN B 173 -9.64 37.05 3.96
CA ASN B 173 -9.08 36.99 5.30
C ASN B 173 -10.24 36.88 6.27
N THR B 174 -10.10 36.03 7.27
CA THR B 174 -11.19 35.82 8.21
C THR B 174 -10.61 35.63 9.61
N VAL B 175 -11.45 35.61 10.63
CA VAL B 175 -10.95 35.36 11.97
C VAL B 175 -11.12 33.85 12.14
N ILE B 176 -10.09 33.18 12.65
CA ILE B 176 -10.21 31.74 12.83
C ILE B 176 -10.93 31.44 14.13
N GLN B 177 -12.13 30.90 13.99
CA GLN B 177 -12.94 30.57 15.15
C GLN B 177 -12.80 29.12 15.57
N ASP B 178 -13.13 28.88 16.83
CA ASP B 178 -13.05 27.55 17.39
C ASP B 178 -14.04 26.66 16.69
N GLY B 179 -13.56 25.58 16.09
CA GLY B 179 -14.47 24.68 15.42
C GLY B 179 -14.31 24.75 13.93
N ASP B 180 -13.60 25.78 13.46
CA ASP B 180 -13.37 25.89 12.02
C ASP B 180 -12.55 24.67 11.53
N MET B 181 -12.59 24.40 10.24
CA MET B 181 -11.85 23.28 9.70
C MET B 181 -10.50 23.68 9.10
N VAL B 182 -9.54 22.76 9.15
CA VAL B 182 -8.19 22.98 8.64
C VAL B 182 -8.09 22.40 7.26
N ASP B 183 -7.26 23.00 6.40
CA ASP B 183 -7.08 22.47 5.07
C ASP B 183 -6.76 20.99 5.28
N THR B 184 -7.40 20.11 4.51
CA THR B 184 -7.20 18.68 4.67
C THR B 184 -6.52 17.99 3.48
N GLY B 185 -6.08 18.79 2.51
CA GLY B 185 -5.44 18.23 1.34
C GLY B 185 -6.10 18.78 0.10
N PHE B 186 -7.22 19.47 0.27
CA PHE B 186 -7.91 20.09 -0.86
C PHE B 186 -7.73 21.60 -0.83
N GLY B 187 -6.76 22.07 -0.05
CA GLY B 187 -6.48 23.50 0.06
C GLY B 187 -7.43 24.22 0.99
N ALA B 188 -7.21 25.52 1.14
CA ALA B 188 -8.04 26.33 2.02
C ALA B 188 -9.07 27.11 1.20
N MET B 189 -10.28 26.59 1.13
CA MET B 189 -11.33 27.23 0.36
C MET B 189 -12.71 27.00 0.95
N ASP B 190 -13.67 27.76 0.45
CA ASP B 190 -15.05 27.68 0.89
C ASP B 190 -15.81 26.76 -0.06
N PHE B 191 -15.87 25.48 0.29
CA PHE B 191 -16.51 24.48 -0.55
C PHE B 191 -18.01 24.65 -0.77
N THR B 192 -18.68 25.30 0.18
CA THR B 192 -20.11 25.52 0.08
C THR B 192 -20.40 26.45 -1.10
N THR B 193 -19.77 27.63 -1.10
CA THR B 193 -19.98 28.60 -2.15
C THR B 193 -19.16 28.39 -3.43
N LEU B 194 -18.28 27.37 -3.46
CA LEU B 194 -17.47 27.12 -4.64
C LEU B 194 -17.68 25.73 -5.26
N GLN B 195 -18.58 24.95 -4.66
CA GLN B 195 -18.87 23.61 -5.16
C GLN B 195 -20.34 23.28 -4.95
N ALA B 196 -21.15 23.64 -5.95
CA ALA B 196 -22.60 23.41 -5.92
C ALA B 196 -22.85 21.92 -5.77
N ASN B 197 -21.95 21.16 -6.37
CA ASN B 197 -21.93 19.70 -6.40
C ASN B 197 -22.27 19.06 -5.06
N LYS B 198 -21.68 19.58 -3.99
CA LYS B 198 -21.89 19.07 -2.63
C LYS B 198 -21.35 17.64 -2.46
N SER B 199 -20.50 17.21 -3.40
CA SER B 199 -19.94 15.86 -3.36
C SER B 199 -18.47 15.80 -3.78
N GLU B 200 -17.80 16.95 -3.79
CA GLU B 200 -16.40 16.99 -4.20
C GLU B 200 -15.44 16.53 -3.12
N VAL B 201 -15.83 16.70 -1.86
CA VAL B 201 -14.98 16.35 -0.74
C VAL B 201 -15.80 15.65 0.34
N PRO B 202 -15.13 14.97 1.30
CA PRO B 202 -15.84 14.26 2.38
C PRO B 202 -16.82 15.14 3.15
N LEU B 203 -17.80 14.50 3.80
CA LEU B 203 -18.82 15.23 4.56
C LEU B 203 -18.33 16.29 5.55
N ASP B 204 -17.31 15.97 6.33
CA ASP B 204 -16.80 16.90 7.35
C ASP B 204 -16.27 18.27 6.93
N ILE B 205 -16.00 18.47 5.64
CA ILE B 205 -15.52 19.77 5.14
C ILE B 205 -16.41 20.17 3.95
N CYS B 206 -17.23 19.21 3.57
CA CYS B 206 -18.17 19.29 2.48
C CYS B 206 -18.97 20.60 2.40
N THR B 207 -19.46 21.08 3.53
CA THR B 207 -20.22 22.33 3.50
C THR B 207 -19.63 23.30 4.51
N SER B 208 -18.29 23.25 4.63
CA SER B 208 -17.57 24.13 5.55
C SER B 208 -16.50 24.93 4.79
N ILE B 209 -15.69 25.64 5.56
CA ILE B 209 -14.60 26.41 4.98
C ILE B 209 -13.30 25.94 5.64
N CYS B 210 -12.36 25.51 4.81
CA CYS B 210 -11.08 25.07 5.30
C CYS B 210 -10.20 26.31 5.25
N LYS B 211 -9.77 26.76 6.41
CA LYS B 211 -8.96 27.96 6.50
C LYS B 211 -7.51 27.64 6.85
N TYR B 212 -6.59 28.46 6.37
CA TYR B 212 -5.17 28.28 6.64
C TYR B 212 -4.67 29.53 7.35
N PRO B 213 -3.83 29.37 8.36
CA PRO B 213 -3.35 30.56 9.04
C PRO B 213 -2.65 31.49 8.05
N ASP B 214 -2.93 32.78 8.13
CA ASP B 214 -2.27 33.72 7.24
C ASP B 214 -1.06 34.22 8.01
N TYR B 215 -0.05 33.37 8.08
CA TYR B 215 1.19 33.67 8.78
C TYR B 215 1.85 34.96 8.28
N ILE B 216 1.85 35.15 6.96
CA ILE B 216 2.45 36.35 6.37
C ILE B 216 1.82 37.63 6.94
N LYS B 217 0.50 37.74 6.86
CA LYS B 217 -0.22 38.91 7.32
C LYS B 217 -0.03 39.15 8.80
N MET B 218 -0.18 38.10 9.61
CA MET B 218 -0.04 38.23 11.06
C MET B 218 1.34 38.71 11.50
N VAL B 219 2.38 38.24 10.82
CA VAL B 219 3.72 38.66 11.20
C VAL B 219 4.04 40.07 10.69
N SER B 220 3.36 40.48 9.61
CA SER B 220 3.55 41.80 9.06
C SER B 220 2.89 42.80 9.99
N GLU B 221 1.82 42.35 10.65
CA GLU B 221 1.10 43.18 11.58
C GLU B 221 2.08 44.05 12.36
N PRO B 222 1.88 45.37 12.34
CA PRO B 222 2.73 46.35 13.02
C PRO B 222 3.05 46.08 14.49
N TYR B 223 2.02 45.90 15.31
CA TYR B 223 2.23 45.66 16.72
C TYR B 223 2.47 44.20 17.09
N GLY B 224 2.07 43.30 16.18
CA GLY B 224 2.28 41.88 16.38
C GLY B 224 1.58 41.27 17.58
N ASP B 225 0.33 41.68 17.81
CA ASP B 225 -0.43 41.17 18.95
C ASP B 225 -1.11 39.87 18.60
N SER B 226 -1.53 39.72 17.34
CA SER B 226 -2.25 38.52 16.93
C SER B 226 -1.47 37.24 17.14
N LEU B 227 -0.15 37.30 17.06
CA LEU B 227 0.63 36.11 17.30
C LEU B 227 2.09 36.44 17.57
N PHE B 228 2.55 36.13 18.77
CA PHE B 228 3.93 36.37 19.13
C PHE B 228 4.75 35.10 19.28
N PHE B 229 4.21 33.99 18.78
CA PHE B 229 4.87 32.70 18.84
C PHE B 229 4.04 31.66 18.10
N TYR B 230 4.69 30.77 17.37
CA TYR B 230 3.97 29.73 16.67
C TYR B 230 4.83 28.53 16.29
N LEU B 231 4.18 27.40 16.07
CA LEU B 231 4.84 26.16 15.68
C LEU B 231 3.93 25.53 14.65
N ARG B 232 4.48 25.21 13.48
CA ARG B 232 3.69 24.58 12.45
C ARG B 232 4.41 23.36 11.88
N ARG B 233 3.63 22.34 11.61
CA ARG B 233 4.15 21.09 11.08
C ARG B 233 3.05 20.42 10.23
N GLU B 234 3.22 20.45 8.93
CA GLU B 234 2.26 19.87 8.02
C GLU B 234 2.95 19.03 6.94
N GLN B 235 2.34 17.90 6.60
CA GLN B 235 2.88 17.00 5.59
C GLN B 235 1.73 16.31 4.85
N MET B 236 1.97 15.96 3.60
CA MET B 236 0.94 15.33 2.79
C MET B 236 1.49 14.73 1.52
N PHE B 237 0.85 13.67 1.04
CA PHE B 237 1.28 13.04 -0.20
C PHE B 237 0.07 12.49 -0.96
N VAL B 238 0.26 12.24 -2.25
CA VAL B 238 -0.81 11.74 -3.09
C VAL B 238 -1.04 10.24 -2.99
N ARG B 239 -2.16 9.84 -2.41
CA ARG B 239 -2.50 8.43 -2.28
C ARG B 239 -3.12 7.92 -3.60
N HIS B 240 -4.18 8.55 -4.09
CA HIS B 240 -4.82 8.15 -5.34
C HIS B 240 -5.04 9.29 -6.31
N LEU B 241 -5.14 8.96 -7.58
CA LEU B 241 -5.36 9.98 -8.61
C LEU B 241 -6.68 9.69 -9.36
N PHE B 242 -7.65 10.56 -9.15
CA PHE B 242 -8.96 10.40 -9.74
C PHE B 242 -9.41 11.41 -10.80
N ASN B 243 -10.63 11.17 -11.27
CA ASN B 243 -11.30 11.96 -12.30
C ASN B 243 -12.57 12.55 -11.70
N ARG B 244 -13.02 13.67 -12.23
CA ARG B 244 -14.27 14.27 -11.75
C ARG B 244 -15.38 14.11 -12.78
N ALA B 245 -16.53 13.60 -12.34
CA ALA B 245 -17.67 13.45 -13.24
C ALA B 245 -18.29 14.84 -13.30
N GLY B 246 -19.14 15.07 -14.30
CA GLY B 246 -19.75 16.37 -14.45
C GLY B 246 -19.50 16.77 -15.88
N THR B 247 -19.76 18.03 -16.22
CA THR B 247 -19.54 18.42 -17.61
C THR B 247 -18.46 19.46 -17.79
N VAL B 248 -17.73 19.34 -18.88
CA VAL B 248 -16.65 20.27 -19.20
C VAL B 248 -17.04 21.73 -18.99
N GLY B 249 -16.39 22.38 -18.03
CA GLY B 249 -16.66 23.77 -17.75
C GLY B 249 -15.80 24.55 -18.71
N GLU B 250 -14.60 24.04 -18.94
CA GLU B 250 -13.65 24.64 -19.85
C GLU B 250 -13.01 23.55 -20.68
N ASN B 251 -13.23 23.61 -21.99
CA ASN B 251 -12.69 22.59 -22.89
C ASN B 251 -11.20 22.64 -23.13
N VAL B 252 -10.66 21.46 -23.37
CA VAL B 252 -9.24 21.30 -23.61
C VAL B 252 -8.87 21.84 -24.98
N PRO B 253 -8.06 22.90 -25.03
CA PRO B 253 -7.66 23.45 -26.33
C PRO B 253 -7.15 22.34 -27.26
N ASP B 254 -7.72 22.23 -28.46
CA ASP B 254 -7.31 21.18 -29.38
C ASP B 254 -5.90 21.27 -29.96
N ASP B 255 -5.15 22.32 -29.58
CA ASP B 255 -3.78 22.45 -30.05
C ASP B 255 -2.86 21.65 -29.12
N LEU B 256 -3.47 21.09 -28.07
CA LEU B 256 -2.74 20.29 -27.08
C LEU B 256 -2.80 18.79 -27.30
N TYR B 257 -3.46 18.34 -28.39
CA TYR B 257 -3.60 16.92 -28.63
C TYR B 257 -4.15 16.60 -30.00
N ILE B 258 -4.00 15.33 -30.38
CA ILE B 258 -4.50 14.86 -31.66
C ILE B 258 -5.81 14.11 -31.45
N LYS B 259 -6.86 14.59 -32.12
CA LYS B 259 -8.17 13.97 -32.03
C LYS B 259 -8.10 12.46 -32.09
N GLY B 260 -8.94 11.81 -31.29
CA GLY B 260 -8.97 10.36 -31.27
C GLY B 260 -9.96 9.82 -32.29
N SER B 261 -10.58 8.69 -31.96
CA SER B 261 -11.56 8.05 -32.85
C SER B 261 -12.15 6.80 -32.18
N GLY B 262 -13.36 6.43 -32.56
CA GLY B 262 -13.96 5.26 -31.95
C GLY B 262 -14.15 5.54 -30.47
N SER B 263 -13.45 4.80 -29.63
CA SER B 263 -13.54 5.01 -28.18
C SER B 263 -12.85 6.30 -27.76
N THR B 264 -11.64 6.52 -28.28
CA THR B 264 -10.88 7.73 -27.95
C THR B 264 -11.38 8.95 -28.73
N ALA B 265 -12.55 8.82 -29.36
CA ALA B 265 -13.13 9.92 -30.12
C ALA B 265 -13.52 11.02 -29.14
N ASN B 266 -14.15 10.61 -28.03
CA ASN B 266 -14.58 11.52 -27.00
C ASN B 266 -13.59 11.60 -25.86
N LEU B 267 -13.14 12.82 -25.56
CA LEU B 267 -12.18 13.06 -24.48
C LEU B 267 -12.76 12.78 -23.11
N ALA B 268 -12.01 12.06 -22.29
CA ALA B 268 -12.42 11.73 -20.93
C ALA B 268 -12.15 12.97 -20.08
N SER B 269 -12.86 13.08 -18.96
CA SER B 269 -12.65 14.21 -18.07
C SER B 269 -11.19 14.36 -17.71
N SER B 270 -10.62 15.55 -17.92
CA SER B 270 -9.24 15.79 -17.55
C SER B 270 -9.25 16.75 -16.36
N ASN B 271 -10.32 16.65 -15.58
CA ASN B 271 -10.51 17.40 -14.36
C ASN B 271 -10.09 16.47 -13.24
N TYR B 272 -8.78 16.20 -13.17
CA TYR B 272 -8.22 15.30 -12.17
C TYR B 272 -8.15 15.93 -10.78
N PHE B 273 -8.19 15.08 -9.78
CA PHE B 273 -8.09 15.50 -8.40
C PHE B 273 -7.46 14.33 -7.64
N PRO B 274 -6.50 14.63 -6.77
CA PRO B 274 -5.84 13.59 -6.01
C PRO B 274 -6.46 13.40 -4.64
N THR B 275 -6.19 12.24 -4.05
CA THR B 275 -6.67 11.88 -2.72
C THR B 275 -5.49 12.14 -1.79
N PRO B 276 -5.69 12.95 -0.76
CA PRO B 276 -4.55 13.21 0.12
C PRO B 276 -4.27 12.07 1.09
N SER B 277 -3.15 12.18 1.80
CA SER B 277 -2.75 11.19 2.80
C SER B 277 -1.62 11.72 3.65
N GLY B 278 -1.93 12.03 4.90
CA GLY B 278 -0.92 12.50 5.82
C GLY B 278 -0.37 11.18 6.30
N SER B 279 0.86 10.87 5.97
CA SER B 279 1.46 9.60 6.33
C SER B 279 1.34 9.19 7.79
N MET B 280 2.32 8.42 8.24
CA MET B 280 2.40 7.91 9.60
C MET B 280 2.54 9.02 10.63
N VAL B 281 1.99 8.81 11.83
CA VAL B 281 2.08 9.79 12.92
C VAL B 281 3.09 9.21 13.89
N THR B 282 3.88 10.06 14.52
CA THR B 282 4.92 9.60 15.43
C THR B 282 5.15 10.46 16.66
N SER B 283 5.64 9.81 17.71
CA SER B 283 5.96 10.49 18.97
C SER B 283 7.07 11.48 18.71
N ASP B 284 8.17 10.96 18.17
CA ASP B 284 9.32 11.80 17.89
C ASP B 284 8.96 13.12 17.22
N ALA B 285 7.85 13.15 16.48
CA ALA B 285 7.48 14.37 15.79
C ALA B 285 6.46 15.26 16.52
N GLN B 286 6.12 14.90 17.75
CA GLN B 286 5.16 15.68 18.54
C GLN B 286 5.60 17.09 18.83
N ILE B 287 4.64 17.99 18.79
CA ILE B 287 4.84 19.41 19.02
C ILE B 287 4.38 19.76 20.41
N PHE B 288 3.39 19.01 20.90
CA PHE B 288 2.80 19.24 22.20
C PHE B 288 3.43 18.49 23.36
N ASN B 289 2.91 18.72 24.56
CA ASN B 289 3.43 18.09 25.77
C ASN B 289 4.89 18.41 25.93
N LYS B 290 5.24 19.61 25.50
CA LYS B 290 6.58 20.17 25.56
C LYS B 290 6.31 21.63 25.93
N PRO B 291 7.14 22.20 26.81
CA PRO B 291 6.91 23.61 27.18
C PRO B 291 7.51 24.55 26.16
N TYR B 292 6.87 25.70 25.94
CA TYR B 292 7.38 26.70 25.01
C TYR B 292 7.77 27.94 25.83
N TRP B 293 9.03 28.34 25.78
CA TRP B 293 9.47 29.51 26.54
C TRP B 293 9.43 30.76 25.64
N LEU B 294 8.42 31.60 25.83
CA LEU B 294 8.23 32.81 25.03
C LEU B 294 9.08 33.95 25.56
N GLN B 295 10.39 33.82 25.46
CA GLN B 295 11.27 34.86 25.96
C GLN B 295 11.53 36.03 25.01
N ARG B 296 11.91 35.74 23.77
CA ARG B 296 12.20 36.79 22.80
C ARG B 296 11.24 36.66 21.66
N ALA B 297 10.33 37.61 21.52
CA ALA B 297 9.37 37.50 20.43
C ALA B 297 9.95 38.17 19.19
N GLN B 298 9.52 37.69 18.02
CA GLN B 298 9.99 38.27 16.77
C GLN B 298 9.21 39.55 16.45
N GLY B 299 8.06 39.73 17.11
CA GLY B 299 7.24 40.91 16.91
C GLY B 299 7.54 41.93 17.99
N HIS B 300 6.92 43.10 17.93
CA HIS B 300 7.17 44.13 18.94
C HIS B 300 6.47 43.84 20.27
N ASN B 301 5.39 43.09 20.21
CA ASN B 301 4.70 42.75 21.43
C ASN B 301 5.36 41.49 21.96
N ASN B 302 6.13 41.61 23.02
CA ASN B 302 6.81 40.44 23.52
C ASN B 302 6.01 39.66 24.54
N GLY B 303 4.88 39.12 24.09
CA GLY B 303 4.06 38.31 24.98
C GLY B 303 3.26 39.05 26.05
N ILE B 304 2.96 40.31 25.81
CA ILE B 304 2.18 41.08 26.76
C ILE B 304 0.74 40.75 26.46
N CYS B 305 -0.01 40.39 27.50
CA CYS B 305 -1.41 40.04 27.35
C CYS B 305 -2.35 41.21 27.59
N TRP B 306 -2.32 42.20 26.70
CA TRP B 306 -3.17 43.38 26.81
C TRP B 306 -4.61 42.91 26.96
N GLY B 307 -5.36 43.58 27.83
CA GLY B 307 -6.74 43.20 28.07
C GLY B 307 -6.89 42.00 28.96
N ASN B 308 -5.79 41.54 29.52
CA ASN B 308 -5.79 40.36 30.38
C ASN B 308 -6.38 39.18 29.61
N GLN B 309 -6.16 39.19 28.30
CA GLN B 309 -6.61 38.15 27.39
C GLN B 309 -5.40 37.40 26.88
N LEU B 310 -5.64 36.28 26.21
CA LEU B 310 -4.57 35.47 25.67
C LEU B 310 -5.22 34.45 24.73
N PHE B 311 -4.73 34.34 23.50
CA PHE B 311 -5.30 33.39 22.55
C PHE B 311 -4.35 32.24 22.26
N VAL B 312 -4.88 31.02 22.32
CA VAL B 312 -4.08 29.83 22.03
C VAL B 312 -4.83 29.03 21.02
N THR B 313 -4.33 29.06 19.79
CA THR B 313 -4.94 28.32 18.69
C THR B 313 -4.15 27.01 18.49
N VAL B 314 -4.86 25.90 18.31
CA VAL B 314 -4.23 24.62 18.12
C VAL B 314 -4.93 23.77 17.08
N VAL B 315 -4.17 22.89 16.45
CA VAL B 315 -4.70 21.96 15.48
C VAL B 315 -3.79 20.77 15.66
N ASP B 316 -4.38 19.61 15.94
CA ASP B 316 -3.59 18.40 16.11
C ASP B 316 -4.31 17.26 15.49
N THR B 317 -3.81 16.73 14.39
CA THR B 317 -4.47 15.60 13.71
C THR B 317 -3.71 14.28 13.97
N THR B 318 -2.84 14.29 14.97
CA THR B 318 -2.06 13.10 15.27
C THR B 318 -2.76 12.27 16.33
N ARG B 319 -4.01 12.61 16.62
CA ARG B 319 -4.84 11.89 17.61
C ARG B 319 -6.27 11.94 17.09
N SER B 320 -6.42 11.82 15.78
CA SER B 320 -7.72 11.89 15.13
C SER B 320 -8.54 10.62 15.10
N THR B 321 -8.11 9.61 15.85
CA THR B 321 -8.83 8.35 15.90
C THR B 321 -10.30 8.56 16.19
N ASN B 322 -11.15 7.95 15.36
CA ASN B 322 -12.59 8.03 15.57
C ASN B 322 -12.94 6.63 16.02
N MET B 323 -13.83 6.50 16.98
CA MET B 323 -14.18 5.17 17.45
C MET B 323 -15.62 4.84 17.14
N SER B 324 -15.84 3.69 16.50
CA SER B 324 -17.20 3.28 16.18
C SER B 324 -17.73 2.48 17.34
N LEU B 325 -18.93 2.80 17.78
CA LEU B 325 -19.56 2.05 18.86
C LEU B 325 -20.97 1.69 18.41
N CYS B 326 -21.30 0.40 18.42
CA CYS B 326 -22.63 0.00 18.00
C CYS B 326 -23.37 -0.72 19.12
N ALA B 327 -24.66 -0.44 19.20
CA ALA B 327 -25.53 -1.05 20.21
C ALA B 327 -26.50 -2.01 19.51
N ALA B 328 -26.78 -3.13 20.18
CA ALA B 328 -27.68 -4.14 19.64
C ALA B 328 -29.12 -3.75 19.92
N ILE B 329 -29.98 -3.95 18.94
CA ILE B 329 -31.38 -3.61 19.14
C ILE B 329 -32.05 -4.69 19.95
N SER B 330 -31.50 -5.90 19.82
CA SER B 330 -32.00 -7.06 20.53
C SER B 330 -30.82 -7.87 21.04
N THR B 331 -30.94 -8.41 22.25
CA THR B 331 -29.86 -9.22 22.83
C THR B 331 -30.24 -10.70 22.85
N SER B 332 -31.07 -11.11 21.90
CA SER B 332 -31.54 -12.50 21.80
C SER B 332 -30.79 -13.38 20.82
N GLU B 333 -31.31 -13.43 19.59
CA GLU B 333 -30.75 -14.26 18.52
C GLU B 333 -29.25 -14.41 18.59
N THR B 334 -28.79 -15.63 18.35
CA THR B 334 -27.36 -15.92 18.38
C THR B 334 -26.84 -15.96 16.96
N THR B 335 -27.52 -15.23 16.08
CA THR B 335 -27.11 -15.16 14.69
C THR B 335 -27.00 -13.70 14.32
N TYR B 336 -25.83 -13.32 13.80
CA TYR B 336 -25.59 -11.94 13.40
C TYR B 336 -26.59 -11.50 12.34
N LYS B 337 -27.06 -10.26 12.48
CA LYS B 337 -27.97 -9.63 11.54
C LYS B 337 -27.61 -8.15 11.52
N ASN B 338 -27.18 -7.66 10.37
CA ASN B 338 -26.79 -6.26 10.29
C ASN B 338 -27.92 -5.38 10.80
N THR B 339 -29.14 -5.83 10.62
CA THR B 339 -30.31 -5.06 11.04
C THR B 339 -30.47 -5.00 12.54
N ASN B 340 -29.81 -5.90 13.24
CA ASN B 340 -29.91 -5.95 14.69
C ASN B 340 -28.98 -4.96 15.40
N PHE B 341 -28.04 -4.37 14.68
CA PHE B 341 -27.10 -3.42 15.28
C PHE B 341 -27.05 -2.03 14.65
N LYS B 342 -27.16 -1.02 15.50
CA LYS B 342 -27.10 0.37 15.05
C LYS B 342 -25.67 0.87 15.21
N GLU B 343 -25.02 1.15 14.10
CA GLU B 343 -23.63 1.62 14.11
C GLU B 343 -23.51 3.13 14.22
N TYR B 344 -22.59 3.59 15.04
CA TYR B 344 -22.37 5.03 15.20
C TYR B 344 -20.87 5.34 15.17
N LEU B 345 -20.54 6.64 15.24
CA LEU B 345 -19.17 7.14 15.24
C LEU B 345 -19.03 8.29 16.22
N ARG B 346 -17.95 8.26 17.00
CA ARG B 346 -17.69 9.30 17.97
C ARG B 346 -16.19 9.57 18.01
N HIS B 347 -15.82 10.80 18.34
CA HIS B 347 -14.41 11.18 18.43
C HIS B 347 -14.19 12.02 19.68
N GLY B 348 -13.12 11.72 20.42
CA GLY B 348 -12.85 12.47 21.63
C GLY B 348 -11.53 13.20 21.57
N GLU B 349 -11.50 14.39 22.15
CA GLU B 349 -10.30 15.21 22.17
C GLU B 349 -10.03 15.57 23.64
N GLU B 350 -8.75 15.53 24.04
CA GLU B 350 -8.36 15.84 25.42
C GLU B 350 -7.25 16.90 25.47
N TYR B 351 -7.51 18.01 26.16
CA TYR B 351 -6.52 19.08 26.28
C TYR B 351 -6.22 19.39 27.73
N ASP B 352 -5.14 20.13 27.93
CA ASP B 352 -4.72 20.55 29.26
C ASP B 352 -3.73 21.69 29.08
N LEU B 353 -4.22 22.93 29.18
CA LEU B 353 -3.38 24.09 28.99
C LEU B 353 -2.72 24.55 30.31
N GLN B 354 -1.44 24.92 30.22
CA GLN B 354 -0.69 25.37 31.39
C GLN B 354 0.15 26.58 31.03
N PHE B 355 0.17 27.58 31.88
CA PHE B 355 0.95 28.77 31.59
C PHE B 355 1.74 29.26 32.78
N ILE B 356 2.74 30.09 32.49
CA ILE B 356 3.57 30.71 33.51
C ILE B 356 3.46 32.18 33.15
N PHE B 357 2.96 33.01 34.05
CA PHE B 357 2.85 34.43 33.73
C PHE B 357 3.76 35.28 34.58
N GLN B 358 4.28 36.34 33.98
CA GLN B 358 5.16 37.27 34.69
C GLN B 358 4.45 38.60 34.81
N LEU B 359 4.37 39.11 36.05
CA LEU B 359 3.72 40.39 36.28
C LEU B 359 4.57 41.54 35.70
N CYS B 360 3.90 42.53 35.14
CA CYS B 360 4.59 43.67 34.56
C CYS B 360 3.92 44.99 34.97
N LYS B 361 4.69 46.09 34.95
CA LYS B 361 4.18 47.40 35.32
C LYS B 361 4.46 48.43 34.24
N ILE B 362 3.54 49.38 34.08
CA ILE B 362 3.70 50.43 33.09
C ILE B 362 3.49 51.79 33.70
N THR B 363 4.54 52.60 33.80
CA THR B 363 4.36 53.94 34.34
C THR B 363 3.67 54.74 33.26
N LEU B 364 2.47 55.21 33.57
CA LEU B 364 1.67 55.96 32.61
C LEU B 364 2.08 57.41 32.34
N THR B 365 3.22 57.58 31.67
CA THR B 365 3.70 58.90 31.34
C THR B 365 2.87 59.41 30.17
N ALA B 366 3.16 60.65 29.76
CA ALA B 366 2.45 61.25 28.65
C ALA B 366 2.66 60.42 27.39
N ASP B 367 3.92 60.31 26.99
CA ASP B 367 4.29 59.57 25.80
C ASP B 367 3.71 58.17 25.81
N VAL B 368 3.84 57.51 26.96
CA VAL B 368 3.34 56.15 27.09
C VAL B 368 1.86 56.12 26.83
N MET B 369 1.14 57.06 27.42
CA MET B 369 -0.30 57.11 27.23
C MET B 369 -0.72 57.46 25.82
N THR B 370 0.11 58.23 25.13
CA THR B 370 -0.20 58.59 23.76
C THR B 370 -0.03 57.32 22.92
N TYR B 371 1.08 56.62 23.14
CA TYR B 371 1.38 55.39 22.40
C TYR B 371 0.31 54.34 22.63
N ILE B 372 0.19 53.89 23.87
CA ILE B 372 -0.80 52.89 24.20
C ILE B 372 -2.17 53.30 23.68
N HIS B 373 -2.49 54.59 23.74
CA HIS B 373 -3.77 55.07 23.25
C HIS B 373 -3.94 54.82 21.78
N SER B 374 -2.92 55.16 21.00
CA SER B 374 -2.96 54.96 19.56
C SER B 374 -3.06 53.47 19.25
N MET B 375 -2.20 52.71 19.91
CA MET B 375 -2.16 51.27 19.69
C MET B 375 -3.51 50.62 19.88
N ASN B 376 -4.13 50.86 21.03
CA ASN B 376 -5.42 50.26 21.34
C ASN B 376 -6.10 50.98 22.49
N SER B 377 -6.75 52.10 22.18
CA SER B 377 -7.43 52.92 23.17
C SER B 377 -8.15 52.20 24.32
N THR B 378 -8.72 51.04 24.06
CA THR B 378 -9.42 50.31 25.11
C THR B 378 -8.51 49.99 26.29
N ILE B 379 -7.21 49.79 26.05
CA ILE B 379 -6.25 49.47 27.12
C ILE B 379 -6.44 50.43 28.29
N LEU B 380 -6.24 51.71 28.02
CA LEU B 380 -6.38 52.77 29.02
C LEU B 380 -7.80 52.91 29.57
N GLU B 381 -8.79 52.85 28.69
CA GLU B 381 -10.17 52.99 29.12
C GLU B 381 -10.53 51.93 30.13
N ASP B 382 -10.07 50.71 29.91
CA ASP B 382 -10.36 49.61 30.82
C ASP B 382 -9.54 49.73 32.10
N TRP B 383 -8.40 50.40 32.03
CA TRP B 383 -7.60 50.51 33.24
C TRP B 383 -8.35 51.34 34.26
N ASN B 384 -7.66 52.00 35.16
CA ASN B 384 -8.41 52.72 36.20
C ASN B 384 -9.86 52.95 35.83
N GLU B 419 -18.45 45.74 27.34
CA GLU B 419 -18.94 44.56 26.63
C GLU B 419 -17.89 43.97 25.64
N ASP B 420 -17.97 42.67 25.36
CA ASP B 420 -17.05 41.91 24.46
C ASP B 420 -17.03 42.39 22.99
N PRO B 421 -15.87 42.88 22.51
CA PRO B 421 -15.69 43.38 21.14
C PRO B 421 -15.66 42.31 20.05
N LEU B 422 -15.65 41.05 20.46
CA LEU B 422 -15.65 39.94 19.51
C LEU B 422 -16.80 39.00 19.81
N LYS B 423 -17.95 39.56 20.23
CA LYS B 423 -19.13 38.76 20.57
C LYS B 423 -19.60 37.97 19.35
N LYS B 424 -19.32 38.50 18.18
CA LYS B 424 -19.69 37.89 16.89
C LYS B 424 -19.03 36.53 16.70
N TYR B 425 -17.78 36.44 17.13
CA TYR B 425 -17.00 35.22 16.98
C TYR B 425 -17.12 34.27 18.16
N THR B 426 -16.94 32.98 17.91
CA THR B 426 -17.04 32.02 18.99
C THR B 426 -15.76 31.22 19.19
N PHE B 427 -15.35 31.07 20.46
CA PHE B 427 -14.18 30.30 20.80
C PHE B 427 -14.38 29.61 22.12
N TRP B 428 -13.57 28.57 22.34
CA TRP B 428 -13.61 27.81 23.58
C TRP B 428 -13.20 28.81 24.66
N GLU B 429 -14.17 29.22 25.47
CA GLU B 429 -13.90 30.16 26.53
C GLU B 429 -13.21 29.48 27.68
N VAL B 430 -12.11 30.07 28.14
CA VAL B 430 -11.38 29.49 29.25
C VAL B 430 -11.16 30.54 30.32
N ASN B 431 -11.69 30.28 31.51
CA ASN B 431 -11.54 31.23 32.58
C ASN B 431 -10.46 30.82 33.56
N LEU B 432 -9.45 31.66 33.72
CA LEU B 432 -8.36 31.35 34.64
C LEU B 432 -8.28 32.31 35.82
N LYS B 433 -9.27 33.18 35.98
CA LYS B 433 -9.25 34.14 37.08
C LYS B 433 -9.04 33.53 38.47
N GLU B 434 -9.47 32.28 38.64
CA GLU B 434 -9.32 31.61 39.93
C GLU B 434 -8.23 30.54 39.91
N LYS B 435 -7.46 30.50 38.83
CA LYS B 435 -6.42 29.49 38.68
C LYS B 435 -4.96 29.92 38.90
N PHE B 436 -4.71 31.20 39.10
CA PHE B 436 -3.35 31.63 39.33
C PHE B 436 -2.82 31.18 40.68
N SER B 437 -1.56 30.78 40.70
CA SER B 437 -0.92 30.34 41.93
C SER B 437 0.52 30.84 41.95
N ALA B 438 0.97 31.34 43.09
CA ALA B 438 2.33 31.84 43.18
C ALA B 438 3.35 30.71 43.43
N ASP B 439 2.87 29.50 43.70
CA ASP B 439 3.79 28.38 43.96
C ASP B 439 4.07 27.52 42.73
N LEU B 440 4.86 28.04 41.78
CA LEU B 440 5.17 27.30 40.57
C LEU B 440 5.64 25.92 40.96
N ASP B 441 6.34 25.89 42.08
CA ASP B 441 6.89 24.66 42.65
C ASP B 441 5.89 23.50 42.57
N GLN B 442 4.65 23.79 42.95
CA GLN B 442 3.57 22.80 42.99
C GLN B 442 3.00 22.31 41.66
N PHE B 443 3.53 22.78 40.55
CA PHE B 443 3.01 22.33 39.27
C PHE B 443 4.13 21.87 38.35
N PRO B 444 3.81 20.94 37.43
CA PRO B 444 4.80 20.43 36.49
C PRO B 444 5.41 21.51 35.56
N LEU B 445 4.58 22.37 34.97
CA LEU B 445 5.10 23.41 34.11
C LEU B 445 5.91 24.37 34.97
N GLY B 446 5.47 24.55 36.20
CA GLY B 446 6.17 25.45 37.12
C GLY B 446 7.56 24.95 37.48
N ARG B 447 7.67 23.65 37.77
CA ARG B 447 8.95 23.09 38.12
C ARG B 447 9.84 23.31 36.91
N LYS B 448 9.37 22.84 35.76
CA LYS B 448 10.14 23.00 34.53
C LYS B 448 10.68 24.41 34.39
N PHE B 449 9.81 25.41 34.57
CA PHE B 449 10.19 26.80 34.43
C PHE B 449 11.31 27.19 35.39
N LEU B 450 11.15 26.86 36.65
CA LEU B 450 12.18 27.19 37.62
C LEU B 450 13.49 26.56 37.21
N LEU B 451 13.47 25.27 36.97
CA LEU B 451 14.67 24.55 36.54
C LEU B 451 15.29 25.22 35.30
N GLN B 452 14.46 25.57 34.33
CA GLN B 452 14.95 26.20 33.10
C GLN B 452 15.56 27.56 33.39
N LEU B 453 14.80 28.43 34.02
CA LEU B 453 15.31 29.76 34.31
C LEU B 453 16.25 29.83 35.51
N GLY B 454 16.66 28.69 36.05
CA GLY B 454 17.54 28.71 37.20
C GLY B 454 16.98 29.47 38.39
N LEU B 455 17.23 30.78 38.43
CA LEU B 455 16.72 31.65 39.51
C LEU B 455 15.28 32.11 39.25
N ALA C 1 2.08 22.48 51.28
CA ALA C 1 2.98 22.49 50.11
C ALA C 1 3.81 21.20 50.02
N VAL C 2 4.02 20.70 48.80
CA VAL C 2 4.81 19.50 48.59
C VAL C 2 6.24 19.91 48.34
N VAL C 3 7.20 19.06 48.70
CA VAL C 3 8.61 19.37 48.50
C VAL C 3 9.40 18.21 47.93
N SER C 4 10.47 18.55 47.22
CA SER C 4 11.33 17.54 46.63
C SER C 4 11.82 16.61 47.74
N THR C 5 12.00 15.33 47.42
CA THR C 5 12.49 14.37 48.39
C THR C 5 13.92 14.73 48.80
N ASP C 6 14.61 15.47 47.94
CA ASP C 6 15.99 15.89 48.20
C ASP C 6 16.06 16.70 49.48
N GLU C 7 14.91 17.25 49.88
CA GLU C 7 14.79 18.06 51.09
C GLU C 7 14.93 17.25 52.38
N TYR C 8 14.16 16.17 52.46
CA TYR C 8 14.18 15.33 53.65
C TYR C 8 14.83 13.96 53.51
N VAL C 9 15.19 13.56 52.30
CA VAL C 9 15.81 12.25 52.14
C VAL C 9 17.31 12.40 51.95
N ALA C 10 18.09 11.81 52.83
CA ALA C 10 19.54 11.90 52.75
C ALA C 10 20.11 10.73 51.95
N ARG C 11 21.11 11.06 51.13
CA ARG C 11 21.76 10.09 50.27
C ARG C 11 23.04 9.52 50.86
N THR C 12 23.10 8.19 51.01
CA THR C 12 24.32 7.57 51.54
C THR C 12 25.21 7.28 50.35
N ASN C 13 26.30 6.57 50.60
CA ASN C 13 27.25 6.24 49.56
C ASN C 13 27.17 4.77 49.17
N ILE C 14 26.22 4.06 49.75
CA ILE C 14 26.06 2.63 49.47
C ILE C 14 25.16 2.42 48.25
N TYR C 15 25.59 1.53 47.37
CA TYR C 15 24.82 1.20 46.18
C TYR C 15 24.71 -0.31 46.01
N TYR C 16 23.52 -0.78 45.66
CA TYR C 16 23.32 -2.21 45.45
C TYR C 16 22.75 -2.46 44.08
N HIS C 17 23.05 -3.64 43.54
CA HIS C 17 22.55 -4.03 42.24
C HIS C 17 21.56 -5.13 42.52
N ALA C 18 20.53 -5.21 41.69
CA ALA C 18 19.52 -6.23 41.84
C ALA C 18 18.94 -6.52 40.48
N GLY C 19 18.61 -7.79 40.23
CA GLY C 19 18.05 -8.13 38.93
C GLY C 19 17.31 -9.44 38.92
N THR C 20 16.33 -9.53 38.03
CA THR C 20 15.55 -10.74 37.86
C THR C 20 16.47 -11.66 37.08
N SER C 21 16.29 -12.96 37.20
CA SER C 21 17.16 -13.87 36.48
C SER C 21 16.95 -13.71 34.98
N ARG C 22 15.72 -13.95 34.56
CA ARG C 22 15.31 -13.86 33.16
C ARG C 22 13.88 -14.30 33.16
N LEU C 23 12.98 -13.34 33.08
CA LEU C 23 11.56 -13.64 33.06
C LEU C 23 11.14 -14.17 31.67
N LEU C 24 10.24 -15.13 31.67
CA LEU C 24 9.79 -15.73 30.43
C LEU C 24 8.26 -15.90 30.43
N ALA C 25 7.60 -15.60 29.32
CA ALA C 25 6.14 -15.74 29.23
C ALA C 25 5.73 -16.34 27.91
N VAL C 26 5.00 -17.44 27.96
CA VAL C 26 4.57 -18.11 26.74
C VAL C 26 3.10 -18.39 26.80
N GLY C 27 2.39 -18.12 25.71
CA GLY C 27 0.97 -18.37 25.72
C GLY C 27 0.39 -18.17 24.34
N HIS C 28 -0.93 -18.07 24.27
CA HIS C 28 -1.60 -17.84 23.00
C HIS C 28 -1.73 -16.32 22.81
N PRO C 29 -1.45 -15.83 21.61
CA PRO C 29 -1.50 -14.40 21.26
C PRO C 29 -2.85 -13.69 21.36
N TYR C 30 -3.95 -14.39 21.06
CA TYR C 30 -5.28 -13.76 21.07
C TYR C 30 -6.20 -14.01 22.25
N PHE C 31 -6.17 -15.21 22.80
CA PHE C 31 -7.06 -15.52 23.91
C PHE C 31 -6.50 -16.65 24.75
N PRO C 32 -7.03 -16.83 25.97
CA PRO C 32 -6.52 -17.94 26.78
C PRO C 32 -7.18 -19.25 26.42
N ILE C 33 -6.40 -20.32 26.46
CA ILE C 33 -6.89 -21.65 26.16
C ILE C 33 -7.29 -22.26 27.50
N LYS C 34 -8.54 -22.69 27.61
CA LYS C 34 -9.00 -23.30 28.84
C LYS C 34 -9.93 -24.48 28.58
N LYS C 35 -10.27 -25.20 29.64
CA LYS C 35 -11.18 -26.34 29.50
C LYS C 35 -12.59 -25.75 29.28
N PRO C 36 -13.33 -26.22 28.25
CA PRO C 36 -14.68 -25.74 27.93
C PRO C 36 -15.68 -25.86 29.08
N ASN C 37 -15.78 -27.07 29.62
CA ASN C 37 -16.65 -27.38 30.76
C ASN C 37 -16.15 -26.65 31.98
N ASN C 38 -14.83 -26.47 32.02
CA ASN C 38 -14.13 -25.82 33.14
C ASN C 38 -13.90 -24.31 32.93
N ASN C 39 -13.08 -23.70 33.79
CA ASN C 39 -12.80 -22.27 33.68
C ASN C 39 -11.35 -22.02 34.02
N LYS C 40 -10.68 -23.09 34.44
CA LYS C 40 -9.26 -23.04 34.80
C LYS C 40 -8.49 -22.74 33.52
N ILE C 41 -7.53 -21.83 33.60
CA ILE C 41 -6.71 -21.47 32.43
C ILE C 41 -5.59 -22.47 32.20
N LEU C 42 -5.66 -23.13 31.05
CA LEU C 42 -4.68 -24.14 30.68
C LEU C 42 -3.46 -23.47 30.04
N VAL C 43 -3.72 -22.51 29.18
CA VAL C 43 -2.67 -21.73 28.50
C VAL C 43 -3.11 -20.28 28.56
N PRO C 44 -2.25 -19.40 29.04
CA PRO C 44 -2.64 -17.99 29.12
C PRO C 44 -2.51 -17.17 27.82
N LYS C 45 -3.12 -16.00 27.82
CA LYS C 45 -3.02 -15.12 26.66
C LYS C 45 -1.74 -14.31 26.84
N VAL C 46 -0.80 -14.48 25.92
CA VAL C 46 0.44 -13.73 25.98
C VAL C 46 0.66 -13.06 24.62
N SER C 47 0.58 -11.74 24.61
CA SER C 47 0.72 -10.98 23.38
C SER C 47 1.65 -9.81 23.55
N GLY C 48 2.30 -9.42 22.45
CA GLY C 48 3.19 -8.27 22.51
C GLY C 48 2.42 -6.98 22.70
N LEU C 49 1.09 -7.08 22.61
CA LEU C 49 0.23 -5.93 22.75
C LEU C 49 -0.35 -5.70 24.13
N GLN C 50 0.15 -6.45 25.11
CA GLN C 50 -0.32 -6.28 26.49
C GLN C 50 0.66 -5.42 27.27
N TYR C 51 0.17 -4.85 28.36
CA TYR C 51 1.03 -4.06 29.21
C TYR C 51 1.65 -5.10 30.11
N ARG C 52 2.85 -4.82 30.60
CA ARG C 52 3.55 -5.70 31.51
C ARG C 52 3.80 -4.80 32.69
N VAL C 53 3.11 -5.06 33.79
CA VAL C 53 3.30 -4.22 34.96
C VAL C 53 3.99 -5.06 36.02
N PHE C 54 5.24 -4.69 36.33
CA PHE C 54 6.03 -5.42 37.31
C PHE C 54 5.99 -4.75 38.68
N ARG C 55 5.58 -5.53 39.68
CA ARG C 55 5.50 -5.08 41.06
C ARG C 55 6.79 -5.60 41.67
N ILE C 56 7.76 -4.71 41.80
CA ILE C 56 9.06 -5.06 42.33
C ILE C 56 9.16 -4.97 43.84
N HIS C 57 9.42 -6.11 44.49
CA HIS C 57 9.55 -6.13 45.94
C HIS C 57 10.99 -6.05 46.38
N LEU C 58 11.30 -5.04 47.19
CA LEU C 58 12.65 -4.84 47.68
C LEU C 58 12.78 -5.21 49.14
N PRO C 59 13.97 -5.70 49.54
CA PRO C 59 14.17 -6.06 50.95
C PRO C 59 14.13 -4.79 51.79
N ASP C 60 13.44 -4.81 52.92
CA ASP C 60 13.35 -3.62 53.78
C ASP C 60 14.76 -3.23 54.22
N PRO C 61 15.26 -2.06 53.79
CA PRO C 61 16.62 -1.68 54.20
C PRO C 61 16.80 -1.64 55.72
N ASN C 62 15.69 -1.47 56.45
CA ASN C 62 15.72 -1.40 57.91
C ASN C 62 15.89 -2.78 58.55
N LYS C 63 15.28 -3.79 57.93
CA LYS C 63 15.37 -5.16 58.41
C LYS C 63 16.61 -5.82 57.81
N PHE C 64 17.09 -5.25 56.70
CA PHE C 64 18.27 -5.76 55.98
C PHE C 64 19.47 -5.90 56.91
N GLY C 65 20.42 -6.74 56.53
CA GLY C 65 21.60 -6.93 57.35
C GLY C 65 22.87 -6.43 56.69
N PHE C 66 23.19 -5.15 56.89
CA PHE C 66 24.40 -4.58 56.30
C PHE C 66 25.64 -4.93 57.12
N PRO C 67 26.80 -5.06 56.44
CA PRO C 67 28.08 -5.39 57.11
C PRO C 67 28.45 -4.29 58.11
N ASP C 68 28.14 -3.05 57.75
CA ASP C 68 28.39 -1.89 58.61
C ASP C 68 27.09 -1.12 58.77
N THR C 69 26.84 -0.64 59.98
CA THR C 69 25.61 0.09 60.29
C THR C 69 25.92 1.40 61.01
N SER C 70 27.16 1.84 60.93
CA SER C 70 27.60 3.08 61.57
C SER C 70 27.17 4.30 60.76
N PHE C 71 26.91 4.09 59.47
CA PHE C 71 26.51 5.17 58.57
C PHE C 71 25.21 5.88 58.96
N TYR C 72 24.50 5.35 59.95
CA TYR C 72 23.26 6.00 60.38
C TYR C 72 22.82 5.64 61.81
N ASN C 73 21.90 6.44 62.34
CA ASN C 73 21.39 6.24 63.68
C ASN C 73 19.96 5.64 63.63
N PRO C 74 19.84 4.33 63.88
CA PRO C 74 18.55 3.63 63.86
C PRO C 74 17.53 4.16 64.88
N ASP C 75 17.93 5.17 65.65
CA ASP C 75 17.05 5.75 66.67
C ASP C 75 16.37 7.00 66.17
N THR C 76 17.16 7.88 65.56
CA THR C 76 16.65 9.12 65.03
C THR C 76 16.15 8.98 63.59
N GLN C 77 16.72 8.03 62.85
CA GLN C 77 16.31 7.87 61.46
C GLN C 77 15.87 6.50 60.96
N ARG C 78 15.50 6.47 59.68
CA ARG C 78 15.04 5.27 59.00
C ARG C 78 15.69 5.16 57.63
N LEU C 79 15.56 4.00 56.98
CA LEU C 79 16.16 3.80 55.67
C LEU C 79 15.18 3.49 54.53
N VAL C 80 15.49 4.01 53.35
CA VAL C 80 14.65 3.81 52.15
C VAL C 80 15.54 3.59 50.95
N TRP C 81 15.08 2.75 50.04
CA TRP C 81 15.83 2.50 48.81
C TRP C 81 15.48 3.54 47.74
N ALA C 82 16.49 4.03 47.04
CA ALA C 82 16.25 5.00 45.97
C ALA C 82 16.69 4.40 44.64
N CYS C 83 15.78 4.34 43.67
CA CYS C 83 16.14 3.78 42.37
C CYS C 83 16.96 4.79 41.59
N VAL C 84 18.16 4.38 41.17
CA VAL C 84 19.06 5.27 40.44
C VAL C 84 19.40 4.81 39.02
N GLY C 85 19.15 3.54 38.74
CA GLY C 85 19.43 3.03 37.42
C GLY C 85 18.55 1.84 37.08
N VAL C 86 18.02 1.83 35.86
CA VAL C 86 17.18 0.73 35.40
C VAL C 86 17.57 0.31 34.00
N GLU C 87 17.51 -1.00 33.76
CA GLU C 87 17.81 -1.56 32.44
C GLU C 87 16.76 -2.60 32.15
N VAL C 88 15.87 -2.28 31.22
CA VAL C 88 14.85 -3.25 30.85
C VAL C 88 15.37 -4.09 29.70
N GLY C 89 15.88 -5.27 30.00
CA GLY C 89 16.39 -6.13 28.94
C GLY C 89 15.28 -6.89 28.23
N ARG C 90 15.35 -6.92 26.90
CA ARG C 90 14.37 -7.64 26.09
C ARG C 90 15.18 -8.68 25.33
N GLY C 91 14.57 -9.84 25.08
CA GLY C 91 15.35 -10.87 24.45
C GLY C 91 14.96 -11.61 23.19
N GLN C 92 13.77 -11.42 22.67
CA GLN C 92 13.51 -12.17 21.44
C GLN C 92 13.97 -11.34 20.23
N PRO C 93 13.98 -11.92 19.03
CA PRO C 93 14.41 -11.09 17.89
C PRO C 93 13.32 -10.09 17.54
N LEU C 94 13.69 -8.98 16.91
CA LEU C 94 12.69 -7.97 16.57
C LEU C 94 11.77 -8.56 15.50
N GLY C 95 10.49 -8.23 15.60
CA GLY C 95 9.54 -8.73 14.62
C GLY C 95 8.13 -8.21 14.84
N VAL C 96 7.29 -8.30 13.81
CA VAL C 96 5.93 -7.81 13.95
C VAL C 96 4.88 -8.91 13.92
N GLY C 97 3.92 -8.80 14.84
CA GLY C 97 2.85 -9.76 14.99
C GLY C 97 1.72 -9.51 14.01
N ILE C 98 0.50 -9.82 14.39
CA ILE C 98 -0.61 -9.63 13.48
C ILE C 98 -1.87 -10.18 14.13
N SER C 99 -2.96 -9.46 14.07
CA SER C 99 -4.19 -9.89 14.70
C SER C 99 -5.40 -9.68 13.78
N GLY C 100 -6.37 -10.57 13.84
CA GLY C 100 -7.55 -10.43 13.00
C GLY C 100 -8.80 -10.89 13.69
N HIS C 101 -9.85 -11.07 12.89
CA HIS C 101 -11.15 -11.57 13.35
C HIS C 101 -11.78 -12.32 12.17
N PRO C 102 -12.26 -13.56 12.41
CA PRO C 102 -12.87 -14.37 11.35
C PRO C 102 -14.15 -13.75 10.84
N LEU C 103 -14.77 -12.91 11.67
CA LEU C 103 -16.01 -12.26 11.31
C LEU C 103 -15.95 -10.76 11.65
N LEU C 104 -14.97 -10.08 11.05
CA LEU C 104 -14.81 -8.66 11.28
C LEU C 104 -15.88 -7.87 10.55
N ASN C 105 -16.46 -6.88 11.22
CA ASN C 105 -17.50 -6.08 10.59
C ASN C 105 -16.90 -5.17 9.52
N LYS C 106 -16.73 -5.72 8.34
CA LYS C 106 -16.17 -4.96 7.24
C LYS C 106 -17.05 -5.14 6.01
N LEU C 107 -17.84 -4.10 5.68
CA LEU C 107 -18.71 -4.15 4.52
C LEU C 107 -17.83 -4.10 3.27
N ASP C 108 -17.66 -2.92 2.70
CA ASP C 108 -16.83 -2.83 1.51
C ASP C 108 -15.57 -1.97 1.65
N ASP C 109 -14.74 -2.06 0.62
CA ASP C 109 -13.49 -1.33 0.51
C ASP C 109 -13.82 0.07 0.01
N THR C 110 -13.70 1.06 0.87
CA THR C 110 -14.04 2.41 0.48
C THR C 110 -12.85 3.27 0.06
N GLU C 111 -11.68 2.66 -0.05
CA GLU C 111 -10.46 3.37 -0.45
C GLU C 111 -10.47 3.72 -1.92
N ASN C 112 -11.24 2.97 -2.69
CA ASN C 112 -11.34 3.16 -4.13
C ASN C 112 -12.37 2.17 -4.68
N ALA C 113 -13.43 2.67 -5.29
CA ALA C 113 -14.47 1.80 -5.84
C ALA C 113 -14.80 2.21 -7.27
N SER C 114 -15.01 1.19 -8.12
CA SER C 114 -15.31 1.42 -9.53
C SER C 114 -16.81 1.50 -9.85
N ALA C 115 -17.63 1.03 -8.91
CA ALA C 115 -19.07 1.05 -9.08
C ALA C 115 -19.67 1.04 -7.68
N TYR C 116 -20.90 1.53 -7.55
CA TYR C 116 -21.55 1.57 -6.24
C TYR C 116 -21.71 0.16 -5.71
N ALA C 117 -21.25 -0.05 -4.48
CA ALA C 117 -21.32 -1.34 -3.82
C ALA C 117 -22.75 -1.89 -3.81
N ALA C 118 -22.87 -3.21 -3.74
CA ALA C 118 -24.16 -3.91 -3.74
C ALA C 118 -25.11 -3.41 -2.65
N ASN C 119 -25.56 -4.32 -1.79
CA ASN C 119 -26.46 -3.96 -0.70
C ASN C 119 -26.25 -4.89 0.49
N ALA C 120 -26.12 -4.31 1.68
CA ALA C 120 -25.90 -5.10 2.88
C ALA C 120 -27.02 -6.12 3.07
N GLY C 121 -26.66 -7.39 3.10
CA GLY C 121 -27.65 -8.43 3.32
C GLY C 121 -27.70 -8.75 4.80
N VAL C 122 -27.41 -9.99 5.13
CA VAL C 122 -27.39 -10.38 6.53
C VAL C 122 -25.97 -10.85 6.75
N ASP C 123 -25.26 -10.30 7.72
CA ASP C 123 -23.90 -10.77 7.96
C ASP C 123 -22.95 -10.74 6.73
N ASN C 124 -22.31 -9.58 6.50
CA ASN C 124 -21.37 -9.43 5.39
C ASN C 124 -19.95 -9.43 5.96
N ARG C 125 -19.80 -9.87 7.21
CA ARG C 125 -18.50 -9.90 7.87
C ARG C 125 -17.44 -10.72 7.11
N GLU C 126 -16.19 -10.26 7.15
CA GLU C 126 -15.08 -10.93 6.45
C GLU C 126 -14.00 -11.35 7.45
N CYS C 127 -13.19 -12.34 7.05
CA CYS C 127 -12.08 -12.82 7.87
C CYS C 127 -10.93 -11.87 7.54
N ILE C 128 -10.64 -10.94 8.45
CA ILE C 128 -9.61 -9.93 8.22
C ILE C 128 -8.58 -9.71 9.34
N SER C 129 -7.31 -9.56 8.96
CA SER C 129 -6.25 -9.31 9.93
C SER C 129 -5.52 -7.99 9.64
N MET C 130 -4.71 -7.54 10.59
CA MET C 130 -3.99 -6.30 10.44
C MET C 130 -2.80 -6.28 11.38
N ASP C 131 -1.84 -5.40 11.11
CA ASP C 131 -0.66 -5.25 11.95
C ASP C 131 -0.90 -3.98 12.76
N TYR C 132 -1.12 -4.17 14.04
CA TYR C 132 -1.40 -3.09 14.97
C TYR C 132 -0.37 -1.96 14.99
N LYS C 133 -0.72 -0.86 15.65
CA LYS C 133 0.20 0.25 15.73
C LYS C 133 1.34 -0.06 16.69
N GLN C 134 2.54 0.34 16.30
CA GLN C 134 3.76 0.10 17.08
C GLN C 134 3.79 0.97 18.34
N THR C 135 4.14 0.36 19.45
CA THR C 135 4.23 1.09 20.72
C THR C 135 5.36 0.57 21.60
N GLN C 136 6.17 1.49 22.10
CA GLN C 136 7.25 1.14 23.01
C GLN C 136 7.13 2.13 24.14
N LEU C 137 7.05 1.63 25.37
CA LEU C 137 6.95 2.55 26.49
C LEU C 137 7.40 1.92 27.79
N CYS C 138 7.89 2.76 28.69
CA CYS C 138 8.36 2.30 29.98
C CYS C 138 8.07 3.35 31.04
N LEU C 139 7.30 2.95 32.06
CA LEU C 139 6.91 3.82 33.15
C LEU C 139 7.48 3.27 34.42
N ILE C 140 8.08 4.15 35.23
CA ILE C 140 8.65 3.76 36.51
C ILE C 140 8.22 4.71 37.61
N GLY C 141 7.85 4.14 38.74
CA GLY C 141 7.41 4.93 39.87
C GLY C 141 7.21 4.01 41.05
N CYS C 142 6.82 4.54 42.21
CA CYS C 142 6.62 3.68 43.37
C CYS C 142 5.15 3.39 43.60
N LYS C 143 4.31 3.80 42.65
CA LYS C 143 2.89 3.57 42.73
C LYS C 143 2.51 2.95 41.39
N PRO C 144 1.43 2.15 41.36
CA PRO C 144 1.04 1.55 40.08
C PRO C 144 0.66 2.62 39.07
N PRO C 145 0.85 2.34 37.78
CA PRO C 145 0.54 3.26 36.67
C PRO C 145 -0.97 3.47 36.46
N ILE C 146 -1.35 4.66 36.00
CA ILE C 146 -2.76 4.92 35.78
C ILE C 146 -3.10 5.18 34.32
N GLY C 147 -4.15 4.54 33.83
CA GLY C 147 -4.54 4.73 32.45
C GLY C 147 -5.90 5.39 32.25
N GLU C 148 -6.20 5.72 31.00
CA GLU C 148 -7.49 6.32 30.65
C GLU C 148 -8.03 5.55 29.45
N HIS C 149 -9.35 5.55 29.30
CA HIS C 149 -9.99 4.88 28.19
C HIS C 149 -11.42 5.34 28.16
N TRP C 150 -12.08 5.23 27.03
CA TRP C 150 -13.48 5.63 26.96
C TRP C 150 -14.34 4.41 27.24
N GLY C 151 -15.34 4.60 28.10
CA GLY C 151 -16.26 3.54 28.44
C GLY C 151 -17.69 4.05 28.34
N LYS C 152 -18.66 3.24 28.74
CA LYS C 152 -20.06 3.68 28.68
C LYS C 152 -20.43 4.49 29.91
N GLY C 153 -20.64 5.78 29.71
CA GLY C 153 -21.00 6.63 30.84
C GLY C 153 -22.39 6.32 31.33
N SER C 154 -22.73 6.80 32.52
CA SER C 154 -24.06 6.59 33.10
C SER C 154 -25.01 7.56 32.39
N PRO C 155 -26.24 7.10 32.03
CA PRO C 155 -27.20 7.95 31.34
C PRO C 155 -27.91 8.96 32.25
N CYS C 156 -28.36 10.07 31.66
CA CYS C 156 -29.08 11.12 32.38
C CYS C 156 -30.52 10.61 32.61
N THR C 157 -31.06 10.86 33.80
CA THR C 157 -32.42 10.40 34.09
C THR C 157 -33.49 11.23 33.39
N GLN C 158 -33.72 10.91 32.12
CA GLN C 158 -34.72 11.60 31.34
C GLN C 158 -35.23 10.66 30.27
N VAL C 159 -34.92 11.02 29.04
CA VAL C 159 -35.31 10.29 27.84
C VAL C 159 -34.89 8.83 27.94
N ALA C 160 -35.85 7.96 28.15
CA ALA C 160 -35.58 6.52 28.27
C ALA C 160 -34.82 5.98 27.06
N VAL C 161 -33.60 5.49 27.32
CA VAL C 161 -32.74 4.94 26.28
C VAL C 161 -33.51 3.93 25.41
N GLN C 162 -33.77 4.31 24.17
CA GLN C 162 -34.45 3.41 23.24
C GLN C 162 -33.41 2.34 22.91
N PRO C 163 -33.84 1.08 22.77
CA PRO C 163 -32.87 0.02 22.43
C PRO C 163 -32.09 0.39 21.16
N GLY C 164 -30.77 0.18 21.18
CA GLY C 164 -29.98 0.51 20.00
C GLY C 164 -29.46 1.94 19.99
N ASP C 165 -29.94 2.73 20.94
CA ASP C 165 -29.52 4.13 21.07
C ASP C 165 -28.02 4.13 21.28
N CYS C 166 -27.34 5.13 20.75
CA CYS C 166 -25.91 5.23 20.92
C CYS C 166 -25.64 5.43 22.42
N PRO C 167 -24.71 4.64 23.00
CA PRO C 167 -24.39 4.76 24.42
C PRO C 167 -23.52 5.97 24.70
N PRO C 168 -23.68 6.58 25.88
CA PRO C 168 -22.89 7.76 26.25
C PRO C 168 -21.43 7.42 26.60
N LEU C 169 -20.50 8.31 26.25
CA LEU C 169 -19.10 8.09 26.53
C LEU C 169 -18.67 8.75 27.85
N GLU C 170 -17.55 8.29 28.40
CA GLU C 170 -17.05 8.84 29.63
C GLU C 170 -15.61 8.41 29.77
N LEU C 171 -14.69 9.37 29.92
CA LEU C 171 -13.30 9.00 30.08
C LEU C 171 -13.17 8.40 31.45
N ILE C 172 -12.69 7.17 31.53
CA ILE C 172 -12.54 6.47 32.80
C ILE C 172 -11.09 6.20 33.19
N ASN C 173 -10.67 6.70 34.34
CA ASN C 173 -9.32 6.46 34.83
C ASN C 173 -9.32 5.11 35.51
N THR C 174 -8.29 4.33 35.28
CA THR C 174 -8.21 2.99 35.85
C THR C 174 -6.76 2.70 36.25
N VAL C 175 -6.53 1.60 36.94
CA VAL C 175 -5.18 1.24 37.30
C VAL C 175 -4.76 0.30 36.19
N ILE C 176 -3.59 0.51 35.60
CA ILE C 176 -3.14 -0.38 34.53
C ILE C 176 -2.57 -1.66 35.11
N GLN C 177 -3.12 -2.71 34.69
CA GLN C 177 -2.71 -3.99 35.21
C GLN C 177 -1.95 -4.85 34.23
N ASP C 178 -1.19 -5.76 34.87
CA ASP C 178 -0.38 -6.61 34.05
C ASP C 178 -1.30 -7.46 33.19
N GLY C 179 -1.15 -7.39 31.88
CA GLY C 179 -1.99 -8.20 31.02
C GLY C 179 -3.01 -7.36 30.27
N ASP C 180 -3.19 -6.11 30.69
CA ASP C 180 -4.12 -5.21 30.03
C ASP C 180 -3.62 -4.96 28.61
N MET C 181 -4.51 -4.52 27.72
CA MET C 181 -4.14 -4.27 26.34
C MET C 181 -3.85 -2.80 26.06
N VAL C 182 -2.98 -2.58 25.08
CA VAL C 182 -2.58 -1.24 24.67
C VAL C 182 -3.41 -0.83 23.46
N ASP C 183 -3.64 0.47 23.32
CA ASP C 183 -4.40 0.96 22.19
C ASP C 183 -3.63 0.37 21.00
N THR C 184 -4.37 -0.18 20.04
CA THR C 184 -3.77 -0.84 18.89
C THR C 184 -4.03 -0.12 17.57
N GLY C 185 -4.70 1.02 17.64
CA GLY C 185 -4.99 1.75 16.43
C GLY C 185 -6.46 2.10 16.40
N PHE C 186 -7.21 1.56 17.36
CA PHE C 186 -8.62 1.84 17.44
C PHE C 186 -8.90 2.70 18.66
N GLY C 187 -7.84 3.32 19.20
CA GLY C 187 -7.96 4.18 20.37
C GLY C 187 -8.08 3.42 21.68
N ALA C 188 -8.19 4.16 22.78
CA ALA C 188 -8.31 3.52 24.10
C ALA C 188 -9.75 3.54 24.58
N MET C 189 -10.44 2.42 24.38
CA MET C 189 -11.83 2.30 24.78
C MET C 189 -12.17 0.88 25.21
N ASP C 190 -13.33 0.76 25.86
CA ASP C 190 -13.84 -0.52 26.35
C ASP C 190 -14.76 -1.11 25.28
N PHE C 191 -14.18 -1.91 24.40
CA PHE C 191 -14.93 -2.51 23.30
C PHE C 191 -16.05 -3.44 23.71
N THR C 192 -15.96 -4.04 24.89
CA THR C 192 -16.99 -4.95 25.34
C THR C 192 -18.28 -4.19 25.57
N THR C 193 -18.20 -3.13 26.40
CA THR C 193 -19.37 -2.32 26.72
C THR C 193 -19.77 -1.24 25.71
N LEU C 194 -18.97 -1.08 24.65
CA LEU C 194 -19.27 -0.07 23.64
C LEU C 194 -19.50 -0.67 22.26
N GLN C 195 -19.34 -1.98 22.13
CA GLN C 195 -19.56 -2.64 20.85
C GLN C 195 -20.27 -4.01 21.00
N ALA C 196 -21.59 -3.98 21.02
CA ALA C 196 -22.39 -5.20 21.17
C ALA C 196 -22.07 -6.16 20.04
N ASN C 197 -21.74 -5.57 18.90
CA ASN C 197 -21.38 -6.27 17.67
C ASN C 197 -20.43 -7.44 17.90
N LYS C 198 -19.42 -7.23 18.75
CA LYS C 198 -18.40 -8.25 19.05
C LYS C 198 -17.55 -8.60 17.85
N SER C 199 -17.61 -7.77 16.80
CA SER C 199 -16.84 -8.03 15.58
C SER C 199 -16.21 -6.78 14.97
N GLU C 200 -16.11 -5.71 15.75
CA GLU C 200 -15.56 -4.46 15.24
C GLU C 200 -14.04 -4.47 15.17
N VAL C 201 -13.41 -5.23 16.06
CA VAL C 201 -11.96 -5.29 16.11
C VAL C 201 -11.49 -6.75 16.24
N PRO C 202 -10.19 -7.01 16.02
CA PRO C 202 -9.66 -8.38 16.13
C PRO C 202 -9.99 -9.02 17.48
N LEU C 203 -9.93 -10.36 17.52
CA LEU C 203 -10.21 -11.12 18.74
C LEU C 203 -9.44 -10.68 19.99
N ASP C 204 -8.14 -10.45 19.87
CA ASP C 204 -7.32 -10.07 21.02
C ASP C 204 -7.68 -8.82 21.82
N ILE C 205 -8.49 -7.92 21.26
CA ILE C 205 -8.91 -6.69 21.99
C ILE C 205 -10.42 -6.62 21.96
N CYS C 206 -10.98 -7.49 21.13
CA CYS C 206 -12.41 -7.65 20.90
C CYS C 206 -13.32 -7.57 22.15
N THR C 207 -12.93 -8.20 23.25
CA THR C 207 -13.74 -8.14 24.45
C THR C 207 -12.87 -7.67 25.61
N SER C 208 -11.92 -6.81 25.29
CA SER C 208 -11.01 -6.27 26.30
C SER C 208 -11.11 -4.75 26.35
N ILE C 209 -10.24 -4.14 27.15
CA ILE C 209 -10.21 -2.70 27.25
C ILE C 209 -8.81 -2.28 26.86
N CYS C 210 -8.71 -1.43 25.84
CA CYS C 210 -7.41 -0.92 25.46
C CYS C 210 -7.22 0.38 26.24
N LYS C 211 -6.21 0.42 27.09
CA LYS C 211 -5.95 1.58 27.92
C LYS C 211 -4.72 2.34 27.49
N TYR C 212 -4.71 3.63 27.74
CA TYR C 212 -3.59 4.49 27.37
C TYR C 212 -3.10 5.14 28.65
N PRO C 213 -1.78 5.23 28.83
CA PRO C 213 -1.29 5.86 30.06
C PRO C 213 -1.81 7.28 30.15
N ASP C 214 -2.31 7.65 31.33
CA ASP C 214 -2.79 9.01 31.50
C ASP C 214 -1.59 9.82 32.01
N TYR C 215 -0.67 10.12 31.09
CA TYR C 215 0.52 10.87 31.40
C TYR C 215 0.21 12.21 32.05
N ILE C 216 -0.81 12.90 31.54
CA ILE C 216 -1.19 14.21 32.07
C ILE C 216 -1.50 14.13 33.56
N LYS C 217 -2.41 13.22 33.92
CA LYS C 217 -2.82 13.04 35.31
C LYS C 217 -1.67 12.68 36.23
N MET C 218 -0.90 11.67 35.82
CA MET C 218 0.22 11.19 36.61
C MET C 218 1.27 12.23 36.90
N VAL C 219 1.54 13.10 35.93
CA VAL C 219 2.56 14.13 36.14
C VAL C 219 1.99 15.29 36.97
N SER C 220 0.68 15.47 36.92
CA SER C 220 0.02 16.52 37.69
C SER C 220 0.03 16.10 39.15
N GLU C 221 -0.03 14.79 39.36
CA GLU C 221 0.00 14.22 40.70
C GLU C 221 0.97 15.05 41.57
N PRO C 222 0.47 15.55 42.72
CA PRO C 222 1.26 16.37 43.65
C PRO C 222 2.61 15.81 44.08
N TYR C 223 2.61 14.59 44.62
CA TYR C 223 3.85 13.97 45.07
C TYR C 223 4.65 13.29 43.95
N GLY C 224 3.97 12.95 42.85
CA GLY C 224 4.63 12.30 41.75
C GLY C 224 5.21 10.94 42.05
N ASP C 225 4.46 10.10 42.76
CA ASP C 225 4.95 8.76 43.08
C ASP C 225 4.62 7.75 42.01
N SER C 226 3.49 7.96 41.34
CA SER C 226 3.05 7.02 40.31
C SER C 226 4.06 6.86 39.18
N LEU C 227 4.81 7.90 38.87
CA LEU C 227 5.79 7.78 37.81
C LEU C 227 6.83 8.90 37.87
N PHE C 228 8.09 8.54 38.10
CA PHE C 228 9.13 9.54 38.16
C PHE C 228 10.10 9.45 37.00
N PHE C 229 9.70 8.72 35.96
CA PHE C 229 10.48 8.56 34.75
C PHE C 229 9.68 7.78 33.71
N TYR C 230 9.80 8.15 32.45
CA TYR C 230 9.10 7.41 31.42
C TYR C 230 9.67 7.62 30.02
N LEU C 231 9.43 6.66 29.14
CA LEU C 231 9.86 6.75 27.77
C LEU C 231 8.71 6.23 26.93
N ARG C 232 8.28 7.01 25.95
CA ARG C 232 7.18 6.59 25.09
C ARG C 232 7.53 6.79 23.63
N ARG C 233 7.14 5.81 22.83
CA ARG C 233 7.40 5.85 21.39
C ARG C 233 6.25 5.13 20.69
N GLU C 234 5.42 5.88 19.98
CA GLU C 234 4.31 5.29 19.25
C GLU C 234 4.17 5.88 17.85
N GLN C 235 3.86 5.03 16.88
CA GLN C 235 3.69 5.44 15.49
C GLN C 235 2.60 4.59 14.83
N MET C 236 1.90 5.16 13.86
CA MET C 236 0.84 4.45 13.18
C MET C 236 0.40 5.14 11.90
N PHE C 237 -0.04 4.35 10.93
CA PHE C 237 -0.53 4.93 9.69
C PHE C 237 -1.70 4.10 9.17
N VAL C 238 -2.49 4.69 8.27
CA VAL C 238 -3.66 4.01 7.71
C VAL C 238 -3.32 3.09 6.56
N ARG C 239 -3.53 1.78 6.76
CA ARG C 239 -3.26 0.77 5.74
C ARG C 239 -4.48 0.65 4.79
N HIS C 240 -5.66 0.41 5.34
CA HIS C 240 -6.87 0.30 4.51
C HIS C 240 -8.03 1.14 5.04
N LEU C 241 -8.94 1.49 4.13
CA LEU C 241 -10.08 2.30 4.51
C LEU C 241 -11.36 1.52 4.20
N PHE C 242 -12.05 1.13 5.27
CA PHE C 242 -13.27 0.35 5.15
C PHE C 242 -14.58 1.00 5.60
N ASN C 243 -15.64 0.21 5.42
CA ASN C 243 -17.03 0.54 5.73
C ASN C 243 -17.53 -0.36 6.85
N ARG C 244 -18.53 0.08 7.60
CA ARG C 244 -19.09 -0.78 8.65
C ARG C 244 -20.50 -1.21 8.27
N ALA C 245 -20.75 -2.52 8.30
CA ALA C 245 -22.07 -3.04 8.01
C ALA C 245 -22.89 -2.76 9.28
N GLY C 246 -24.19 -2.89 9.18
CA GLY C 246 -25.03 -2.61 10.33
C GLY C 246 -26.06 -1.60 9.87
N THR C 247 -26.76 -0.97 10.79
CA THR C 247 -27.77 -0.01 10.38
C THR C 247 -27.49 1.37 10.91
N VAL C 248 -27.82 2.37 10.10
CA VAL C 248 -27.59 3.75 10.46
C VAL C 248 -28.10 4.08 11.87
N GLY C 249 -27.17 4.47 12.72
CA GLY C 249 -27.51 4.82 14.08
C GLY C 249 -27.91 6.27 14.03
N GLU C 250 -27.15 7.03 13.23
CA GLU C 250 -27.41 8.43 13.04
C GLU C 250 -27.32 8.71 11.55
N ASN C 251 -28.41 9.21 10.98
CA ASN C 251 -28.45 9.51 9.56
C ASN C 251 -27.70 10.74 9.14
N VAL C 252 -27.23 10.70 7.90
CA VAL C 252 -26.47 11.80 7.31
C VAL C 252 -27.41 12.94 6.97
N PRO C 253 -27.21 14.11 7.59
CA PRO C 253 -28.06 15.26 7.32
C PRO C 253 -28.11 15.52 5.81
N ASP C 254 -29.32 15.62 5.25
CA ASP C 254 -29.48 15.81 3.80
C ASP C 254 -29.02 17.14 3.25
N ASP C 255 -28.63 18.05 4.14
CA ASP C 255 -28.12 19.35 3.71
C ASP C 255 -26.65 19.21 3.31
N LEU C 256 -26.13 18.00 3.46
CA LEU C 256 -24.73 17.69 3.14
C LEU C 256 -24.56 16.96 1.81
N TYR C 257 -25.63 16.81 1.05
CA TYR C 257 -25.53 16.10 -0.21
C TYR C 257 -26.81 16.16 -1.03
N ILE C 258 -26.65 15.80 -2.30
CA ILE C 258 -27.76 15.78 -3.24
C ILE C 258 -28.22 14.36 -3.45
N LYS C 259 -29.49 14.11 -3.11
CA LYS C 259 -30.09 12.78 -3.24
C LYS C 259 -29.67 12.15 -4.58
N GLY C 260 -29.40 10.85 -4.55
CA GLY C 260 -29.03 10.12 -5.75
C GLY C 260 -30.27 9.56 -6.44
N SER C 261 -30.13 8.41 -7.07
CA SER C 261 -31.22 7.76 -7.77
C SER C 261 -30.76 6.43 -8.35
N GLY C 262 -31.70 5.51 -8.55
CA GLY C 262 -31.31 4.22 -9.08
C GLY C 262 -30.41 3.54 -8.07
N SER C 263 -29.15 3.33 -8.42
CA SER C 263 -28.21 2.68 -7.49
C SER C 263 -27.82 3.63 -6.36
N THR C 264 -27.49 4.87 -6.71
CA THR C 264 -27.11 5.87 -5.73
C THR C 264 -28.31 6.43 -4.98
N ALA C 265 -29.45 5.78 -5.13
CA ALA C 265 -30.67 6.24 -4.48
C ALA C 265 -30.51 6.04 -2.98
N ASN C 266 -29.95 4.88 -2.62
CA ASN C 266 -29.72 4.53 -1.22
C ASN C 266 -28.27 4.79 -0.81
N LEU C 267 -28.11 5.60 0.23
CA LEU C 267 -26.78 5.93 0.72
C LEU C 267 -26.05 4.74 1.34
N ALA C 268 -24.81 4.56 0.93
CA ALA C 268 -23.98 3.48 1.46
C ALA C 268 -23.51 3.91 2.86
N SER C 269 -23.15 2.94 3.69
CA SER C 269 -22.67 3.26 5.04
C SER C 269 -21.54 4.27 5.01
N SER C 270 -21.69 5.36 5.75
CA SER C 270 -20.63 6.35 5.80
C SER C 270 -19.99 6.26 7.19
N ASN C 271 -20.08 5.06 7.76
CA ASN C 271 -19.46 4.76 9.06
C ASN C 271 -18.13 4.11 8.70
N TYR C 272 -17.17 4.92 8.26
CA TYR C 272 -15.87 4.42 7.86
C TYR C 272 -14.97 4.16 9.03
N PHE C 273 -14.04 3.24 8.82
CA PHE C 273 -13.06 2.90 9.84
C PHE C 273 -11.81 2.45 9.10
N PRO C 274 -10.64 2.92 9.58
CA PRO C 274 -9.37 2.56 8.94
C PRO C 274 -8.69 1.37 9.63
N THR C 275 -7.80 0.71 8.90
CA THR C 275 -7.04 -0.42 9.39
C THR C 275 -5.69 0.14 9.77
N PRO C 276 -5.27 -0.04 11.02
CA PRO C 276 -3.96 0.51 11.40
C PRO C 276 -2.78 -0.27 10.84
N SER C 277 -1.60 0.26 11.06
CA SER C 277 -0.37 -0.37 10.65
C SER C 277 0.80 0.38 11.25
N GLY C 278 1.48 -0.26 12.21
CA GLY C 278 2.67 0.32 12.82
C GLY C 278 3.70 -0.15 11.85
N SER C 279 4.34 0.76 11.16
CA SER C 279 5.30 0.41 10.13
C SER C 279 6.41 -0.56 10.52
N MET C 280 7.56 -0.38 9.91
CA MET C 280 8.73 -1.22 10.15
C MET C 280 9.26 -1.03 11.56
N VAL C 281 9.87 -2.10 12.10
CA VAL C 281 10.47 -2.06 13.43
C VAL C 281 11.97 -2.04 13.20
N THR C 282 12.68 -1.29 14.04
CA THR C 282 14.11 -1.16 13.87
C THR C 282 14.92 -1.13 15.15
N SER C 283 16.17 -1.57 15.04
CA SER C 283 17.12 -1.59 16.15
C SER C 283 17.39 -0.14 16.58
N ASP C 284 17.79 0.68 15.61
CA ASP C 284 18.11 2.07 15.88
C ASP C 284 17.04 2.76 16.70
N ALA C 285 15.82 2.26 16.65
CA ALA C 285 14.74 2.92 17.39
C ALA C 285 14.39 2.26 18.72
N GLN C 286 15.22 1.31 19.14
CA GLN C 286 14.98 0.60 20.39
C GLN C 286 15.09 1.49 21.60
N ILE C 287 14.26 1.19 22.58
CA ILE C 287 14.22 1.94 23.81
C ILE C 287 14.80 1.13 24.94
N PHE C 288 14.73 -0.18 24.78
CA PHE C 288 15.22 -1.10 25.79
C PHE C 288 16.68 -1.53 25.58
N ASN C 289 17.18 -2.35 26.51
CA ASN C 289 18.54 -2.84 26.48
C ASN C 289 19.48 -1.66 26.47
N LYS C 290 19.06 -0.60 27.16
CA LYS C 290 19.81 0.64 27.32
C LYS C 290 19.54 0.96 28.78
N PRO C 291 20.53 1.52 29.48
CA PRO C 291 20.30 1.83 30.90
C PRO C 291 19.66 3.21 31.03
N TYR C 292 18.81 3.39 32.04
CA TYR C 292 18.17 4.69 32.27
C TYR C 292 18.71 5.20 33.59
N TRP C 293 19.31 6.38 33.59
CA TRP C 293 19.84 6.94 34.84
C TRP C 293 18.85 7.94 35.42
N LEU C 294 18.10 7.49 36.42
CA LEU C 294 17.09 8.31 37.09
C LEU C 294 17.72 9.28 38.11
N GLN C 295 18.49 10.24 37.63
CA GLN C 295 19.14 11.17 38.53
C GLN C 295 18.32 12.37 38.99
N ARG C 296 17.71 13.07 38.05
CA ARG C 296 16.88 14.24 38.36
C ARG C 296 15.46 13.98 37.91
N ALA C 297 14.54 13.83 38.85
CA ALA C 297 13.16 13.57 38.46
C ALA C 297 12.43 14.89 38.25
N GLN C 298 11.45 14.89 37.37
CA GLN C 298 10.66 16.10 37.11
C GLN C 298 9.60 16.28 38.19
N GLY C 299 9.37 15.22 38.96
CA GLY C 299 8.39 15.26 40.03
C GLY C 299 9.08 15.51 41.35
N HIS C 300 8.33 15.63 42.43
CA HIS C 300 8.96 15.87 43.73
C HIS C 300 9.55 14.62 44.34
N ASN C 301 9.05 13.46 43.94
CA ASN C 301 9.61 12.21 44.43
C ASN C 301 10.73 11.85 43.47
N ASN C 302 11.97 12.02 43.90
CA ASN C 302 13.08 11.72 43.04
C ASN C 302 13.55 10.27 43.09
N GLY C 303 12.68 9.36 42.70
CA GLY C 303 13.03 7.95 42.66
C GLY C 303 13.09 7.23 44.00
N ILE C 304 12.39 7.76 45.00
CA ILE C 304 12.40 7.10 46.30
C ILE C 304 11.35 6.01 46.23
N CYS C 305 11.73 4.80 46.63
CA CYS C 305 10.82 3.67 46.60
C CYS C 305 10.13 3.44 47.94
N TRP C 306 9.24 4.36 48.30
CA TRP C 306 8.49 4.24 49.54
C TRP C 306 7.81 2.86 49.58
N GLY C 307 7.80 2.25 50.76
CA GLY C 307 7.20 0.94 50.91
C GLY C 307 8.07 -0.16 50.37
N ASN C 308 9.31 0.19 50.01
CA ASN C 308 10.25 -0.79 49.46
C ASN C 308 9.61 -1.47 48.25
N GLN C 309 8.81 -0.68 47.53
CA GLN C 309 8.14 -1.13 46.32
C GLN C 309 8.72 -0.36 45.13
N LEU C 310 8.39 -0.82 43.94
CA LEU C 310 8.86 -0.18 42.73
C LEU C 310 8.03 -0.75 41.59
N PHE C 311 7.47 0.13 40.75
CA PHE C 311 6.68 -0.32 39.61
C PHE C 311 7.33 -0.03 38.26
N VAL C 312 7.41 -1.05 37.43
CA VAL C 312 8.00 -0.91 36.10
C VAL C 312 7.00 -1.39 35.09
N THR C 313 6.40 -0.44 34.38
CA THR C 313 5.43 -0.77 33.36
C THR C 313 6.12 -0.75 32.01
N VAL C 314 5.82 -1.75 31.18
CA VAL C 314 6.42 -1.85 29.87
C VAL C 314 5.45 -2.31 28.80
N VAL C 315 5.67 -1.84 27.57
CA VAL C 315 4.87 -2.24 26.43
C VAL C 315 5.86 -2.23 25.30
N ASP C 316 6.04 -3.39 24.65
CA ASP C 316 6.96 -3.48 23.54
C ASP C 316 6.35 -4.31 22.45
N THR C 317 6.03 -3.68 21.32
CA THR C 317 5.40 -4.41 20.23
C THR C 317 6.40 -4.62 19.10
N THR C 318 7.68 -4.41 19.39
CA THR C 318 8.71 -4.57 18.39
C THR C 318 9.27 -5.98 18.38
N ARG C 319 8.62 -6.86 19.13
CA ARG C 319 9.02 -8.26 19.20
C ARG C 319 7.76 -9.07 19.33
N SER C 320 6.74 -8.67 18.59
CA SER C 320 5.42 -9.31 18.64
C SER C 320 5.22 -10.54 17.75
N THR C 321 6.29 -11.04 17.17
CA THR C 321 6.20 -12.22 16.31
C THR C 321 5.44 -13.35 16.98
N ASN C 322 4.47 -13.90 16.28
CA ASN C 322 3.72 -15.03 16.79
C ASN C 322 4.25 -16.17 15.96
N MET C 323 4.39 -17.35 16.53
CA MET C 323 4.87 -18.48 15.76
C MET C 323 3.81 -19.56 15.68
N SER C 324 3.54 -20.01 14.46
CA SER C 324 2.55 -21.04 14.29
C SER C 324 3.28 -22.39 14.34
N LEU C 325 2.73 -23.32 15.12
CA LEU C 325 3.33 -24.63 15.21
C LEU C 325 2.21 -25.63 15.01
N CYS C 326 2.37 -26.52 14.04
CA CYS C 326 1.35 -27.52 13.81
C CYS C 326 1.91 -28.92 13.92
N ALA C 327 1.12 -29.80 14.54
CA ALA C 327 1.48 -31.20 14.75
C ALA C 327 0.61 -32.07 13.84
N ALA C 328 1.20 -33.15 13.33
CA ALA C 328 0.48 -34.06 12.45
C ALA C 328 -0.30 -35.06 13.28
N ILE C 329 -1.50 -35.38 12.83
CA ILE C 329 -2.35 -36.34 13.53
C ILE C 329 -1.87 -37.75 13.17
N SER C 330 -1.28 -37.87 11.98
CA SER C 330 -0.77 -39.14 11.47
C SER C 330 0.55 -38.88 10.74
N THR C 331 1.53 -39.74 10.95
CA THR C 331 2.84 -39.58 10.28
C THR C 331 3.00 -40.60 9.17
N SER C 332 1.89 -40.98 8.55
CA SER C 332 1.89 -41.98 7.50
C SER C 332 1.86 -41.41 6.08
N GLU C 333 0.66 -41.26 5.55
CA GLU C 333 0.42 -40.77 4.19
C GLU C 333 1.44 -39.77 3.71
N THR C 334 1.88 -39.93 2.48
CA THR C 334 2.86 -39.03 1.93
C THR C 334 2.15 -38.00 1.06
N THR C 335 0.88 -37.77 1.37
CA THR C 335 0.12 -36.79 0.62
C THR C 335 -0.46 -35.81 1.60
N TYR C 336 -0.22 -34.52 1.36
CA TYR C 336 -0.72 -33.49 2.25
C TYR C 336 -2.26 -33.54 2.33
N LYS C 337 -2.77 -33.33 3.53
CA LYS C 337 -4.20 -33.28 3.79
C LYS C 337 -4.36 -32.27 4.92
N ASN C 338 -5.11 -31.20 4.67
CA ASN C 338 -5.28 -30.20 5.71
C ASN C 338 -5.87 -30.79 6.97
N THR C 339 -6.60 -31.88 6.81
CA THR C 339 -7.25 -32.56 7.94
C THR C 339 -6.27 -33.33 8.78
N ASN C 340 -5.10 -33.62 8.24
CA ASN C 340 -4.09 -34.37 8.97
C ASN C 340 -3.26 -33.52 9.95
N PHE C 341 -3.30 -32.20 9.81
CA PHE C 341 -2.52 -31.30 10.68
C PHE C 341 -3.31 -30.31 11.49
N LYS C 342 -3.05 -30.29 12.79
CA LYS C 342 -3.72 -29.36 13.67
C LYS C 342 -2.83 -28.09 13.81
N GLU C 343 -3.33 -26.96 13.34
CA GLU C 343 -2.58 -25.70 13.39
C GLU C 343 -2.82 -24.93 14.69
N TYR C 344 -1.75 -24.39 15.27
CA TYR C 344 -1.86 -23.61 16.51
C TYR C 344 -1.06 -22.31 16.41
N LEU C 345 -1.17 -21.48 17.45
CA LEU C 345 -0.44 -20.21 17.52
C LEU C 345 0.10 -20.01 18.92
N ARG C 346 1.35 -19.55 19.01
CA ARG C 346 1.97 -19.31 20.32
C ARG C 346 2.87 -18.09 20.21
N HIS C 347 2.98 -17.35 21.31
CA HIS C 347 3.84 -16.18 21.33
C HIS C 347 4.65 -16.16 22.62
N GLY C 348 5.95 -15.86 22.48
CA GLY C 348 6.82 -15.80 23.64
C GLY C 348 7.41 -14.42 23.92
N GLU C 349 7.50 -14.08 25.19
CA GLU C 349 8.06 -12.80 25.59
C GLU C 349 9.23 -13.06 26.54
N GLU C 350 10.33 -12.31 26.38
CA GLU C 350 11.51 -12.50 27.23
C GLU C 350 11.99 -11.21 27.86
N TYR C 351 11.99 -11.14 29.19
CA TYR C 351 12.43 -9.95 29.88
C TYR C 351 13.61 -10.24 30.81
N ASP C 352 14.24 -9.19 31.30
CA ASP C 352 15.36 -9.27 32.23
C ASP C 352 15.55 -7.91 32.85
N LEU C 353 14.99 -7.71 34.03
CA LEU C 353 15.08 -6.41 34.69
C LEU C 353 16.32 -6.27 35.56
N GLN C 354 16.94 -5.09 35.53
CA GLN C 354 18.16 -4.84 36.32
C GLN C 354 18.09 -3.46 36.92
N PHE C 355 18.49 -3.34 38.18
CA PHE C 355 18.43 -2.05 38.83
C PHE C 355 19.65 -1.76 39.67
N ILE C 356 19.86 -0.48 39.93
CA ILE C 356 20.96 -0.03 40.77
C ILE C 356 20.24 0.81 41.83
N PHE C 357 20.35 0.43 43.09
CA PHE C 357 19.70 1.18 44.15
C PHE C 357 20.68 1.89 45.08
N GLN C 358 20.28 3.09 45.51
CA GLN C 358 21.07 3.89 46.43
C GLN C 358 20.39 3.98 47.78
N LEU C 359 21.11 3.59 48.83
CA LEU C 359 20.57 3.63 50.17
C LEU C 359 20.36 5.09 50.59
N CYS C 360 19.27 5.34 51.31
CA CYS C 360 18.96 6.68 51.78
C CYS C 360 18.49 6.64 53.24
N LYS C 361 18.67 7.76 53.94
CA LYS C 361 18.28 7.85 55.35
C LYS C 361 17.42 9.06 55.61
N ILE C 362 16.48 8.93 56.56
CA ILE C 362 15.57 10.02 56.89
C ILE C 362 15.50 10.24 58.38
N THR C 363 15.99 11.39 58.83
CA THR C 363 15.94 11.66 60.24
C THR C 363 14.49 12.03 60.55
N LEU C 364 13.85 11.19 61.37
CA LEU C 364 12.44 11.38 61.72
C LEU C 364 12.13 12.53 62.68
N THR C 365 12.32 13.77 62.22
CA THR C 365 12.01 14.94 63.03
C THR C 365 10.49 15.13 63.07
N ALA C 366 10.05 16.14 63.81
CA ALA C 366 8.63 16.42 63.94
C ALA C 366 8.04 16.69 62.58
N ASP C 367 8.51 17.78 61.98
CA ASP C 367 8.08 18.23 60.66
C ASP C 367 8.09 17.07 59.66
N VAL C 368 9.22 16.36 59.60
CA VAL C 368 9.35 15.27 58.67
C VAL C 368 8.24 14.25 58.88
N MET C 369 8.01 13.89 60.14
CA MET C 369 6.97 12.91 60.46
C MET C 369 5.57 13.41 60.12
N THR C 370 5.36 14.73 60.26
CA THR C 370 4.06 15.32 59.92
C THR C 370 3.89 15.18 58.40
N TYR C 371 4.90 15.62 57.65
CA TYR C 371 4.89 15.56 56.18
C TYR C 371 4.65 14.15 55.69
N ILE C 372 5.60 13.26 55.97
CA ILE C 372 5.53 11.85 55.55
C ILE C 372 4.17 11.28 55.96
N HIS C 373 3.69 11.65 57.15
CA HIS C 373 2.40 11.15 57.63
C HIS C 373 1.28 11.58 56.67
N SER C 374 1.23 12.87 56.35
CA SER C 374 0.21 13.40 55.45
C SER C 374 0.32 12.72 54.10
N MET C 375 1.53 12.71 53.57
CA MET C 375 1.82 12.12 52.27
C MET C 375 1.30 10.69 52.16
N ASN C 376 1.73 9.84 53.09
CA ASN C 376 1.30 8.45 53.07
C ASN C 376 1.52 7.79 54.44
N SER C 377 0.58 8.00 55.35
CA SER C 377 0.66 7.45 56.69
C SER C 377 1.26 6.05 56.81
N THR C 378 0.99 5.18 55.86
CA THR C 378 1.52 3.82 55.94
C THR C 378 3.04 3.77 56.05
N ILE C 379 3.73 4.78 55.48
CA ILE C 379 5.20 4.82 55.52
C ILE C 379 5.68 4.60 56.95
N LEU C 380 5.25 5.50 57.84
CA LEU C 380 5.62 5.49 59.26
C LEU C 380 5.10 4.26 59.99
N GLU C 381 3.87 3.87 59.71
CA GLU C 381 3.26 2.71 60.34
C GLU C 381 4.05 1.45 60.05
N ASP C 382 4.56 1.33 58.84
CA ASP C 382 5.33 0.15 58.48
C ASP C 382 6.75 0.22 59.04
N TRP C 383 7.25 1.43 59.28
CA TRP C 383 8.59 1.52 59.81
C TRP C 383 8.73 0.86 61.16
N ASN C 384 9.65 1.30 62.00
CA ASN C 384 9.81 0.59 63.28
C ASN C 384 8.55 -0.14 63.71
N GLU C 419 -1.44 -6.43 55.38
CA GLU C 419 -1.85 -7.02 54.10
C GLU C 419 -1.75 -6.01 52.93
N ASP C 420 -1.62 -6.53 51.70
CA ASP C 420 -1.50 -5.80 50.42
C ASP C 420 -2.68 -4.85 50.08
N PRO C 421 -2.43 -3.52 49.98
CA PRO C 421 -3.47 -2.53 49.68
C PRO C 421 -4.00 -2.55 48.25
N LEU C 422 -3.36 -3.33 47.39
CA LEU C 422 -3.79 -3.44 46.00
C LEU C 422 -4.03 -4.91 45.69
N LYS C 423 -4.61 -5.64 46.63
CA LYS C 423 -4.85 -7.07 46.42
C LYS C 423 -5.82 -7.29 45.28
N LYS C 424 -6.65 -6.32 45.01
CA LYS C 424 -7.65 -6.43 43.96
C LYS C 424 -7.05 -6.39 42.56
N TYR C 425 -5.92 -5.70 42.43
CA TYR C 425 -5.29 -5.59 41.13
C TYR C 425 -4.28 -6.69 40.93
N THR C 426 -3.89 -6.83 39.69
CA THR C 426 -2.89 -7.80 39.47
C THR C 426 -1.68 -7.28 38.77
N PHE C 427 -0.59 -7.97 39.02
CA PHE C 427 0.65 -7.62 38.31
C PHE C 427 1.69 -8.72 38.47
N TRP C 428 2.64 -8.71 37.53
CA TRP C 428 3.74 -9.68 37.54
C TRP C 428 4.51 -9.39 38.81
N GLU C 429 4.41 -10.29 39.77
CA GLU C 429 5.11 -10.11 41.04
C GLU C 429 6.58 -10.46 40.89
N VAL C 430 7.45 -9.54 41.30
CA VAL C 430 8.87 -9.77 41.19
C VAL C 430 9.52 -9.61 42.55
N ASN C 431 10.08 -10.70 43.07
CA ASN C 431 10.74 -10.62 44.38
C ASN C 431 12.26 -10.44 44.28
N LEU C 432 12.76 -9.34 44.81
CA LEU C 432 14.18 -9.06 44.76
C LEU C 432 14.87 -9.07 46.13
N LYS C 433 14.14 -9.45 47.18
CA LYS C 433 14.68 -9.46 48.54
C LYS C 433 15.98 -10.25 48.69
N GLU C 434 16.17 -11.27 47.85
CA GLU C 434 17.38 -12.08 47.90
C GLU C 434 18.32 -11.80 46.72
N LYS C 435 18.06 -10.72 45.99
CA LYS C 435 18.85 -10.38 44.80
C LYS C 435 19.80 -9.22 44.92
N PHE C 436 19.77 -8.50 46.04
CA PHE C 436 20.67 -7.36 46.19
C PHE C 436 22.12 -7.79 46.36
N SER C 437 23.02 -7.09 45.70
CA SER C 437 24.44 -7.37 45.79
C SER C 437 25.24 -6.08 45.86
N ALA C 438 26.21 -6.02 46.76
CA ALA C 438 27.00 -4.81 46.89
C ALA C 438 28.06 -4.70 45.81
N ASP C 439 28.36 -5.81 45.12
CA ASP C 439 29.38 -5.77 44.06
C ASP C 439 28.86 -5.41 42.67
N LEU C 440 28.56 -4.13 42.43
CA LEU C 440 28.07 -3.71 41.13
C LEU C 440 29.03 -4.23 40.05
N ASP C 441 30.30 -4.20 40.41
CA ASP C 441 31.38 -4.67 39.56
C ASP C 441 30.99 -5.95 38.83
N GLN C 442 30.42 -6.91 39.56
CA GLN C 442 30.05 -8.21 39.00
C GLN C 442 28.85 -8.28 38.06
N PHE C 443 28.22 -7.16 37.77
CA PHE C 443 27.05 -7.18 36.88
C PHE C 443 27.16 -6.15 35.74
N PRO C 444 26.53 -6.44 34.60
CA PRO C 444 26.59 -5.52 33.47
C PRO C 444 26.00 -4.14 33.75
N LEU C 445 24.84 -4.08 34.40
CA LEU C 445 24.27 -2.78 34.70
C LEU C 445 25.19 -2.11 35.70
N GLY C 446 25.76 -2.92 36.58
CA GLY C 446 26.66 -2.40 37.60
C GLY C 446 27.90 -1.74 37.03
N ARG C 447 28.57 -2.43 36.11
CA ARG C 447 29.76 -1.87 35.48
C ARG C 447 29.36 -0.56 34.82
N LYS C 448 28.30 -0.59 34.01
CA LYS C 448 27.84 0.61 33.31
C LYS C 448 27.69 1.76 34.28
N PHE C 449 27.03 1.52 35.42
CA PHE C 449 26.80 2.54 36.42
C PHE C 449 28.09 3.14 36.93
N LEU C 450 29.01 2.30 37.38
CA LEU C 450 30.28 2.78 37.87
C LEU C 450 30.96 3.64 36.82
N LEU C 451 31.15 3.09 35.62
CA LEU C 451 31.76 3.81 34.53
C LEU C 451 31.08 5.17 34.30
N GLN C 452 29.74 5.17 34.29
CA GLN C 452 28.98 6.40 34.08
C GLN C 452 29.18 7.40 35.21
N LEU C 453 28.99 6.95 36.45
CA LEU C 453 29.15 7.86 37.58
C LEU C 453 30.60 8.07 38.01
N GLY C 454 31.55 7.54 37.24
CA GLY C 454 32.95 7.68 37.60
C GLY C 454 33.24 7.10 38.98
N LEU C 455 33.07 7.92 40.02
CA LEU C 455 33.29 7.50 41.41
C LEU C 455 32.07 6.79 42.01
N ALA D 1 35.13 -13.86 43.27
CA ALA D 1 34.86 -12.60 42.51
C ALA D 1 35.68 -12.53 41.21
N VAL D 2 35.04 -12.07 40.15
CA VAL D 2 35.71 -11.96 38.87
C VAL D 2 36.31 -10.57 38.75
N VAL D 3 37.39 -10.45 37.98
CA VAL D 3 38.04 -9.16 37.83
C VAL D 3 38.43 -8.90 36.39
N SER D 4 38.54 -7.61 36.06
CA SER D 4 38.94 -7.21 34.72
C SER D 4 40.29 -7.82 34.37
N THR D 5 40.50 -8.13 33.10
CA THR D 5 41.77 -8.70 32.68
C THR D 5 42.88 -7.64 32.81
N ASP D 6 42.49 -6.38 32.86
CA ASP D 6 43.46 -5.31 33.00
C ASP D 6 44.23 -5.47 34.30
N GLU D 7 43.63 -6.18 35.25
CA GLU D 7 44.21 -6.44 36.57
C GLU D 7 45.46 -7.31 36.51
N TYR D 8 45.33 -8.47 35.89
CA TYR D 8 46.42 -9.42 35.78
C TYR D 8 47.09 -9.56 34.40
N VAL D 9 46.57 -8.90 33.38
CA VAL D 9 47.19 -9.02 32.07
C VAL D 9 47.96 -7.73 31.73
N ALA D 10 49.25 -7.88 31.48
CA ALA D 10 50.10 -6.74 31.16
C ALA D 10 50.19 -6.52 29.65
N ARG D 11 50.09 -5.25 29.28
CA ARG D 11 50.13 -4.84 27.88
C ARG D 11 51.51 -4.44 27.43
N THR D 12 52.03 -5.11 26.40
CA THR D 12 53.33 -4.74 25.88
C THR D 12 53.08 -3.68 24.83
N ASN D 13 54.13 -3.32 24.10
CA ASN D 13 54.03 -2.29 23.09
C ASN D 13 54.08 -2.86 21.69
N ILE D 14 54.16 -4.18 21.59
CA ILE D 14 54.22 -4.86 20.31
C ILE D 14 52.82 -5.05 19.72
N TYR D 15 52.68 -4.76 18.44
CA TYR D 15 51.40 -4.96 17.77
C TYR D 15 51.61 -5.68 16.44
N TYR D 16 50.74 -6.64 16.13
CA TYR D 16 50.83 -7.37 14.89
C TYR D 16 49.54 -7.27 14.12
N HIS D 17 49.65 -7.39 12.80
CA HIS D 17 48.50 -7.38 11.92
C HIS D 17 48.36 -8.79 11.37
N ALA D 18 47.15 -9.19 11.12
CA ALA D 18 46.89 -10.51 10.58
C ALA D 18 45.60 -10.41 9.78
N GLY D 19 45.52 -11.15 8.67
CA GLY D 19 44.31 -11.10 7.88
C GLY D 19 44.15 -12.30 6.98
N THR D 20 42.89 -12.63 6.69
CA THR D 20 42.59 -13.74 5.80
C THR D 20 42.86 -13.15 4.42
N SER D 21 43.13 -13.98 3.44
CA SER D 21 43.39 -13.44 2.10
C SER D 21 42.12 -12.82 1.54
N ARG D 22 41.11 -13.65 1.39
CA ARG D 22 39.82 -13.26 0.87
C ARG D 22 39.04 -14.55 0.85
N LEU D 23 38.16 -14.71 1.81
CA LEU D 23 37.39 -15.93 1.87
C LEU D 23 36.27 -15.86 0.86
N LEU D 24 35.94 -17.00 0.27
CA LEU D 24 34.88 -17.01 -0.74
C LEU D 24 33.99 -18.22 -0.54
N ALA D 25 32.68 -18.01 -0.68
CA ALA D 25 31.70 -19.11 -0.52
C ALA D 25 30.64 -19.11 -1.60
N VAL D 26 30.50 -20.23 -2.31
CA VAL D 26 29.53 -20.31 -3.37
C VAL D 26 28.72 -21.56 -3.20
N GLY D 27 27.40 -21.44 -3.31
CA GLY D 27 26.55 -22.60 -3.18
C GLY D 27 25.14 -22.29 -3.62
N HIS D 28 24.22 -23.18 -3.28
CA HIS D 28 22.83 -22.99 -3.61
C HIS D 28 22.21 -22.29 -2.39
N PRO D 29 21.38 -21.27 -2.64
CA PRO D 29 20.70 -20.47 -1.61
C PRO D 29 19.74 -21.16 -0.65
N TYR D 30 19.00 -22.18 -1.12
CA TYR D 30 18.00 -22.83 -0.28
C TYR D 30 18.35 -24.17 0.32
N PHE D 31 19.08 -24.99 -0.41
CA PHE D 31 19.43 -26.33 0.08
C PHE D 31 20.68 -26.89 -0.60
N PRO D 32 21.31 -27.88 0.03
CA PRO D 32 22.51 -28.44 -0.60
C PRO D 32 22.19 -29.41 -1.73
N ILE D 33 22.97 -29.35 -2.80
CA ILE D 33 22.80 -30.25 -3.94
C ILE D 33 23.71 -31.45 -3.72
N LYS D 34 23.12 -32.64 -3.69
CA LYS D 34 23.90 -33.85 -3.48
C LYS D 34 23.41 -34.97 -4.38
N LYS D 35 24.13 -36.09 -4.33
CA LYS D 35 23.76 -37.26 -5.12
C LYS D 35 22.58 -37.96 -4.45
N PRO D 36 21.47 -38.18 -5.20
CA PRO D 36 20.26 -38.82 -4.66
C PRO D 36 20.53 -40.14 -3.95
N ASN D 37 21.15 -41.05 -4.68
CA ASN D 37 21.51 -42.38 -4.15
C ASN D 37 22.55 -42.22 -3.05
N ASN D 38 23.32 -41.15 -3.15
CA ASN D 38 24.38 -40.85 -2.20
C ASN D 38 23.96 -39.88 -1.09
N ASN D 39 24.95 -39.35 -0.39
CA ASN D 39 24.70 -38.39 0.68
C ASN D 39 25.84 -37.37 0.71
N LYS D 40 26.89 -37.53 -0.12
CA LYS D 40 27.95 -36.54 -0.12
C LYS D 40 27.37 -35.31 -0.71
N ILE D 41 27.82 -34.19 -0.19
CA ILE D 41 27.38 -32.90 -0.66
C ILE D 41 28.19 -32.47 -1.89
N LEU D 42 27.48 -32.30 -2.99
CA LEU D 42 28.10 -31.91 -4.25
C LEU D 42 28.23 -30.39 -4.30
N VAL D 43 27.20 -29.70 -3.85
CA VAL D 43 27.18 -28.24 -3.80
C VAL D 43 26.54 -27.89 -2.46
N PRO D 44 27.21 -27.04 -1.66
CA PRO D 44 26.66 -26.68 -0.36
C PRO D 44 25.60 -25.58 -0.38
N LYS D 45 24.86 -25.48 0.71
CA LYS D 45 23.87 -24.44 0.84
C LYS D 45 24.60 -23.18 1.31
N VAL D 46 24.57 -22.14 0.49
CA VAL D 46 25.21 -20.88 0.84
C VAL D 46 24.19 -19.74 0.68
N SER D 47 23.74 -19.19 1.80
CA SER D 47 22.75 -18.14 1.81
C SER D 47 23.16 -16.95 2.64
N GLY D 48 22.69 -15.77 2.27
CA GLY D 48 23.01 -14.58 3.04
C GLY D 48 22.28 -14.61 4.37
N LEU D 49 21.40 -15.60 4.53
CA LEU D 49 20.64 -15.73 5.75
C LEU D 49 21.22 -16.68 6.79
N GLN D 50 22.46 -17.12 6.55
CA GLN D 50 23.11 -18.03 7.49
C GLN D 50 24.08 -17.27 8.37
N TYR D 51 24.41 -17.86 9.50
CA TYR D 51 25.37 -17.26 10.40
C TYR D 51 26.70 -17.72 9.84
N ARG D 52 27.72 -16.90 10.02
CA ARG D 52 29.07 -17.21 9.60
C ARG D 52 29.87 -17.15 10.90
N VAL D 53 30.31 -18.30 11.38
CA VAL D 53 31.06 -18.30 12.63
C VAL D 53 32.49 -18.69 12.32
N PHE D 54 33.39 -17.73 12.47
CA PHE D 54 34.80 -17.96 12.18
C PHE D 54 35.60 -18.33 13.42
N ARG D 55 36.28 -19.48 13.34
CA ARG D 55 37.12 -19.96 14.43
C ARG D 55 38.52 -19.54 14.02
N ILE D 56 39.00 -18.43 14.57
CA ILE D 56 40.31 -17.88 14.24
C ILE D 56 41.42 -18.50 15.07
N HIS D 57 42.39 -19.12 14.40
CA HIS D 57 43.52 -19.73 15.08
C HIS D 57 44.73 -18.82 15.04
N LEU D 58 45.26 -18.52 16.22
CA LEU D 58 46.42 -17.64 16.31
C LEU D 58 47.68 -18.39 16.70
N PRO D 59 48.83 -17.93 16.21
CA PRO D 59 50.09 -18.61 16.58
C PRO D 59 50.33 -18.40 18.08
N ASP D 60 50.73 -19.46 18.78
CA ASP D 60 50.99 -19.33 20.22
C ASP D 60 52.10 -18.30 20.43
N PRO D 61 51.80 -17.18 21.12
CA PRO D 61 52.85 -16.19 21.33
C PRO D 61 54.05 -16.74 22.10
N ASN D 62 53.83 -17.82 22.85
CA ASN D 62 54.90 -18.43 23.61
C ASN D 62 55.82 -19.25 22.70
N LYS D 63 55.25 -19.92 21.71
CA LYS D 63 56.02 -20.71 20.76
C LYS D 63 56.53 -19.81 19.65
N PHE D 64 55.86 -18.68 19.44
CA PHE D 64 56.21 -17.71 18.41
C PHE D 64 57.68 -17.34 18.48
N GLY D 65 58.23 -16.89 17.35
CA GLY D 65 59.63 -16.49 17.32
C GLY D 65 59.85 -15.01 17.13
N PHE D 66 59.85 -14.24 18.22
CA PHE D 66 60.06 -12.79 18.11
C PHE D 66 61.53 -12.42 17.95
N PRO D 67 61.81 -11.33 17.22
CA PRO D 67 63.18 -10.87 17.00
C PRO D 67 63.83 -10.50 18.34
N ASP D 68 63.03 -9.91 19.23
CA ASP D 68 63.51 -9.56 20.56
C ASP D 68 62.63 -10.26 21.59
N THR D 69 63.24 -10.77 22.65
CA THR D 69 62.53 -11.49 23.70
C THR D 69 62.89 -10.97 25.09
N SER D 70 63.51 -9.79 25.12
CA SER D 70 63.92 -9.14 26.37
C SER D 70 62.73 -8.50 27.09
N PHE D 71 61.69 -8.12 26.33
CA PHE D 71 60.48 -7.49 26.88
C PHE D 71 59.72 -8.28 27.97
N TYR D 72 60.13 -9.54 28.21
CA TYR D 72 59.48 -10.36 29.23
C TYR D 72 60.36 -11.51 29.75
N ASN D 73 59.97 -12.06 30.89
CA ASN D 73 60.71 -13.15 31.50
C ASN D 73 59.94 -14.47 31.32
N PRO D 74 60.39 -15.32 30.39
CA PRO D 74 59.76 -16.62 30.11
C PRO D 74 59.74 -17.62 31.28
N ASP D 75 60.20 -17.18 32.44
CA ASP D 75 60.26 -18.04 33.62
C ASP D 75 59.14 -17.69 34.58
N THR D 76 58.97 -16.39 34.82
CA THR D 76 57.93 -15.90 35.72
C THR D 76 56.60 -15.67 35.00
N GLN D 77 56.65 -15.39 33.70
CA GLN D 77 55.43 -15.11 32.97
C GLN D 77 55.11 -15.90 31.69
N ARG D 78 53.97 -15.56 31.10
CA ARG D 78 53.48 -16.19 29.87
C ARG D 78 52.91 -15.12 28.94
N LEU D 79 52.70 -15.48 27.68
CA LEU D 79 52.19 -14.52 26.70
C LEU D 79 50.81 -14.86 26.12
N VAL D 80 50.02 -13.81 25.87
CA VAL D 80 48.67 -13.95 25.31
C VAL D 80 48.39 -12.85 24.32
N TRP D 81 47.65 -13.21 23.26
CA TRP D 81 47.31 -12.21 22.26
C TRP D 81 46.02 -11.51 22.67
N ALA D 82 45.97 -10.20 22.47
CA ALA D 82 44.79 -9.42 22.80
C ALA D 82 44.31 -8.77 21.50
N CYS D 83 43.03 -8.95 21.20
CA CYS D 83 42.46 -8.36 20.00
C CYS D 83 42.15 -6.88 20.26
N VAL D 84 42.70 -6.00 19.43
CA VAL D 84 42.49 -4.58 19.62
C VAL D 84 41.78 -3.90 18.47
N GLY D 85 41.78 -4.56 17.30
CA GLY D 85 41.12 -3.97 16.15
C GLY D 85 40.63 -5.04 15.18
N VAL D 86 39.42 -4.86 14.66
CA VAL D 86 38.85 -5.80 13.71
C VAL D 86 38.19 -5.08 12.55
N GLU D 87 38.32 -5.66 11.35
CA GLU D 87 37.69 -5.08 10.18
C GLU D 87 37.08 -6.22 9.42
N VAL D 88 35.75 -6.29 9.42
CA VAL D 88 35.08 -7.36 8.69
C VAL D 88 34.79 -6.86 7.28
N GLY D 89 35.66 -7.19 6.34
CA GLY D 89 35.42 -6.74 4.98
C GLY D 89 34.39 -7.60 4.27
N ARG D 90 33.50 -6.95 3.52
CA ARG D 90 32.47 -7.63 2.75
C ARG D 90 32.72 -7.21 1.33
N GLY D 91 32.46 -8.10 0.37
CA GLY D 91 32.78 -7.76 -1.01
C GLY D 91 31.80 -7.83 -2.16
N GLN D 92 30.59 -8.32 -1.99
CA GLN D 92 29.74 -8.31 -3.17
C GLN D 92 28.93 -6.99 -3.19
N PRO D 93 28.23 -6.69 -4.30
CA PRO D 93 27.44 -5.45 -4.28
C PRO D 93 26.22 -5.63 -3.36
N LEU D 94 25.68 -4.52 -2.84
CA LEU D 94 24.54 -4.62 -1.94
C LEU D 94 23.33 -5.10 -2.73
N GLY D 95 22.48 -5.91 -2.09
CA GLY D 95 21.31 -6.41 -2.78
C GLY D 95 20.46 -7.30 -1.91
N VAL D 96 19.20 -7.50 -2.31
CA VAL D 96 18.32 -8.35 -1.51
C VAL D 96 17.93 -9.66 -2.18
N GLY D 97 18.00 -10.74 -1.40
CA GLY D 97 17.65 -12.06 -1.89
C GLY D 97 16.16 -12.30 -1.90
N ILE D 98 15.74 -13.53 -1.71
CA ILE D 98 14.32 -13.85 -1.74
C ILE D 98 14.18 -15.36 -1.58
N SER D 99 13.24 -15.78 -0.75
CA SER D 99 13.03 -17.20 -0.50
C SER D 99 11.55 -17.55 -0.49
N GLY D 100 11.23 -18.75 -0.95
CA GLY D 100 9.84 -19.17 -0.96
C GLY D 100 9.69 -20.66 -0.79
N HIS D 101 8.50 -21.16 -1.08
CA HIS D 101 8.18 -22.57 -0.99
C HIS D 101 7.09 -22.84 -2.03
N PRO D 102 7.28 -23.89 -2.85
CA PRO D 102 6.32 -24.27 -3.90
C PRO D 102 4.97 -24.68 -3.32
N LEU D 103 5.00 -25.11 -2.06
CA LEU D 103 3.78 -25.55 -1.39
C LEU D 103 3.66 -24.93 -0.01
N LEU D 104 3.69 -23.60 0.04
CA LEU D 104 3.56 -22.88 1.29
C LEU D 104 2.13 -22.98 1.83
N ASN D 105 1.98 -23.19 3.13
CA ASN D 105 0.64 -23.28 3.70
C ASN D 105 0.01 -21.90 3.82
N LYS D 106 -0.62 -21.47 2.74
CA LYS D 106 -1.27 -20.17 2.70
C LYS D 106 -2.65 -20.37 2.16
N LEU D 107 -3.66 -20.29 3.02
CA LEU D 107 -5.04 -20.43 2.59
C LEU D 107 -5.44 -19.19 1.77
N ASP D 108 -6.04 -18.20 2.43
CA ASP D 108 -6.43 -17.01 1.69
C ASP D 108 -5.77 -15.71 2.15
N ASP D 109 -5.96 -14.67 1.34
CA ASP D 109 -5.43 -13.35 1.62
C ASP D 109 -6.39 -12.72 2.63
N THR D 110 -5.92 -12.47 3.85
CA THR D 110 -6.79 -11.90 4.88
C THR D 110 -6.57 -10.40 5.13
N GLU D 111 -5.75 -9.78 4.28
CA GLU D 111 -5.45 -8.35 4.41
C GLU D 111 -6.65 -7.50 3.97
N ASN D 112 -7.48 -8.08 3.10
CA ASN D 112 -8.65 -7.40 2.59
C ASN D 112 -9.45 -8.38 1.73
N ALA D 113 -10.71 -8.63 2.08
CA ALA D 113 -11.53 -9.56 1.32
C ALA D 113 -12.92 -8.99 1.02
N SER D 114 -13.37 -9.20 -0.21
CA SER D 114 -14.66 -8.69 -0.67
C SER D 114 -15.84 -9.61 -0.42
N ALA D 115 -15.54 -10.89 -0.20
CA ALA D 115 -16.59 -11.89 0.08
C ALA D 115 -15.95 -12.97 0.93
N TYR D 116 -16.77 -13.68 1.71
CA TYR D 116 -16.21 -14.73 2.56
C TYR D 116 -15.55 -15.76 1.65
N ALA D 117 -14.31 -16.13 1.98
CA ALA D 117 -13.54 -17.10 1.23
C ALA D 117 -14.28 -18.45 1.15
N ALA D 118 -13.98 -19.21 0.10
CA ALA D 118 -14.60 -20.52 -0.16
C ALA D 118 -14.55 -21.47 1.03
N ASN D 119 -14.00 -22.65 0.81
CA ASN D 119 -13.86 -23.67 1.85
C ASN D 119 -12.60 -24.53 1.64
N ALA D 120 -11.79 -24.67 2.68
CA ALA D 120 -10.57 -25.45 2.58
C ALA D 120 -10.86 -26.88 2.11
N GLY D 121 -10.26 -27.25 0.99
CA GLY D 121 -10.45 -28.58 0.46
C GLY D 121 -9.30 -29.44 0.95
N VAL D 122 -8.55 -30.01 0.02
CA VAL D 122 -7.42 -30.83 0.38
C VAL D 122 -6.23 -30.11 -0.24
N ASP D 123 -5.23 -29.77 0.55
CA ASP D 123 -4.08 -29.10 -0.04
C ASP D 123 -4.41 -27.80 -0.83
N ASN D 124 -4.45 -26.67 -0.13
CA ASN D 124 -4.71 -25.37 -0.75
C ASN D 124 -3.40 -24.59 -0.81
N ARG D 125 -2.28 -25.27 -0.61
CA ARG D 125 -0.98 -24.62 -0.60
C ARG D 125 -0.65 -23.87 -1.89
N GLU D 126 0.07 -22.75 -1.77
CA GLU D 126 0.45 -21.91 -2.92
C GLU D 126 1.97 -21.74 -3.06
N CYS D 127 2.44 -21.51 -4.29
CA CYS D 127 3.87 -21.28 -4.54
C CYS D 127 4.11 -19.80 -4.19
N ILE D 128 4.69 -19.56 -3.02
CA ILE D 128 4.90 -18.21 -2.54
C ILE D 128 6.32 -17.88 -2.07
N SER D 129 6.78 -16.68 -2.39
CA SER D 129 8.10 -16.25 -1.95
C SER D 129 8.00 -14.93 -1.18
N MET D 130 9.10 -14.54 -0.54
CA MET D 130 9.12 -13.33 0.26
C MET D 130 10.56 -12.87 0.48
N ASP D 131 10.71 -11.59 0.83
CA ASP D 131 12.03 -11.05 1.13
C ASP D 131 12.13 -10.97 2.65
N TYR D 132 13.01 -11.81 3.18
CA TYR D 132 13.24 -11.92 4.64
C TYR D 132 13.58 -10.62 5.33
N LYS D 133 13.55 -10.65 6.65
CA LYS D 133 13.86 -9.47 7.42
C LYS D 133 15.37 -9.21 7.32
N GLN D 134 15.73 -7.94 7.29
CA GLN D 134 17.12 -7.53 7.20
C GLN D 134 17.86 -7.67 8.54
N THR D 135 19.06 -8.23 8.48
CA THR D 135 19.84 -8.40 9.70
C THR D 135 21.34 -8.22 9.45
N GLN D 136 21.97 -7.39 10.27
CA GLN D 136 23.41 -7.19 10.19
C GLN D 136 23.90 -7.35 11.61
N LEU D 137 24.87 -8.21 11.83
CA LEU D 137 25.38 -8.35 13.19
C LEU D 137 26.78 -8.93 13.19
N CYS D 138 27.53 -8.56 14.22
CA CYS D 138 28.88 -9.05 14.34
C CYS D 138 29.18 -9.26 15.81
N LEU D 139 29.56 -10.48 16.17
CA LEU D 139 29.88 -10.84 17.54
C LEU D 139 31.33 -11.26 17.62
N ILE D 140 32.05 -10.78 18.63
CA ILE D 140 33.45 -11.15 18.82
C ILE D 140 33.73 -11.53 20.26
N GLY D 141 34.47 -12.62 20.44
CA GLY D 141 34.83 -13.10 21.75
C GLY D 141 35.83 -14.23 21.62
N CYS D 142 36.28 -14.80 22.73
CA CYS D 142 37.24 -15.89 22.64
C CYS D 142 36.54 -17.24 22.88
N LYS D 143 35.22 -17.20 22.92
CA LYS D 143 34.41 -18.40 23.10
C LYS D 143 33.36 -18.36 22.00
N PRO D 144 32.89 -19.52 21.54
CA PRO D 144 31.88 -19.49 20.50
C PRO D 144 30.61 -18.79 20.99
N PRO D 145 29.84 -18.21 20.06
CA PRO D 145 28.58 -17.50 20.36
C PRO D 145 27.45 -18.41 20.81
N ILE D 146 26.55 -17.89 21.65
CA ILE D 146 25.42 -18.69 22.10
C ILE D 146 24.06 -18.13 21.65
N GLY D 147 23.21 -19.00 21.11
CA GLY D 147 21.91 -18.54 20.66
C GLY D 147 20.74 -19.14 21.42
N GLU D 148 19.55 -18.62 21.12
CA GLU D 148 18.31 -19.11 21.74
C GLU D 148 17.29 -19.34 20.64
N HIS D 149 16.41 -20.30 20.87
CA HIS D 149 15.36 -20.58 19.90
C HIS D 149 14.31 -21.42 20.61
N TRP D 150 13.07 -21.40 20.11
CA TRP D 150 12.04 -22.19 20.75
C TRP D 150 12.04 -23.56 20.11
N GLY D 151 12.02 -24.59 20.94
CA GLY D 151 11.97 -25.96 20.46
C GLY D 151 10.85 -26.72 21.14
N LYS D 152 10.73 -28.01 20.87
CA LYS D 152 9.66 -28.78 21.50
C LYS D 152 10.12 -29.24 22.88
N GLY D 153 9.51 -28.69 23.91
CA GLY D 153 9.88 -29.08 25.27
C GLY D 153 9.46 -30.50 25.55
N SER D 154 9.93 -31.03 26.67
CA SER D 154 9.58 -32.38 27.09
C SER D 154 8.20 -32.29 27.75
N PRO D 155 7.32 -33.27 27.50
CA PRO D 155 5.97 -33.25 28.09
C PRO D 155 5.92 -33.73 29.54
N CYS D 156 4.94 -33.22 30.30
CA CYS D 156 4.73 -33.61 31.70
C CYS D 156 4.11 -35.00 31.73
N THR D 157 4.54 -35.86 32.66
CA THR D 157 4.01 -37.21 32.73
C THR D 157 2.60 -37.29 33.30
N GLN D 158 1.63 -37.01 32.45
CA GLN D 158 0.23 -37.07 32.83
C GLN D 158 -0.62 -37.41 31.61
N VAL D 159 -1.43 -36.42 31.22
CA VAL D 159 -2.33 -36.52 30.10
C VAL D 159 -1.60 -36.97 28.84
N ALA D 160 -1.80 -38.23 28.45
CA ALA D 160 -1.16 -38.77 27.26
C ALA D 160 -1.42 -37.87 26.05
N VAL D 161 -0.35 -37.36 25.47
CA VAL D 161 -0.44 -36.50 24.31
C VAL D 161 -1.28 -37.16 23.22
N GLN D 162 -2.44 -36.59 22.94
CA GLN D 162 -3.32 -37.08 21.90
C GLN D 162 -2.64 -36.67 20.60
N PRO D 163 -2.63 -37.55 19.58
CA PRO D 163 -1.98 -37.17 18.32
C PRO D 163 -2.51 -35.83 17.82
N GLY D 164 -1.62 -34.99 17.30
CA GLY D 164 -2.05 -33.70 16.81
C GLY D 164 -2.13 -32.62 17.89
N ASP D 165 -1.98 -33.04 19.14
CA ASP D 165 -2.01 -32.09 20.26
C ASP D 165 -0.91 -31.06 20.02
N CYS D 166 -1.10 -29.84 20.49
CA CYS D 166 -0.08 -28.81 20.31
C CYS D 166 1.15 -29.20 21.14
N PRO D 167 2.34 -29.14 20.54
CA PRO D 167 3.57 -29.51 21.26
C PRO D 167 3.99 -28.43 22.21
N PRO D 168 4.60 -28.80 23.34
CA PRO D 168 5.07 -27.83 24.35
C PRO D 168 6.32 -27.07 23.92
N LEU D 169 6.39 -25.79 24.25
CA LEU D 169 7.54 -24.97 23.87
C LEU D 169 8.57 -24.95 24.98
N GLU D 170 9.79 -24.62 24.62
CA GLU D 170 10.89 -24.52 25.56
C GLU D 170 12.01 -23.72 24.93
N LEU D 171 12.45 -22.66 25.62
CA LEU D 171 13.54 -21.85 25.07
C LEU D 171 14.80 -22.69 25.23
N ILE D 172 15.49 -22.94 24.14
CA ILE D 172 16.69 -23.79 24.15
C ILE D 172 17.96 -23.05 23.77
N ASN D 173 18.94 -23.05 24.68
CA ASN D 173 20.21 -22.39 24.41
C ASN D 173 21.05 -23.38 23.63
N THR D 174 21.74 -22.88 22.63
CA THR D 174 22.55 -23.72 21.77
C THR D 174 23.83 -22.96 21.37
N VAL D 175 24.77 -23.65 20.77
CA VAL D 175 26.00 -22.98 20.31
C VAL D 175 25.70 -22.62 18.86
N ILE D 176 25.90 -21.36 18.49
CA ILE D 176 25.66 -20.94 17.11
C ILE D 176 26.79 -21.45 16.21
N GLN D 177 26.46 -22.38 15.32
CA GLN D 177 27.46 -22.92 14.42
C GLN D 177 27.43 -22.27 13.05
N ASP D 178 28.57 -22.32 12.37
CA ASP D 178 28.69 -21.75 11.03
C ASP D 178 27.73 -22.48 10.11
N GLY D 179 26.84 -21.73 9.45
CA GLY D 179 25.89 -22.37 8.57
C GLY D 179 24.48 -22.34 9.15
N ASP D 180 24.35 -22.07 10.44
CA ASP D 180 23.03 -21.99 11.06
C ASP D 180 22.23 -20.85 10.42
N MET D 181 20.92 -20.89 10.56
CA MET D 181 20.07 -19.87 9.99
C MET D 181 19.63 -18.81 11.00
N VAL D 182 19.48 -17.58 10.52
CA VAL D 182 19.06 -16.44 11.33
C VAL D 182 17.56 -16.27 11.26
N ASP D 183 16.96 -15.75 12.33
CA ASP D 183 15.52 -15.53 12.31
C ASP D 183 15.28 -14.69 11.05
N THR D 184 14.25 -15.06 10.30
CA THR D 184 13.96 -14.40 9.04
C THR D 184 12.64 -13.63 9.00
N GLY D 185 11.96 -13.62 10.14
CA GLY D 185 10.69 -12.93 10.21
C GLY D 185 9.68 -13.84 10.85
N PHE D 186 10.06 -15.10 11.02
CA PHE D 186 9.18 -16.06 11.66
C PHE D 186 9.66 -16.41 13.07
N GLY D 187 10.55 -15.57 13.60
CA GLY D 187 11.08 -15.78 14.94
C GLY D 187 12.15 -16.82 14.99
N ALA D 188 12.72 -17.06 16.17
CA ALA D 188 13.78 -18.05 16.32
C ALA D 188 13.21 -19.35 16.89
N MET D 189 12.98 -20.32 16.03
CA MET D 189 12.43 -21.59 16.44
C MET D 189 12.88 -22.73 15.56
N ASP D 190 12.66 -23.94 16.06
CA ASP D 190 13.00 -25.18 15.36
C ASP D 190 11.77 -25.64 14.58
N PHE D 191 11.71 -25.22 13.32
CA PHE D 191 10.59 -25.54 12.46
C PHE D 191 10.41 -27.03 12.17
N THR D 192 11.50 -27.78 12.22
CA THR D 192 11.45 -29.21 11.94
C THR D 192 10.62 -29.92 13.00
N THR D 193 10.94 -29.67 14.27
CA THR D 193 10.24 -30.32 15.37
C THR D 193 8.98 -29.61 15.85
N LEU D 194 8.66 -28.47 15.26
CA LEU D 194 7.47 -27.72 15.66
C LEU D 194 6.47 -27.53 14.52
N GLN D 195 6.81 -28.02 13.34
CA GLN D 195 5.92 -27.89 12.19
C GLN D 195 5.96 -29.16 11.33
N ALA D 196 5.11 -30.12 11.67
CA ALA D 196 5.05 -31.38 10.93
C ALA D 196 4.71 -31.08 9.47
N ASN D 197 3.93 -30.01 9.30
CA ASN D 197 3.46 -29.51 8.02
C ASN D 197 4.52 -29.51 6.94
N LYS D 198 5.70 -29.00 7.28
CA LYS D 198 6.83 -28.91 6.34
C LYS D 198 6.56 -27.90 5.22
N SER D 199 5.54 -27.06 5.43
CA SER D 199 5.17 -26.07 4.42
C SER D 199 4.76 -24.74 5.03
N GLU D 200 5.18 -24.47 6.27
CA GLU D 200 4.83 -23.22 6.93
C GLU D 200 5.74 -22.06 6.54
N VAL D 201 6.98 -22.37 6.18
CA VAL D 201 7.95 -21.36 5.81
C VAL D 201 8.72 -21.78 4.57
N PRO D 202 9.47 -20.84 3.93
CA PRO D 202 10.24 -21.16 2.72
C PRO D 202 11.19 -22.33 2.92
N LEU D 203 11.60 -22.96 1.82
CA LEU D 203 12.51 -24.10 1.87
C LEU D 203 13.81 -23.92 2.69
N ASP D 204 14.47 -22.78 2.56
CA ASP D 204 15.74 -22.53 3.25
C ASP D 204 15.76 -22.53 4.78
N ILE D 205 14.59 -22.44 5.43
CA ILE D 205 14.56 -22.50 6.90
C ILE D 205 13.55 -23.57 7.31
N CYS D 206 12.86 -24.06 6.29
CA CYS D 206 11.83 -25.09 6.38
C CYS D 206 12.14 -26.29 7.26
N THR D 207 13.36 -26.81 7.18
CA THR D 207 13.71 -27.93 8.01
C THR D 207 14.98 -27.59 8.77
N SER D 208 15.08 -26.33 9.17
CA SER D 208 16.24 -25.85 9.92
C SER D 208 15.82 -25.22 11.23
N ILE D 209 16.78 -24.63 11.92
CA ILE D 209 16.51 -23.95 13.18
C ILE D 209 17.00 -22.52 13.04
N CYS D 210 16.10 -21.57 13.19
CA CYS D 210 16.48 -20.17 13.12
C CYS D 210 16.83 -19.78 14.55
N LYS D 211 18.08 -19.42 14.77
CA LYS D 211 18.53 -19.06 16.10
C LYS D 211 18.79 -17.57 16.22
N TYR D 212 18.64 -17.05 17.44
CA TYR D 212 18.86 -15.64 17.69
C TYR D 212 19.93 -15.52 18.78
N PRO D 213 20.89 -14.62 18.59
CA PRO D 213 21.92 -14.50 19.62
C PRO D 213 21.27 -14.27 20.98
N ASP D 214 21.74 -14.98 22.01
CA ASP D 214 21.19 -14.76 23.33
C ASP D 214 22.10 -13.70 23.99
N TYR D 215 21.93 -12.45 23.56
CA TYR D 215 22.71 -11.34 24.06
C TYR D 215 22.67 -11.25 25.56
N ILE D 216 21.49 -11.44 26.13
CA ILE D 216 21.33 -11.33 27.58
C ILE D 216 22.20 -12.30 28.36
N LYS D 217 22.12 -13.57 27.99
CA LYS D 217 22.91 -14.60 28.65
C LYS D 217 24.41 -14.35 28.51
N MET D 218 24.84 -14.08 27.27
CA MET D 218 26.25 -13.84 26.99
C MET D 218 26.84 -12.68 27.75
N VAL D 219 26.08 -11.60 27.92
CA VAL D 219 26.61 -10.45 28.66
C VAL D 219 26.58 -10.70 30.17
N SER D 220 25.67 -11.56 30.60
CA SER D 220 25.53 -11.93 32.01
C SER D 220 26.73 -12.79 32.40
N GLU D 221 27.17 -13.58 31.44
CA GLU D 221 28.32 -14.44 31.62
C GLU D 221 29.35 -13.73 32.51
N PRO D 222 29.73 -14.34 33.63
CA PRO D 222 30.69 -13.81 34.60
C PRO D 222 32.01 -13.29 34.03
N TYR D 223 32.71 -14.12 33.26
CA TYR D 223 34.01 -13.72 32.70
C TYR D 223 33.87 -12.93 31.39
N GLY D 224 32.76 -13.13 30.69
CA GLY D 224 32.53 -12.41 29.45
C GLY D 224 33.46 -12.78 28.31
N ASP D 225 33.76 -14.07 28.18
CA ASP D 225 34.64 -14.52 27.11
C ASP D 225 33.91 -14.76 25.81
N SER D 226 32.65 -15.18 25.91
CA SER D 226 31.85 -15.48 24.71
C SER D 226 31.70 -14.29 23.77
N LEU D 227 31.67 -13.09 24.33
CA LEU D 227 31.55 -11.92 23.48
C LEU D 227 31.96 -10.64 24.20
N PHE D 228 33.01 -9.99 23.69
CA PHE D 228 33.46 -8.76 24.32
C PHE D 228 33.22 -7.55 23.45
N PHE D 229 32.42 -7.75 22.41
CA PHE D 229 32.07 -6.66 21.50
C PHE D 229 31.02 -7.14 20.52
N TYR D 230 30.06 -6.29 20.19
CA TYR D 230 29.05 -6.69 19.21
C TYR D 230 28.34 -5.51 18.54
N LEU D 231 27.79 -5.76 17.37
CA LEU D 231 27.04 -4.76 16.63
C LEU D 231 25.85 -5.48 16.02
N ARG D 232 24.66 -4.96 16.28
CA ARG D 232 23.45 -5.57 15.76
C ARG D 232 22.57 -4.51 15.11
N ARG D 233 21.97 -4.90 13.99
CA ARG D 233 21.10 -4.02 13.23
C ARG D 233 20.08 -4.90 12.52
N GLU D 234 18.84 -4.87 13.00
CA GLU D 234 17.74 -5.65 12.42
C GLU D 234 16.48 -4.80 12.24
N GLN D 235 15.78 -5.00 11.13
CA GLN D 235 14.56 -4.28 10.82
C GLN D 235 13.63 -5.17 10.02
N MET D 236 12.33 -4.96 10.19
CA MET D 236 11.33 -5.76 9.50
C MET D 236 9.93 -5.16 9.55
N PHE D 237 9.15 -5.43 8.53
CA PHE D 237 7.78 -4.94 8.49
C PHE D 237 6.88 -5.98 7.78
N VAL D 238 5.57 -5.86 8.00
CA VAL D 238 4.59 -6.79 7.42
C VAL D 238 4.21 -6.46 5.98
N ARG D 239 4.60 -7.32 5.05
CA ARG D 239 4.27 -7.12 3.66
C ARG D 239 2.85 -7.65 3.37
N HIS D 240 2.56 -8.92 3.70
CA HIS D 240 1.24 -9.47 3.48
C HIS D 240 0.66 -10.15 4.71
N LEU D 241 -0.66 -10.26 4.76
CA LEU D 241 -1.34 -10.89 5.89
C LEU D 241 -2.14 -12.10 5.42
N PHE D 242 -1.70 -13.29 5.80
CA PHE D 242 -2.34 -14.51 5.36
C PHE D 242 -3.04 -15.38 6.40
N ASN D 243 -3.59 -16.47 5.89
CA ASN D 243 -4.35 -17.46 6.65
C ASN D 243 -3.62 -18.80 6.54
N ARG D 244 -3.78 -19.65 7.54
CA ARG D 244 -3.16 -20.97 7.51
C ARG D 244 -4.22 -22.05 7.30
N ALA D 245 -4.00 -22.89 6.29
CA ALA D 245 -4.90 -23.99 6.02
C ALA D 245 -4.56 -25.02 7.08
N GLY D 246 -5.43 -26.01 7.25
CA GLY D 246 -5.19 -27.01 8.26
C GLY D 246 -6.44 -27.10 9.11
N THR D 247 -6.38 -27.75 10.24
CA THR D 247 -7.57 -27.84 11.06
C THR D 247 -7.38 -27.19 12.42
N VAL D 248 -8.46 -26.58 12.91
CA VAL D 248 -8.41 -25.88 14.18
C VAL D 248 -7.78 -26.76 15.26
N GLY D 249 -6.69 -26.28 15.82
CA GLY D 249 -6.00 -27.00 16.87
C GLY D 249 -6.64 -26.53 18.16
N GLU D 250 -6.98 -25.25 18.20
CA GLU D 250 -7.64 -24.67 19.34
C GLU D 250 -8.76 -23.77 18.82
N ASN D 251 -9.88 -23.98 19.26
CA ASN D 251 -11.04 -23.23 18.79
C ASN D 251 -11.23 -21.87 19.43
N VAL D 252 -11.90 -21.07 18.60
CA VAL D 252 -12.11 -19.72 19.06
C VAL D 252 -13.26 -19.73 20.06
N PRO D 253 -13.01 -19.28 21.30
CA PRO D 253 -14.04 -19.24 22.35
C PRO D 253 -15.23 -18.46 21.80
N ASP D 254 -16.42 -19.05 21.86
CA ASP D 254 -17.60 -18.38 21.33
C ASP D 254 -18.09 -17.13 22.07
N ASP D 255 -17.42 -16.80 23.17
CA ASP D 255 -17.78 -15.59 23.91
C ASP D 255 -17.12 -14.39 23.23
N LEU D 256 -16.35 -14.67 22.19
CA LEU D 256 -15.62 -13.63 21.46
C LEU D 256 -16.29 -13.22 20.15
N TYR D 257 -17.48 -13.73 19.88
CA TYR D 257 -18.15 -13.40 18.64
C TYR D 257 -19.56 -13.93 18.59
N ILE D 258 -20.31 -13.44 17.61
CA ILE D 258 -21.68 -13.84 17.40
C ILE D 258 -21.74 -14.76 16.20
N LYS D 259 -22.26 -15.97 16.43
CA LYS D 259 -22.38 -16.99 15.40
C LYS D 259 -22.90 -16.42 14.10
N GLY D 260 -22.34 -16.88 12.98
CA GLY D 260 -22.79 -16.42 11.69
C GLY D 260 -23.94 -17.24 11.16
N SER D 261 -23.99 -17.43 9.85
CA SER D 261 -25.04 -18.21 9.21
C SER D 261 -24.79 -18.26 7.71
N GLY D 262 -25.33 -19.28 7.05
CA GLY D 262 -25.13 -19.39 5.61
C GLY D 262 -23.65 -19.52 5.35
N SER D 263 -23.07 -18.53 4.70
CA SER D 263 -21.63 -18.56 4.42
C SER D 263 -20.80 -18.32 5.69
N THR D 264 -21.20 -17.32 6.48
CA THR D 264 -20.50 -17.00 7.72
C THR D 264 -20.89 -17.97 8.86
N ALA D 265 -21.52 -19.08 8.51
CA ALA D 265 -21.91 -20.06 9.52
C ALA D 265 -20.68 -20.77 10.06
N ASN D 266 -19.76 -21.06 9.15
CA ASN D 266 -18.50 -21.72 9.46
C ASN D 266 -17.36 -20.73 9.57
N LEU D 267 -16.72 -20.69 10.74
CA LEU D 267 -15.60 -19.77 10.97
C LEU D 267 -14.39 -20.05 10.09
N ALA D 268 -13.83 -19.01 9.48
CA ALA D 268 -12.65 -19.18 8.65
C ALA D 268 -11.45 -19.28 9.60
N SER D 269 -10.35 -19.84 9.10
CA SER D 269 -9.14 -19.98 9.91
C SER D 269 -8.70 -18.63 10.47
N SER D 270 -8.55 -18.55 11.78
CA SER D 270 -8.08 -17.31 12.39
C SER D 270 -6.65 -17.55 12.86
N ASN D 271 -5.96 -18.43 12.14
CA ASN D 271 -4.55 -18.76 12.38
C ASN D 271 -3.82 -17.93 11.35
N TYR D 272 -3.76 -16.62 11.58
CA TYR D 272 -3.11 -15.71 10.66
C TYR D 272 -1.61 -15.71 10.84
N PHE D 273 -0.92 -15.41 9.74
CA PHE D 273 0.54 -15.31 9.77
C PHE D 273 0.91 -14.25 8.74
N PRO D 274 1.86 -13.38 9.08
CA PRO D 274 2.28 -12.33 8.16
C PRO D 274 3.52 -12.72 7.36
N THR D 275 3.72 -12.03 6.25
CA THR D 275 4.87 -12.24 5.38
C THR D 275 5.85 -11.13 5.74
N PRO D 276 7.08 -11.50 6.04
CA PRO D 276 8.02 -10.44 6.39
C PRO D 276 8.57 -9.71 5.18
N SER D 277 9.32 -8.66 5.46
CA SER D 277 9.99 -7.84 4.46
C SER D 277 11.00 -6.90 5.11
N GLY D 278 12.27 -7.17 4.88
CA GLY D 278 13.32 -6.31 5.40
C GLY D 278 13.36 -5.31 4.28
N SER D 279 13.01 -4.07 4.57
CA SER D 279 12.95 -3.05 3.54
C SER D 279 14.19 -2.88 2.66
N MET D 280 14.44 -1.65 2.26
CA MET D 280 15.57 -1.30 1.42
C MET D 280 16.88 -1.46 2.16
N VAL D 281 17.93 -1.80 1.41
CA VAL D 281 19.27 -1.93 1.98
C VAL D 281 20.05 -0.72 1.55
N THR D 282 20.95 -0.24 2.39
CA THR D 282 21.70 0.95 2.06
C THR D 282 23.14 0.98 2.54
N SER D 283 23.95 1.75 1.83
CA SER D 283 25.36 1.92 2.16
C SER D 283 25.46 2.61 3.51
N ASP D 284 24.81 3.76 3.61
CA ASP D 284 24.84 4.56 4.83
C ASP D 284 24.57 3.73 6.08
N ALA D 285 23.88 2.61 5.93
CA ALA D 285 23.56 1.79 7.11
C ALA D 285 24.51 0.62 7.31
N GLN D 286 25.54 0.51 6.48
CA GLN D 286 26.50 -0.57 6.59
C GLN D 286 27.21 -0.61 7.93
N ILE D 287 27.48 -1.83 8.37
CA ILE D 287 28.13 -2.11 9.64
C ILE D 287 29.55 -2.56 9.39
N PHE D 288 29.77 -3.16 8.23
CA PHE D 288 31.07 -3.71 7.86
C PHE D 288 31.90 -2.76 7.04
N ASN D 289 33.13 -3.19 6.73
CA ASN D 289 34.08 -2.39 5.98
C ASN D 289 34.36 -1.10 6.74
N LYS D 290 34.37 -1.24 8.05
CA LYS D 290 34.63 -0.17 8.99
C LYS D 290 35.45 -0.90 10.05
N PRO D 291 36.44 -0.23 10.64
CA PRO D 291 37.24 -0.89 11.68
C PRO D 291 36.59 -0.74 13.04
N TYR D 292 36.72 -1.75 13.88
CA TYR D 292 36.14 -1.71 15.22
C TYR D 292 37.31 -1.69 16.20
N TRP D 293 37.40 -0.65 17.02
CA TRP D 293 38.49 -0.58 17.99
C TRP D 293 38.04 -1.12 19.36
N LEU D 294 38.40 -2.36 19.66
CA LEU D 294 38.04 -3.00 20.94
C LEU D 294 38.90 -2.55 22.11
N GLN D 295 38.82 -1.28 22.48
CA GLN D 295 39.65 -0.77 23.58
C GLN D 295 39.13 -1.01 24.99
N ARG D 296 37.86 -0.65 25.23
CA ARG D 296 37.25 -0.84 26.54
C ARG D 296 36.11 -1.82 26.39
N ALA D 297 36.24 -3.01 26.95
CA ALA D 297 35.16 -3.99 26.86
C ALA D 297 34.21 -3.80 28.03
N GLN D 298 32.94 -4.11 27.83
CA GLN D 298 31.95 -3.97 28.89
C GLN D 298 32.02 -5.17 29.84
N GLY D 299 32.67 -6.24 29.36
CA GLY D 299 32.82 -7.45 30.15
C GLY D 299 34.16 -7.41 30.87
N HIS D 300 34.45 -8.42 31.69
CA HIS D 300 35.72 -8.41 32.42
C HIS D 300 36.87 -8.82 31.52
N ASN D 301 36.58 -9.64 30.51
CA ASN D 301 37.64 -10.04 29.59
C ASN D 301 37.73 -8.93 28.56
N ASN D 302 38.80 -8.14 28.63
CA ASN D 302 38.92 -7.05 27.69
C ASN D 302 39.64 -7.45 26.42
N GLY D 303 39.04 -8.36 25.66
CA GLY D 303 39.62 -8.76 24.40
C GLY D 303 40.83 -9.68 24.45
N ILE D 304 40.98 -10.41 25.54
CA ILE D 304 42.10 -11.32 25.64
C ILE D 304 41.66 -12.60 24.93
N CYS D 305 42.51 -13.09 24.03
CA CYS D 305 42.21 -14.30 23.27
C CYS D 305 42.79 -15.56 23.89
N TRP D 306 42.26 -15.94 25.06
CA TRP D 306 42.70 -17.12 25.76
C TRP D 306 42.68 -18.30 24.81
N GLY D 307 43.70 -19.14 24.88
CA GLY D 307 43.78 -20.30 24.01
C GLY D 307 44.24 -19.94 22.62
N ASN D 308 44.66 -18.69 22.42
CA ASN D 308 45.12 -18.22 21.11
C ASN D 308 44.01 -18.45 20.09
N GLN D 309 42.78 -18.33 20.57
CA GLN D 309 41.57 -18.50 19.75
C GLN D 309 40.87 -17.16 19.69
N LEU D 310 39.91 -17.06 18.78
CA LEU D 310 39.16 -15.84 18.59
C LEU D 310 37.95 -16.17 17.72
N PHE D 311 36.76 -15.77 18.18
CA PHE D 311 35.53 -16.05 17.42
C PHE D 311 34.91 -14.81 16.84
N VAL D 312 34.63 -14.87 15.54
CA VAL D 312 34.01 -13.73 14.85
C VAL D 312 32.76 -14.23 14.18
N THR D 313 31.62 -13.88 14.76
CA THR D 313 30.35 -14.30 14.21
C THR D 313 29.79 -13.16 13.39
N VAL D 314 29.23 -13.50 12.22
CA VAL D 314 28.67 -12.50 11.34
C VAL D 314 27.38 -12.95 10.67
N VAL D 315 26.54 -11.97 10.36
CA VAL D 315 25.30 -12.20 9.61
C VAL D 315 25.09 -10.92 8.84
N ASP D 316 25.01 -11.03 7.52
CA ASP D 316 24.82 -9.89 6.67
C ASP D 316 23.86 -10.22 5.55
N THR D 317 22.65 -9.70 5.62
CA THR D 317 21.66 -9.98 4.58
C THR D 317 21.51 -8.82 3.63
N THR D 318 22.49 -7.93 3.63
CA THR D 318 22.45 -6.76 2.76
C THR D 318 23.19 -7.04 1.45
N ARG D 319 23.53 -8.31 1.22
CA ARG D 319 24.23 -8.74 0.01
C ARG D 319 23.74 -10.15 -0.32
N SER D 320 22.45 -10.37 -0.10
CA SER D 320 21.83 -11.67 -0.30
C SER D 320 21.36 -11.98 -1.71
N THR D 321 21.73 -11.16 -2.67
CA THR D 321 21.37 -11.38 -4.07
C THR D 321 21.67 -12.80 -4.50
N ASN D 322 20.67 -13.47 -5.07
CA ASN D 322 20.87 -14.82 -5.58
C ASN D 322 20.86 -14.64 -7.08
N MET D 323 21.73 -15.35 -7.79
CA MET D 323 21.75 -15.20 -9.23
C MET D 323 21.33 -16.48 -9.93
N SER D 324 20.39 -16.36 -10.85
CA SER D 324 19.92 -17.51 -11.59
C SER D 324 20.73 -17.61 -12.86
N LEU D 325 21.27 -18.80 -13.11
CA LEU D 325 22.05 -19.04 -14.32
C LEU D 325 21.46 -20.26 -15.00
N CYS D 326 21.09 -20.14 -16.27
CA CYS D 326 20.51 -21.27 -16.97
C CYS D 326 21.31 -21.61 -18.22
N ALA D 327 21.49 -22.90 -18.43
CA ALA D 327 22.22 -23.42 -19.58
C ALA D 327 21.22 -24.04 -20.55
N ALA D 328 21.51 -23.90 -21.84
CA ALA D 328 20.64 -24.44 -22.88
C ALA D 328 21.00 -25.90 -23.12
N ILE D 329 19.99 -26.72 -23.35
CA ILE D 329 20.26 -28.13 -23.58
C ILE D 329 20.67 -28.30 -25.03
N SER D 330 20.21 -27.39 -25.86
CA SER D 330 20.50 -27.39 -27.28
C SER D 330 20.73 -25.96 -27.75
N THR D 331 21.73 -25.76 -28.60
CA THR D 331 22.06 -24.44 -29.11
C THR D 331 21.60 -24.26 -30.57
N SER D 332 20.58 -25.01 -30.96
CA SER D 332 20.07 -24.97 -32.32
C SER D 332 18.88 -24.04 -32.54
N GLU D 333 17.68 -24.61 -32.39
CA GLU D 333 16.42 -23.90 -32.57
C GLU D 333 16.47 -22.43 -32.19
N THR D 334 15.89 -21.61 -33.05
CA THR D 334 15.87 -20.17 -32.83
C THR D 334 14.53 -19.81 -32.24
N THR D 335 13.88 -20.78 -31.61
CA THR D 335 12.59 -20.54 -31.00
C THR D 335 12.67 -20.99 -29.55
N TYR D 336 12.33 -20.08 -28.64
CA TYR D 336 12.36 -20.35 -27.22
C TYR D 336 11.47 -21.52 -26.86
N LYS D 337 11.97 -22.40 -25.99
CA LYS D 337 11.24 -23.54 -25.48
C LYS D 337 11.70 -23.69 -24.04
N ASN D 338 10.77 -23.59 -23.10
CA ASN D 338 11.12 -23.71 -21.70
C ASN D 338 11.85 -25.01 -21.45
N THR D 339 11.51 -26.03 -22.23
CA THR D 339 12.13 -27.34 -22.09
C THR D 339 13.58 -27.36 -22.52
N ASN D 340 13.99 -26.39 -23.34
CA ASN D 340 15.35 -26.35 -23.83
C ASN D 340 16.34 -25.76 -22.83
N PHE D 341 15.85 -25.12 -21.77
CA PHE D 341 16.76 -24.51 -20.78
C PHE D 341 16.60 -24.99 -19.35
N LYS D 342 17.72 -25.37 -18.73
CA LYS D 342 17.74 -25.82 -17.36
C LYS D 342 18.07 -24.63 -16.45
N GLU D 343 17.11 -24.24 -15.61
CA GLU D 343 17.25 -23.11 -14.70
C GLU D 343 17.83 -23.49 -13.35
N TYR D 344 18.81 -22.72 -12.88
CA TYR D 344 19.43 -22.98 -11.58
C TYR D 344 19.53 -21.70 -10.74
N LEU D 345 20.00 -21.85 -9.51
CA LEU D 345 20.18 -20.74 -8.58
C LEU D 345 21.49 -20.92 -7.80
N ARG D 346 22.24 -19.84 -7.65
CA ARG D 346 23.49 -19.88 -6.92
C ARG D 346 23.64 -18.56 -6.17
N HIS D 347 24.38 -18.58 -5.08
CA HIS D 347 24.59 -17.38 -4.30
C HIS D 347 26.04 -17.34 -3.85
N GLY D 348 26.65 -16.17 -3.93
CA GLY D 348 28.03 -16.05 -3.53
C GLY D 348 28.24 -15.08 -2.38
N GLU D 349 29.16 -15.42 -1.49
CA GLU D 349 29.47 -14.58 -0.36
C GLU D 349 30.97 -14.29 -0.38
N GLU D 350 31.36 -13.06 -0.08
CA GLU D 350 32.78 -12.67 -0.09
C GLU D 350 33.20 -11.98 1.20
N TYR D 351 34.16 -12.56 1.90
CA TYR D 351 34.65 -11.97 3.16
C TYR D 351 36.13 -11.70 3.12
N ASP D 352 36.59 -10.91 4.08
CA ASP D 352 38.00 -10.54 4.22
C ASP D 352 38.21 -10.03 5.64
N LEU D 353 38.69 -10.91 6.53
CA LEU D 353 38.89 -10.53 7.92
C LEU D 353 40.27 -9.96 8.17
N GLN D 354 40.33 -8.89 8.95
CA GLN D 354 41.58 -8.24 9.29
C GLN D 354 41.61 -7.90 10.78
N PHE D 355 42.76 -8.13 11.42
CA PHE D 355 42.87 -7.85 12.83
C PHE D 355 44.18 -7.18 13.20
N ILE D 356 44.17 -6.54 14.35
CA ILE D 356 45.34 -5.91 14.92
C ILE D 356 45.44 -6.53 16.31
N PHE D 357 46.55 -7.23 16.59
CA PHE D 357 46.70 -7.85 17.91
C PHE D 357 47.81 -7.22 18.75
N GLN D 358 47.56 -7.12 20.05
CA GLN D 358 48.53 -6.56 20.97
C GLN D 358 49.05 -7.66 21.88
N LEU D 359 50.37 -7.79 21.93
CA LEU D 359 51.02 -8.80 22.77
C LEU D 359 50.83 -8.44 24.23
N CYS D 360 50.56 -9.45 25.05
CA CYS D 360 50.33 -9.25 26.48
C CYS D 360 51.11 -10.29 27.30
N LYS D 361 51.44 -9.93 28.53
CA LYS D 361 52.19 -10.83 29.40
C LYS D 361 51.49 -11.00 30.74
N ILE D 362 51.62 -12.20 31.32
CA ILE D 362 51.03 -12.53 32.61
C ILE D 362 52.03 -13.16 33.58
N THR D 363 52.40 -12.44 34.63
CA THR D 363 53.33 -12.98 35.61
C THR D 363 52.55 -14.01 36.40
N LEU D 364 52.93 -15.26 36.24
CA LEU D 364 52.25 -16.36 36.90
C LEU D 364 52.42 -16.49 38.41
N THR D 365 51.89 -15.53 39.16
CA THR D 365 51.98 -15.58 40.62
C THR D 365 51.02 -16.66 41.14
N ALA D 366 50.97 -16.82 42.46
CA ALA D 366 50.08 -17.81 43.06
C ALA D 366 48.65 -17.46 42.77
N ASP D 367 48.25 -16.29 43.27
CA ASP D 367 46.91 -15.75 43.11
C ASP D 367 46.47 -15.86 41.65
N VAL D 368 47.28 -15.30 40.76
CA VAL D 368 47.01 -15.32 39.32
C VAL D 368 46.73 -16.75 38.84
N MET D 369 47.60 -17.68 39.21
CA MET D 369 47.44 -19.06 38.80
C MET D 369 46.19 -19.70 39.41
N THR D 370 45.80 -19.26 40.60
CA THR D 370 44.61 -19.79 41.24
C THR D 370 43.41 -19.31 40.42
N TYR D 371 43.39 -17.99 40.15
CA TYR D 371 42.30 -17.36 39.40
C TYR D 371 42.17 -18.00 38.01
N ILE D 372 43.21 -17.86 37.19
CA ILE D 372 43.19 -18.43 35.85
C ILE D 372 42.83 -19.89 35.84
N HIS D 373 43.25 -20.61 36.89
CA HIS D 373 42.94 -22.01 36.99
C HIS D 373 41.45 -22.20 37.15
N SER D 374 40.85 -21.43 38.06
CA SER D 374 39.41 -21.52 38.29
C SER D 374 38.65 -21.14 37.03
N MET D 375 39.03 -19.99 36.47
CA MET D 375 38.41 -19.48 35.26
C MET D 375 38.40 -20.50 34.13
N ASN D 376 39.56 -21.03 33.79
CA ASN D 376 39.65 -22.01 32.72
C ASN D 376 40.94 -22.82 32.79
N SER D 377 40.96 -23.83 33.66
CA SER D 377 42.13 -24.67 33.85
C SER D 377 42.99 -24.97 32.61
N THR D 378 42.36 -25.17 31.46
CA THR D 378 43.11 -25.47 30.23
C THR D 378 44.17 -24.42 29.90
N ILE D 379 43.92 -23.17 30.28
CA ILE D 379 44.86 -22.10 29.99
C ILE D 379 46.26 -22.48 30.45
N LEU D 380 46.38 -22.77 31.75
CA LEU D 380 47.65 -23.16 32.35
C LEU D 380 48.20 -24.47 31.79
N GLU D 381 47.33 -25.47 31.66
CA GLU D 381 47.73 -26.78 31.12
C GLU D 381 48.38 -26.65 29.74
N ASP D 382 47.81 -25.79 28.90
CA ASP D 382 48.33 -25.59 27.56
C ASP D 382 49.61 -24.78 27.58
N TRP D 383 49.76 -23.92 28.57
CA TRP D 383 50.98 -23.13 28.64
C TRP D 383 52.19 -24.03 28.78
N ASN D 384 53.28 -23.55 29.37
CA ASN D 384 54.49 -24.39 29.43
C ASN D 384 54.23 -25.86 29.14
N GLU D 419 43.53 -32.20 22.16
CA GLU D 419 42.44 -32.39 21.19
C GLU D 419 41.35 -31.32 21.41
N ASP D 420 40.77 -30.87 20.30
CA ASP D 420 39.72 -29.84 20.25
C ASP D 420 38.46 -30.10 21.11
N PRO D 421 38.22 -29.26 22.14
CA PRO D 421 37.06 -29.38 23.05
C PRO D 421 35.70 -29.10 22.42
N LEU D 422 35.69 -28.58 21.19
CA LEU D 422 34.45 -28.29 20.49
C LEU D 422 34.45 -29.02 19.15
N LYS D 423 34.95 -30.25 19.14
CA LYS D 423 35.00 -31.05 17.91
C LYS D 423 33.60 -31.32 17.41
N LYS D 424 32.65 -31.36 18.34
CA LYS D 424 31.25 -31.61 18.03
C LYS D 424 30.67 -30.56 17.12
N TYR D 425 31.10 -29.32 17.33
CA TYR D 425 30.59 -28.20 16.57
C TYR D 425 31.39 -27.92 15.32
N THR D 426 30.76 -27.26 14.35
CA THR D 426 31.48 -26.92 13.13
C THR D 426 31.44 -25.43 12.80
N PHE D 427 32.62 -24.88 12.48
CA PHE D 427 32.72 -23.47 12.10
C PHE D 427 33.75 -23.33 11.00
N TRP D 428 33.72 -22.16 10.35
CA TRP D 428 34.66 -21.84 9.29
C TRP D 428 36.01 -21.71 9.97
N GLU D 429 36.87 -22.67 9.76
CA GLU D 429 38.19 -22.68 10.39
C GLU D 429 39.08 -21.69 9.67
N VAL D 430 39.72 -20.81 10.43
CA VAL D 430 40.61 -19.80 9.85
C VAL D 430 41.98 -19.86 10.52
N ASN D 431 43.00 -20.21 9.75
CA ASN D 431 44.34 -20.31 10.32
C ASN D 431 45.19 -19.08 10.05
N LEU D 432 45.56 -18.36 11.11
CA LEU D 432 46.36 -17.17 10.95
C LEU D 432 47.77 -17.29 11.49
N LYS D 433 48.17 -18.50 11.89
CA LYS D 433 49.50 -18.71 12.44
C LYS D 433 50.64 -18.22 11.53
N GLU D 434 50.41 -18.18 10.21
CA GLU D 434 51.43 -17.72 9.27
C GLU D 434 51.08 -16.35 8.70
N LYS D 435 50.12 -15.68 9.32
CA LYS D 435 49.67 -14.38 8.82
C LYS D 435 50.03 -13.15 9.65
N PHE D 436 50.69 -13.34 10.78
CA PHE D 436 51.06 -12.19 11.60
C PHE D 436 52.21 -11.42 10.99
N SER D 437 52.12 -10.09 11.02
CA SER D 437 53.17 -9.23 10.48
C SER D 437 53.35 -8.04 11.40
N ALA D 438 54.59 -7.72 11.72
CA ALA D 438 54.86 -6.61 12.59
C ALA D 438 54.73 -5.27 11.90
N ASP D 439 54.66 -5.26 10.57
CA ASP D 439 54.57 -3.99 9.83
C ASP D 439 53.15 -3.54 9.53
N LEU D 440 52.45 -3.03 10.56
CA LEU D 440 51.07 -2.58 10.38
C LEU D 440 51.02 -1.63 9.20
N ASP D 441 52.10 -0.87 9.06
CA ASP D 441 52.30 0.10 8.00
C ASP D 441 51.85 -0.44 6.63
N GLN D 442 52.23 -1.68 6.35
CA GLN D 442 51.93 -2.35 5.08
C GLN D 442 50.51 -2.82 4.83
N PHE D 443 49.61 -2.59 5.76
CA PHE D 443 48.23 -3.03 5.58
C PHE D 443 47.23 -1.92 5.84
N PRO D 444 46.07 -1.98 5.17
CA PRO D 444 45.04 -0.97 5.35
C PRO D 444 44.51 -0.86 6.79
N LEU D 445 44.23 -1.99 7.43
CA LEU D 445 43.73 -1.92 8.80
C LEU D 445 44.86 -1.41 9.67
N GLY D 446 46.08 -1.80 9.33
CA GLY D 446 47.25 -1.37 10.09
C GLY D 446 47.46 0.14 10.02
N ARG D 447 47.35 0.71 8.81
CA ARG D 447 47.52 2.14 8.67
C ARG D 447 46.46 2.80 9.52
N LYS D 448 45.20 2.37 9.33
CA LYS D 448 44.10 2.95 10.09
C LYS D 448 44.38 2.97 11.58
N PHE D 449 44.86 1.84 12.09
CA PHE D 449 45.18 1.70 13.52
C PHE D 449 46.22 2.69 13.98
N LEU D 450 47.32 2.77 13.25
CA LEU D 450 48.37 3.72 13.61
C LEU D 450 47.79 5.13 13.64
N LEU D 451 47.17 5.53 12.55
CA LEU D 451 46.57 6.86 12.47
C LEU D 451 45.63 7.10 13.65
N GLN D 452 44.78 6.14 13.95
CA GLN D 452 43.83 6.27 15.05
C GLN D 452 44.54 6.36 16.40
N LEU D 453 45.44 5.42 16.69
CA LEU D 453 46.12 5.46 17.98
C LEU D 453 47.30 6.44 18.02
N GLY D 454 47.46 7.24 16.97
CA GLY D 454 48.55 8.19 16.92
C GLY D 454 49.91 7.51 17.08
N LEU D 455 50.34 7.31 18.32
CA LEU D 455 51.63 6.65 18.61
C LEU D 455 51.50 5.11 18.60
N ALA E 1 59.76 -2.98 1.61
CA ALA E 1 58.66 -2.26 2.29
C ALA E 1 58.19 -1.05 1.47
N VAL E 2 56.90 -0.77 1.49
CA VAL E 2 56.37 0.38 0.76
C VAL E 2 56.31 1.56 1.71
N VAL E 3 56.41 2.78 1.18
CA VAL E 3 56.37 3.95 2.04
C VAL E 3 55.48 5.03 1.46
N SER E 4 54.95 5.87 2.35
CA SER E 4 54.09 6.96 1.91
C SER E 4 54.88 7.84 0.94
N THR E 5 54.18 8.43 -0.01
CA THR E 5 54.80 9.31 -0.98
C THR E 5 55.32 10.56 -0.26
N ASP E 6 54.75 10.85 0.92
CA ASP E 6 55.16 12.02 1.67
C ASP E 6 56.63 11.93 2.03
N GLU E 7 57.14 10.70 2.04
CA GLU E 7 58.55 10.42 2.34
C GLU E 7 59.52 10.97 1.29
N TYR E 8 59.26 10.63 0.03
CA TYR E 8 60.12 11.02 -1.07
C TYR E 8 59.57 12.07 -2.03
N VAL E 9 58.32 12.47 -1.86
CA VAL E 9 57.77 13.47 -2.76
C VAL E 9 57.66 14.79 -2.02
N ALA E 10 58.30 15.83 -2.55
CA ALA E 10 58.28 17.13 -1.94
C ALA E 10 57.18 17.97 -2.54
N ARG E 11 56.53 18.75 -1.68
CA ARG E 11 55.42 19.62 -2.06
C ARG E 11 55.86 21.04 -2.28
N THR E 12 55.57 21.60 -3.46
CA THR E 12 55.94 22.98 -3.70
C THR E 12 54.74 23.80 -3.28
N ASN E 13 54.79 25.08 -3.59
CA ASN E 13 53.73 25.99 -3.22
C ASN E 13 52.90 26.41 -4.41
N ILE E 14 53.15 25.78 -5.55
CA ILE E 14 52.46 26.11 -6.78
C ILE E 14 51.23 25.25 -6.95
N TYR E 15 50.13 25.89 -7.33
CA TYR E 15 48.88 25.20 -7.54
C TYR E 15 48.30 25.63 -8.85
N TYR E 16 47.73 24.67 -9.57
CA TYR E 16 47.09 24.96 -10.84
C TYR E 16 45.68 24.39 -10.85
N HIS E 17 44.81 25.02 -11.63
CA HIS E 17 43.45 24.57 -11.77
C HIS E 17 43.36 24.06 -13.18
N ALA E 18 42.48 23.06 -13.38
CA ALA E 18 42.30 22.46 -14.70
C ALA E 18 40.88 21.93 -14.76
N GLY E 19 40.24 22.07 -15.91
CA GLY E 19 38.90 21.54 -16.00
C GLY E 19 38.44 21.28 -17.43
N THR E 20 37.56 20.28 -17.58
CA THR E 20 37.01 19.96 -18.88
C THR E 20 36.00 21.08 -19.11
N SER E 21 35.71 21.39 -20.36
CA SER E 21 34.74 22.44 -20.64
C SER E 21 33.36 22.04 -20.11
N ARG E 22 32.85 20.93 -20.64
CA ARG E 22 31.55 20.42 -20.30
C ARG E 22 31.39 19.23 -21.21
N LEU E 23 31.58 18.04 -20.66
CA LEU E 23 31.46 16.84 -21.45
C LEU E 23 30.00 16.50 -21.67
N LEU E 24 29.67 16.00 -22.85
CA LEU E 24 28.29 15.66 -23.15
C LEU E 24 28.19 14.29 -23.82
N ALA E 25 27.18 13.52 -23.46
CA ALA E 25 26.99 12.18 -24.04
C ALA E 25 25.51 11.89 -24.34
N VAL E 26 25.22 11.62 -25.61
CA VAL E 26 23.85 11.32 -26.02
C VAL E 26 23.78 10.01 -26.80
N GLY E 27 22.83 9.16 -26.43
CA GLY E 27 22.73 7.89 -27.14
C GLY E 27 21.47 7.17 -26.75
N HIS E 28 21.38 5.90 -27.14
CA HIS E 28 20.21 5.08 -26.80
C HIS E 28 20.51 4.43 -25.45
N PRO E 29 19.52 4.41 -24.57
CA PRO E 29 19.64 3.82 -23.22
C PRO E 29 19.93 2.34 -23.09
N TYR E 30 19.38 1.52 -24.00
CA TYR E 30 19.54 0.07 -23.90
C TYR E 30 20.57 -0.60 -24.82
N PHE E 31 20.72 -0.10 -26.03
CA PHE E 31 21.66 -0.73 -26.97
C PHE E 31 22.08 0.25 -28.05
N PRO E 32 23.20 -0.04 -28.72
CA PRO E 32 23.64 0.87 -29.79
C PRO E 32 22.88 0.67 -31.09
N ILE E 33 22.56 1.78 -31.75
CA ILE E 33 21.86 1.74 -33.03
C ILE E 33 22.90 1.72 -34.12
N LYS E 34 22.88 0.69 -34.96
CA LYS E 34 23.84 0.59 -36.05
C LYS E 34 23.19 0.10 -37.33
N LYS E 35 23.95 0.12 -38.44
CA LYS E 35 23.46 -0.37 -39.72
C LYS E 35 23.40 -1.89 -39.66
N PRO E 36 22.22 -2.50 -39.91
CA PRO E 36 22.04 -3.96 -39.88
C PRO E 36 23.10 -4.74 -40.68
N ASN E 37 23.27 -4.36 -41.94
CA ASN E 37 24.24 -4.95 -42.85
C ASN E 37 25.66 -4.65 -42.42
N ASN E 38 25.81 -3.46 -41.85
CA ASN E 38 27.09 -2.92 -41.38
C ASN E 38 27.34 -3.30 -39.91
N ASN E 39 28.34 -2.65 -39.30
CA ASN E 39 28.66 -2.92 -37.90
C ASN E 39 29.12 -1.60 -37.28
N LYS E 40 29.23 -0.57 -38.11
CA LYS E 40 29.62 0.75 -37.68
C LYS E 40 28.52 1.27 -36.78
N ILE E 41 28.88 1.86 -35.64
CA ILE E 41 27.91 2.39 -34.71
C ILE E 41 27.39 3.75 -35.14
N LEU E 42 26.09 3.82 -35.37
CA LEU E 42 25.45 5.05 -35.80
C LEU E 42 25.11 5.91 -34.57
N VAL E 43 24.56 5.28 -33.55
CA VAL E 43 24.21 5.93 -32.29
C VAL E 43 24.72 5.01 -31.18
N PRO E 44 25.45 5.55 -30.21
CA PRO E 44 25.97 4.70 -29.13
C PRO E 44 25.00 4.47 -27.96
N LYS E 45 25.32 3.45 -27.15
CA LYS E 45 24.51 3.16 -25.98
C LYS E 45 24.98 4.07 -24.87
N VAL E 46 24.08 4.92 -24.39
CA VAL E 46 24.39 5.85 -23.31
C VAL E 46 23.32 5.72 -22.24
N SER E 47 23.70 5.13 -21.11
CA SER E 47 22.78 4.90 -20.02
C SER E 47 23.34 5.37 -18.71
N GLY E 48 22.45 5.74 -17.80
CA GLY E 48 22.89 6.21 -16.50
C GLY E 48 23.42 5.04 -15.68
N LEU E 49 23.25 3.84 -16.22
CA LEU E 49 23.72 2.67 -15.54
C LEU E 49 25.09 2.19 -15.97
N GLN E 50 25.80 2.98 -16.76
CA GLN E 50 27.13 2.58 -17.20
C GLN E 50 28.18 3.28 -16.35
N TYR E 51 29.39 2.71 -16.31
CA TYR E 51 30.48 3.31 -15.58
C TYR E 51 31.04 4.34 -16.55
N ARG E 52 31.59 5.41 -16.00
CA ARG E 52 32.23 6.45 -16.77
C ARG E 52 33.65 6.47 -16.25
N VAL E 53 34.59 6.01 -17.06
CA VAL E 53 35.97 5.99 -16.63
C VAL E 53 36.76 7.01 -17.42
N PHE E 54 37.14 8.09 -16.77
CA PHE E 54 37.88 9.16 -17.44
C PHE E 54 39.38 9.02 -17.27
N ARG E 55 40.08 9.00 -18.41
CA ARG E 55 41.53 8.90 -18.45
C ARG E 55 41.99 10.34 -18.62
N ILE E 56 42.43 10.96 -17.53
CA ILE E 56 42.86 12.35 -17.52
C ILE E 56 44.33 12.55 -17.86
N HIS E 57 44.58 13.24 -18.98
CA HIS E 57 45.95 13.48 -19.39
C HIS E 57 46.41 14.86 -18.92
N LEU E 58 47.54 14.85 -18.23
CA LEU E 58 48.10 16.09 -17.70
C LEU E 58 49.38 16.46 -18.41
N PRO E 59 49.64 17.77 -18.54
CA PRO E 59 50.87 18.19 -19.21
C PRO E 59 52.07 17.77 -18.33
N ASP E 60 53.11 17.22 -18.94
CA ASP E 60 54.30 16.81 -18.19
C ASP E 60 54.87 18.03 -17.49
N PRO E 61 54.88 18.04 -16.13
CA PRO E 61 55.42 19.20 -15.43
C PRO E 61 56.88 19.48 -15.76
N ASN E 62 57.57 18.48 -16.27
CA ASN E 62 58.98 18.63 -16.63
C ASN E 62 59.14 19.33 -17.98
N LYS E 63 58.21 19.07 -18.88
CA LYS E 63 58.26 19.69 -20.19
C LYS E 63 57.53 21.02 -20.15
N PHE E 64 56.62 21.16 -19.17
CA PHE E 64 55.81 22.35 -18.95
C PHE E 64 56.66 23.59 -18.89
N GLY E 65 56.06 24.74 -19.22
CA GLY E 65 56.81 25.97 -19.20
C GLY E 65 56.38 26.94 -18.12
N PHE E 66 56.96 26.82 -16.93
CA PHE E 66 56.62 27.72 -15.83
C PHE E 66 57.35 29.04 -15.95
N PRO E 67 56.73 30.13 -15.48
CA PRO E 67 57.31 31.47 -15.51
C PRO E 67 58.61 31.50 -14.70
N ASP E 68 58.61 30.79 -13.59
CA ASP E 68 59.78 30.70 -12.74
C ASP E 68 60.16 29.23 -12.58
N THR E 69 61.46 28.93 -12.61
CA THR E 69 61.92 27.56 -12.49
C THR E 69 63.01 27.44 -11.42
N SER E 70 63.12 28.46 -10.59
CA SER E 70 64.12 28.49 -9.54
C SER E 70 63.73 27.61 -8.37
N PHE E 71 62.45 27.31 -8.26
CA PHE E 71 61.93 26.48 -7.18
C PHE E 71 62.45 25.05 -7.12
N TYR E 72 63.19 24.62 -8.15
CA TYR E 72 63.77 23.27 -8.14
C TYR E 72 65.00 23.11 -9.05
N ASN E 73 65.77 22.05 -8.82
CA ASN E 73 66.97 21.78 -9.60
C ASN E 73 66.71 20.66 -10.59
N PRO E 74 66.54 21.01 -11.88
CA PRO E 74 66.29 20.06 -12.95
C PRO E 74 67.39 19.01 -13.18
N ASP E 75 68.44 19.09 -12.35
CA ASP E 75 69.58 18.18 -12.45
C ASP E 75 69.48 17.05 -11.44
N THR E 76 69.14 17.42 -10.21
CA THR E 76 69.02 16.45 -9.14
C THR E 76 67.61 15.95 -9.00
N GLN E 77 66.63 16.72 -9.45
CA GLN E 77 65.25 16.29 -9.28
C GLN E 77 64.33 16.32 -10.48
N ARG E 78 63.10 15.87 -10.26
CA ARG E 78 62.07 15.79 -11.29
C ARG E 78 60.74 16.30 -10.74
N LEU E 79 59.76 16.54 -11.61
CA LEU E 79 58.47 17.05 -11.17
C LEU E 79 57.28 16.13 -11.43
N VAL E 80 56.31 16.15 -10.51
CA VAL E 80 55.12 15.34 -10.64
C VAL E 80 53.93 16.14 -10.17
N TRP E 81 52.78 15.89 -10.77
CA TRP E 81 51.55 16.59 -10.37
C TRP E 81 50.84 15.78 -9.28
N ALA E 82 50.33 16.48 -8.27
CA ALA E 82 49.60 15.83 -7.18
C ALA E 82 48.19 16.36 -7.15
N CYS E 83 47.22 15.46 -7.20
CA CYS E 83 45.82 15.85 -7.17
C CYS E 83 45.39 16.18 -5.74
N VAL E 84 44.94 17.41 -5.54
CA VAL E 84 44.55 17.89 -4.22
C VAL E 84 43.07 18.24 -4.10
N GLY E 85 42.39 18.42 -5.23
CA GLY E 85 41.00 18.77 -5.18
C GLY E 85 40.27 18.37 -6.44
N VAL E 86 39.08 17.77 -6.28
CA VAL E 86 38.28 17.34 -7.42
C VAL E 86 36.81 17.72 -7.26
N GLU E 87 36.18 18.12 -8.35
CA GLU E 87 34.78 18.45 -8.33
C GLU E 87 34.13 17.81 -9.54
N VAL E 88 33.33 16.78 -9.30
CA VAL E 88 32.65 16.11 -10.38
C VAL E 88 31.31 16.77 -10.58
N GLY E 89 31.24 17.69 -11.52
CA GLY E 89 29.98 18.36 -11.80
C GLY E 89 29.06 17.52 -12.65
N ARG E 90 27.78 17.48 -12.28
CA ARG E 90 26.76 16.74 -13.01
C ARG E 90 25.75 17.78 -13.45
N GLY E 91 25.15 17.60 -14.63
CA GLY E 91 24.26 18.63 -15.10
C GLY E 91 22.83 18.40 -15.49
N GLN E 92 22.33 17.18 -15.52
CA GLN E 92 20.94 17.08 -15.90
C GLN E 92 20.05 17.13 -14.63
N PRO E 93 18.72 17.27 -14.80
CA PRO E 93 17.92 17.29 -13.58
C PRO E 93 17.86 15.87 -12.97
N LEU E 94 17.63 15.76 -11.67
CA LEU E 94 17.57 14.44 -11.05
C LEU E 94 16.36 13.70 -11.57
N GLY E 95 16.48 12.40 -11.73
CA GLY E 95 15.36 11.60 -12.21
C GLY E 95 15.70 10.13 -12.31
N VAL E 96 14.70 9.28 -12.42
CA VAL E 96 14.96 7.84 -12.52
C VAL E 96 14.57 7.27 -13.87
N GLY E 97 15.47 6.42 -14.39
CA GLY E 97 15.26 5.75 -15.66
C GLY E 97 14.36 4.55 -15.54
N ILE E 98 14.59 3.53 -16.37
CA ILE E 98 13.74 2.36 -16.32
C ILE E 98 14.17 1.44 -17.45
N SER E 99 14.32 0.14 -17.18
CA SER E 99 14.76 -0.84 -18.17
C SER E 99 13.91 -2.09 -18.15
N GLY E 100 13.72 -2.71 -19.31
CA GLY E 100 12.95 -3.93 -19.34
C GLY E 100 13.40 -4.87 -20.43
N HIS E 101 12.54 -5.84 -20.74
CA HIS E 101 12.78 -6.81 -21.79
C HIS E 101 11.40 -7.26 -22.31
N PRO E 102 11.20 -7.24 -23.64
CA PRO E 102 9.93 -7.64 -24.26
C PRO E 102 9.64 -9.12 -23.99
N LEU E 103 10.69 -9.89 -23.76
CA LEU E 103 10.53 -11.31 -23.50
C LEU E 103 11.30 -11.74 -22.26
N LEU E 104 10.96 -11.13 -21.13
CA LEU E 104 11.62 -11.46 -19.86
C LEU E 104 11.14 -12.79 -19.32
N ASN E 105 12.07 -13.63 -18.87
CA ASN E 105 11.68 -14.92 -18.32
C ASN E 105 11.01 -14.76 -16.96
N LYS E 106 9.70 -14.50 -16.99
CA LYS E 106 8.93 -14.34 -15.78
C LYS E 106 7.67 -15.21 -15.87
N LEU E 107 7.66 -16.34 -15.16
CA LEU E 107 6.51 -17.23 -15.19
C LEU E 107 5.36 -16.55 -14.47
N ASP E 108 5.18 -16.85 -13.20
CA ASP E 108 4.08 -16.22 -12.48
C ASP E 108 4.48 -15.33 -11.32
N ASP E 109 3.48 -14.61 -10.80
CA ASP E 109 3.65 -13.70 -9.68
C ASP E 109 3.62 -14.56 -8.43
N THR E 110 4.76 -14.69 -7.76
CA THR E 110 4.82 -15.53 -6.57
C THR E 110 4.74 -14.77 -5.25
N GLU E 111 4.48 -13.46 -5.32
CA GLU E 111 4.35 -12.60 -4.14
C GLU E 111 3.06 -12.87 -3.38
N ASN E 112 2.07 -13.37 -4.09
CA ASN E 112 0.75 -13.65 -3.53
C ASN E 112 -0.11 -14.33 -4.60
N ALA E 113 -0.55 -15.56 -4.34
CA ALA E 113 -1.38 -16.28 -5.30
C ALA E 113 -2.61 -16.89 -4.66
N SER E 114 -3.76 -16.76 -5.34
CA SER E 114 -5.04 -17.26 -4.83
C SER E 114 -5.35 -18.72 -5.19
N ALA E 115 -4.64 -19.23 -6.20
CA ALA E 115 -4.82 -20.60 -6.66
C ALA E 115 -3.51 -21.04 -7.29
N TYR E 116 -3.29 -22.35 -7.36
CA TYR E 116 -2.04 -22.84 -7.94
C TYR E 116 -1.99 -22.44 -9.41
N ALA E 117 -0.86 -21.85 -9.79
CA ALA E 117 -0.64 -21.39 -11.15
C ALA E 117 -0.80 -22.54 -12.15
N ALA E 118 -1.20 -22.19 -13.37
CA ALA E 118 -1.43 -23.16 -14.46
C ALA E 118 -0.25 -24.10 -14.67
N ASN E 119 0.26 -24.13 -15.90
CA ASN E 119 1.38 -25.01 -16.24
C ASN E 119 2.24 -24.38 -17.35
N ALA E 120 3.55 -24.38 -17.13
CA ALA E 120 4.44 -23.81 -18.13
C ALA E 120 4.29 -24.49 -19.49
N GLY E 121 3.92 -23.73 -20.51
CA GLY E 121 3.79 -24.27 -21.84
C GLY E 121 5.09 -24.03 -22.58
N VAL E 122 5.02 -23.31 -23.67
CA VAL E 122 6.21 -23.00 -24.45
C VAL E 122 6.29 -21.48 -24.43
N ASP E 123 7.40 -20.93 -23.97
CA ASP E 123 7.54 -19.48 -23.97
C ASP E 123 6.40 -18.72 -23.23
N ASN E 124 6.56 -18.54 -21.92
CA ASN E 124 5.60 -17.82 -21.11
C ASN E 124 6.19 -16.46 -20.76
N ARG E 125 7.22 -16.06 -21.49
CA ARG E 125 7.89 -14.77 -21.25
C ARG E 125 6.94 -13.57 -21.36
N GLU E 126 7.16 -12.56 -20.54
CA GLU E 126 6.32 -11.34 -20.52
C GLU E 126 7.15 -10.10 -20.79
N CYS E 127 6.48 -9.05 -21.28
CA CYS E 127 7.13 -7.76 -21.55
C CYS E 127 7.15 -7.05 -20.19
N ILE E 128 8.33 -7.00 -19.56
CA ILE E 128 8.45 -6.40 -18.23
C ILE E 128 9.60 -5.45 -17.99
N SER E 129 9.30 -4.35 -17.29
CA SER E 129 10.33 -3.35 -16.98
C SER E 129 10.48 -3.14 -15.46
N MET E 130 11.55 -2.45 -15.07
CA MET E 130 11.81 -2.22 -13.66
C MET E 130 12.74 -1.03 -13.48
N ASP E 131 12.76 -0.46 -12.29
CA ASP E 131 13.65 0.66 -12.00
C ASP E 131 14.83 0.09 -11.20
N TYR E 132 15.97 0.06 -11.84
CA TYR E 132 17.19 -0.50 -11.26
C TYR E 132 17.56 0.06 -9.89
N LYS E 133 18.53 -0.57 -9.24
CA LYS E 133 18.99 -0.12 -7.94
C LYS E 133 19.82 1.13 -8.12
N GLN E 134 19.62 2.07 -7.19
CA GLN E 134 20.32 3.34 -7.19
C GLN E 134 21.80 3.21 -6.77
N THR E 135 22.68 3.84 -7.54
CA THR E 135 24.12 3.77 -7.26
C THR E 135 24.82 5.09 -7.59
N GLN E 136 25.62 5.57 -6.64
CA GLN E 136 26.42 6.79 -6.83
C GLN E 136 27.79 6.43 -6.34
N LEU E 137 28.81 6.60 -7.17
CA LEU E 137 30.16 6.29 -6.72
C LEU E 137 31.16 7.07 -7.52
N CYS E 138 32.32 7.30 -6.90
CA CYS E 138 33.39 8.03 -7.55
C CYS E 138 34.70 7.48 -7.04
N LEU E 139 35.53 7.01 -7.97
CA LEU E 139 36.84 6.46 -7.65
C LEU E 139 37.90 7.32 -8.32
N ILE E 140 38.97 7.64 -7.59
CA ILE E 140 40.07 8.44 -8.11
C ILE E 140 41.38 7.73 -7.78
N GLY E 141 42.28 7.66 -8.75
CA GLY E 141 43.58 7.04 -8.56
C GLY E 141 44.43 7.34 -9.79
N CYS E 142 45.67 6.88 -9.82
CA CYS E 142 46.52 7.11 -10.99
C CYS E 142 46.61 5.86 -11.86
N LYS E 143 45.83 4.84 -11.50
CA LYS E 143 45.78 3.59 -12.23
C LYS E 143 44.30 3.33 -12.48
N PRO E 144 43.96 2.64 -13.58
CA PRO E 144 42.55 2.38 -13.84
C PRO E 144 41.93 1.54 -12.72
N PRO E 145 40.61 1.68 -12.51
CA PRO E 145 39.84 0.96 -11.49
C PRO E 145 39.65 -0.54 -11.79
N ILE E 146 39.58 -1.34 -10.74
CA ILE E 146 39.43 -2.77 -10.92
C ILE E 146 38.13 -3.31 -10.35
N GLY E 147 37.43 -4.10 -11.15
CA GLY E 147 36.17 -4.66 -10.70
C GLY E 147 36.14 -6.16 -10.56
N GLU E 148 35.05 -6.66 -9.99
CA GLU E 148 34.84 -8.09 -9.82
C GLU E 148 33.45 -8.43 -10.32
N HIS E 149 33.30 -9.66 -10.82
CA HIS E 149 32.01 -10.15 -11.29
C HIS E 149 32.12 -11.64 -11.43
N TRP E 150 30.98 -12.33 -11.38
CA TRP E 150 30.98 -13.77 -11.50
C TRP E 150 30.86 -14.15 -12.97
N GLY E 151 31.70 -15.08 -13.41
CA GLY E 151 31.64 -15.52 -14.78
C GLY E 151 31.63 -17.03 -14.77
N LYS E 152 31.77 -17.63 -15.95
CA LYS E 152 31.79 -19.09 -16.05
C LYS E 152 33.21 -19.60 -15.85
N GLY E 153 33.44 -20.28 -14.73
CA GLY E 153 34.75 -20.83 -14.44
C GLY E 153 35.10 -21.99 -15.36
N SER E 154 36.37 -22.36 -15.38
CA SER E 154 36.83 -23.45 -16.20
C SER E 154 36.44 -24.74 -15.50
N PRO E 155 35.91 -25.74 -16.23
CA PRO E 155 35.50 -27.01 -15.61
C PRO E 155 36.68 -27.93 -15.26
N CYS E 156 36.48 -28.79 -14.25
CA CYS E 156 37.48 -29.76 -13.80
C CYS E 156 37.49 -30.94 -14.81
N THR E 157 38.68 -31.41 -15.20
CA THR E 157 38.78 -32.51 -16.17
C THR E 157 38.33 -33.84 -15.60
N GLN E 158 37.02 -34.07 -15.58
CA GLN E 158 36.48 -35.32 -15.09
C GLN E 158 35.17 -35.56 -15.79
N VAL E 159 34.15 -35.54 -14.96
CA VAL E 159 32.74 -35.73 -15.33
C VAL E 159 32.38 -34.82 -16.51
N ALA E 160 32.17 -35.39 -17.69
CA ALA E 160 31.87 -34.61 -18.86
C ALA E 160 30.59 -33.79 -18.69
N VAL E 161 30.71 -32.48 -18.85
CA VAL E 161 29.60 -31.56 -18.73
C VAL E 161 28.44 -31.99 -19.60
N GLN E 162 27.37 -32.49 -18.99
CA GLN E 162 26.19 -32.88 -19.75
C GLN E 162 25.54 -31.59 -20.24
N PRO E 163 25.04 -31.58 -21.48
CA PRO E 163 24.41 -30.34 -21.96
C PRO E 163 23.34 -29.87 -20.96
N GLY E 164 23.28 -28.56 -20.73
CA GLY E 164 22.31 -28.05 -19.79
C GLY E 164 22.79 -28.06 -18.35
N ASP E 165 23.91 -28.74 -18.09
CA ASP E 165 24.47 -28.79 -16.76
C ASP E 165 24.74 -27.37 -16.29
N CYS E 166 24.59 -27.13 -14.98
CA CYS E 166 24.85 -25.80 -14.45
C CYS E 166 26.33 -25.46 -14.63
N PRO E 167 26.64 -24.27 -15.18
CA PRO E 167 28.02 -23.87 -15.39
C PRO E 167 28.69 -23.48 -14.08
N PRO E 168 30.00 -23.73 -13.95
CA PRO E 168 30.75 -23.39 -12.73
C PRO E 168 31.01 -21.88 -12.60
N LEU E 169 30.96 -21.35 -11.39
CA LEU E 169 31.21 -19.92 -11.18
C LEU E 169 32.67 -19.65 -10.87
N GLU E 170 33.06 -18.40 -11.03
CA GLU E 170 34.44 -17.99 -10.75
C GLU E 170 34.45 -16.48 -10.64
N LEU E 171 34.92 -15.94 -9.51
CA LEU E 171 34.97 -14.50 -9.36
C LEU E 171 36.10 -14.03 -10.25
N ILE E 172 35.79 -13.14 -11.19
CA ILE E 172 36.79 -12.66 -12.14
C ILE E 172 37.14 -11.18 -12.01
N ASN E 173 38.42 -10.90 -11.77
CA ASN E 173 38.87 -9.53 -11.66
C ASN E 173 39.11 -8.99 -13.06
N THR E 174 38.65 -7.77 -13.30
CA THR E 174 38.77 -7.17 -14.61
C THR E 174 39.07 -5.68 -14.46
N VAL E 175 39.40 -5.01 -15.55
CA VAL E 175 39.66 -3.59 -15.51
C VAL E 175 38.34 -2.97 -15.85
N ILE E 176 37.88 -2.01 -15.06
CA ILE E 176 36.61 -1.36 -15.36
C ILE E 176 36.77 -0.33 -16.46
N GLN E 177 36.16 -0.62 -17.61
CA GLN E 177 36.27 0.27 -18.76
C GLN E 177 35.07 1.19 -18.89
N ASP E 178 35.30 2.29 -19.59
CA ASP E 178 34.25 3.28 -19.80
C ASP E 178 33.15 2.65 -20.61
N GLY E 179 31.93 2.69 -20.10
CA GLY E 179 30.83 2.10 -20.84
C GLY E 179 30.35 0.81 -20.24
N ASP E 180 31.15 0.21 -19.35
CA ASP E 180 30.77 -1.02 -18.69
C ASP E 180 29.49 -0.78 -17.90
N MET E 181 28.81 -1.85 -17.50
CA MET E 181 27.57 -1.71 -16.74
C MET E 181 27.77 -1.97 -15.24
N VAL E 182 26.96 -1.31 -14.42
CA VAL E 182 27.00 -1.43 -12.97
C VAL E 182 25.94 -2.43 -12.56
N ASP E 183 26.18 -3.13 -11.44
CA ASP E 183 25.22 -4.08 -10.93
C ASP E 183 23.92 -3.28 -10.80
N THR E 184 22.83 -3.85 -11.27
CA THR E 184 21.54 -3.16 -11.26
C THR E 184 20.50 -3.78 -10.33
N GLY E 185 20.91 -4.80 -9.58
CA GLY E 185 19.97 -5.45 -8.69
C GLY E 185 20.05 -6.95 -8.91
N PHE E 186 20.74 -7.36 -9.97
CA PHE E 186 20.89 -8.79 -10.22
C PHE E 186 22.31 -9.24 -9.93
N GLY E 187 23.04 -8.42 -9.16
CA GLY E 187 24.42 -8.74 -8.80
C GLY E 187 25.41 -8.46 -9.91
N ALA E 188 26.68 -8.72 -9.63
CA ALA E 188 27.72 -8.48 -10.63
C ALA E 188 28.14 -9.78 -11.29
N MET E 189 27.59 -10.04 -12.46
CA MET E 189 27.90 -11.26 -13.19
C MET E 189 27.86 -11.05 -14.69
N ASP E 190 28.42 -12.03 -15.40
CA ASP E 190 28.48 -12.01 -16.85
C ASP E 190 27.25 -12.76 -17.38
N PHE E 191 26.19 -12.01 -17.69
CA PHE E 191 24.94 -12.62 -18.13
C PHE E 191 24.96 -13.33 -19.48
N THR E 192 25.93 -12.95 -20.32
CA THR E 192 26.08 -13.56 -21.63
C THR E 192 26.55 -15.01 -21.49
N THR E 193 27.60 -15.21 -20.71
CA THR E 193 28.16 -16.54 -20.52
C THR E 193 27.54 -17.37 -19.41
N LEU E 194 26.58 -16.80 -18.68
CA LEU E 194 25.92 -17.50 -17.59
C LEU E 194 24.42 -17.63 -17.78
N GLN E 195 23.90 -17.06 -18.86
CA GLN E 195 22.47 -17.14 -19.12
C GLN E 195 22.19 -17.31 -20.61
N ALA E 196 22.11 -18.56 -21.05
CA ALA E 196 21.85 -18.88 -22.46
C ALA E 196 20.49 -18.34 -22.86
N ASN E 197 19.60 -18.33 -21.88
CA ASN E 197 18.24 -17.85 -22.02
C ASN E 197 18.10 -16.51 -22.77
N LYS E 198 19.03 -15.59 -22.52
CA LYS E 198 19.01 -14.26 -23.14
C LYS E 198 17.76 -13.47 -22.79
N SER E 199 17.06 -13.89 -21.74
CA SER E 199 15.82 -13.22 -21.34
C SER E 199 15.63 -13.13 -19.82
N GLU E 200 16.72 -13.29 -19.06
CA GLU E 200 16.61 -13.25 -17.60
C GLU E 200 16.59 -11.82 -17.05
N VAL E 201 17.19 -10.91 -17.78
CA VAL E 201 17.27 -9.53 -17.34
C VAL E 201 16.98 -8.59 -18.49
N PRO E 202 16.72 -7.30 -18.21
CA PRO E 202 16.41 -6.33 -19.26
C PRO E 202 17.49 -6.27 -20.35
N LEU E 203 17.12 -5.74 -21.52
CA LEU E 203 18.04 -5.63 -22.64
C LEU E 203 19.40 -4.96 -22.36
N ASP E 204 19.38 -3.83 -21.66
CA ASP E 204 20.62 -3.10 -21.39
C ASP E 204 21.77 -3.79 -20.65
N ILE E 205 21.50 -4.89 -19.95
CA ILE E 205 22.56 -5.63 -19.24
C ILE E 205 22.52 -7.07 -19.73
N CYS E 206 21.44 -7.37 -20.45
CA CYS E 206 21.14 -8.68 -21.02
C CYS E 206 22.30 -9.45 -21.66
N THR E 207 23.16 -8.78 -22.41
CA THR E 207 24.30 -9.45 -23.01
C THR E 207 25.57 -8.71 -22.62
N SER E 208 25.57 -8.14 -21.42
CA SER E 208 26.72 -7.42 -20.92
C SER E 208 27.24 -8.03 -19.63
N ILE E 209 28.19 -7.33 -19.01
CA ILE E 209 28.73 -7.80 -17.74
C ILE E 209 28.54 -6.68 -16.74
N CYS E 210 27.87 -6.98 -15.64
CA CYS E 210 27.69 -5.97 -14.62
C CYS E 210 28.84 -6.20 -13.65
N LYS E 211 29.70 -5.20 -13.54
CA LYS E 211 30.86 -5.29 -12.67
C LYS E 211 30.71 -4.42 -11.43
N TYR E 212 31.35 -4.87 -10.34
CA TYR E 212 31.29 -4.14 -9.08
C TYR E 212 32.73 -3.79 -8.71
N PRO E 213 32.99 -2.55 -8.27
CA PRO E 213 34.35 -2.19 -7.91
C PRO E 213 34.87 -3.17 -6.89
N ASP E 214 36.09 -3.67 -7.08
CA ASP E 214 36.64 -4.57 -6.08
C ASP E 214 37.41 -3.68 -5.07
N TYR E 215 36.65 -3.01 -4.21
CA TYR E 215 37.21 -2.12 -3.20
C TYR E 215 38.27 -2.83 -2.35
N ILE E 216 37.96 -4.05 -1.89
CA ILE E 216 38.88 -4.82 -1.04
C ILE E 216 40.26 -4.95 -1.69
N LYS E 217 40.28 -5.47 -2.91
CA LYS E 217 41.53 -5.68 -3.63
C LYS E 217 42.31 -4.40 -3.85
N MET E 218 41.61 -3.35 -4.31
CA MET E 218 42.25 -2.07 -4.59
C MET E 218 42.90 -1.43 -3.38
N VAL E 219 42.26 -1.54 -2.22
CA VAL E 219 42.81 -0.95 -1.00
C VAL E 219 43.96 -1.79 -0.45
N SER E 220 43.93 -3.08 -0.75
CA SER E 220 44.98 -3.98 -0.27
C SER E 220 46.22 -3.70 -1.08
N GLU E 221 46.00 -3.31 -2.33
CA GLU E 221 47.09 -2.97 -3.22
C GLU E 221 48.19 -2.27 -2.42
N PRO E 222 49.42 -2.81 -2.45
CA PRO E 222 50.59 -2.29 -1.75
C PRO E 222 50.90 -0.78 -1.90
N TYR E 223 50.98 -0.31 -3.14
CA TYR E 223 51.28 1.10 -3.39
C TYR E 223 50.04 1.98 -3.38
N GLY E 224 48.89 1.36 -3.59
CA GLY E 224 47.64 2.09 -3.60
C GLY E 224 47.50 3.15 -4.67
N ASP E 225 47.89 2.83 -5.89
CA ASP E 225 47.79 3.79 -7.00
C ASP E 225 46.44 3.72 -7.69
N SER E 226 45.85 2.54 -7.71
CA SER E 226 44.57 2.35 -8.38
C SER E 226 43.46 3.23 -7.83
N LEU E 227 43.49 3.51 -6.53
CA LEU E 227 42.48 4.38 -5.96
C LEU E 227 42.93 4.99 -4.62
N PHE E 228 43.07 6.32 -4.58
CA PHE E 228 43.46 6.95 -3.34
C PHE E 228 42.35 7.76 -2.72
N PHE E 229 41.12 7.53 -3.19
CA PHE E 229 39.95 8.22 -2.66
C PHE E 229 38.71 7.68 -3.34
N TYR E 230 37.62 7.53 -2.58
CA TYR E 230 36.38 7.06 -3.17
C TYR E 230 35.15 7.38 -2.35
N LEU E 231 33.99 7.43 -3.01
CA LEU E 231 32.72 7.69 -2.39
C LEU E 231 31.70 6.74 -3.02
N ARG E 232 31.04 5.96 -2.17
CA ARG E 232 30.05 5.02 -2.67
C ARG E 232 28.73 5.18 -1.94
N ARG E 233 27.65 5.03 -2.68
CA ARG E 233 26.32 5.16 -2.12
C ARG E 233 25.37 4.30 -2.97
N GLU E 234 24.93 3.19 -2.41
CA GLU E 234 24.04 2.29 -3.13
C GLU E 234 22.88 1.85 -2.23
N GLN E 235 21.69 1.73 -2.82
CA GLN E 235 20.51 1.31 -2.08
C GLN E 235 19.58 0.55 -3.01
N MET E 236 18.80 -0.36 -2.45
CA MET E 236 17.92 -1.17 -3.25
C MET E 236 16.90 -1.93 -2.40
N PHE E 237 15.72 -2.18 -2.97
CA PHE E 237 14.71 -2.97 -2.27
C PHE E 237 13.92 -3.80 -3.27
N VAL E 238 13.23 -4.83 -2.78
CA VAL E 238 12.45 -5.73 -3.60
C VAL E 238 11.07 -5.18 -3.96
N ARG E 239 10.86 -4.89 -5.23
CA ARG E 239 9.57 -4.38 -5.71
C ARG E 239 8.63 -5.55 -5.96
N HIS E 240 9.04 -6.52 -6.78
CA HIS E 240 8.22 -7.70 -7.06
C HIS E 240 8.95 -9.02 -6.88
N LEU E 241 8.18 -10.09 -6.64
CA LEU E 241 8.74 -11.42 -6.45
C LEU E 241 8.18 -12.38 -7.51
N PHE E 242 9.05 -12.80 -8.42
CA PHE E 242 8.66 -13.67 -9.51
C PHE E 242 9.23 -15.08 -9.54
N ASN E 243 8.76 -15.81 -10.55
CA ASN E 243 9.12 -17.19 -10.82
C ASN E 243 9.89 -17.24 -12.15
N ARG E 244 10.74 -18.23 -12.33
CA ARG E 244 11.45 -18.38 -13.61
C ARG E 244 10.90 -19.59 -14.38
N ALA E 245 10.53 -19.38 -15.64
CA ALA E 245 10.05 -20.48 -16.48
C ALA E 245 11.30 -21.20 -16.91
N GLY E 246 11.15 -22.41 -17.44
CA GLY E 246 12.30 -23.18 -17.85
C GLY E 246 12.16 -24.53 -17.20
N THR E 247 13.22 -25.33 -17.18
CA THR E 247 13.09 -26.64 -16.56
C THR E 247 14.02 -26.82 -15.39
N VAL E 248 13.55 -27.56 -14.39
CA VAL E 248 14.34 -27.79 -13.20
C VAL E 248 15.75 -28.25 -13.53
N GLY E 249 16.72 -27.44 -13.12
CA GLY E 249 18.12 -27.76 -13.33
C GLY E 249 18.53 -28.62 -12.17
N GLU E 250 18.00 -28.29 -10.99
CA GLU E 250 18.27 -29.02 -9.77
C GLU E 250 16.96 -29.16 -9.03
N ASN E 251 16.56 -30.40 -8.81
CA ASN E 251 15.30 -30.68 -8.13
C ASN E 251 15.30 -30.42 -6.63
N VAL E 252 14.13 -30.05 -6.13
CA VAL E 252 13.94 -29.77 -4.73
C VAL E 252 13.95 -31.08 -3.97
N PRO E 253 14.91 -31.27 -3.06
CA PRO E 253 14.99 -32.50 -2.25
C PRO E 253 13.66 -32.78 -1.59
N ASP E 254 13.10 -33.97 -1.81
CA ASP E 254 11.79 -34.29 -1.24
C ASP E 254 11.71 -34.39 0.27
N ASP E 255 12.83 -34.24 0.95
CA ASP E 255 12.83 -34.28 2.42
C ASP E 255 12.44 -32.90 2.94
N LEU E 256 12.26 -31.96 2.02
CA LEU E 256 11.88 -30.58 2.35
C LEU E 256 10.38 -30.28 2.20
N TYR E 257 9.58 -31.30 1.87
CA TYR E 257 8.14 -31.07 1.68
C TYR E 257 7.35 -32.36 1.53
N ILE E 258 6.04 -32.21 1.65
CA ILE E 258 5.12 -33.32 1.52
C ILE E 258 4.46 -33.26 0.15
N LYS E 259 4.62 -34.33 -0.63
CA LYS E 259 4.06 -34.43 -1.97
C LYS E 259 2.63 -33.95 -1.99
N GLY E 260 2.28 -33.24 -3.06
CA GLY E 260 0.92 -32.74 -3.19
C GLY E 260 0.06 -33.74 -3.93
N SER E 261 -0.90 -33.26 -4.71
CA SER E 261 -1.79 -34.14 -5.47
C SER E 261 -2.74 -33.29 -6.31
N GLY E 262 -3.28 -33.88 -7.38
CA GLY E 262 -4.17 -33.11 -8.23
C GLY E 262 -3.40 -31.96 -8.83
N SER E 263 -3.75 -30.74 -8.45
CA SER E 263 -3.05 -29.55 -8.95
C SER E 263 -1.65 -29.42 -8.31
N THR E 264 -1.60 -29.57 -6.99
CA THR E 264 -0.35 -29.48 -6.26
C THR E 264 0.50 -30.75 -6.41
N ALA E 265 0.13 -31.61 -7.36
CA ALA E 265 0.87 -32.84 -7.58
C ALA E 265 2.23 -32.49 -8.16
N ASN E 266 2.23 -31.52 -9.09
CA ASN E 266 3.44 -31.07 -9.74
C ASN E 266 3.96 -29.78 -9.11
N LEU E 267 5.21 -29.81 -8.67
CA LEU E 267 5.84 -28.66 -8.04
C LEU E 267 6.07 -27.49 -9.02
N ALA E 268 5.65 -26.30 -8.61
CA ALA E 268 5.84 -25.09 -9.42
C ALA E 268 7.32 -24.69 -9.29
N SER E 269 7.82 -23.95 -10.28
CA SER E 269 9.20 -23.49 -10.25
C SER E 269 9.51 -22.75 -8.96
N SER E 270 10.54 -23.21 -8.23
CA SER E 270 10.93 -22.53 -7.00
C SER E 270 12.23 -21.81 -7.27
N ASN E 271 12.39 -21.43 -8.54
CA ASN E 271 13.54 -20.66 -9.01
C ASN E 271 13.08 -19.20 -8.99
N TYR E 272 12.89 -18.65 -7.78
CA TYR E 272 12.42 -17.29 -7.62
C TYR E 272 13.48 -16.24 -7.93
N PHE E 273 13.01 -15.06 -8.32
CA PHE E 273 13.90 -13.95 -8.60
C PHE E 273 13.08 -12.70 -8.32
N PRO E 274 13.69 -11.72 -7.64
CA PRO E 274 13.01 -10.48 -7.31
C PRO E 274 13.32 -9.37 -8.31
N THR E 275 12.44 -8.39 -8.36
CA THR E 275 12.60 -7.22 -9.24
C THR E 275 13.17 -6.12 -8.36
N PRO E 276 14.31 -5.56 -8.74
CA PRO E 276 14.89 -4.50 -7.92
C PRO E 276 14.15 -3.18 -8.03
N SER E 277 14.53 -2.25 -7.16
CA SER E 277 13.99 -0.91 -7.16
C SER E 277 14.80 0.01 -6.30
N GLY E 278 15.54 0.92 -6.94
CA GLY E 278 16.30 1.91 -6.19
C GLY E 278 15.24 2.94 -5.92
N SER E 279 14.93 3.16 -4.67
CA SER E 279 13.86 4.08 -4.30
C SER E 279 13.99 5.47 -4.89
N MET E 280 13.47 6.44 -4.15
CA MET E 280 13.47 7.85 -4.54
C MET E 280 14.89 8.42 -4.61
N VAL E 281 15.09 9.39 -5.50
CA VAL E 281 16.39 10.04 -5.63
C VAL E 281 16.22 11.41 -5.01
N THR E 282 17.27 11.91 -4.37
CA THR E 282 17.16 13.19 -3.69
C THR E 282 18.40 14.06 -3.74
N SER E 283 18.18 15.37 -3.66
CA SER E 283 19.28 16.34 -3.68
C SER E 283 20.15 16.11 -2.46
N ASP E 284 19.52 16.15 -1.30
CA ASP E 284 20.23 15.99 -0.04
C ASP E 284 21.21 14.83 -0.07
N ALA E 285 20.94 13.83 -0.89
CA ALA E 285 21.83 12.67 -0.93
C ALA E 285 22.89 12.70 -2.03
N GLN E 286 22.99 13.81 -2.73
CA GLN E 286 23.94 13.96 -3.81
C GLN E 286 25.38 13.85 -3.37
N ILE E 287 26.18 13.24 -4.23
CA ILE E 287 27.60 13.02 -3.96
C ILE E 287 28.42 13.96 -4.80
N PHE E 288 27.84 14.37 -5.91
CA PHE E 288 28.54 15.24 -6.84
C PHE E 288 28.22 16.72 -6.64
N ASN E 289 28.86 17.56 -7.44
CA ASN E 289 28.72 19.00 -7.37
C ASN E 289 29.11 19.46 -5.97
N LYS E 290 30.11 18.78 -5.42
CA LYS E 290 30.66 19.05 -4.11
C LYS E 290 32.13 18.82 -4.35
N PRO E 291 32.99 19.62 -3.72
CA PRO E 291 34.43 19.41 -3.94
C PRO E 291 34.99 18.36 -2.98
N TYR E 292 35.97 17.60 -3.45
CA TYR E 292 36.60 16.57 -2.62
C TYR E 292 38.04 17.02 -2.40
N TRP E 293 38.43 17.20 -1.15
CA TRP E 293 39.79 17.60 -0.83
C TRP E 293 40.61 16.38 -0.48
N LEU E 294 41.43 15.94 -1.43
CA LEU E 294 42.28 14.76 -1.26
C LEU E 294 43.56 15.07 -0.50
N GLN E 295 43.44 15.40 0.79
CA GLN E 295 44.61 15.75 1.57
C GLN E 295 45.37 14.59 2.19
N ARG E 296 44.68 13.70 2.89
CA ARG E 296 45.34 12.57 3.53
C ARG E 296 44.78 11.32 2.90
N ALA E 297 45.61 10.57 2.20
CA ALA E 297 45.11 9.35 1.57
C ALA E 297 45.31 8.18 2.52
N GLN E 298 44.43 7.20 2.46
CA GLN E 298 44.54 6.01 3.31
C GLN E 298 45.61 5.06 2.76
N GLY E 299 45.96 5.25 1.49
CA GLY E 299 46.99 4.44 0.84
C GLY E 299 48.34 5.12 0.93
N HIS E 300 49.39 4.48 0.46
CA HIS E 300 50.71 5.09 0.51
C HIS E 300 50.90 6.14 -0.56
N ASN E 301 50.15 6.02 -1.65
CA ASN E 301 50.23 7.01 -2.69
C ASN E 301 49.25 8.10 -2.33
N ASN E 302 49.76 9.24 -1.88
CA ASN E 302 48.87 10.32 -1.49
C ASN E 302 48.50 11.25 -2.61
N GLY E 303 47.80 10.71 -3.60
CA GLY E 303 47.35 11.54 -4.70
C GLY E 303 48.40 11.96 -5.71
N ILE E 304 49.48 11.21 -5.79
CA ILE E 304 50.52 11.57 -6.76
C ILE E 304 50.10 10.95 -8.09
N CYS E 305 50.04 11.79 -9.13
CA CYS E 305 49.65 11.34 -10.48
C CYS E 305 50.83 10.88 -11.34
N TRP E 306 51.45 9.77 -10.94
CA TRP E 306 52.57 9.20 -11.67
C TRP E 306 52.17 9.05 -13.13
N GLY E 307 53.10 9.38 -14.03
CA GLY E 307 52.84 9.29 -15.45
C GLY E 307 52.03 10.46 -15.95
N ASN E 308 51.78 11.43 -15.10
CA ASN E 308 50.99 12.57 -15.50
C ASN E 308 49.61 12.10 -15.95
N GLN E 309 49.15 11.03 -15.30
CA GLN E 309 47.85 10.43 -15.57
C GLN E 309 46.98 10.60 -14.34
N LEU E 310 45.69 10.34 -14.51
CA LEU E 310 44.75 10.47 -13.41
C LEU E 310 43.45 9.81 -13.84
N PHE E 311 42.92 8.90 -13.01
CA PHE E 311 41.68 8.23 -13.34
C PHE E 311 40.52 8.63 -12.46
N VAL E 312 39.40 8.93 -13.09
CA VAL E 312 38.20 9.32 -12.36
C VAL E 312 37.07 8.48 -12.86
N THR E 313 36.66 7.54 -12.01
CA THR E 313 35.58 6.66 -12.34
C THR E 313 34.33 7.20 -11.65
N VAL E 314 33.20 7.17 -12.36
CA VAL E 314 31.93 7.65 -11.88
C VAL E 314 30.75 6.81 -12.33
N VAL E 315 29.74 6.74 -11.48
CA VAL E 315 28.49 6.04 -11.75
C VAL E 315 27.46 6.88 -11.02
N ASP E 316 26.45 7.35 -11.75
CA ASP E 316 25.42 8.16 -11.16
C ASP E 316 24.11 7.80 -11.81
N THR E 317 23.26 7.12 -11.05
CA THR E 317 21.96 6.71 -11.59
C THR E 317 20.87 7.61 -11.06
N THR E 318 21.26 8.77 -10.53
CA THR E 318 20.29 9.71 -10.00
C THR E 318 19.81 10.73 -11.05
N ARG E 319 20.23 10.49 -12.30
CA ARG E 319 19.89 11.35 -13.44
C ARG E 319 19.75 10.45 -14.65
N SER E 320 19.14 9.29 -14.42
CA SER E 320 18.95 8.28 -15.47
C SER E 320 17.71 8.45 -16.34
N THR E 321 17.05 9.59 -16.22
CA THR E 321 15.87 9.85 -17.03
C THR E 321 16.13 9.59 -18.52
N ASN E 322 15.23 8.81 -19.12
CA ASN E 322 15.33 8.53 -20.55
C ASN E 322 14.18 9.33 -21.14
N MET E 323 14.38 9.93 -22.30
CA MET E 323 13.32 10.70 -22.91
C MET E 323 12.86 10.08 -24.21
N SER E 324 11.56 9.88 -24.34
CA SER E 324 11.06 9.29 -25.57
C SER E 324 10.70 10.45 -26.49
N LEU E 325 11.18 10.38 -27.73
CA LEU E 325 10.86 11.40 -28.70
C LEU E 325 10.32 10.68 -29.93
N CYS E 326 9.12 11.05 -30.38
CA CYS E 326 8.55 10.40 -31.54
C CYS E 326 8.22 11.39 -32.65
N ALA E 327 8.57 11.00 -33.88
CA ALA E 327 8.32 11.82 -35.06
C ALA E 327 7.15 11.24 -35.85
N ALA E 328 6.33 12.12 -36.44
CA ALA E 328 5.17 11.71 -37.23
C ALA E 328 5.64 11.39 -38.64
N ILE E 329 5.05 10.37 -39.23
CA ILE E 329 5.43 10.00 -40.58
C ILE E 329 4.66 10.87 -41.56
N SER E 330 3.53 11.38 -41.10
CA SER E 330 2.68 12.25 -41.87
C SER E 330 2.08 13.31 -40.95
N THR E 331 2.02 14.54 -41.45
CA THR E 331 1.49 15.65 -40.66
C THR E 331 0.11 16.06 -41.15
N SER E 332 -0.64 15.10 -41.68
CA SER E 332 -1.95 15.38 -42.23
C SER E 332 -3.13 15.07 -41.29
N GLU E 333 -3.63 13.84 -41.42
CA GLU E 333 -4.77 13.31 -40.66
C GLU E 333 -4.88 13.87 -39.26
N THR E 334 -6.09 14.25 -38.89
CA THR E 334 -6.30 14.79 -37.58
C THR E 334 -6.81 13.68 -36.67
N THR E 335 -6.46 12.46 -37.03
CA THR E 335 -6.89 11.32 -36.24
C THR E 335 -5.66 10.50 -35.87
N TYR E 336 -5.48 10.27 -34.58
CA TYR E 336 -4.34 9.50 -34.12
C TYR E 336 -4.33 8.10 -34.70
N LYS E 337 -3.13 7.63 -35.06
CA LYS E 337 -2.91 6.31 -35.61
C LYS E 337 -1.52 5.90 -35.13
N ASN E 338 -1.44 4.82 -34.35
CA ASN E 338 -0.13 4.45 -33.78
C ASN E 338 0.92 4.36 -34.82
N THR E 339 0.43 4.24 -35.97
CA THR E 339 1.30 3.84 -36.96
C THR E 339 1.88 4.97 -37.71
N ASN E 340 1.23 6.08 -37.49
CA ASN E 340 1.67 7.28 -38.11
C ASN E 340 2.90 7.82 -37.36
N PHE E 341 3.16 7.31 -36.16
CA PHE E 341 4.27 7.80 -35.35
C PHE E 341 5.35 6.78 -34.95
N LYS E 342 6.58 7.14 -35.27
CA LYS E 342 7.72 6.29 -34.92
C LYS E 342 8.25 6.72 -33.55
N GLU E 343 8.15 5.84 -32.56
CA GLU E 343 8.62 6.10 -31.20
C GLU E 343 10.08 5.70 -31.00
N TYR E 344 10.84 6.56 -30.33
CA TYR E 344 12.24 6.26 -30.05
C TYR E 344 12.57 6.55 -28.59
N LEU E 345 13.82 6.27 -28.19
CA LEU E 345 14.31 6.52 -26.83
C LEU E 345 15.73 7.06 -26.90
N ARG E 346 16.02 8.06 -26.08
CA ARG E 346 17.33 8.67 -26.02
C ARG E 346 17.65 9.09 -24.59
N HIS E 347 18.93 9.03 -24.22
CA HIS E 347 19.33 9.43 -22.88
C HIS E 347 20.57 10.31 -22.93
N GLY E 348 20.54 11.40 -22.17
CA GLY E 348 21.69 12.29 -22.16
C GLY E 348 22.37 12.39 -20.81
N GLU E 349 23.68 12.49 -20.85
CA GLU E 349 24.49 12.61 -19.66
C GLU E 349 25.32 13.90 -19.78
N GLU E 350 25.46 14.63 -18.68
CA GLU E 350 26.24 15.88 -18.68
C GLU E 350 27.27 15.90 -17.55
N TYR E 351 28.54 16.04 -17.89
CA TYR E 351 29.61 16.09 -16.89
C TYR E 351 30.43 17.37 -17.00
N ASP E 352 31.23 17.61 -15.97
CA ASP E 352 32.11 18.77 -15.93
C ASP E 352 33.15 18.50 -14.84
N LEU E 353 34.32 18.06 -15.24
CA LEU E 353 35.37 17.74 -14.29
C LEU E 353 36.25 18.93 -13.99
N GLN E 354 36.58 19.12 -12.72
CA GLN E 354 37.44 20.23 -12.30
C GLN E 354 38.44 19.72 -11.28
N PHE E 355 39.68 20.19 -11.39
CA PHE E 355 40.72 19.74 -10.48
C PHE E 355 41.63 20.86 -10.01
N ILE E 356 42.30 20.60 -8.89
CA ILE E 356 43.27 21.54 -8.36
C ILE E 356 44.52 20.68 -8.21
N PHE E 357 45.59 21.05 -8.89
CA PHE E 357 46.82 20.25 -8.79
C PHE E 357 47.95 21.00 -8.09
N GLN E 358 48.74 20.24 -7.33
CA GLN E 358 49.87 20.79 -6.61
C GLN E 358 51.15 20.24 -7.19
N LEU E 359 52.04 21.13 -7.60
CA LEU E 359 53.33 20.72 -8.16
C LEU E 359 54.17 20.07 -7.07
N CYS E 360 54.90 19.03 -7.43
CA CYS E 360 55.76 18.33 -6.46
C CYS E 360 57.11 18.02 -7.09
N LYS E 361 58.11 17.82 -6.25
CA LYS E 361 59.45 17.56 -6.74
C LYS E 361 60.04 16.33 -6.06
N ILE E 362 60.86 15.59 -6.80
CA ILE E 362 61.51 14.39 -6.27
C ILE E 362 63.00 14.43 -6.52
N THR E 363 63.80 14.48 -5.47
CA THR E 363 65.25 14.48 -5.64
C THR E 363 65.64 13.03 -5.93
N LEU E 364 66.11 12.78 -7.15
CA LEU E 364 66.47 11.44 -7.57
C LEU E 364 67.74 10.87 -6.95
N THR E 365 67.70 10.58 -5.66
CA THR E 365 68.86 9.99 -5.00
C THR E 365 68.90 8.52 -5.36
N ALA E 366 69.90 7.81 -4.85
CA ALA E 366 70.05 6.39 -5.16
C ALA E 366 68.84 5.60 -4.71
N ASP E 367 68.58 5.67 -3.42
CA ASP E 367 67.47 4.99 -2.77
C ASP E 367 66.15 5.29 -3.44
N VAL E 368 65.92 6.57 -3.68
CA VAL E 368 64.69 6.98 -4.33
C VAL E 368 64.56 6.33 -5.70
N MET E 369 65.64 6.33 -6.48
CA MET E 369 65.60 5.72 -7.80
C MET E 369 65.38 4.22 -7.75
N THR E 370 65.96 3.58 -6.74
CA THR E 370 65.79 2.15 -6.58
C THR E 370 64.31 1.92 -6.31
N TYR E 371 63.77 2.63 -5.32
CA TYR E 371 62.36 2.48 -4.96
C TYR E 371 61.44 2.72 -6.14
N ILE E 372 61.50 3.92 -6.71
CA ILE E 372 60.64 4.25 -7.84
C ILE E 372 60.81 3.28 -8.98
N HIS E 373 62.03 2.77 -9.14
CA HIS E 373 62.28 1.81 -10.19
C HIS E 373 61.52 0.51 -9.92
N SER E 374 61.58 0.01 -8.69
CA SER E 374 60.86 -1.19 -8.34
C SER E 374 59.36 -0.97 -8.50
N MET E 375 58.89 0.11 -7.91
CA MET E 375 57.47 0.45 -7.94
C MET E 375 56.92 0.46 -9.35
N ASN E 376 57.53 1.25 -10.22
CA ASN E 376 57.06 1.34 -11.58
C ASN E 376 58.15 1.91 -12.47
N SER E 377 59.05 1.04 -12.92
CA SER E 377 60.15 1.45 -13.76
C SER E 377 59.86 2.48 -14.84
N THR E 378 58.66 2.44 -15.43
CA THR E 378 58.34 3.41 -16.47
C THR E 378 58.46 4.86 -16.01
N ILE E 379 58.24 5.11 -14.73
CA ILE E 379 58.34 6.47 -14.20
C ILE E 379 59.66 7.11 -14.60
N LEU E 380 60.76 6.48 -14.22
CA LEU E 380 62.09 6.96 -14.53
C LEU E 380 62.39 6.96 -16.03
N GLU E 381 61.99 5.90 -16.72
CA GLU E 381 62.25 5.81 -18.15
C GLU E 381 61.63 7.00 -18.87
N ASP E 382 60.40 7.34 -18.50
CA ASP E 382 59.71 8.45 -19.12
C ASP E 382 60.30 9.79 -18.71
N TRP E 383 60.91 9.86 -17.53
CA TRP E 383 61.48 11.13 -17.15
C TRP E 383 62.55 11.55 -18.12
N ASN E 384 63.68 12.07 -17.67
CA ASN E 384 64.65 12.53 -18.67
C ASN E 384 64.69 11.72 -19.97
N GLU E 419 54.55 4.25 -26.13
CA GLU E 419 53.23 3.80 -26.56
C GLU E 419 52.37 3.41 -25.35
N ASP E 420 51.05 3.64 -25.45
CA ASP E 420 50.07 3.37 -24.38
C ASP E 420 49.99 1.92 -23.87
N PRO E 421 50.36 1.68 -22.59
CA PRO E 421 50.32 0.33 -21.99
C PRO E 421 48.93 -0.25 -21.76
N LEU E 422 47.90 0.57 -21.95
CA LEU E 422 46.51 0.12 -21.79
C LEU E 422 45.71 0.38 -23.05
N LYS E 423 46.35 0.18 -24.20
CA LYS E 423 45.70 0.38 -25.50
C LYS E 423 44.52 -0.58 -25.66
N LYS E 424 44.63 -1.74 -25.03
CA LYS E 424 43.58 -2.77 -25.06
C LYS E 424 42.27 -2.27 -24.47
N TYR E 425 42.38 -1.44 -23.44
CA TYR E 425 41.19 -0.92 -22.76
C TYR E 425 40.72 0.40 -23.32
N THR E 426 39.44 0.69 -23.12
CA THR E 426 38.93 1.95 -23.64
C THR E 426 38.27 2.79 -22.54
N PHE E 427 38.62 4.08 -22.54
CA PHE E 427 38.03 5.01 -21.59
C PHE E 427 37.83 6.37 -22.21
N TRP E 428 36.98 7.18 -21.58
CA TRP E 428 36.72 8.53 -22.04
C TRP E 428 38.03 9.29 -21.92
N GLU E 429 38.69 9.54 -23.03
CA GLU E 429 39.95 10.26 -23.02
C GLU E 429 39.73 11.74 -22.74
N VAL E 430 40.47 12.27 -21.78
CA VAL E 430 40.34 13.70 -21.43
C VAL E 430 41.69 14.36 -21.44
N ASN E 431 41.85 15.33 -22.34
CA ASN E 431 43.13 16.02 -22.46
C ASN E 431 43.12 17.35 -21.73
N LEU E 432 43.97 17.48 -20.72
CA LEU E 432 44.04 18.71 -19.97
C LEU E 432 45.36 19.47 -20.14
N LYS E 433 46.21 18.99 -21.05
CA LYS E 433 47.50 19.63 -21.28
C LYS E 433 47.43 21.13 -21.56
N GLU E 434 46.32 21.59 -22.13
CA GLU E 434 46.15 23.00 -22.44
C GLU E 434 45.16 23.67 -21.50
N LYS E 435 44.81 23.00 -20.41
CA LYS E 435 43.82 23.52 -19.48
C LYS E 435 44.31 24.02 -18.13
N PHE E 436 45.59 23.86 -17.83
CA PHE E 436 46.11 24.31 -16.55
C PHE E 436 46.19 25.82 -16.47
N SER E 437 45.81 26.37 -15.33
CA SER E 437 45.84 27.81 -15.12
C SER E 437 46.30 28.12 -13.71
N ALA E 438 47.20 29.08 -13.56
CA ALA E 438 47.73 29.41 -12.25
C ALA E 438 46.79 30.30 -11.43
N ASP E 439 45.77 30.87 -12.08
CA ASP E 439 44.83 31.74 -11.36
C ASP E 439 43.58 31.04 -10.82
N LEU E 440 43.75 30.24 -9.77
CA LEU E 440 42.65 29.52 -9.14
C LEU E 440 41.48 30.46 -8.95
N ASP E 441 41.85 31.69 -8.63
CA ASP E 441 40.94 32.79 -8.40
C ASP E 441 39.81 32.83 -9.44
N GLN E 442 40.19 32.66 -10.70
CA GLN E 442 39.26 32.72 -11.83
C GLN E 442 38.31 31.53 -12.04
N PHE E 443 38.37 30.53 -11.15
CA PHE E 443 37.51 29.38 -11.31
C PHE E 443 36.75 29.03 -10.02
N PRO E 444 35.54 28.46 -10.17
CA PRO E 444 34.76 28.10 -8.99
C PRO E 444 35.46 27.10 -8.05
N LEU E 445 36.05 26.05 -8.61
CA LEU E 445 36.72 25.07 -7.75
C LEU E 445 37.92 25.76 -7.14
N GLY E 446 38.49 26.70 -7.89
CA GLY E 446 39.65 27.43 -7.41
C GLY E 446 39.35 28.31 -6.23
N ARG E 447 38.25 29.07 -6.33
CA ARG E 447 37.87 29.94 -5.23
C ARG E 447 37.65 29.04 -4.02
N LYS E 448 36.83 28.00 -4.18
CA LYS E 448 36.56 27.08 -3.10
C LYS E 448 37.83 26.60 -2.43
N PHE E 449 38.80 26.19 -3.23
CA PHE E 449 40.06 25.70 -2.69
C PHE E 449 40.77 26.77 -1.86
N LEU E 450 40.91 27.97 -2.42
CA LEU E 450 41.59 29.04 -1.69
C LEU E 450 40.89 29.28 -0.36
N LEU E 451 39.59 29.49 -0.42
CA LEU E 451 38.81 29.74 0.78
C LEU E 451 39.00 28.61 1.79
N GLN E 452 38.99 27.38 1.31
CA GLN E 452 39.15 26.22 2.18
C GLN E 452 40.53 26.17 2.79
N LEU E 453 41.56 26.24 1.97
CA LEU E 453 42.92 26.18 2.50
C LEU E 453 43.43 27.50 3.06
N GLY E 454 42.57 28.50 3.19
CA GLY E 454 43.00 29.80 3.69
C GLY E 454 44.14 30.41 2.87
N LEU E 455 45.38 30.06 3.22
CA LEU E 455 46.57 30.56 2.51
C LEU E 455 46.90 29.72 1.26
N ASP F 1 -1.10 -46.97 -2.42
CA ASP F 1 -1.25 -46.67 -3.89
C ASP F 1 -2.73 -46.53 -4.23
N ILE F 2 -3.01 -46.04 -5.43
CA ILE F 2 -4.37 -45.87 -5.91
C ILE F 2 -4.69 -47.11 -6.74
N VAL F 3 -5.85 -47.72 -6.51
CA VAL F 3 -6.23 -48.91 -7.25
C VAL F 3 -7.29 -48.58 -8.28
N MET F 4 -7.03 -48.97 -9.51
CA MET F 4 -7.97 -48.74 -10.60
C MET F 4 -8.61 -50.07 -10.95
N THR F 5 -9.92 -50.04 -11.17
CA THR F 5 -10.63 -51.24 -11.52
C THR F 5 -11.62 -50.91 -12.62
N GLN F 6 -11.80 -51.85 -13.53
CA GLN F 6 -12.79 -51.67 -14.56
C GLN F 6 -13.93 -52.65 -14.34
N SER F 7 -15.14 -52.19 -14.66
CA SER F 7 -16.38 -52.94 -14.41
C SER F 7 -16.32 -54.39 -14.85
N PRO F 8 -16.35 -54.59 -16.16
CA PRO F 8 -16.12 -55.91 -16.74
C PRO F 8 -14.68 -56.05 -17.21
N SER F 9 -14.23 -57.29 -17.32
CA SER F 9 -12.97 -57.54 -18.00
C SER F 9 -13.25 -57.94 -19.44
N TYR F 10 -14.53 -58.04 -19.78
CA TYR F 10 -14.87 -58.41 -21.14
C TYR F 10 -16.30 -58.05 -21.55
N LEU F 11 -16.45 -57.76 -22.84
CA LEU F 11 -17.73 -57.41 -23.42
C LEU F 11 -17.85 -58.07 -24.79
N SER F 12 -19.02 -58.60 -25.11
CA SER F 12 -19.26 -59.17 -26.41
C SER F 12 -20.07 -58.05 -27.05
N VAL F 13 -19.66 -57.59 -28.23
CA VAL F 13 -20.27 -56.44 -28.88
C VAL F 13 -20.55 -56.65 -30.35
N SER F 14 -21.30 -55.72 -30.94
CA SER F 14 -21.64 -55.80 -32.36
C SER F 14 -21.05 -54.63 -33.12
N LEU F 15 -20.66 -54.86 -34.37
CA LEU F 15 -20.07 -53.79 -35.16
C LEU F 15 -21.15 -52.74 -35.38
N GLY F 16 -20.79 -51.47 -35.25
CA GLY F 16 -21.79 -50.44 -35.41
C GLY F 16 -22.46 -49.89 -34.17
N GLY F 17 -22.43 -50.60 -33.06
CA GLY F 17 -23.07 -50.05 -31.87
C GLY F 17 -22.16 -49.19 -31.00
N ARG F 18 -22.72 -48.64 -29.93
CA ARG F 18 -21.97 -47.85 -28.98
C ARG F 18 -21.46 -48.74 -27.84
N VAL F 19 -20.18 -48.61 -27.54
CA VAL F 19 -19.56 -49.40 -26.48
C VAL F 19 -19.03 -48.47 -25.40
N THR F 20 -19.36 -48.78 -24.15
CA THR F 20 -18.86 -47.98 -23.03
C THR F 20 -18.05 -48.81 -22.06
N ILE F 21 -16.89 -48.29 -21.64
CA ILE F 21 -16.07 -48.98 -20.65
C ILE F 21 -15.82 -47.98 -19.52
N THR F 22 -16.36 -48.25 -18.34
CA THR F 22 -16.11 -47.38 -17.19
C THR F 22 -15.10 -47.95 -16.19
N CYS F 23 -14.31 -47.05 -15.63
CA CYS F 23 -13.25 -47.39 -14.69
C CYS F 23 -13.53 -46.58 -13.42
N LYS F 24 -13.29 -47.15 -12.25
CA LYS F 24 -13.53 -46.42 -11.02
C LYS F 24 -12.33 -46.49 -10.09
N ALA F 25 -11.88 -45.33 -9.60
CA ALA F 25 -10.66 -45.25 -8.82
C ALA F 25 -10.99 -45.50 -7.36
N SER F 26 -10.03 -46.04 -6.62
CA SER F 26 -10.22 -46.25 -5.19
C SER F 26 -10.24 -44.91 -4.47
N ASP F 27 -9.78 -43.86 -5.14
CA ASP F 27 -9.78 -42.52 -4.55
C ASP F 27 -9.96 -41.46 -5.63
N HIS F 28 -10.16 -40.22 -5.21
CA HIS F 28 -10.38 -39.13 -6.16
C HIS F 28 -9.07 -38.82 -6.88
N ILE F 29 -9.10 -38.88 -8.22
CA ILE F 29 -7.92 -38.56 -9.02
C ILE F 29 -8.17 -37.34 -9.90
N ASN F 30 -9.46 -36.71 -9.90
CA ASN F 30 -9.62 -35.37 -10.43
C ASN F 30 -9.29 -35.17 -11.90
N ASN F 31 -9.78 -36.06 -12.75
CA ASN F 31 -9.53 -35.99 -14.18
C ASN F 31 -8.08 -36.24 -14.64
N TRP F 32 -7.25 -36.75 -13.75
CA TRP F 32 -5.88 -37.11 -14.10
C TRP F 32 -5.93 -38.60 -14.47
N LEU F 33 -6.48 -38.90 -15.64
CA LEU F 33 -6.63 -40.29 -16.09
C LEU F 33 -6.50 -40.41 -17.60
N ALA F 34 -5.90 -41.54 -18.02
CA ALA F 34 -5.62 -41.82 -19.42
C ALA F 34 -6.25 -43.16 -19.82
N TRP F 35 -6.51 -43.30 -21.11
CA TRP F 35 -7.01 -44.56 -21.65
C TRP F 35 -6.04 -45.05 -22.70
N TYR F 36 -5.80 -46.35 -22.70
CA TYR F 36 -4.93 -46.97 -23.69
C TYR F 36 -5.64 -48.12 -24.39
N GLN F 37 -5.27 -48.43 -25.63
CA GLN F 37 -5.85 -49.50 -26.42
C GLN F 37 -4.68 -50.40 -26.79
N GLN F 38 -4.84 -51.70 -26.58
CA GLN F 38 -3.78 -52.61 -26.93
C GLN F 38 -4.27 -53.81 -27.68
N LYS F 39 -3.61 -54.10 -28.79
CA LYS F 39 -3.85 -55.29 -29.60
C LYS F 39 -2.74 -56.31 -29.32
N PRO F 40 -3.06 -57.60 -29.53
CA PRO F 40 -2.25 -58.80 -29.27
C PRO F 40 -0.77 -58.84 -29.57
N GLY F 41 -0.26 -58.01 -30.48
CA GLY F 41 1.17 -58.02 -30.66
C GLY F 41 1.90 -56.69 -30.59
N ASN F 42 1.40 -55.75 -29.81
CA ASN F 42 2.12 -54.49 -29.71
C ASN F 42 1.90 -53.73 -28.41
N ALA F 43 2.57 -52.59 -28.31
CA ALA F 43 2.46 -51.77 -27.14
C ALA F 43 1.11 -51.08 -27.08
N PRO F 44 0.71 -50.65 -25.88
CA PRO F 44 -0.58 -49.99 -25.73
C PRO F 44 -0.48 -48.64 -26.43
N ARG F 45 -1.60 -48.17 -26.98
CA ARG F 45 -1.64 -46.90 -27.69
C ARG F 45 -2.47 -45.90 -26.90
N LEU F 46 -1.94 -44.71 -26.69
CA LEU F 46 -2.66 -43.71 -25.91
C LEU F 46 -3.83 -43.16 -26.73
N LEU F 47 -5.04 -43.23 -26.17
CA LEU F 47 -6.23 -42.66 -26.80
C LEU F 47 -6.60 -41.37 -26.09
N ILE F 48 -6.70 -41.40 -24.71
CA ILE F 48 -7.16 -40.33 -23.85
C ILE F 48 -6.12 -39.89 -22.81
N SER F 49 -6.02 -38.58 -22.61
CA SER F 49 -5.27 -38.01 -21.51
C SER F 49 -6.20 -36.98 -20.83
N GLY F 50 -6.02 -36.76 -19.52
CA GLY F 50 -6.79 -35.73 -18.85
C GLY F 50 -8.28 -36.02 -18.91
N ALA F 51 -8.61 -37.31 -18.89
CA ALA F 51 -9.98 -37.82 -18.94
C ALA F 51 -10.80 -37.59 -20.20
N THR F 52 -10.66 -36.42 -20.83
CA THR F 52 -11.47 -36.07 -22.00
C THR F 52 -10.73 -35.75 -23.30
N SER F 53 -9.42 -35.59 -23.24
CA SER F 53 -8.68 -35.15 -24.41
C SER F 53 -8.21 -36.27 -25.36
N LEU F 54 -8.65 -36.05 -26.63
CA LEU F 54 -8.25 -36.96 -27.67
C LEU F 54 -6.84 -36.68 -28.16
N GLU F 55 -6.06 -37.73 -28.35
CA GLU F 55 -4.70 -37.58 -28.82
C GLU F 55 -4.70 -37.53 -30.34
N THR F 56 -3.64 -36.97 -30.92
CA THR F 56 -3.58 -36.83 -32.37
C THR F 56 -3.62 -38.21 -33.03
N GLY F 57 -4.45 -38.34 -34.06
CA GLY F 57 -4.54 -39.58 -34.79
C GLY F 57 -5.69 -40.45 -34.34
N VAL F 58 -6.20 -40.16 -33.15
CA VAL F 58 -7.28 -40.94 -32.58
C VAL F 58 -8.58 -40.55 -33.24
N PRO F 59 -9.29 -41.57 -33.80
CA PRO F 59 -10.59 -41.30 -34.44
C PRO F 59 -11.54 -40.60 -33.48
N SER F 60 -12.34 -39.69 -34.02
CA SER F 60 -13.30 -38.93 -33.24
C SER F 60 -14.46 -39.73 -32.65
N ARG F 61 -14.63 -40.98 -33.08
CA ARG F 61 -15.65 -41.82 -32.48
C ARG F 61 -15.29 -42.22 -31.05
N PHE F 62 -14.03 -42.04 -30.68
CA PHE F 62 -13.57 -42.32 -29.33
C PHE F 62 -13.76 -41.04 -28.51
N SER F 63 -14.20 -41.17 -27.27
CA SER F 63 -14.32 -40.03 -26.37
C SER F 63 -14.33 -40.52 -24.94
N GLY F 64 -14.03 -39.63 -24.02
CA GLY F 64 -14.01 -40.02 -22.62
C GLY F 64 -14.58 -38.95 -21.74
N SER F 65 -15.02 -39.33 -20.55
CA SER F 65 -15.56 -38.35 -19.62
C SER F 65 -15.61 -38.94 -18.21
N GLY F 66 -16.06 -38.10 -17.28
CA GLY F 66 -16.18 -38.52 -15.90
C GLY F 66 -15.45 -37.53 -15.00
N SER F 67 -15.43 -37.83 -13.72
CA SER F 67 -14.80 -36.95 -12.74
C SER F 67 -14.64 -37.62 -11.39
N GLY F 68 -13.80 -37.02 -10.56
CA GLY F 68 -13.62 -37.54 -9.22
C GLY F 68 -12.98 -38.91 -9.22
N LYS F 69 -13.81 -39.94 -9.25
CA LYS F 69 -13.31 -41.31 -9.25
C LYS F 69 -13.93 -42.18 -10.33
N ASP F 70 -14.90 -41.63 -11.07
CA ASP F 70 -15.57 -42.42 -12.09
C ASP F 70 -15.46 -41.90 -13.50
N PHE F 71 -14.83 -42.70 -14.35
CA PHE F 71 -14.58 -42.29 -15.72
C PHE F 71 -15.05 -43.34 -16.70
N THR F 72 -15.29 -42.92 -17.94
CA THR F 72 -15.77 -43.82 -18.97
C THR F 72 -15.22 -43.49 -20.35
N LEU F 73 -14.97 -44.54 -21.13
CA LEU F 73 -14.50 -44.40 -22.50
C LEU F 73 -15.69 -44.81 -23.36
N SER F 74 -16.00 -44.01 -24.38
CA SER F 74 -17.09 -44.35 -25.27
C SER F 74 -16.66 -44.44 -26.71
N ILE F 75 -17.11 -45.50 -27.37
CA ILE F 75 -16.82 -45.70 -28.78
C ILE F 75 -18.13 -45.84 -29.53
N THR F 76 -18.38 -44.90 -30.43
CA THR F 76 -19.57 -44.92 -31.26
C THR F 76 -19.28 -45.76 -32.52
N SER F 77 -20.32 -46.19 -33.22
CA SER F 77 -20.18 -46.98 -34.45
C SER F 77 -18.90 -47.81 -34.47
N LEU F 78 -18.83 -48.76 -33.55
CA LEU F 78 -17.67 -49.62 -33.40
C LEU F 78 -17.21 -50.24 -34.72
N GLN F 79 -15.92 -50.10 -35.00
CA GLN F 79 -15.30 -50.64 -36.23
C GLN F 79 -14.60 -51.94 -35.83
N THR F 80 -14.31 -52.80 -36.80
CA THR F 80 -13.63 -54.05 -36.48
C THR F 80 -12.23 -53.77 -35.92
N GLU F 81 -11.60 -52.71 -36.39
CA GLU F 81 -10.24 -52.40 -35.95
C GLU F 81 -10.27 -51.95 -34.49
N ASP F 82 -11.46 -51.62 -34.01
CA ASP F 82 -11.59 -51.20 -32.63
C ASP F 82 -11.65 -52.36 -31.65
N VAL F 83 -11.71 -53.59 -32.14
CA VAL F 83 -11.77 -54.71 -31.23
C VAL F 83 -10.40 -54.95 -30.61
N ALA F 84 -10.27 -54.67 -29.32
CA ALA F 84 -8.99 -54.78 -28.62
C ALA F 84 -9.18 -54.73 -27.10
N THR F 85 -8.11 -54.65 -26.33
CA THR F 85 -8.24 -54.53 -24.89
C THR F 85 -7.97 -53.07 -24.51
N TYR F 86 -8.80 -52.52 -23.64
CA TYR F 86 -8.66 -51.13 -23.24
C TYR F 86 -8.32 -51.02 -21.78
N HIS F 87 -7.41 -50.07 -21.42
CA HIS F 87 -6.97 -49.86 -20.05
C HIS F 87 -7.13 -48.41 -19.61
N CYS F 88 -7.44 -48.19 -18.33
CA CYS F 88 -7.41 -46.81 -17.81
C CYS F 88 -6.10 -46.73 -17.05
N GLN F 89 -5.66 -45.50 -16.75
CA GLN F 89 -4.48 -45.30 -15.92
C GLN F 89 -4.66 -44.04 -15.11
N GLN F 90 -4.29 -44.08 -13.83
CA GLN F 90 -4.28 -42.83 -13.05
C GLN F 90 -2.86 -42.35 -12.89
N TYR F 91 -2.67 -41.04 -12.95
CA TYR F 91 -1.38 -40.45 -12.69
C TYR F 91 -1.51 -39.28 -11.74
N TRP F 92 -2.46 -39.39 -10.80
CA TRP F 92 -2.64 -38.33 -9.83
C TRP F 92 -1.60 -38.55 -8.72
N SER F 93 -1.28 -39.80 -8.42
CA SER F 93 -0.26 -40.07 -7.41
C SER F 93 0.55 -41.32 -7.70
N THR F 94 1.87 -41.35 -7.30
CA THR F 94 2.72 -42.50 -7.58
C THR F 94 2.54 -43.49 -6.43
N PRO F 95 2.71 -44.78 -6.70
CA PRO F 95 3.02 -45.37 -8.01
C PRO F 95 1.86 -45.31 -9.00
N LEU F 96 2.17 -45.26 -10.29
CA LEU F 96 1.15 -45.04 -11.29
C LEU F 96 0.36 -46.35 -11.36
N THR F 97 -0.94 -46.28 -11.56
CA THR F 97 -1.73 -47.51 -11.55
C THR F 97 -2.60 -47.64 -12.79
N PHE F 98 -2.69 -48.85 -13.31
CA PHE F 98 -3.51 -49.18 -14.47
C PHE F 98 -4.68 -50.08 -14.07
N GLY F 99 -5.77 -50.01 -14.82
CA GLY F 99 -6.90 -50.88 -14.54
C GLY F 99 -6.54 -52.26 -15.11
N ALA F 100 -7.32 -53.27 -14.74
CA ALA F 100 -7.05 -54.64 -15.15
C ALA F 100 -7.30 -54.90 -16.63
N GLY F 101 -8.00 -53.98 -17.29
CA GLY F 101 -8.32 -54.14 -18.70
C GLY F 101 -9.68 -54.71 -19.04
N THR F 102 -10.25 -54.21 -20.13
CA THR F 102 -11.52 -54.70 -20.64
C THR F 102 -11.31 -55.12 -22.09
N LYS F 103 -11.53 -56.39 -22.36
CA LYS F 103 -11.34 -56.91 -23.70
C LYS F 103 -12.65 -56.96 -24.48
N LEU F 104 -12.64 -56.36 -25.68
CA LEU F 104 -13.81 -56.43 -26.54
C LEU F 104 -13.69 -57.65 -27.46
N GLU F 105 -14.79 -58.36 -27.61
CA GLU F 105 -14.89 -59.52 -28.49
C GLU F 105 -16.16 -59.30 -29.33
N LEU F 106 -16.18 -59.80 -30.56
CA LEU F 106 -17.37 -59.65 -31.38
C LEU F 106 -18.34 -60.81 -31.16
N LYS F 107 -19.61 -60.49 -30.98
CA LYS F 107 -20.65 -61.49 -30.73
C LYS F 107 -21.13 -62.18 -32.00
N ARG F 108 -21.37 -63.49 -31.91
CA ARG F 108 -21.87 -64.25 -33.04
C ARG F 108 -22.67 -65.44 -32.55
N ALA F 109 -23.36 -66.12 -33.47
CA ALA F 109 -24.17 -67.27 -33.08
C ALA F 109 -23.30 -68.38 -32.49
N GLN G 1 10.87 -42.30 -31.79
CA GLN G 1 11.27 -43.65 -32.15
C GLN G 1 12.14 -44.17 -30.99
N LEU G 2 11.76 -45.30 -30.42
CA LEU G 2 12.53 -45.92 -29.35
C LEU G 2 12.85 -47.34 -29.77
N GLN G 3 14.08 -47.75 -29.52
CA GLN G 3 14.53 -49.09 -29.86
C GLN G 3 14.93 -49.89 -28.63
N GLN G 4 14.31 -51.04 -28.46
CA GLN G 4 14.59 -51.89 -27.32
C GLN G 4 15.38 -53.11 -27.78
N SER G 5 15.91 -53.84 -26.81
CA SER G 5 16.70 -55.04 -27.08
C SER G 5 15.88 -56.24 -27.54
N GLY G 6 16.60 -57.22 -28.09
CA GLY G 6 15.97 -58.44 -28.57
C GLY G 6 15.61 -59.33 -27.40
N ALA G 7 14.95 -60.43 -27.71
CA ALA G 7 14.46 -61.37 -26.70
C ALA G 7 15.59 -62.04 -25.89
N GLU G 8 15.30 -62.29 -24.61
CA GLU G 8 16.24 -62.88 -23.67
C GLU G 8 15.74 -64.18 -23.03
N LEU G 9 16.68 -65.09 -22.73
CA LEU G 9 16.38 -66.35 -22.04
C LEU G 9 17.47 -66.45 -20.99
N VAL G 10 17.08 -66.42 -19.72
CA VAL G 10 18.04 -66.49 -18.63
C VAL G 10 17.63 -67.51 -17.59
N ARG G 11 18.61 -68.12 -16.95
CA ARG G 11 18.34 -69.20 -16.02
C ARG G 11 17.97 -68.59 -14.66
N PRO G 12 17.14 -69.29 -13.87
CA PRO G 12 16.72 -68.72 -12.58
C PRO G 12 17.92 -68.30 -11.74
N GLY G 13 17.81 -67.18 -11.05
CA GLY G 13 18.90 -66.69 -10.23
C GLY G 13 19.80 -65.70 -10.96
N SER G 14 19.93 -65.85 -12.27
CA SER G 14 20.71 -64.95 -13.15
C SER G 14 20.29 -63.46 -13.14
N SER G 15 20.66 -62.74 -14.20
CA SER G 15 20.34 -61.32 -14.32
C SER G 15 20.47 -60.80 -15.76
N VAL G 16 19.68 -59.77 -16.08
CA VAL G 16 19.62 -59.22 -17.42
C VAL G 16 19.64 -57.69 -17.42
N LYS G 17 20.26 -57.12 -18.46
CA LYS G 17 20.39 -55.68 -18.61
C LYS G 17 19.78 -55.40 -19.97
N ILE G 18 18.71 -54.59 -19.99
CA ILE G 18 18.02 -54.27 -21.22
C ILE G 18 18.05 -52.78 -21.51
N SER G 19 18.27 -52.45 -22.78
CA SER G 19 18.36 -51.08 -23.24
C SER G 19 17.17 -50.52 -24.05
N CYS G 20 17.00 -49.21 -23.98
CA CYS G 20 15.97 -48.52 -24.75
C CYS G 20 16.72 -47.31 -25.30
N LYS G 21 17.05 -47.31 -26.59
CA LYS G 21 17.75 -46.18 -27.21
C LYS G 21 16.83 -45.09 -27.78
N ALA G 22 17.06 -43.89 -27.38
CA ALA G 22 16.22 -42.75 -27.80
C ALA G 22 16.71 -42.15 -29.09
N SER G 23 15.77 -41.70 -29.92
CA SER G 23 16.09 -41.07 -31.19
C SER G 23 14.90 -40.23 -31.68
N GLY G 24 15.20 -39.15 -32.44
CA GLY G 24 14.19 -38.25 -33.02
C GLY G 24 13.85 -37.04 -32.17
N TYR G 25 14.61 -36.82 -31.09
CA TYR G 25 14.36 -35.70 -30.18
C TYR G 25 15.55 -35.55 -29.24
N ALA G 26 15.51 -34.49 -28.41
CA ALA G 26 16.54 -34.17 -27.40
C ALA G 26 16.31 -34.88 -26.05
N PHE G 27 16.99 -36.01 -25.91
CA PHE G 27 16.87 -36.88 -24.75
C PHE G 27 17.14 -36.17 -23.40
N SER G 28 18.08 -35.22 -23.39
CA SER G 28 18.61 -34.61 -22.15
C SER G 28 17.56 -33.85 -21.32
N SER G 29 16.39 -33.62 -21.92
CA SER G 29 15.26 -32.97 -21.26
C SER G 29 14.17 -33.92 -20.69
N TYR G 30 14.20 -35.33 -20.93
CA TYR G 30 13.08 -36.25 -20.59
C TYR G 30 13.52 -37.39 -19.74
N TRP G 31 12.63 -37.80 -18.84
CA TRP G 31 12.81 -39.08 -18.12
C TRP G 31 12.44 -40.27 -19.00
N MET G 32 12.69 -41.46 -18.46
CA MET G 32 12.18 -42.69 -19.06
C MET G 32 11.37 -43.53 -18.05
N ASN G 33 10.16 -43.94 -18.47
CA ASN G 33 9.29 -44.78 -17.69
C ASN G 33 9.29 -46.22 -18.17
N TRP G 34 9.27 -47.17 -17.21
CA TRP G 34 9.28 -48.63 -17.52
C TRP G 34 8.06 -49.35 -16.87
N VAL G 35 7.43 -50.24 -17.64
CA VAL G 35 6.36 -51.08 -17.09
C VAL G 35 6.52 -52.53 -17.42
N LYS G 36 5.69 -53.35 -16.84
CA LYS G 36 5.71 -54.80 -16.97
C LYS G 36 4.31 -55.38 -17.28
N GLN G 37 4.27 -56.36 -18.19
CA GLN G 37 3.03 -57.04 -18.57
C GLN G 37 3.25 -58.55 -18.70
N ARG G 38 2.60 -59.34 -17.85
CA ARG G 38 2.72 -60.80 -17.94
C ARG G 38 1.75 -61.32 -19.00
N PRO G 39 2.05 -62.48 -19.62
CA PRO G 39 1.22 -63.09 -20.67
C PRO G 39 -0.28 -63.15 -20.39
N GLY G 40 -1.04 -62.48 -21.25
CA GLY G 40 -2.49 -62.44 -21.14
C GLY G 40 -2.98 -61.62 -19.96
N GLN G 41 -2.08 -60.83 -19.36
CA GLN G 41 -2.43 -60.04 -18.18
C GLN G 41 -2.26 -58.53 -18.36
N GLY G 42 -2.51 -57.78 -17.28
CA GLY G 42 -2.38 -56.33 -17.31
C GLY G 42 -1.03 -55.66 -17.11
N LEU G 43 -1.06 -54.33 -17.07
CA LEU G 43 0.11 -53.48 -16.93
C LEU G 43 0.44 -53.09 -15.50
N GLU G 44 1.73 -53.07 -15.16
CA GLU G 44 2.21 -52.68 -13.84
C GLU G 44 3.37 -51.69 -13.96
N TRP G 45 3.39 -50.68 -13.10
CA TRP G 45 4.45 -49.66 -13.12
C TRP G 45 5.71 -50.04 -12.33
N ILE G 46 6.90 -49.95 -12.99
CA ILE G 46 8.14 -50.29 -12.29
C ILE G 46 8.81 -49.05 -11.69
N GLY G 47 9.07 -48.06 -12.53
CA GLY G 47 9.76 -46.88 -12.06
C GLY G 47 10.06 -45.94 -13.19
N GLN G 48 10.71 -44.83 -12.84
CA GLN G 48 11.10 -43.82 -13.81
C GLN G 48 12.39 -43.17 -13.33
N ILE G 49 13.19 -42.76 -14.29
CA ILE G 49 14.56 -42.33 -14.03
C ILE G 49 14.74 -40.94 -14.59
N TYR G 50 15.47 -40.11 -13.85
CA TYR G 50 15.95 -38.85 -14.39
C TYR G 50 17.40 -39.16 -14.71
N PRO G 51 17.72 -39.36 -16.00
CA PRO G 51 19.08 -39.63 -16.45
C PRO G 51 20.15 -38.66 -15.92
N GLY G 52 19.81 -37.37 -15.92
CA GLY G 52 20.77 -36.34 -15.56
C GLY G 52 21.60 -36.60 -14.32
N ASP G 53 20.93 -36.86 -13.20
CA ASP G 53 21.62 -37.13 -11.94
C ASP G 53 21.35 -38.53 -11.42
N GLY G 54 20.81 -39.40 -12.27
CA GLY G 54 20.43 -40.74 -11.87
C GLY G 54 19.34 -40.87 -10.82
N ALA G 55 18.56 -39.82 -10.59
CA ALA G 55 17.49 -39.88 -9.59
C ALA G 55 16.41 -40.81 -10.14
N THR G 56 15.70 -41.50 -9.26
CA THR G 56 14.66 -42.42 -9.71
C THR G 56 13.66 -42.79 -8.64
N ASN G 57 12.40 -43.12 -9.16
CA ASN G 57 11.45 -43.48 -8.12
C ASN G 57 11.15 -44.95 -8.33
N TYR G 58 10.95 -45.68 -7.22
CA TYR G 58 10.67 -47.11 -7.27
C TYR G 58 9.28 -47.53 -6.84
N ASN G 59 8.66 -48.43 -7.60
CA ASN G 59 7.47 -49.10 -7.11
C ASN G 59 7.99 -50.11 -6.11
N GLY G 60 7.46 -50.07 -4.90
CA GLY G 60 7.89 -50.97 -3.85
C GLY G 60 8.13 -52.42 -4.27
N LYS G 61 7.21 -52.95 -5.07
CA LYS G 61 7.33 -54.30 -5.61
C LYS G 61 8.66 -54.56 -6.31
N PHE G 62 9.20 -53.55 -6.97
CA PHE G 62 10.47 -53.70 -7.69
C PHE G 62 11.69 -53.02 -7.06
N LYS G 63 11.64 -52.74 -5.76
CA LYS G 63 12.77 -52.11 -5.08
C LYS G 63 14.14 -52.79 -5.11
N GLY G 64 14.22 -54.02 -4.61
CA GLY G 64 15.49 -54.72 -4.68
C GLY G 64 15.73 -55.40 -6.02
N LYS G 65 14.64 -55.67 -6.73
CA LYS G 65 14.70 -56.30 -8.04
C LYS G 65 15.19 -55.40 -9.18
N ALA G 66 14.74 -54.14 -9.19
CA ALA G 66 15.11 -53.26 -10.28
C ALA G 66 16.09 -52.13 -9.98
N THR G 67 16.94 -51.86 -10.92
CA THR G 67 17.83 -50.69 -10.86
C THR G 67 17.79 -50.05 -12.23
N LEU G 68 17.60 -48.73 -12.26
CA LEU G 68 17.60 -47.96 -13.51
C LEU G 68 18.83 -47.10 -13.73
N THR G 69 19.34 -47.09 -14.97
CA THR G 69 20.45 -46.24 -15.36
C THR G 69 20.25 -45.68 -16.77
N ALA G 70 21.06 -44.70 -17.18
CA ALA G 70 20.99 -44.14 -18.52
C ALA G 70 22.29 -43.45 -18.99
N ASP G 71 22.62 -43.65 -20.26
CA ASP G 71 23.83 -43.11 -20.88
C ASP G 71 23.47 -41.83 -21.64
N LYS G 72 23.68 -40.67 -21.02
CA LYS G 72 23.35 -39.39 -21.65
C LYS G 72 24.05 -39.17 -22.99
N SER G 73 25.29 -39.65 -23.10
CA SER G 73 26.10 -39.43 -24.29
C SER G 73 25.50 -40.13 -25.50
N SER G 74 24.80 -41.24 -25.25
CA SER G 74 24.15 -42.01 -26.31
C SER G 74 22.62 -42.04 -26.18
N SER G 75 22.10 -41.30 -25.20
CA SER G 75 20.66 -41.19 -24.97
C SER G 75 19.99 -42.55 -24.85
N THR G 76 20.48 -43.38 -23.95
CA THR G 76 19.93 -44.72 -23.80
C THR G 76 19.61 -45.03 -22.35
N ALA G 77 18.43 -45.62 -22.14
CA ALA G 77 17.98 -46.01 -20.81
C ALA G 77 18.31 -47.50 -20.64
N PHE G 78 18.56 -47.90 -19.39
CA PHE G 78 18.88 -49.29 -19.07
C PHE G 78 18.12 -49.70 -17.81
N MET G 79 17.72 -50.96 -17.76
CA MET G 79 17.07 -51.53 -16.58
C MET G 79 17.67 -52.91 -16.36
N GLN G 80 18.04 -53.20 -15.12
CA GLN G 80 18.59 -54.50 -14.78
C GLN G 80 17.70 -55.12 -13.73
N ILE G 81 17.51 -56.43 -13.85
CA ILE G 81 16.67 -57.20 -12.95
C ILE G 81 17.57 -58.21 -12.23
N SER G 82 17.39 -58.39 -10.92
CA SER G 82 18.21 -59.33 -10.16
C SER G 82 17.44 -60.51 -9.61
N SER G 83 18.15 -61.64 -9.42
CA SER G 83 17.62 -62.85 -8.77
C SER G 83 16.29 -63.26 -9.42
N LEU G 84 16.37 -63.47 -10.74
CA LEU G 84 15.20 -63.73 -11.57
C LEU G 84 14.50 -65.06 -11.28
N THR G 85 13.17 -65.01 -11.25
CA THR G 85 12.36 -66.18 -11.00
C THR G 85 11.28 -66.29 -12.08
N SER G 86 10.41 -67.28 -11.95
CA SER G 86 9.34 -67.51 -12.90
C SER G 86 8.38 -66.32 -12.97
N GLU G 87 8.26 -65.58 -11.88
CA GLU G 87 7.38 -64.41 -11.85
C GLU G 87 7.92 -63.23 -12.68
N ASP G 88 9.19 -63.27 -13.04
CA ASP G 88 9.78 -62.18 -13.81
C ASP G 88 9.65 -62.37 -15.32
N SER G 89 9.11 -63.51 -15.75
CA SER G 89 8.95 -63.73 -17.17
C SER G 89 7.77 -62.86 -17.63
N ALA G 90 8.05 -61.96 -18.56
CA ALA G 90 7.07 -60.98 -18.98
C ALA G 90 7.66 -60.15 -20.11
N VAL G 91 6.82 -59.30 -20.71
CA VAL G 91 7.27 -58.36 -21.72
C VAL G 91 7.43 -57.02 -21.01
N TYR G 92 8.58 -56.40 -21.19
CA TYR G 92 8.88 -55.11 -20.55
C TYR G 92 8.85 -54.00 -21.58
N PHE G 93 8.31 -52.84 -21.19
CA PHE G 93 8.22 -51.68 -22.10
C PHE G 93 8.87 -50.45 -21.50
N CYS G 94 9.46 -49.64 -22.36
CA CYS G 94 10.02 -48.34 -21.97
C CYS G 94 9.04 -47.32 -22.56
N ALA G 95 8.88 -46.19 -21.89
CA ALA G 95 7.94 -45.16 -22.31
C ALA G 95 8.29 -43.74 -21.85
N ARG G 96 8.14 -42.78 -22.75
CA ARG G 96 8.50 -41.38 -22.48
C ARG G 96 7.34 -40.54 -21.89
N PRO G 97 7.66 -39.70 -20.70
CA PRO G 97 6.75 -38.75 -20.11
C PRO G 97 6.37 -37.69 -21.10
N TYR G 98 5.08 -37.38 -21.16
CA TYR G 98 4.59 -36.48 -22.18
C TYR G 98 5.25 -35.13 -22.05
N ARG G 99 5.41 -34.64 -20.74
CA ARG G 99 5.65 -33.23 -20.47
C ARG G 99 7.00 -32.96 -19.84
N TYR G 100 8.08 -33.32 -20.52
CA TYR G 100 9.46 -33.02 -20.12
C TYR G 100 9.86 -33.70 -18.80
N ASP G 101 9.94 -32.95 -17.71
CA ASP G 101 10.31 -33.54 -16.42
C ASP G 101 9.09 -33.91 -15.59
N GLY G 102 7.90 -33.74 -16.15
CA GLY G 102 6.67 -34.05 -15.43
C GLY G 102 6.15 -35.44 -15.84
N GLY G 103 5.47 -36.12 -14.92
CA GLY G 103 4.93 -37.44 -15.24
C GLY G 103 3.40 -37.51 -15.22
N VAL G 104 2.77 -36.61 -15.96
CA VAL G 104 1.31 -36.50 -16.01
C VAL G 104 0.92 -36.47 -17.49
N TYR G 105 -0.38 -36.46 -17.78
CA TYR G 105 -0.82 -36.49 -19.17
C TYR G 105 -0.33 -37.72 -19.93
N ALA G 106 -0.06 -38.80 -19.20
CA ALA G 106 0.16 -40.11 -19.81
C ALA G 106 1.51 -40.30 -20.48
N MET G 107 1.71 -41.46 -21.11
CA MET G 107 2.97 -41.82 -21.73
C MET G 107 2.66 -41.73 -23.23
N ASP G 108 3.25 -40.76 -23.93
CA ASP G 108 2.98 -40.59 -25.35
C ASP G 108 3.79 -41.35 -26.41
N TYR G 109 5.00 -41.83 -26.08
CA TYR G 109 5.82 -42.66 -27.00
C TYR G 109 6.30 -43.91 -26.28
N TRP G 110 5.96 -45.29 -26.89
CA TRP G 110 6.38 -46.50 -26.22
C TRP G 110 7.36 -47.27 -27.09
N GLY G 111 8.19 -48.09 -26.44
CA GLY G 111 9.11 -48.94 -27.16
C GLY G 111 8.35 -50.15 -27.69
N GLN G 112 8.99 -50.95 -28.53
CA GLN G 112 8.32 -52.10 -29.13
C GLN G 112 8.05 -53.23 -28.14
N GLY G 113 8.82 -53.26 -27.05
CA GLY G 113 8.68 -54.30 -26.05
C GLY G 113 9.78 -55.33 -26.15
N THR G 114 10.29 -55.79 -25.00
CA THR G 114 11.30 -56.83 -24.97
C THR G 114 10.84 -57.99 -24.06
N SER G 115 10.81 -59.18 -24.63
CA SER G 115 10.39 -60.39 -23.92
C SER G 115 11.53 -61.07 -23.17
N VAL G 116 11.27 -61.38 -21.91
CA VAL G 116 12.23 -62.08 -21.06
C VAL G 116 11.61 -63.37 -20.53
N THR G 117 12.34 -64.47 -20.74
CA THR G 117 11.94 -65.78 -20.25
C THR G 117 12.97 -66.26 -19.22
N VAL G 118 12.49 -66.61 -18.03
CA VAL G 118 13.38 -67.14 -16.98
C VAL G 118 13.13 -68.66 -16.93
N SER G 119 14.11 -69.45 -17.34
CA SER G 119 13.94 -70.90 -17.41
C SER G 119 15.22 -71.71 -17.47
N ASP H 1 -35.48 -21.82 17.81
CA ASP H 1 -35.03 -22.82 16.81
C ASP H 1 -35.74 -22.59 15.48
N ILE H 2 -35.27 -23.27 14.44
CA ILE H 2 -35.86 -23.17 13.12
C ILE H 2 -36.82 -24.35 12.99
N VAL H 3 -38.04 -24.11 12.52
CA VAL H 3 -39.02 -25.18 12.37
C VAL H 3 -39.18 -25.54 10.92
N MET H 4 -39.04 -26.83 10.63
CA MET H 4 -39.20 -27.34 9.28
C MET H 4 -40.53 -28.06 9.21
N THR H 5 -41.25 -27.84 8.12
CA THR H 5 -42.53 -28.50 7.94
C THR H 5 -42.63 -28.95 6.49
N GLN H 6 -43.25 -30.10 6.29
CA GLN H 6 -43.49 -30.56 4.95
C GLN H 6 -44.97 -30.51 4.65
N SER H 7 -45.30 -30.20 3.40
CA SER H 7 -46.67 -29.97 2.96
C SER H 7 -47.64 -31.05 3.40
N PRO H 8 -47.52 -32.22 2.78
CA PRO H 8 -48.25 -33.40 3.23
C PRO H 8 -47.39 -34.28 4.10
N SER H 9 -48.03 -35.10 4.91
CA SER H 9 -47.30 -36.16 5.59
C SER H 9 -47.45 -37.46 4.80
N TYR H 10 -48.23 -37.41 3.73
CA TYR H 10 -48.42 -38.59 2.93
C TYR H 10 -48.92 -38.34 1.52
N LEU H 11 -48.51 -39.22 0.60
CA LEU H 11 -48.90 -39.15 -0.79
C LEU H 11 -49.16 -40.56 -1.30
N SER H 12 -50.21 -40.71 -2.09
CA SER H 12 -50.50 -42.00 -2.71
C SER H 12 -50.00 -41.74 -4.13
N VAL H 13 -49.13 -42.62 -4.64
CA VAL H 13 -48.49 -42.41 -5.92
C VAL H 13 -48.49 -43.64 -6.80
N SER H 14 -48.11 -43.46 -8.06
CA SER H 14 -48.07 -44.56 -9.02
C SER H 14 -46.64 -44.80 -9.50
N LEU H 15 -46.30 -46.06 -9.75
CA LEU H 15 -44.95 -46.38 -10.20
C LEU H 15 -44.76 -45.72 -11.57
N GLY H 16 -43.61 -45.12 -11.78
CA GLY H 16 -43.40 -44.46 -13.05
C GLY H 16 -43.66 -42.97 -13.14
N GLY H 17 -44.43 -42.40 -12.22
CA GLY H 17 -44.66 -40.97 -12.32
C GLY H 17 -43.66 -40.12 -11.57
N ARG H 18 -43.82 -38.80 -11.66
CA ARG H 18 -42.96 -37.85 -10.96
C ARG H 18 -43.59 -37.51 -9.60
N VAL H 19 -42.77 -37.57 -8.57
CA VAL H 19 -43.22 -37.27 -7.22
C VAL H 19 -42.44 -36.08 -6.66
N THR H 20 -43.15 -35.10 -6.12
CA THR H 20 -42.49 -33.95 -5.53
C THR H 20 -42.85 -33.80 -4.05
N ILE H 21 -41.85 -33.55 -3.23
CA ILE H 21 -42.08 -33.30 -1.80
C ILE H 21 -41.43 -31.97 -1.47
N THR H 22 -42.22 -30.96 -1.12
CA THR H 22 -41.66 -29.67 -0.72
C THR H 22 -41.71 -29.43 0.78
N CYS H 23 -40.66 -28.77 1.27
CA CYS H 23 -40.48 -28.48 2.68
C CYS H 23 -40.31 -26.95 2.79
N LYS H 24 -40.86 -26.34 3.82
CA LYS H 24 -40.73 -24.89 3.96
C LYS H 24 -40.25 -24.53 5.37
N ALA H 25 -39.21 -23.70 5.44
CA ALA H 25 -38.58 -23.39 6.71
C ALA H 25 -39.30 -22.21 7.34
N SER H 26 -39.29 -22.14 8.67
CA SER H 26 -39.89 -21.01 9.36
C SER H 26 -39.03 -19.76 9.15
N ASP H 27 -37.80 -19.94 8.68
CA ASP H 27 -36.91 -18.82 8.39
C ASP H 27 -35.97 -19.14 7.24
N HIS H 28 -35.24 -18.15 6.76
CA HIS H 28 -34.34 -18.34 5.65
C HIS H 28 -33.15 -19.18 6.09
N ILE H 29 -32.92 -20.30 5.40
CA ILE H 29 -31.78 -21.16 5.71
C ILE H 29 -30.80 -21.22 4.53
N ASN H 30 -31.11 -20.53 3.31
CA ASN H 30 -30.07 -20.28 2.33
C ASN H 30 -29.38 -21.49 1.72
N ASN H 31 -30.17 -22.47 1.32
CA ASN H 31 -29.65 -23.68 0.72
C ASN H 31 -28.86 -24.62 1.64
N TRP H 32 -28.94 -24.38 2.95
CA TRP H 32 -28.30 -25.26 3.92
C TRP H 32 -29.39 -26.27 4.34
N LEU H 33 -29.69 -27.22 3.46
CA LEU H 33 -30.73 -28.20 3.73
C LEU H 33 -30.42 -29.54 3.09
N ALA H 34 -30.80 -30.60 3.79
CA ALA H 34 -30.54 -31.99 3.40
C ALA H 34 -31.85 -32.77 3.31
N TRP H 35 -31.84 -33.83 2.52
CA TRP H 35 -32.98 -34.72 2.41
C TRP H 35 -32.52 -36.11 2.78
N TYR H 36 -33.36 -36.81 3.53
CA TYR H 36 -33.09 -38.19 3.92
C TYR H 36 -34.24 -39.10 3.52
N GLN H 37 -33.97 -40.39 3.29
CA GLN H 37 -34.96 -41.38 2.93
C GLN H 37 -34.86 -42.46 3.99
N GLN H 38 -36.00 -42.87 4.54
CA GLN H 38 -35.96 -43.91 5.54
C GLN H 38 -37.02 -44.95 5.30
N LYS H 39 -36.57 -46.21 5.35
CA LYS H 39 -37.45 -47.37 5.26
C LYS H 39 -37.62 -47.97 6.66
N PRO H 40 -38.74 -48.67 6.88
CA PRO H 40 -39.22 -49.27 8.13
C PRO H 40 -38.27 -49.99 9.07
N GLY H 41 -37.14 -50.48 8.61
CA GLY H 41 -36.23 -51.08 9.58
C GLY H 41 -34.79 -50.59 9.58
N ASN H 42 -34.55 -49.35 9.21
CA ASN H 42 -33.18 -48.87 9.23
C ASN H 42 -33.03 -47.38 9.42
N ALA H 43 -31.77 -46.95 9.46
CA ALA H 43 -31.47 -45.54 9.63
C ALA H 43 -31.78 -44.76 8.38
N PRO H 44 -31.97 -43.45 8.52
CA PRO H 44 -32.28 -42.63 7.36
C PRO H 44 -31.04 -42.58 6.48
N ARG H 45 -31.24 -42.48 5.17
CA ARG H 45 -30.14 -42.43 4.22
C ARG H 45 -30.06 -41.05 3.58
N LEU H 46 -28.87 -40.46 3.57
CA LEU H 46 -28.73 -39.12 3.01
C LEU H 46 -28.86 -39.18 1.48
N LEU H 47 -29.76 -38.40 0.92
CA LEU H 47 -29.91 -38.29 -0.52
C LEU H 47 -29.32 -36.98 -1.00
N ILE H 48 -29.71 -35.82 -0.34
CA ILE H 48 -29.36 -34.46 -0.69
C ILE H 48 -28.63 -33.70 0.42
N SER H 49 -27.61 -32.94 0.03
CA SER H 49 -26.96 -31.97 0.91
C SER H 49 -26.90 -30.65 0.13
N GLY H 50 -26.90 -29.52 0.85
CA GLY H 50 -26.74 -28.23 0.18
C GLY H 50 -27.86 -27.97 -0.81
N ALA H 51 -29.04 -28.48 -0.48
CA ALA H 51 -30.26 -28.36 -1.29
C ALA H 51 -30.29 -29.04 -2.65
N THR H 52 -29.18 -29.04 -3.38
CA THR H 52 -29.16 -29.58 -4.74
C THR H 52 -28.17 -30.72 -5.03
N SER H 53 -27.26 -31.00 -4.10
CA SER H 53 -26.21 -31.97 -4.35
C SER H 53 -26.57 -33.43 -4.01
N LEU H 54 -26.38 -34.24 -5.09
CA LEU H 54 -26.61 -35.66 -4.94
C LEU H 54 -25.42 -36.35 -4.30
N GLU H 55 -25.71 -37.24 -3.36
CA GLU H 55 -24.66 -37.97 -2.66
C GLU H 55 -24.28 -39.19 -3.49
N THR H 56 -23.09 -39.72 -3.25
CA THR H 56 -22.61 -40.87 -4.03
C THR H 56 -23.54 -42.05 -3.80
N GLY H 57 -23.92 -42.72 -4.89
CA GLY H 57 -24.76 -43.90 -4.80
C GLY H 57 -26.22 -43.60 -5.01
N VAL H 58 -26.57 -42.32 -4.90
CA VAL H 58 -27.96 -41.90 -5.06
C VAL H 58 -28.31 -41.87 -6.53
N PRO H 59 -29.39 -42.61 -6.90
CA PRO H 59 -29.82 -42.62 -8.30
C PRO H 59 -30.10 -41.21 -8.81
N SER H 60 -29.76 -40.98 -10.07
CA SER H 60 -29.94 -39.68 -10.70
C SER H 60 -31.39 -39.23 -10.88
N ARG H 61 -32.34 -40.14 -10.70
CA ARG H 61 -33.75 -39.74 -10.77
C ARG H 61 -34.15 -38.85 -9.59
N PHE H 62 -33.32 -38.84 -8.54
CA PHE H 62 -33.56 -38.00 -7.39
C PHE H 62 -32.87 -36.66 -7.65
N SER H 63 -33.53 -35.57 -7.28
CA SER H 63 -32.93 -34.24 -7.40
C SER H 63 -33.63 -33.30 -6.44
N GLY H 64 -32.98 -32.20 -6.13
CA GLY H 64 -33.56 -31.24 -5.21
C GLY H 64 -33.29 -29.82 -5.63
N SER H 65 -34.12 -28.90 -5.19
CA SER H 65 -33.91 -27.51 -5.51
C SER H 65 -34.70 -26.61 -4.57
N GLY H 66 -34.55 -25.30 -4.78
CA GLY H 66 -35.23 -24.32 -3.95
C GLY H 66 -34.24 -23.33 -3.39
N SER H 67 -34.74 -22.41 -2.56
CA SER H 67 -33.92 -21.39 -1.98
C SER H 67 -34.63 -20.64 -0.88
N GLY H 68 -33.84 -19.92 -0.08
CA GLY H 68 -34.42 -19.12 0.98
C GLY H 68 -35.08 -19.97 2.04
N LYS H 69 -36.36 -20.25 1.86
CA LYS H 69 -37.09 -21.05 2.82
C LYS H 69 -37.90 -22.18 2.18
N ASP H 70 -37.91 -22.23 0.86
CA ASP H 70 -38.69 -23.24 0.17
C ASP H 70 -37.91 -24.19 -0.71
N PHE H 71 -37.94 -25.46 -0.34
CA PHE H 71 -37.17 -26.48 -1.06
C PHE H 71 -38.06 -27.66 -1.45
N THR H 72 -37.60 -28.39 -2.45
CA THR H 72 -38.34 -29.52 -2.96
C THR H 72 -37.45 -30.67 -3.41
N LEU H 73 -37.92 -31.89 -3.17
CA LEU H 73 -37.22 -33.10 -3.60
C LEU H 73 -38.07 -33.65 -4.75
N SER H 74 -37.43 -34.01 -5.85
CA SER H 74 -38.16 -34.58 -6.97
C SER H 74 -37.65 -35.95 -7.37
N ILE H 75 -38.57 -36.86 -7.58
CA ILE H 75 -38.23 -38.20 -8.01
C ILE H 75 -38.97 -38.50 -9.32
N THR H 76 -38.20 -38.72 -10.37
CA THR H 76 -38.77 -39.05 -11.67
C THR H 76 -38.94 -40.58 -11.74
N SER H 77 -39.75 -41.04 -12.68
CA SER H 77 -39.99 -42.48 -12.88
C SER H 77 -39.84 -43.29 -11.58
N LEU H 78 -40.73 -43.01 -10.64
CA LEU H 78 -40.71 -43.64 -9.34
C LEU H 78 -40.61 -45.16 -9.41
N GLN H 79 -39.65 -45.72 -8.68
CA GLN H 79 -39.42 -47.17 -8.62
C GLN H 79 -40.07 -47.67 -7.34
N THR H 80 -40.33 -48.98 -7.26
CA THR H 80 -40.93 -49.52 -6.04
C THR H 80 -39.99 -49.34 -4.85
N GLU H 81 -38.69 -49.41 -5.08
CA GLU H 81 -37.73 -49.30 -4.00
C GLU H 81 -37.73 -47.88 -3.46
N ASP H 82 -38.31 -46.97 -4.22
CA ASP H 82 -38.38 -45.58 -3.78
C ASP H 82 -39.52 -45.32 -2.81
N VAL H 83 -40.38 -46.30 -2.58
CA VAL H 83 -41.47 -46.07 -1.66
C VAL H 83 -40.95 -46.08 -0.22
N ALA H 84 -40.95 -44.92 0.42
CA ALA H 84 -40.41 -44.79 1.77
C ALA H 84 -40.82 -43.45 2.40
N THR H 85 -40.28 -43.10 3.55
CA THR H 85 -40.60 -41.81 4.15
C THR H 85 -39.41 -40.88 3.92
N TYR H 86 -39.69 -39.64 3.52
CA TYR H 86 -38.63 -38.69 3.22
C TYR H 86 -38.66 -37.54 4.18
N HIS H 87 -37.47 -37.05 4.63
CA HIS H 87 -37.34 -35.96 5.58
C HIS H 87 -36.44 -34.85 5.06
N CYS H 88 -36.74 -33.60 5.40
CA CYS H 88 -35.78 -32.52 5.09
C CYS H 88 -35.09 -32.24 6.42
N GLN H 89 -33.96 -31.55 6.36
CA GLN H 89 -33.27 -31.11 7.57
C GLN H 89 -32.60 -29.78 7.32
N GLN H 90 -32.69 -28.86 8.27
CA GLN H 90 -31.92 -27.61 8.14
C GLN H 90 -30.71 -27.69 9.06
N TYR H 91 -29.59 -27.16 8.59
CA TYR H 91 -28.41 -27.05 9.42
C TYR H 91 -27.81 -25.66 9.31
N TRP H 92 -28.67 -24.67 9.15
CA TRP H 92 -28.19 -23.30 9.06
C TRP H 92 -27.97 -22.80 10.50
N SER H 93 -28.81 -23.25 11.44
CA SER H 93 -28.62 -22.85 12.83
C SER H 93 -29.01 -23.94 13.82
N THR H 94 -28.31 -24.02 15.00
CA THR H 94 -28.61 -25.06 15.99
C THR H 94 -29.72 -24.53 16.89
N PRO H 95 -30.54 -25.42 17.44
CA PRO H 95 -30.52 -26.87 17.23
C PRO H 95 -30.96 -27.32 15.83
N LEU H 96 -30.44 -28.45 15.37
CA LEU H 96 -30.67 -28.86 14.00
C LEU H 96 -32.14 -29.32 13.96
N THR H 97 -32.84 -29.06 12.86
CA THR H 97 -34.26 -29.40 12.83
C THR H 97 -34.60 -30.22 11.60
N PHE H 98 -35.46 -31.21 11.80
CA PHE H 98 -35.95 -32.07 10.73
C PHE H 98 -37.45 -31.83 10.47
N GLY H 99 -37.89 -32.08 9.24
CA GLY H 99 -39.30 -31.94 8.94
C GLY H 99 -40.01 -33.18 9.51
N ALA H 100 -41.33 -33.11 9.58
CA ALA H 100 -42.11 -34.20 10.15
C ALA H 100 -42.14 -35.47 9.31
N GLY H 101 -41.72 -35.37 8.05
CA GLY H 101 -41.72 -36.50 7.16
C GLY H 101 -42.91 -36.65 6.23
N THR H 102 -42.64 -37.13 5.02
CA THR H 102 -43.66 -37.41 4.04
C THR H 102 -43.54 -38.87 3.63
N LYS H 103 -44.58 -39.64 3.88
CA LYS H 103 -44.56 -41.05 3.53
C LYS H 103 -45.21 -41.32 2.19
N LEU H 104 -44.51 -42.02 1.31
CA LEU H 104 -45.07 -42.42 0.04
C LEU H 104 -45.71 -43.80 0.17
N GLU H 105 -46.90 -43.93 -0.40
CA GLU H 105 -47.64 -45.19 -0.44
C GLU H 105 -48.06 -45.39 -1.89
N LEU H 106 -48.19 -46.64 -2.33
CA LEU H 106 -48.60 -46.88 -3.71
C LEU H 106 -50.13 -46.97 -3.79
N LYS H 107 -50.70 -46.28 -4.77
CA LYS H 107 -52.15 -46.26 -4.97
C LYS H 107 -52.69 -47.49 -5.68
N ARG H 108 -53.85 -47.96 -5.24
CA ARG H 108 -54.49 -49.12 -5.86
C ARG H 108 -55.98 -49.05 -5.68
N ALA H 109 -56.72 -49.92 -6.37
CA ALA H 109 -58.18 -49.92 -6.26
C ALA H 109 -58.62 -50.23 -4.83
N GLN I 1 -18.11 -47.35 9.27
CA GLN I 1 -18.80 -48.41 9.96
C GLN I 1 -18.93 -47.96 11.42
N LEU I 2 -20.15 -47.93 11.94
CA LEU I 2 -20.39 -47.57 13.33
C LEU I 2 -21.19 -48.70 13.97
N GLN I 3 -20.81 -49.06 15.18
CA GLN I 3 -21.48 -50.12 15.91
C GLN I 3 -22.11 -49.61 17.21
N GLN I 4 -23.41 -49.84 17.33
CA GLN I 4 -24.13 -49.39 18.50
C GLN I 4 -24.47 -50.58 19.37
N SER I 5 -24.93 -50.30 20.59
CA SER I 5 -25.30 -51.33 21.54
C SER I 5 -26.62 -52.05 21.23
N GLY I 6 -26.80 -53.20 21.89
CA GLY I 6 -28.00 -53.98 21.71
C GLY I 6 -29.15 -53.33 22.44
N ALA I 7 -30.33 -53.93 22.28
CA ALA I 7 -31.57 -53.41 22.86
C ALA I 7 -31.57 -53.39 24.40
N GLU I 8 -32.22 -52.37 24.96
CA GLU I 8 -32.30 -52.16 26.40
C GLU I 8 -33.74 -52.11 26.93
N LEU I 9 -33.93 -52.59 28.16
CA LEU I 9 -35.22 -52.53 28.86
C LEU I 9 -34.86 -52.03 30.26
N VAL I 10 -35.37 -50.86 30.62
CA VAL I 10 -35.07 -50.28 31.93
C VAL I 10 -36.34 -49.79 32.60
N ARG I 11 -36.34 -49.86 33.92
CA ARG I 11 -37.54 -49.52 34.69
C ARG I 11 -37.60 -48.00 34.85
N PRO I 12 -38.81 -47.44 34.96
CA PRO I 12 -38.93 -45.98 35.07
C PRO I 12 -38.06 -45.44 36.22
N GLY I 13 -37.43 -44.29 35.99
CA GLY I 13 -36.57 -43.71 37.02
C GLY I 13 -35.11 -44.10 36.86
N SER I 14 -34.85 -45.30 36.34
CA SER I 14 -33.50 -45.83 36.07
C SER I 14 -32.62 -44.98 35.11
N SER I 15 -31.62 -45.61 34.51
CA SER I 15 -30.70 -44.94 33.60
C SER I 15 -29.90 -45.91 32.72
N VAL I 16 -29.53 -45.44 31.53
CA VAL I 16 -28.84 -46.27 30.54
C VAL I 16 -27.68 -45.54 29.89
N LYS I 17 -26.63 -46.30 29.56
CA LYS I 17 -25.43 -45.78 28.94
C LYS I 17 -25.28 -46.57 27.66
N ILE I 18 -25.30 -45.88 26.53
CA ILE I 18 -25.21 -46.54 25.23
C ILE I 18 -24.00 -46.06 24.46
N SER I 19 -23.33 -47.02 23.82
CA SER I 19 -22.12 -46.77 23.04
C SER I 19 -22.25 -46.80 21.51
N CYS I 20 -21.36 -46.09 20.84
CA CYS I 20 -21.30 -46.07 19.40
C CYS I 20 -19.79 -46.16 19.13
N LYS I 21 -19.32 -47.33 18.69
CA LYS I 21 -17.89 -47.50 18.39
C LYS I 21 -17.49 -47.18 16.95
N ALA I 22 -16.52 -46.34 16.80
CA ALA I 22 -16.08 -45.89 15.47
C ALA I 22 -15.04 -46.81 14.90
N SER I 23 -15.07 -46.99 13.58
CA SER I 23 -14.12 -47.82 12.87
C SER I 23 -14.09 -47.48 11.38
N GLY I 24 -12.93 -47.67 10.74
CA GLY I 24 -12.72 -47.41 9.30
C GLY I 24 -12.21 -46.03 8.97
N TYR I 25 -11.82 -45.26 9.99
CA TYR I 25 -11.32 -43.90 9.80
C TYR I 25 -10.68 -43.40 11.09
N ALA I 26 -10.08 -42.21 11.03
CA ALA I 26 -9.44 -41.53 12.18
C ALA I 26 -10.42 -40.69 13.02
N PHE I 27 -10.89 -41.31 14.09
CA PHE I 27 -11.89 -40.73 14.99
C PHE I 27 -11.50 -39.37 15.58
N SER I 28 -10.19 -39.18 15.85
CA SER I 28 -9.68 -38.02 16.63
C SER I 28 -9.93 -36.66 15.96
N SER I 29 -10.32 -36.70 14.68
CA SER I 29 -10.68 -35.51 13.91
C SER I 29 -12.18 -35.17 13.83
N TYR I 30 -13.18 -36.05 14.34
CA TYR I 30 -14.64 -35.88 14.09
C TYR I 30 -15.44 -35.86 15.36
N TRP I 31 -16.49 -35.04 15.35
CA TRP I 31 -17.51 -35.11 16.41
C TRP I 31 -18.45 -36.31 16.21
N MET I 32 -19.33 -36.51 17.18
CA MET I 32 -20.44 -37.44 17.03
C MET I 32 -21.79 -36.77 17.32
N ASN I 33 -22.75 -36.95 16.40
CA ASN I 33 -24.10 -36.45 16.53
C ASN I 33 -25.08 -37.53 16.91
N TRP I 34 -26.03 -37.20 17.80
CA TRP I 34 -27.06 -38.15 18.29
C TRP I 34 -28.50 -37.60 18.06
N VAL I 35 -29.40 -38.47 17.56
CA VAL I 35 -30.80 -38.10 17.44
C VAL I 35 -31.74 -39.12 18.01
N LYS I 36 -33.00 -38.78 18.07
CA LYS I 36 -34.07 -39.60 18.65
C LYS I 36 -35.28 -39.72 17.71
N GLN I 37 -35.86 -40.92 17.62
CA GLN I 37 -37.05 -41.19 16.81
C GLN I 37 -38.03 -42.09 17.58
N ARG I 38 -39.22 -41.58 17.88
CA ARG I 38 -40.23 -42.38 18.56
C ARG I 38 -40.99 -43.22 17.52
N PRO I 39 -41.55 -44.38 17.92
CA PRO I 39 -42.29 -45.30 17.02
C PRO I 39 -43.31 -44.63 16.10
N GLY I 40 -43.07 -44.80 14.80
CA GLY I 40 -43.94 -44.24 13.78
C GLY I 40 -43.88 -42.74 13.68
N GLN I 41 -42.86 -42.13 14.30
CA GLN I 41 -42.74 -40.67 14.31
C GLN I 41 -41.45 -40.15 13.69
N GLY I 42 -41.27 -38.82 13.75
CA GLY I 42 -40.08 -38.20 13.19
C GLY I 42 -38.79 -38.11 14.00
N LEU I 43 -37.81 -37.42 13.42
CA LEU I 43 -36.47 -37.26 13.98
C LEU I 43 -36.30 -35.98 14.80
N GLU I 44 -35.57 -36.09 15.91
CA GLU I 44 -35.28 -34.95 16.78
C GLU I 44 -33.79 -34.92 17.13
N TRP I 45 -33.19 -33.73 17.16
CA TRP I 45 -31.77 -33.58 17.48
C TRP I 45 -31.48 -33.49 18.99
N ILE I 46 -30.53 -34.35 19.48
CA ILE I 46 -30.19 -34.31 20.89
C ILE I 46 -28.98 -33.41 21.17
N GLY I 47 -27.87 -33.71 20.49
CA GLY I 47 -26.66 -32.96 20.72
C GLY I 47 -25.51 -33.53 19.94
N GLN I 48 -24.35 -32.90 20.12
CA GLN I 48 -23.13 -33.33 19.47
C GLN I 48 -21.96 -33.01 20.38
N ILE I 49 -20.93 -33.85 20.28
CA ILE I 49 -19.83 -33.83 21.25
C ILE I 49 -18.55 -33.68 20.48
N TYR I 50 -17.63 -32.89 21.03
CA TYR I 50 -16.26 -32.88 20.55
C TYR I 50 -15.54 -33.72 21.60
N PRO I 51 -15.21 -34.97 21.24
CA PRO I 51 -14.48 -35.89 22.13
C PRO I 51 -13.22 -35.30 22.76
N GLY I 52 -12.44 -34.58 21.96
CA GLY I 52 -11.14 -34.07 22.40
C GLY I 52 -11.12 -33.42 23.77
N ASP I 53 -11.98 -32.44 23.98
CA ASP I 53 -12.04 -31.74 25.25
C ASP I 53 -13.39 -31.89 25.94
N GLY I 54 -14.17 -32.85 25.47
CA GLY I 54 -15.52 -33.06 25.98
C GLY I 54 -16.52 -31.91 25.79
N ALA I 55 -16.25 -31.00 24.87
CA ALA I 55 -17.17 -29.88 24.65
C ALA I 55 -18.41 -30.45 23.96
N THR I 56 -19.57 -29.84 24.21
CA THR I 56 -20.79 -30.34 23.60
C THR I 56 -21.93 -29.34 23.59
N ASN I 57 -22.82 -29.55 22.55
CA ASN I 57 -23.92 -28.59 22.54
C ASN I 57 -25.17 -29.38 22.85
N TYR I 58 -26.09 -28.76 23.59
CA TYR I 58 -27.34 -29.41 23.99
C TYR I 58 -28.61 -28.82 23.38
N ASN I 59 -29.50 -29.70 22.93
CA ASN I 59 -30.84 -29.26 22.58
C ASN I 59 -31.52 -29.08 23.94
N GLY I 60 -32.08 -27.90 24.15
CA GLY I 60 -32.74 -27.60 25.42
C GLY I 60 -33.60 -28.72 26.00
N LYS I 61 -34.39 -29.36 25.14
CA LYS I 61 -35.23 -30.48 25.54
C LYS I 61 -34.46 -31.58 26.26
N PHE I 62 -33.20 -31.80 25.87
CA PHE I 62 -32.39 -32.85 26.50
C PHE I 62 -31.26 -32.37 27.42
N LYS I 63 -31.38 -31.16 27.94
CA LYS I 63 -30.35 -30.62 28.85
C LYS I 63 -30.04 -31.38 30.13
N GLY I 64 -31.03 -31.59 31.00
CA GLY I 64 -30.77 -32.37 32.19
C GLY I 64 -30.84 -33.87 31.97
N LYS I 65 -31.56 -34.26 30.91
CA LYS I 65 -31.72 -35.66 30.54
C LYS I 65 -30.47 -36.30 29.93
N ALA I 66 -29.79 -35.58 29.05
CA ALA I 66 -28.64 -36.17 28.36
C ALA I 66 -27.26 -35.67 28.74
N THR I 67 -26.31 -36.58 28.76
CA THR I 67 -24.91 -36.22 28.94
C THR I 67 -24.14 -37.04 27.90
N LEU I 68 -23.25 -36.37 27.19
CA LEU I 68 -22.39 -37.02 26.20
C LEU I 68 -20.92 -37.16 26.61
N THR I 69 -20.35 -38.33 26.33
CA THR I 69 -18.92 -38.57 26.58
C THR I 69 -18.31 -39.41 25.44
N ALA I 70 -16.97 -39.51 25.40
CA ALA I 70 -16.30 -40.34 24.41
C ALA I 70 -14.87 -40.77 24.82
N ASP I 71 -14.54 -42.02 24.49
CA ASP I 71 -13.25 -42.63 24.81
C ASP I 71 -12.33 -42.54 23.61
N LYS I 72 -11.46 -41.53 23.58
CA LYS I 72 -10.54 -41.34 22.45
C LYS I 72 -9.65 -42.54 22.16
N SER I 73 -9.24 -43.24 23.23
CA SER I 73 -8.31 -44.36 23.10
C SER I 73 -8.94 -45.51 22.34
N SER I 74 -10.27 -45.63 22.44
CA SER I 74 -11.00 -46.67 21.74
C SER I 74 -12.00 -46.13 20.71
N SER I 75 -11.98 -44.81 20.52
CA SER I 75 -12.81 -44.13 19.52
C SER I 75 -14.29 -44.49 19.68
N THR I 76 -14.82 -44.29 20.88
CA THR I 76 -16.20 -44.64 21.14
C THR I 76 -16.96 -43.51 21.79
N ALA I 77 -18.17 -43.27 21.29
CA ALA I 77 -19.04 -42.22 21.82
C ALA I 77 -20.02 -42.88 22.80
N PHE I 78 -20.44 -42.14 23.81
CA PHE I 78 -21.38 -42.63 24.82
C PHE I 78 -22.42 -41.56 25.09
N MET I 79 -23.64 -42.00 25.38
CA MET I 79 -24.74 -41.11 25.76
C MET I 79 -25.47 -41.77 26.92
N GLN I 80 -25.75 -41.01 27.96
CA GLN I 80 -26.47 -41.51 29.11
C GLN I 80 -27.72 -40.67 29.27
N ILE I 81 -28.81 -41.35 29.64
CA ILE I 81 -30.10 -40.72 29.84
C ILE I 81 -30.48 -40.89 31.31
N SER I 82 -31.03 -39.84 31.93
CA SER I 82 -31.42 -39.91 33.34
C SER I 82 -32.90 -39.80 33.59
N SER I 83 -33.36 -40.39 34.69
CA SER I 83 -34.76 -40.27 35.15
C SER I 83 -35.73 -40.63 34.02
N LEU I 84 -35.55 -41.83 33.49
CA LEU I 84 -36.28 -42.28 32.32
C LEU I 84 -37.78 -42.48 32.53
N THR I 85 -38.55 -42.03 31.54
CA THR I 85 -40.00 -42.14 31.59
C THR I 85 -40.49 -42.76 30.28
N SER I 86 -41.81 -42.88 30.15
CA SER I 86 -42.43 -43.44 28.96
C SER I 86 -42.08 -42.65 27.71
N GLU I 87 -41.84 -41.35 27.86
CA GLU I 87 -41.50 -40.51 26.71
C GLU I 87 -40.08 -40.77 26.18
N ASP I 88 -39.26 -41.47 26.93
CA ASP I 88 -37.91 -41.76 26.49
C ASP I 88 -37.78 -43.07 25.69
N SER I 89 -38.89 -43.80 25.56
CA SER I 89 -38.84 -45.03 24.80
C SER I 89 -38.79 -44.64 23.33
N ALA I 90 -37.73 -45.05 22.66
CA ALA I 90 -37.49 -44.63 21.28
C ALA I 90 -36.25 -45.34 20.77
N VAL I 91 -35.98 -45.17 19.48
CA VAL I 91 -34.76 -45.69 18.86
C VAL I 91 -33.81 -44.51 18.77
N TYR I 92 -32.59 -44.70 19.25
CA TYR I 92 -31.57 -43.65 19.24
C TYR I 92 -30.52 -43.95 18.20
N PHE I 93 -30.05 -42.92 17.50
CA PHE I 93 -29.02 -43.08 16.45
C PHE I 93 -27.82 -42.18 16.71
N CYS I 94 -26.64 -42.68 16.34
CA CYS I 94 -25.41 -41.90 16.38
C CYS I 94 -25.10 -41.61 14.92
N ALA I 95 -24.48 -40.46 14.65
CA ALA I 95 -24.18 -40.03 13.29
C ALA I 95 -22.99 -39.08 13.18
N ARG I 96 -22.14 -39.31 12.18
CA ARG I 96 -20.93 -38.52 11.97
C ARG I 96 -21.12 -37.29 11.07
N PRO I 97 -20.56 -36.00 11.56
CA PRO I 97 -20.51 -34.77 10.78
C PRO I 97 -19.72 -34.97 9.52
N TYR I 98 -20.25 -34.49 8.41
CA TYR I 98 -19.64 -34.75 7.13
C TYR I 98 -18.24 -34.19 7.09
N ARG I 99 -18.07 -32.93 7.67
CA ARG I 99 -16.91 -32.10 7.38
C ARG I 99 -16.01 -31.85 8.59
N TYR I 100 -15.48 -32.92 9.18
CA TYR I 100 -14.50 -32.86 10.28
C TYR I 100 -15.06 -32.21 11.55
N ASP I 101 -14.69 -30.98 11.84
CA ASP I 101 -15.19 -30.32 13.05
C ASP I 101 -16.40 -29.44 12.75
N GLY I 102 -16.87 -29.45 11.50
CA GLY I 102 -18.02 -28.65 11.11
C GLY I 102 -19.30 -29.49 11.13
N GLY I 103 -20.44 -28.86 11.41
CA GLY I 103 -21.70 -29.60 11.40
C GLY I 103 -22.69 -29.16 10.33
N VAL I 104 -22.23 -29.14 9.09
CA VAL I 104 -23.03 -28.70 7.96
C VAL I 104 -22.91 -29.79 6.87
N TYR I 105 -23.63 -29.63 5.76
CA TYR I 105 -23.61 -30.65 4.73
C TYR I 105 -24.08 -32.02 5.24
N ALA I 106 -24.91 -32.01 6.28
CA ALA I 106 -25.64 -33.21 6.69
C ALA I 106 -24.81 -34.27 7.41
N MET I 107 -25.43 -35.40 7.74
CA MET I 107 -24.78 -36.46 8.50
C MET I 107 -24.57 -37.56 7.46
N ASP I 108 -23.32 -37.84 7.09
CA ASP I 108 -23.05 -38.86 6.09
C ASP I 108 -22.90 -40.34 6.47
N TYR I 109 -22.60 -40.66 7.73
CA TYR I 109 -22.52 -42.06 8.21
C TYR I 109 -23.34 -42.22 9.48
N TRP I 110 -24.46 -43.29 9.52
CA TRP I 110 -25.28 -43.43 10.71
C TRP I 110 -25.07 -44.81 11.30
N GLY I 111 -25.33 -44.92 12.61
CA GLY I 111 -25.26 -46.20 13.28
C GLY I 111 -26.53 -47.00 12.97
N GLN I 112 -26.56 -48.27 13.35
CA GLN I 112 -27.71 -49.11 13.04
C GLN I 112 -28.96 -48.75 13.87
N GLY I 113 -28.75 -48.09 15.00
CA GLY I 113 -29.85 -47.73 15.88
C GLY I 113 -29.94 -48.64 17.09
N THR I 114 -30.24 -48.07 18.24
CA THR I 114 -30.42 -48.84 19.47
C THR I 114 -31.78 -48.51 20.11
N SER I 115 -32.58 -49.55 20.31
CA SER I 115 -33.92 -49.42 20.89
C SER I 115 -33.91 -49.47 22.41
N VAL I 116 -34.59 -48.50 23.02
CA VAL I 116 -34.72 -48.41 24.46
C VAL I 116 -36.19 -48.43 24.85
N THR I 117 -36.55 -49.34 25.75
CA THR I 117 -37.90 -49.45 26.29
C THR I 117 -37.86 -49.14 27.78
N VAL I 118 -38.68 -48.18 28.22
CA VAL I 118 -38.78 -47.84 29.63
C VAL I 118 -40.10 -48.45 30.14
N SER I 119 -40.02 -49.46 31.00
CA SER I 119 -41.21 -50.17 31.47
C SER I 119 -41.02 -50.99 32.73
N ASP J 1 -43.14 16.45 -9.83
CA ASP J 1 -43.33 14.99 -9.53
C ASP J 1 -43.29 14.19 -10.81
N ILE J 2 -43.22 12.87 -10.67
CA ILE J 2 -43.20 11.97 -11.81
C ILE J 2 -44.65 11.49 -12.03
N VAL J 3 -45.12 11.54 -13.26
CA VAL J 3 -46.49 11.11 -13.54
C VAL J 3 -46.49 9.76 -14.22
N MET J 4 -47.27 8.85 -13.65
CA MET J 4 -47.40 7.51 -14.21
C MET J 4 -48.76 7.42 -14.87
N THR J 5 -48.79 6.80 -16.05
CA THR J 5 -50.04 6.63 -16.76
C THR J 5 -50.07 5.23 -17.33
N GLN J 6 -51.25 4.65 -17.35
CA GLN J 6 -51.42 3.35 -17.97
C GLN J 6 -52.25 3.50 -19.23
N SER J 7 -51.91 2.70 -20.23
CA SER J 7 -52.51 2.78 -21.57
C SER J 7 -54.02 2.85 -21.54
N PRO J 8 -54.66 1.72 -21.22
CA PRO J 8 -56.08 1.68 -20.99
C PRO J 8 -56.39 1.74 -19.51
N SER J 9 -57.61 2.16 -19.18
CA SER J 9 -58.08 2.02 -17.82
C SER J 9 -58.92 0.75 -17.71
N TYR J 10 -59.11 0.08 -18.83
CA TYR J 10 -59.90 -1.13 -18.81
C TYR J 10 -59.68 -2.06 -20.01
N LEU J 11 -59.82 -3.35 -19.75
CA LEU J 11 -59.68 -4.38 -20.76
C LEU J 11 -60.75 -5.44 -20.54
N SER J 12 -61.33 -5.92 -21.63
CA SER J 12 -62.29 -7.01 -21.55
C SER J 12 -61.44 -8.18 -22.02
N VAL J 13 -61.39 -9.25 -21.23
CA VAL J 13 -60.52 -10.37 -21.49
C VAL J 13 -61.19 -11.72 -21.35
N SER J 14 -60.50 -12.77 -21.79
CA SER J 14 -61.02 -14.12 -21.72
C SER J 14 -60.17 -14.99 -20.81
N LEU J 15 -60.81 -15.92 -20.10
CA LEU J 15 -60.06 -16.78 -19.19
C LEU J 15 -59.12 -17.63 -20.04
N GLY J 16 -57.89 -17.79 -19.59
CA GLY J 16 -56.95 -18.56 -20.38
C GLY J 16 -56.02 -17.82 -21.32
N GLY J 17 -56.33 -16.59 -21.69
CA GLY J 17 -55.42 -15.90 -22.58
C GLY J 17 -54.34 -15.09 -21.87
N ARG J 18 -53.46 -14.48 -22.65
CA ARG J 18 -52.40 -13.62 -22.12
C ARG J 18 -52.88 -12.18 -22.06
N VAL J 19 -52.67 -11.54 -20.92
CA VAL J 19 -53.08 -10.16 -20.72
C VAL J 19 -51.86 -9.30 -20.43
N THR J 20 -51.73 -8.19 -21.13
CA THR J 20 -50.62 -7.27 -20.89
C THR J 20 -51.11 -5.89 -20.49
N ILE J 21 -50.49 -5.32 -19.46
CA ILE J 21 -50.81 -3.96 -19.04
C ILE J 21 -49.52 -3.17 -19.02
N THR J 22 -49.38 -2.19 -19.90
CA THR J 22 -48.18 -1.35 -19.90
C THR J 22 -48.40 0.03 -19.30
N CYS J 23 -47.38 0.51 -18.59
CA CYS J 23 -47.40 1.78 -17.89
C CYS J 23 -46.21 2.59 -18.43
N LYS J 24 -46.38 3.90 -18.61
CA LYS J 24 -45.27 4.70 -19.12
C LYS J 24 -45.05 5.93 -18.25
N ALA J 25 -43.81 6.15 -17.83
CA ALA J 25 -43.50 7.20 -16.89
C ALA J 25 -43.25 8.50 -17.65
N SER J 26 -43.53 9.62 -17.02
CA SER J 26 -43.25 10.92 -17.64
C SER J 26 -41.75 11.15 -17.71
N ASP J 27 -40.99 10.37 -16.96
CA ASP J 27 -39.53 10.48 -16.99
C ASP J 27 -38.87 9.13 -16.71
N HIS J 28 -37.57 9.06 -16.89
CA HIS J 28 -36.85 7.81 -16.70
C HIS J 28 -36.80 7.46 -15.22
N ILE J 29 -37.30 6.28 -14.87
CA ILE J 29 -37.27 5.82 -13.48
C ILE J 29 -36.40 4.58 -13.33
N ASN J 30 -35.79 3.99 -14.49
CA ASN J 30 -34.69 3.03 -14.34
C ASN J 30 -34.98 1.76 -13.57
N ASN J 31 -36.10 1.12 -13.89
CA ASN J 31 -36.50 -0.11 -13.24
C ASN J 31 -36.90 0.00 -11.76
N TRP J 32 -37.11 1.22 -11.28
CA TRP J 32 -37.58 1.43 -9.91
C TRP J 32 -39.11 1.54 -10.03
N LEU J 33 -39.77 0.41 -10.24
CA LEU J 33 -41.22 0.39 -10.42
C LEU J 33 -41.83 -0.90 -9.86
N ALA J 34 -43.04 -0.74 -9.30
CA ALA J 34 -43.77 -1.83 -8.66
C ALA J 34 -45.16 -1.97 -9.29
N TRP J 35 -45.73 -3.16 -9.18
CA TRP J 35 -47.08 -3.42 -9.65
C TRP J 35 -47.89 -3.92 -8.48
N TYR J 36 -49.12 -3.44 -8.38
CA TYR J 36 -50.05 -3.87 -7.34
C TYR J 36 -51.34 -4.38 -7.96
N GLN J 37 -52.05 -5.28 -7.27
CA GLN J 37 -53.33 -5.83 -7.71
C GLN J 37 -54.30 -5.52 -6.60
N GLN J 38 -55.46 -4.99 -6.96
CA GLN J 38 -56.45 -4.70 -5.94
C GLN J 38 -57.82 -5.15 -6.34
N LYS J 39 -58.46 -5.86 -5.41
CA LYS J 39 -59.85 -6.29 -5.54
C LYS J 39 -60.74 -5.39 -4.69
N PRO J 40 -62.02 -5.28 -5.06
CA PRO J 40 -63.09 -4.43 -4.51
C PRO J 40 -63.23 -4.23 -3.01
N GLY J 41 -62.74 -5.15 -2.19
CA GLY J 41 -62.84 -4.87 -0.76
C GLY J 41 -61.57 -4.97 0.06
N ASN J 42 -60.41 -4.72 -0.54
CA ASN J 42 -59.20 -4.80 0.26
C ASN J 42 -58.05 -3.94 -0.24
N ALA J 43 -56.95 -3.99 0.50
CA ALA J 43 -55.79 -3.21 0.14
C ALA J 43 -55.10 -3.79 -1.08
N PRO J 44 -54.30 -2.97 -1.76
CA PRO J 44 -53.61 -3.44 -2.96
C PRO J 44 -52.56 -4.45 -2.51
N ARG J 45 -52.30 -5.44 -3.36
CA ARG J 45 -51.32 -6.47 -3.05
C ARG J 45 -50.10 -6.34 -3.96
N LEU J 46 -48.91 -6.34 -3.39
CA LEU J 46 -47.72 -6.17 -4.18
C LEU J 46 -47.45 -7.44 -5.01
N LEU J 47 -47.32 -7.29 -6.31
CA LEU J 47 -46.97 -8.40 -7.19
C LEU J 47 -45.52 -8.27 -7.62
N ILE J 48 -45.10 -7.05 -8.12
CA ILE J 48 -43.79 -6.75 -8.68
C ILE J 48 -43.06 -5.62 -7.94
N SER J 49 -41.75 -5.82 -7.76
CA SER J 49 -40.86 -4.77 -7.29
C SER J 49 -39.66 -4.76 -8.27
N GLY J 50 -39.02 -3.60 -8.44
CA GLY J 50 -37.81 -3.55 -9.25
C GLY J 50 -38.09 -3.97 -10.68
N ALA J 51 -39.30 -3.66 -11.15
CA ALA J 51 -39.79 -3.97 -12.50
C ALA J 51 -39.97 -5.44 -12.87
N THR J 52 -39.07 -6.32 -12.43
CA THR J 52 -39.11 -7.72 -12.84
C THR J 52 -39.24 -8.77 -11.72
N SER J 53 -39.08 -8.36 -10.47
CA SER J 53 -39.07 -9.32 -9.38
C SER J 53 -40.44 -9.68 -8.79
N LEU J 54 -40.64 -11.03 -8.81
CA LEU J 54 -41.85 -11.56 -8.23
C LEU J 54 -41.76 -11.66 -6.73
N GLU J 55 -42.83 -11.26 -6.05
CA GLU J 55 -42.85 -11.30 -4.60
C GLU J 55 -43.30 -12.69 -4.16
N THR J 56 -42.98 -13.06 -2.92
CA THR J 56 -43.31 -14.39 -2.43
C THR J 56 -44.83 -14.56 -2.43
N GLY J 57 -45.28 -15.71 -2.93
CA GLY J 57 -46.69 -16.02 -2.94
C GLY J 57 -47.36 -15.68 -4.26
N VAL J 58 -46.69 -14.87 -5.06
CA VAL J 58 -47.22 -14.46 -6.34
C VAL J 58 -47.06 -15.57 -7.35
N PRO J 59 -48.20 -15.98 -7.97
CA PRO J 59 -48.12 -17.03 -8.98
C PRO J 59 -47.15 -16.68 -10.10
N SER J 60 -46.46 -17.70 -10.59
CA SER J 60 -45.47 -17.52 -11.65
C SER J 60 -46.03 -17.10 -13.01
N ARG J 61 -47.34 -17.16 -13.18
CA ARG J 61 -47.92 -16.68 -14.43
C ARG J 61 -47.85 -15.16 -14.55
N PHE J 62 -47.56 -14.50 -13.42
CA PHE J 62 -47.39 -13.05 -13.42
C PHE J 62 -45.91 -12.76 -13.68
N SER J 63 -45.63 -11.74 -14.49
CA SER J 63 -44.25 -11.33 -14.73
C SER J 63 -44.26 -9.89 -15.20
N GLY J 64 -43.11 -9.24 -15.08
CA GLY J 64 -43.02 -7.86 -15.51
C GLY J 64 -41.71 -7.56 -16.19
N SER J 65 -41.68 -6.52 -16.99
CA SER J 65 -40.45 -6.14 -17.66
C SER J 65 -40.54 -4.72 -18.18
N GLY J 66 -39.44 -4.27 -18.79
CA GLY J 66 -39.37 -2.93 -19.34
C GLY J 66 -38.16 -2.21 -18.80
N SER J 67 -38.02 -0.94 -19.18
CA SER J 67 -36.89 -0.14 -18.77
C SER J 67 -37.07 1.32 -19.09
N GLY J 68 -36.25 2.14 -18.47
CA GLY J 68 -36.30 3.56 -18.72
C GLY J 68 -37.60 4.18 -18.28
N LYS J 69 -38.58 4.21 -19.17
CA LYS J 69 -39.87 4.79 -18.85
C LYS J 69 -41.04 3.89 -19.22
N ASP J 70 -40.76 2.76 -19.87
CA ASP J 70 -41.82 1.88 -20.31
C ASP J 70 -41.80 0.48 -19.73
N PHE J 71 -42.84 0.16 -18.97
CA PHE J 71 -42.91 -1.13 -18.30
C PHE J 71 -44.23 -1.83 -18.58
N THR J 72 -44.22 -3.15 -18.41
CA THR J 72 -45.40 -3.94 -18.67
C THR J 72 -45.54 -5.12 -17.70
N LEU J 73 -46.78 -5.42 -17.35
CA LEU J 73 -47.11 -6.55 -16.49
C LEU J 73 -47.76 -7.57 -17.43
N SER J 74 -47.34 -8.82 -17.34
CA SER J 74 -47.94 -9.86 -18.17
C SER J 74 -48.50 -11.00 -17.35
N ILE J 75 -49.72 -11.40 -17.71
CA ILE J 75 -50.36 -12.52 -17.04
C ILE J 75 -50.73 -13.56 -18.09
N THR J 76 -50.14 -14.74 -17.96
CA THR J 76 -50.41 -15.84 -18.86
C THR J 76 -51.61 -16.63 -18.30
N SER J 77 -52.24 -17.45 -19.15
CA SER J 77 -53.39 -18.27 -18.74
C SER J 77 -54.20 -17.64 -17.60
N LEU J 78 -54.79 -16.49 -17.91
CA LEU J 78 -55.57 -15.74 -16.95
C LEU J 78 -56.59 -16.58 -16.20
N GLN J 79 -56.57 -16.49 -14.88
CA GLN J 79 -57.49 -17.23 -14.00
C GLN J 79 -58.59 -16.26 -13.59
N THR J 80 -59.73 -16.77 -13.14
CA THR J 80 -60.81 -15.89 -12.71
C THR J 80 -60.38 -15.04 -11.52
N GLU J 81 -59.53 -15.60 -10.66
CA GLU J 81 -59.12 -14.88 -9.46
C GLU J 81 -58.22 -13.71 -9.86
N ASP J 82 -57.73 -13.73 -11.09
CA ASP J 82 -56.88 -12.67 -11.57
C ASP J 82 -57.66 -11.45 -12.04
N VAL J 83 -58.98 -11.55 -12.09
CA VAL J 83 -59.74 -10.39 -12.54
C VAL J 83 -59.78 -9.34 -11.44
N ALA J 84 -59.10 -8.22 -11.66
CA ALA J 84 -59.00 -7.16 -10.65
C ALA J 84 -58.44 -5.87 -11.27
N THR J 85 -58.12 -4.87 -10.46
CA THR J 85 -57.54 -3.66 -10.99
C THR J 85 -56.05 -3.67 -10.69
N TYR J 86 -55.23 -3.32 -11.67
CA TYR J 86 -53.78 -3.34 -11.49
C TYR J 86 -53.20 -1.96 -11.57
N HIS J 87 -52.20 -1.64 -10.72
CA HIS J 87 -51.56 -0.33 -10.65
C HIS J 87 -50.05 -0.44 -10.77
N CYS J 88 -49.41 0.54 -11.41
CA CYS J 88 -47.94 0.60 -11.38
C CYS J 88 -47.63 1.67 -10.33
N GLN J 89 -46.38 1.69 -9.87
CA GLN J 89 -45.93 2.75 -8.97
C GLN J 89 -44.47 3.04 -9.24
N GLN J 90 -44.09 4.31 -9.26
CA GLN J 90 -42.66 4.64 -9.34
C GLN J 90 -42.18 5.07 -7.97
N TYR J 91 -40.95 4.66 -7.63
CA TYR J 91 -40.32 5.12 -6.41
C TYR J 91 -38.91 5.57 -6.68
N TRP J 92 -38.69 6.15 -7.86
CA TRP J 92 -37.37 6.65 -8.19
C TRP J 92 -37.23 8.03 -7.56
N SER J 93 -38.32 8.80 -7.48
CA SER J 93 -38.26 10.10 -6.83
C SER J 93 -39.54 10.47 -6.11
N THR J 94 -39.46 11.25 -4.97
CA THR J 94 -40.65 11.62 -4.22
C THR J 94 -41.20 12.90 -4.82
N PRO J 95 -42.51 13.12 -4.73
CA PRO J 95 -43.50 12.21 -4.13
C PRO J 95 -43.75 10.93 -4.94
N LEU J 96 -44.13 9.85 -4.26
CA LEU J 96 -44.23 8.57 -4.93
C LEU J 96 -45.49 8.67 -5.79
N THR J 97 -45.48 8.07 -6.97
CA THR J 97 -46.63 8.21 -7.87
C THR J 97 -47.13 6.86 -8.35
N PHE J 98 -48.46 6.74 -8.41
CA PHE J 98 -49.13 5.54 -8.89
C PHE J 98 -49.84 5.81 -10.23
N GLY J 99 -50.01 4.78 -11.04
CA GLY J 99 -50.73 4.94 -12.29
C GLY J 99 -52.21 4.97 -11.94
N ALA J 100 -53.04 5.38 -12.90
CA ALA J 100 -54.48 5.51 -12.68
C ALA J 100 -55.21 4.19 -12.51
N GLY J 101 -54.54 3.09 -12.89
CA GLY J 101 -55.15 1.78 -12.80
C GLY J 101 -55.78 1.23 -14.07
N THR J 102 -55.66 -0.08 -14.24
CA THR J 102 -56.27 -0.79 -15.35
C THR J 102 -57.15 -1.90 -14.78
N LYS J 103 -58.44 -1.82 -15.06
CA LYS J 103 -59.37 -2.82 -14.55
C LYS J 103 -59.64 -3.90 -15.56
N LEU J 104 -59.48 -5.16 -15.15
CA LEU J 104 -59.82 -6.28 -16.02
C LEU J 104 -61.26 -6.70 -15.77
N GLU J 105 -61.98 -6.94 -16.86
CA GLU J 105 -63.35 -7.42 -16.82
C GLU J 105 -63.41 -8.62 -17.77
N LEU J 106 -64.28 -9.59 -17.50
CA LEU J 106 -64.39 -10.75 -18.38
C LEU J 106 -65.41 -10.48 -19.48
N LYS J 107 -65.03 -10.81 -20.71
CA LYS J 107 -65.88 -10.60 -21.88
C LYS J 107 -66.95 -11.68 -22.05
N ARG J 108 -68.15 -11.27 -22.45
CA ARG J 108 -69.24 -12.20 -22.68
C ARG J 108 -70.19 -11.65 -23.73
N ALA J 109 -71.12 -12.48 -24.19
CA ALA J 109 -72.08 -12.03 -25.20
C ALA J 109 -72.94 -10.89 -24.66
N GLN K 1 -48.46 -7.71 10.54
CA GLN K 1 -49.86 -7.50 10.88
C GLN K 1 -49.98 -6.03 11.30
N LEU K 2 -50.86 -5.29 10.66
CA LEU K 2 -51.09 -3.89 11.01
C LEU K 2 -52.59 -3.73 11.28
N GLN K 3 -52.91 -3.01 12.33
CA GLN K 3 -54.29 -2.75 12.70
C GLN K 3 -54.65 -1.28 12.65
N GLN K 4 -55.68 -0.97 11.87
CA GLN K 4 -56.11 0.41 11.71
C GLN K 4 -57.41 0.61 12.47
N SER K 5 -57.79 1.87 12.61
CA SER K 5 -59.03 2.24 13.30
C SER K 5 -60.32 1.94 12.52
N GLY K 6 -61.42 1.97 13.26
CA GLY K 6 -62.72 1.71 12.66
C GLY K 6 -63.17 2.94 11.88
N ALA K 7 -64.31 2.80 11.22
CA ALA K 7 -64.87 3.84 10.36
C ALA K 7 -65.24 5.12 11.12
N GLU K 8 -65.06 6.26 10.45
CA GLU K 8 -65.32 7.58 11.01
C GLU K 8 -66.34 8.41 10.20
N LEU K 9 -67.11 9.23 10.90
CA LEU K 9 -68.07 10.16 10.28
C LEU K 9 -67.83 11.47 11.00
N VAL K 10 -67.38 12.49 10.28
CA VAL K 10 -67.10 13.78 10.87
C VAL K 10 -67.72 14.91 10.05
N ARG K 11 -68.10 15.97 10.74
CA ARG K 11 -68.81 17.06 10.10
C ARG K 11 -67.80 17.98 9.42
N PRO K 12 -68.18 18.65 8.32
CA PRO K 12 -67.22 19.51 7.61
C PRO K 12 -66.56 20.51 8.56
N GLY K 13 -65.27 20.74 8.37
CA GLY K 13 -64.55 21.67 9.23
C GLY K 13 -63.86 20.99 10.41
N SER K 14 -64.45 19.89 10.90
CA SER K 14 -63.89 19.08 11.99
C SER K 14 -62.48 18.49 11.76
N SER K 15 -62.14 17.42 12.50
CA SER K 15 -60.83 16.78 12.38
C SER K 15 -60.82 15.37 12.97
N VAL K 16 -59.94 14.52 12.44
CA VAL K 16 -59.86 13.12 12.84
C VAL K 16 -58.42 12.65 13.02
N LYS K 17 -58.22 11.75 13.97
CA LYS K 17 -56.91 11.21 14.30
C LYS K 17 -57.08 9.70 14.14
N ILE K 18 -56.30 9.11 13.23
CA ILE K 18 -56.40 7.69 12.95
C ILE K 18 -55.09 6.98 13.23
N SER K 19 -55.19 5.81 13.85
CA SER K 19 -54.05 4.99 14.22
C SER K 19 -53.77 3.74 13.38
N CYS K 20 -52.52 3.33 13.35
CA CYS K 20 -52.10 2.10 12.66
C CYS K 20 -51.13 1.48 13.67
N LYS K 21 -51.57 0.42 14.36
CA LYS K 21 -50.71 -0.27 15.33
C LYS K 21 -49.86 -1.41 14.75
N ALA K 22 -48.59 -1.35 14.98
CA ALA K 22 -47.66 -2.34 14.42
C ALA K 22 -47.51 -3.52 15.33
N SER K 23 -47.34 -4.70 14.73
CA SER K 23 -47.16 -5.94 15.46
C SER K 23 -46.51 -7.01 14.58
N GLY K 24 -45.75 -7.92 15.20
CA GLY K 24 -45.07 -9.04 14.51
C GLY K 24 -43.65 -8.75 14.06
N TYR K 25 -43.11 -7.61 14.51
CA TYR K 25 -41.74 -7.21 14.13
C TYR K 25 -41.30 -6.05 15.01
N ALA K 26 -40.03 -5.64 14.86
CA ALA K 26 -39.41 -4.51 15.57
C ALA K 26 -39.64 -3.15 14.89
N PHE K 27 -40.67 -2.46 15.37
CA PHE K 27 -41.11 -1.19 14.82
C PHE K 27 -40.00 -0.11 14.76
N SER K 28 -39.10 -0.10 15.76
CA SER K 28 -38.13 0.99 15.98
C SER K 28 -37.14 1.18 14.82
N SER K 29 -37.09 0.20 13.91
CA SER K 29 -36.26 0.25 12.72
C SER K 29 -36.96 0.73 11.42
N TYR K 30 -38.36 0.94 11.36
CA TYR K 30 -39.12 1.19 10.09
C TYR K 30 -39.91 2.43 10.13
N TRP K 31 -40.00 3.11 8.98
CA TRP K 31 -40.97 4.19 8.80
C TRP K 31 -42.38 3.66 8.57
N MET K 32 -43.33 4.59 8.51
CA MET K 32 -44.69 4.26 8.08
C MET K 32 -45.14 5.18 6.91
N ASN K 33 -45.64 4.56 5.84
CA ASN K 33 -46.18 5.25 4.69
C ASN K 33 -47.69 5.26 4.67
N TRP K 34 -48.28 6.41 4.27
CA TRP K 34 -49.75 6.58 4.20
C TRP K 34 -50.22 7.01 2.78
N VAL K 35 -51.30 6.39 2.30
CA VAL K 35 -51.89 6.82 1.03
C VAL K 35 -53.38 7.02 1.12
N LYS K 36 -53.96 7.54 0.06
CA LYS K 36 -55.38 7.87 -0.03
C LYS K 36 -56.00 7.33 -1.34
N GLN K 37 -57.23 6.81 -1.23
CA GLN K 37 -57.98 6.29 -2.38
C GLN K 37 -59.46 6.71 -2.29
N ARG K 38 -59.91 7.52 -3.25
CA ARG K 38 -61.33 7.92 -3.26
C ARG K 38 -62.15 6.83 -3.95
N PRO K 39 -63.45 6.71 -3.61
CA PRO K 39 -64.36 5.70 -4.17
C PRO K 39 -64.31 5.51 -5.68
N GLY K 40 -63.95 4.29 -6.08
CA GLY K 40 -63.86 3.94 -7.49
C GLY K 40 -62.68 4.59 -8.20
N GLN K 41 -61.75 5.16 -7.43
CA GLN K 41 -60.63 5.87 -8.02
C GLN K 41 -59.25 5.31 -7.63
N GLY K 42 -58.19 5.97 -8.10
CA GLY K 42 -56.84 5.53 -7.80
C GLY K 42 -56.15 5.93 -6.51
N LEU K 43 -54.88 5.54 -6.40
CA LEU K 43 -54.05 5.77 -5.22
C LEU K 43 -53.21 7.05 -5.28
N GLU K 44 -53.11 7.74 -4.14
CA GLU K 44 -52.29 8.96 -4.04
C GLU K 44 -51.42 8.90 -2.79
N TRP K 45 -50.18 9.36 -2.90
CA TRP K 45 -49.24 9.37 -1.77
C TRP K 45 -49.35 10.59 -0.85
N ILE K 46 -49.50 10.33 0.48
CA ILE K 46 -49.61 11.44 1.43
C ILE K 46 -48.25 11.82 2.03
N GLY K 47 -47.60 10.84 2.64
CA GLY K 47 -46.33 11.11 3.28
C GLY K 47 -45.82 9.89 4.00
N GLN K 48 -44.66 10.07 4.63
CA GLN K 48 -44.03 9.01 5.41
C GLN K 48 -43.27 9.63 6.56
N ILE K 49 -43.20 8.89 7.66
CA ILE K 49 -42.72 9.42 8.92
C ILE K 49 -41.59 8.55 9.40
N TYR K 50 -40.58 9.18 9.99
CA TYR K 50 -39.57 8.45 10.73
C TYR K 50 -39.99 8.71 12.17
N PRO K 51 -40.59 7.71 12.83
CA PRO K 51 -41.03 7.81 14.23
C PRO K 51 -39.95 8.31 15.20
N GLY K 52 -38.72 7.82 15.02
CA GLY K 52 -37.64 8.12 15.94
C GLY K 52 -37.49 9.58 16.34
N ASP K 53 -37.37 10.46 15.36
CA ASP K 53 -37.22 11.88 15.62
C ASP K 53 -38.36 12.71 15.05
N GLY K 54 -39.46 12.04 14.69
CA GLY K 54 -40.59 12.68 14.06
C GLY K 54 -40.35 13.34 12.70
N ALA K 55 -39.28 12.97 12.02
CA ALA K 55 -39.00 13.57 10.71
C ALA K 55 -40.04 13.03 9.72
N THR K 56 -40.40 13.82 8.72
CA THR K 56 -41.40 13.36 7.76
C THR K 56 -41.39 14.14 6.46
N ASN K 57 -41.85 13.38 5.38
CA ASN K 57 -41.85 14.13 4.13
C ASN K 57 -43.30 14.31 3.74
N TYR K 58 -43.62 15.45 3.16
CA TYR K 58 -44.99 15.77 2.74
C TYR K 58 -45.23 15.86 1.24
N ASN K 59 -46.32 15.26 0.78
CA ASN K 59 -46.78 15.53 -0.58
C ASN K 59 -47.41 16.91 -0.48
N GLY K 60 -46.98 17.82 -1.33
CA GLY K 60 -47.50 19.18 -1.32
C GLY K 60 -49.00 19.31 -1.13
N LYS K 61 -49.75 18.48 -1.84
CA LYS K 61 -51.21 18.44 -1.72
C LYS K 61 -51.69 18.31 -0.28
N PHE K 62 -50.96 17.57 0.55
CA PHE K 62 -51.36 17.36 1.93
C PHE K 62 -50.52 18.10 3.00
N LYS K 63 -49.83 19.16 2.59
CA LYS K 63 -49.02 19.92 3.55
C LYS K 63 -49.70 20.54 4.77
N GLY K 64 -50.69 21.39 4.58
CA GLY K 64 -51.40 21.94 5.72
C GLY K 64 -52.49 21.01 6.27
N LYS K 65 -52.95 20.11 5.41
CA LYS K 65 -53.98 19.15 5.76
C LYS K 65 -53.49 18.01 6.66
N ALA K 66 -52.32 17.46 6.38
CA ALA K 66 -51.84 16.32 7.15
C ALA K 66 -50.69 16.55 8.11
N THR K 67 -50.74 15.87 9.23
CA THR K 67 -49.64 15.86 10.19
C THR K 67 -49.48 14.40 10.61
N LEU K 68 -48.23 13.92 10.60
CA LEU K 68 -47.92 12.56 11.03
C LEU K 68 -47.18 12.47 12.37
N THR K 69 -47.60 11.51 13.20
CA THR K 69 -46.92 11.24 14.47
C THR K 69 -46.86 9.73 14.74
N ALA K 70 -46.07 9.33 15.74
CA ALA K 70 -45.98 7.93 16.13
C ALA K 70 -45.49 7.68 17.58
N ASP K 71 -46.11 6.71 18.24
CA ASP K 71 -45.81 6.36 19.62
C ASP K 71 -44.86 5.17 19.65
N LYS K 72 -43.55 5.44 19.79
CA LYS K 72 -42.54 4.38 19.81
C LYS K 72 -42.77 3.32 20.89
N SER K 73 -43.29 3.75 22.04
CA SER K 73 -43.47 2.85 23.18
C SER K 73 -44.53 1.80 22.88
N SER K 74 -45.48 2.16 22.01
CA SER K 74 -46.55 1.23 21.62
C SER K 74 -46.53 0.89 20.13
N SER K 75 -45.51 1.38 19.43
CA SER K 75 -45.31 1.11 18.01
C SER K 75 -46.55 1.43 17.18
N THR K 76 -47.03 2.64 17.30
CA THR K 76 -48.23 3.03 16.58
C THR K 76 -48.06 4.31 15.82
N ALA K 77 -48.54 4.33 14.58
CA ALA K 77 -48.47 5.50 13.72
C ALA K 77 -49.81 6.23 13.82
N PHE K 78 -49.79 7.54 13.65
CA PHE K 78 -51.00 8.36 13.71
C PHE K 78 -50.96 9.37 12.58
N MET K 79 -52.14 9.69 12.04
CA MET K 79 -52.28 10.73 11.02
C MET K 79 -53.53 11.53 11.37
N GLN K 80 -53.41 12.85 11.34
CA GLN K 80 -54.52 13.74 11.62
C GLN K 80 -54.75 14.59 10.39
N ILE K 81 -56.03 14.83 10.11
CA ILE K 81 -56.45 15.62 8.96
C ILE K 81 -57.19 16.86 9.49
N SER K 82 -56.92 18.03 8.92
CA SER K 82 -57.58 19.26 9.37
C SER K 82 -58.50 19.89 8.36
N SER K 83 -59.51 20.61 8.85
CA SER K 83 -60.44 21.40 8.01
C SER K 83 -61.03 20.53 6.91
N LEU K 84 -61.65 19.43 7.33
CA LEU K 84 -62.16 18.41 6.43
C LEU K 84 -63.31 18.86 5.53
N THR K 85 -63.23 18.45 4.27
CA THR K 85 -64.25 18.79 3.29
C THR K 85 -64.69 17.52 2.56
N SER K 86 -65.58 17.68 1.59
CA SER K 86 -66.09 16.56 0.82
C SER K 86 -64.98 15.84 0.07
N GLU K 87 -63.92 16.55 -0.28
CA GLU K 87 -62.80 15.94 -1.00
C GLU K 87 -61.96 15.01 -0.12
N ASP K 88 -62.14 15.09 1.19
CA ASP K 88 -61.36 14.24 2.09
C ASP K 88 -62.03 12.90 2.39
N SER K 89 -63.24 12.70 1.87
CA SER K 89 -63.92 11.44 2.10
C SER K 89 -63.22 10.39 1.22
N ALA K 90 -62.68 9.37 1.86
CA ALA K 90 -61.89 8.38 1.15
C ALA K 90 -61.47 7.29 2.13
N VAL K 91 -60.86 6.24 1.60
CA VAL K 91 -60.31 5.17 2.42
C VAL K 91 -58.81 5.45 2.51
N TYR K 92 -58.29 5.45 3.73
CA TYR K 92 -56.87 5.72 3.97
C TYR K 92 -56.16 4.46 4.37
N PHE K 93 -54.93 4.26 3.87
CA PHE K 93 -54.13 3.07 4.17
C PHE K 93 -52.77 3.44 4.76
N CYS K 94 -52.29 2.59 5.67
CA CYS K 94 -50.95 2.72 6.22
C CYS K 94 -50.18 1.57 5.58
N ALA K 95 -48.88 1.78 5.36
CA ALA K 95 -48.03 0.78 4.69
C ALA K 95 -46.54 0.88 5.05
N ARG K 96 -45.92 -0.28 5.29
CA ARG K 96 -44.52 -0.35 5.69
C ARG K 96 -43.52 -0.44 4.52
N PRO K 97 -42.35 0.48 4.58
CA PRO K 97 -41.24 0.44 3.65
C PRO K 97 -40.56 -0.91 3.69
N TYR K 98 -40.27 -1.44 2.52
CA TYR K 98 -39.75 -2.80 2.44
C TYR K 98 -38.43 -2.89 3.19
N ARG K 99 -37.55 -1.81 3.01
CA ARG K 99 -36.14 -1.94 3.32
C ARG K 99 -35.68 -1.03 4.45
N TYR K 100 -36.27 -1.20 5.64
CA TYR K 100 -35.87 -0.50 6.87
C TYR K 100 -36.08 1.01 6.79
N ASP K 101 -35.01 1.79 6.64
CA ASP K 101 -35.16 3.24 6.56
C ASP K 101 -35.22 3.73 5.11
N GLY K 102 -35.22 2.80 4.16
CA GLY K 102 -35.27 3.16 2.75
C GLY K 102 -36.71 3.07 2.22
N GLY K 103 -37.04 3.89 1.23
CA GLY K 103 -38.39 3.84 0.66
C GLY K 103 -38.43 3.41 -0.80
N VAL K 104 -37.81 2.27 -1.10
CA VAL K 104 -37.72 1.75 -2.45
C VAL K 104 -38.17 0.29 -2.40
N TYR K 105 -38.24 -0.38 -3.55
CA TYR K 105 -38.72 -1.76 -3.56
C TYR K 105 -40.12 -1.91 -3.02
N ALA K 106 -40.92 -0.84 -3.10
CA ALA K 106 -42.35 -0.91 -2.86
C ALA K 106 -42.77 -1.05 -1.41
N MET K 107 -44.07 -1.19 -1.17
CA MET K 107 -44.63 -1.25 0.19
C MET K 107 -45.03 -2.72 0.34
N ASP K 108 -44.35 -3.47 1.19
CA ASP K 108 -44.65 -4.89 1.37
C ASP K 108 -45.73 -5.35 2.36
N TYR K 109 -46.08 -4.53 3.36
CA TYR K 109 -47.17 -4.86 4.32
C TYR K 109 -48.13 -3.68 4.43
N TRP K 110 -49.63 -3.91 4.13
CA TRP K 110 -50.56 -2.79 4.20
C TRP K 110 -51.59 -3.04 5.29
N GLY K 111 -52.15 -1.95 5.80
CA GLY K 111 -53.21 -2.05 6.79
C GLY K 111 -54.51 -2.39 6.09
N GLN K 112 -55.55 -2.71 6.85
CA GLN K 112 -56.82 -3.10 6.26
C GLN K 112 -57.57 -1.93 5.58
N GLY K 113 -57.24 -0.71 6.00
CA GLY K 113 -57.90 0.46 5.46
C GLY K 113 -58.92 1.03 6.43
N THR K 114 -58.99 2.35 6.52
CA THR K 114 -59.97 3.03 7.36
C THR K 114 -60.75 4.06 6.54
N SER K 115 -62.08 3.91 6.54
CA SER K 115 -62.98 4.78 5.79
C SER K 115 -63.38 6.01 6.59
N VAL K 116 -63.27 7.17 5.94
CA VAL K 116 -63.66 8.44 6.53
C VAL K 116 -64.71 9.13 5.65
N THR K 117 -65.82 9.50 6.27
CA THR K 117 -66.90 10.22 5.61
C THR K 117 -67.03 11.62 6.23
N VAL K 118 -66.95 12.65 5.40
CA VAL K 118 -67.13 14.02 5.88
C VAL K 118 -68.53 14.46 5.46
N SER K 119 -69.43 14.64 6.42
CA SER K 119 -70.83 14.97 6.11
C SER K 119 -71.62 15.56 7.27
N ASP L 1 -12.89 14.28 -45.67
CA ASP L 1 -14.18 13.88 -45.02
C ASP L 1 -14.45 12.41 -45.29
N ILE L 2 -15.44 11.87 -44.59
CA ILE L 2 -15.85 10.48 -44.76
C ILE L 2 -17.04 10.49 -45.74
N VAL L 3 -17.01 9.62 -46.74
CA VAL L 3 -18.10 9.58 -47.71
C VAL L 3 -18.96 8.36 -47.47
N MET L 4 -20.27 8.61 -47.36
CA MET L 4 -21.22 7.54 -47.14
C MET L 4 -21.98 7.34 -48.45
N THR L 5 -22.18 6.07 -48.81
CA THR L 5 -22.91 5.76 -50.02
C THR L 5 -23.84 4.61 -49.73
N GLN L 6 -25.01 4.65 -50.35
CA GLN L 6 -25.94 3.55 -50.22
C GLN L 6 -26.05 2.82 -51.55
N SER L 7 -26.20 1.50 -51.48
CA SER L 7 -26.20 0.62 -52.64
C SER L 7 -27.08 1.11 -53.77
N PRO L 8 -28.39 1.00 -53.57
CA PRO L 8 -29.36 1.59 -54.49
C PRO L 8 -29.85 2.93 -53.97
N SER L 9 -30.34 3.76 -54.89
CA SER L 9 -31.06 4.94 -54.47
C SER L 9 -32.56 4.66 -54.49
N TYR L 10 -32.92 3.45 -54.92
CA TYR L 10 -34.32 3.10 -54.95
C TYR L 10 -34.61 1.60 -55.00
N LEU L 11 -35.74 1.23 -54.40
CA LEU L 11 -36.18 -0.15 -54.37
C LEU L 11 -37.68 -0.19 -54.58
N SER L 12 -38.15 -1.15 -55.36
CA SER L 12 -39.58 -1.34 -55.56
C SER L 12 -39.82 -2.53 -54.65
N VAL L 13 -40.80 -2.42 -53.74
CA VAL L 13 -41.05 -3.44 -52.74
C VAL L 13 -42.51 -3.78 -52.58
N SER L 14 -42.78 -4.86 -51.84
CA SER L 14 -44.14 -5.31 -51.59
C SER L 14 -44.49 -5.22 -50.12
N LEU L 15 -45.74 -4.91 -49.81
CA LEU L 15 -46.16 -4.79 -48.42
C LEU L 15 -46.02 -6.18 -47.79
N GLY L 16 -45.50 -6.24 -46.58
CA GLY L 16 -45.32 -7.54 -45.96
C GLY L 16 -43.98 -8.22 -46.07
N GLY L 17 -43.15 -7.83 -47.04
CA GLY L 17 -41.85 -8.49 -47.12
C GLY L 17 -40.75 -7.81 -46.32
N ARG L 18 -39.57 -8.41 -46.34
CA ARG L 18 -38.40 -7.86 -45.65
C ARG L 18 -37.61 -6.97 -46.62
N VAL L 19 -37.28 -5.78 -46.15
CA VAL L 19 -36.52 -4.82 -46.95
C VAL L 19 -35.19 -4.52 -46.28
N THR L 20 -34.11 -4.60 -47.03
CA THR L 20 -32.80 -4.27 -46.49
C THR L 20 -32.14 -3.12 -47.25
N ILE L 21 -31.57 -2.17 -46.52
CA ILE L 21 -30.85 -1.06 -47.13
C ILE L 21 -29.46 -1.04 -46.50
N THR L 22 -28.43 -1.33 -47.29
CA THR L 22 -27.07 -1.25 -46.77
C THR L 22 -26.29 -0.02 -47.23
N CYS L 23 -25.47 0.49 -46.33
CA CYS L 23 -24.69 1.71 -46.54
C CYS L 23 -23.23 1.30 -46.30
N LYS L 24 -22.30 1.85 -47.08
CA LYS L 24 -20.90 1.51 -46.88
C LYS L 24 -20.04 2.76 -46.80
N ALA L 25 -19.21 2.85 -45.76
CA ALA L 25 -18.43 4.07 -45.51
C ALA L 25 -17.13 4.00 -46.29
N SER L 26 -16.60 5.15 -46.67
CA SER L 26 -15.31 5.18 -47.35
C SER L 26 -14.19 4.81 -46.38
N ASP L 27 -14.49 4.83 -45.08
CA ASP L 27 -13.51 4.44 -44.07
C ASP L 27 -14.19 3.81 -42.86
N HIS L 28 -13.40 3.25 -41.95
CA HIS L 28 -13.95 2.60 -40.78
C HIS L 28 -14.54 3.65 -39.83
N ILE L 29 -15.82 3.50 -39.49
CA ILE L 29 -16.47 4.41 -38.57
C ILE L 29 -16.92 3.69 -37.30
N ASN L 30 -16.72 2.26 -37.18
CA ASN L 30 -16.80 1.62 -35.88
C ASN L 30 -18.13 1.70 -35.14
N ASN L 31 -19.22 1.45 -35.86
CA ASN L 31 -20.55 1.50 -35.28
C ASN L 31 -21.06 2.89 -34.86
N TRP L 32 -20.36 3.94 -35.30
CA TRP L 32 -20.82 5.31 -35.04
C TRP L 32 -21.64 5.70 -36.27
N LEU L 33 -22.85 5.17 -36.38
CA LEU L 33 -23.72 5.43 -37.53
C LEU L 33 -25.19 5.43 -37.14
N ALA L 34 -25.94 6.31 -37.80
CA ALA L 34 -27.36 6.53 -37.53
C ALA L 34 -28.17 6.34 -38.82
N TRP L 35 -29.44 6.00 -38.65
CA TRP L 35 -30.36 5.88 -39.78
C TRP L 35 -31.50 6.83 -39.56
N TYR L 36 -31.92 7.49 -40.63
CA TYR L 36 -33.05 8.41 -40.58
C TYR L 36 -34.09 8.03 -41.64
N GLN L 37 -35.37 8.36 -41.41
CA GLN L 37 -36.45 8.09 -42.32
C GLN L 37 -37.07 9.44 -42.62
N GLN L 38 -37.30 9.73 -43.89
CA GLN L 38 -37.92 10.99 -44.23
C GLN L 38 -39.01 10.84 -45.24
N LYS L 39 -40.16 11.45 -44.92
CA LYS L 39 -41.30 11.52 -45.82
C LYS L 39 -41.36 12.92 -46.43
N PRO L 40 -41.99 13.03 -47.63
CA PRO L 40 -42.11 14.21 -48.50
C PRO L 40 -42.40 15.58 -47.92
N GLY L 41 -42.99 15.67 -46.74
CA GLY L 41 -43.18 17.01 -46.20
C GLY L 41 -42.67 17.27 -44.79
N ASN L 42 -41.63 16.57 -44.35
CA ASN L 42 -41.13 16.84 -43.02
C ASN L 42 -39.67 16.53 -42.81
N ALA L 43 -39.20 16.79 -41.60
CA ALA L 43 -37.82 16.55 -41.26
C ALA L 43 -37.55 15.07 -41.13
N PRO L 44 -36.28 14.67 -41.25
CA PRO L 44 -35.94 13.26 -41.15
C PRO L 44 -36.17 12.83 -39.71
N ARG L 45 -36.55 11.57 -39.51
CA ARG L 45 -36.81 11.05 -38.18
C ARG L 45 -35.74 10.02 -37.81
N LEU L 46 -35.16 10.15 -36.63
CA LEU L 46 -34.10 9.23 -36.24
C LEU L 46 -34.71 7.85 -35.90
N LEU L 47 -34.20 6.81 -36.56
CA LEU L 47 -34.63 5.44 -36.27
C LEU L 47 -33.55 4.74 -35.46
N ILE L 48 -32.25 4.80 -35.94
CA ILE L 48 -31.08 4.12 -35.40
C ILE L 48 -29.96 5.06 -34.96
N SER L 49 -29.36 4.74 -33.82
CA SER L 49 -28.11 5.38 -33.39
C SER L 49 -27.15 4.24 -33.01
N GLY L 50 -25.85 4.49 -33.13
CA GLY L 50 -24.88 3.49 -32.70
C GLY L 50 -25.03 2.17 -33.45
N ALA L 51 -25.43 2.30 -34.71
CA ALA L 51 -25.65 1.18 -35.63
C ALA L 51 -26.78 0.19 -35.32
N THR L 52 -26.99 -0.13 -34.04
CA THR L 52 -27.98 -1.13 -33.67
C THR L 52 -29.11 -0.68 -32.73
N SER L 53 -29.00 0.50 -32.15
CA SER L 53 -29.97 0.93 -31.15
C SER L 53 -31.22 1.64 -31.71
N LEU L 54 -32.36 1.02 -31.27
CA LEU L 54 -33.64 1.58 -31.64
C LEU L 54 -34.01 2.76 -30.75
N GLU L 55 -34.52 3.82 -31.36
CA GLU L 55 -34.91 5.00 -30.62
C GLU L 55 -36.33 4.81 -30.11
N THR L 56 -36.70 5.56 -29.07
CA THR L 56 -38.03 5.41 -28.49
C THR L 56 -39.09 5.75 -29.53
N GLY L 57 -40.11 4.91 -29.62
CA GLY L 57 -41.21 5.16 -30.54
C GLY L 57 -41.05 4.42 -31.85
N VAL L 58 -39.84 3.96 -32.13
CA VAL L 58 -39.56 3.27 -33.35
C VAL L 58 -40.07 1.84 -33.27
N PRO L 59 -40.92 1.46 -34.25
CA PRO L 59 -41.44 0.09 -34.25
C PRO L 59 -40.32 -0.94 -34.26
N SER L 60 -40.54 -2.04 -33.56
CA SER L 60 -39.56 -3.11 -33.45
C SER L 60 -39.26 -3.86 -34.75
N ARG L 61 -40.08 -3.66 -35.78
CA ARG L 61 -39.77 -4.29 -37.07
C ARG L 61 -38.54 -3.66 -37.73
N PHE L 62 -38.13 -2.50 -37.24
CA PHE L 62 -36.94 -1.84 -37.73
C PHE L 62 -35.75 -2.34 -36.91
N SER L 63 -34.62 -2.58 -37.56
CA SER L 63 -33.40 -2.97 -36.86
C SER L 63 -32.22 -2.66 -37.73
N GLY L 64 -31.05 -2.57 -37.11
CA GLY L 64 -29.85 -2.28 -37.86
C GLY L 64 -28.66 -3.07 -37.37
N SER L 65 -27.67 -3.24 -38.22
CA SER L 65 -26.48 -3.96 -37.83
C SER L 65 -25.34 -3.68 -38.78
N GLY L 66 -24.18 -4.27 -38.48
CA GLY L 66 -23.00 -4.09 -39.30
C GLY L 66 -21.83 -3.63 -38.44
N SER L 67 -20.71 -3.37 -39.08
CA SER L 67 -19.50 -2.97 -38.39
C SER L 67 -18.44 -2.46 -39.33
N GLY L 68 -17.46 -1.78 -38.76
CA GLY L 68 -16.36 -1.29 -39.55
C GLY L 68 -16.79 -0.24 -40.55
N LYS L 69 -17.16 -0.69 -41.75
CA LYS L 69 -17.59 0.23 -42.79
C LYS L 69 -18.90 -0.18 -43.45
N ASP L 70 -19.42 -1.34 -43.08
CA ASP L 70 -20.64 -1.83 -43.71
C ASP L 70 -21.81 -2.05 -42.78
N PHE L 71 -22.87 -1.28 -43.02
CA PHE L 71 -24.04 -1.33 -42.16
C PHE L 71 -25.31 -1.53 -42.97
N THR L 72 -26.34 -2.03 -42.30
CA THR L 72 -27.61 -2.30 -42.95
C THR L 72 -28.81 -2.04 -42.05
N LEU L 73 -29.88 -1.54 -42.65
CA LEU L 73 -31.13 -1.29 -41.96
C LEU L 73 -32.08 -2.37 -42.47
N SER L 74 -32.79 -3.03 -41.56
CA SER L 74 -33.75 -4.04 -41.98
C SER L 74 -35.15 -3.77 -41.48
N ILE L 75 -36.11 -3.91 -42.38
CA ILE L 75 -37.50 -3.71 -42.02
C ILE L 75 -38.27 -4.99 -42.38
N THR L 76 -38.83 -5.61 -41.36
CA THR L 76 -39.62 -6.82 -41.54
C THR L 76 -41.08 -6.40 -41.80
N SER L 77 -41.89 -7.32 -42.34
CA SER L 77 -43.30 -7.06 -42.62
C SER L 77 -43.59 -5.58 -42.90
N LEU L 78 -43.02 -5.11 -44.00
CA LEU L 78 -43.15 -3.72 -44.42
C LEU L 78 -44.58 -3.22 -44.42
N GLN L 79 -44.81 -2.09 -43.76
CA GLN L 79 -46.14 -1.46 -43.65
C GLN L 79 -46.17 -0.34 -44.68
N THR L 80 -47.37 0.11 -45.07
CA THR L 80 -47.46 1.19 -46.03
C THR L 80 -46.84 2.48 -45.47
N GLU L 81 -46.94 2.67 -44.16
CA GLU L 81 -46.43 3.89 -43.55
C GLU L 81 -44.89 3.87 -43.60
N ASP L 82 -44.33 2.70 -43.87
CA ASP L 82 -42.89 2.58 -43.95
C ASP L 82 -42.34 3.01 -45.30
N VAL L 83 -43.21 3.31 -46.26
CA VAL L 83 -42.70 3.72 -47.55
C VAL L 83 -42.17 5.16 -47.47
N ALA L 84 -40.86 5.32 -47.57
CA ALA L 84 -40.23 6.64 -47.44
C ALA L 84 -38.78 6.59 -47.92
N THR L 85 -38.02 7.67 -47.71
CA THR L 85 -36.61 7.64 -48.09
C THR L 85 -35.79 7.46 -46.82
N TYR L 86 -34.79 6.59 -46.87
CA TYR L 86 -33.97 6.32 -45.70
C TYR L 86 -32.55 6.76 -45.92
N HIS L 87 -31.90 7.33 -44.88
CA HIS L 87 -30.53 7.84 -44.96
C HIS L 87 -29.65 7.25 -43.86
N CYS L 88 -28.37 7.02 -44.14
CA CYS L 88 -27.44 6.66 -43.07
C CYS L 88 -26.68 7.94 -42.77
N GLN L 89 -26.01 7.99 -41.62
CA GLN L 89 -25.15 9.11 -41.29
C GLN L 89 -23.97 8.61 -40.47
N GLN L 90 -22.78 9.12 -40.76
CA GLN L 90 -21.64 8.80 -39.90
C GLN L 90 -21.34 10.00 -39.01
N TYR L 91 -20.97 9.73 -37.77
CA TYR L 91 -20.53 10.78 -36.87
C TYR L 91 -19.26 10.37 -36.17
N TRP L 92 -18.42 9.62 -36.87
CA TRP L 92 -17.14 9.21 -36.28
C TRP L 92 -16.16 10.37 -36.46
N SER L 93 -16.27 11.11 -37.55
CA SER L 93 -15.40 12.27 -37.74
C SER L 93 -16.07 13.41 -38.48
N THR L 94 -15.70 14.70 -38.18
CA THR L 94 -16.33 15.85 -38.83
C THR L 94 -15.56 16.13 -40.11
N PRO L 95 -16.22 16.69 -41.12
CA PRO L 95 -17.65 17.02 -41.15
C PRO L 95 -18.58 15.81 -41.19
N LEU L 96 -19.79 15.95 -40.65
CA LEU L 96 -20.66 14.80 -40.50
C LEU L 96 -21.15 14.50 -41.92
N THR L 97 -21.32 13.22 -42.25
CA THR L 97 -21.71 12.89 -43.62
C THR L 97 -22.92 11.98 -43.64
N PHE L 98 -23.81 12.24 -44.61
CA PHE L 98 -25.02 11.45 -44.84
C PHE L 98 -24.93 10.69 -46.15
N GLY L 99 -25.62 9.57 -46.25
CA GLY L 99 -25.64 8.82 -47.49
C GLY L 99 -26.62 9.55 -48.42
N ALA L 100 -26.59 9.19 -49.71
CA ALA L 100 -27.42 9.85 -50.70
C ALA L 100 -28.91 9.54 -50.58
N GLY L 101 -29.23 8.51 -49.81
CA GLY L 101 -30.63 8.12 -49.63
C GLY L 101 -31.14 6.99 -50.51
N THR L 102 -32.01 6.18 -49.93
CA THR L 102 -32.65 5.09 -50.65
C THR L 102 -34.16 5.27 -50.52
N LYS L 103 -34.83 5.45 -51.64
CA LYS L 103 -36.26 5.65 -51.63
C LYS L 103 -37.02 4.36 -51.89
N LEU L 104 -37.97 4.04 -51.00
CA LEU L 104 -38.81 2.87 -51.20
C LEU L 104 -40.07 3.29 -51.96
N GLU L 105 -40.44 2.47 -52.94
CA GLU L 105 -41.65 2.67 -53.72
C GLU L 105 -42.37 1.31 -53.73
N LEU L 106 -43.70 1.32 -53.81
CA LEU L 106 -44.43 0.06 -53.83
C LEU L 106 -44.60 -0.43 -55.26
N LYS L 107 -44.32 -1.72 -55.47
CA LYS L 107 -44.42 -2.33 -56.79
C LYS L 107 -45.85 -2.69 -57.20
N ARG L 108 -46.18 -2.48 -58.47
CA ARG L 108 -47.50 -2.82 -58.98
C ARG L 108 -47.41 -3.13 -60.46
N ALA L 109 -48.50 -3.65 -61.03
CA ALA L 109 -48.51 -3.99 -62.44
C ALA L 109 -48.30 -2.75 -63.30
N GLN M 1 -39.18 20.84 -28.54
CA GLN M 1 -39.94 21.61 -29.49
C GLN M 1 -39.01 22.71 -30.00
N LEU M 2 -38.84 22.79 -31.31
CA LEU M 2 -38.00 23.84 -31.91
C LEU M 2 -38.86 24.56 -32.94
N GLN M 3 -38.76 25.89 -32.96
CA GLN M 3 -39.50 26.70 -33.90
C GLN M 3 -38.59 27.48 -34.83
N GLN M 4 -38.80 27.28 -36.13
CA GLN M 4 -37.99 27.95 -37.12
C GLN M 4 -38.81 29.04 -37.78
N SER M 5 -38.13 29.88 -38.56
CA SER M 5 -38.76 30.99 -39.26
C SER M 5 -39.59 30.57 -40.48
N GLY M 6 -40.42 31.51 -40.94
CA GLY M 6 -41.27 31.26 -42.08
C GLY M 6 -40.44 31.34 -43.35
N ALA M 7 -41.09 31.06 -44.48
CA ALA M 7 -40.44 31.01 -45.79
C ALA M 7 -39.88 32.37 -46.23
N GLU M 8 -38.75 32.32 -46.94
CA GLU M 8 -38.04 33.50 -47.42
C GLU M 8 -37.85 33.53 -48.95
N LEU M 9 -37.86 34.73 -49.52
CA LEU M 9 -37.61 34.94 -50.95
C LEU M 9 -36.63 36.12 -50.98
N VAL M 10 -35.43 35.88 -51.47
CA VAL M 10 -34.41 36.92 -51.52
C VAL M 10 -33.75 36.97 -52.88
N ARG M 11 -33.34 38.17 -53.28
CA ARG M 11 -32.80 38.37 -54.61
C ARG M 11 -31.32 37.97 -54.61
N PRO M 12 -30.80 37.50 -55.77
CA PRO M 12 -29.40 37.05 -55.79
C PRO M 12 -28.45 38.14 -55.26
N GLY M 13 -27.44 37.73 -54.50
CA GLY M 13 -26.51 38.68 -53.93
C GLY M 13 -26.87 39.12 -52.52
N SER M 14 -28.18 39.17 -52.21
CA SER M 14 -28.72 39.50 -50.89
C SER M 14 -28.23 38.62 -49.71
N SER M 15 -29.01 38.62 -48.62
CA SER M 15 -28.67 37.83 -47.43
C SER M 15 -29.87 37.64 -46.50
N VAL M 16 -29.84 36.53 -45.75
CA VAL M 16 -30.94 36.15 -44.88
C VAL M 16 -30.45 35.64 -43.51
N LYS M 17 -31.24 35.95 -42.49
CA LYS M 17 -30.93 35.57 -41.12
C LYS M 17 -32.13 34.75 -40.66
N ILE M 18 -31.89 33.50 -40.30
CA ILE M 18 -32.96 32.60 -39.89
C ILE M 18 -32.75 32.11 -38.46
N SER M 19 -33.85 32.08 -37.71
CA SER M 19 -33.85 31.66 -36.32
C SER M 19 -34.45 30.28 -36.01
N CYS M 20 -33.97 29.69 -34.91
CA CYS M 20 -34.48 28.42 -34.43
C CYS M 20 -34.61 28.67 -32.92
N LYS M 21 -35.83 28.84 -32.43
CA LYS M 21 -36.05 29.05 -30.99
C LYS M 21 -36.25 27.78 -30.16
N ALA M 22 -35.49 27.64 -29.14
CA ALA M 22 -35.53 26.43 -28.29
C ALA M 22 -36.55 26.55 -27.20
N SER M 23 -37.20 25.43 -26.87
CA SER M 23 -38.19 25.39 -25.83
C SER M 23 -38.39 23.95 -25.33
N GLY M 24 -38.77 23.79 -24.05
CA GLY M 24 -39.03 22.49 -23.42
C GLY M 24 -37.84 21.86 -22.72
N TYR M 25 -36.75 22.62 -22.59
CA TYR M 25 -35.52 22.12 -21.95
C TYR M 25 -34.59 23.28 -21.69
N ALA M 26 -33.46 22.98 -21.01
CA ALA M 26 -32.40 23.95 -20.67
C ALA M 26 -31.34 24.11 -21.79
N PHE M 27 -31.57 25.14 -22.61
CA PHE M 27 -30.75 25.45 -23.77
C PHE M 27 -29.24 25.61 -23.45
N SER M 28 -28.92 26.18 -22.28
CA SER M 28 -27.55 26.60 -21.94
C SER M 28 -26.53 25.46 -21.87
N SER M 29 -27.03 24.22 -21.89
CA SER M 29 -26.20 23.02 -21.91
C SER M 29 -25.97 22.38 -23.29
N TYR M 30 -26.65 22.83 -24.45
CA TYR M 30 -26.62 22.13 -25.77
C TYR M 30 -26.18 22.99 -26.89
N TRP M 31 -25.45 22.40 -27.83
CA TRP M 31 -25.18 23.06 -29.12
C TRP M 31 -26.39 23.02 -30.04
N MET M 32 -26.28 23.69 -31.18
CA MET M 32 -27.24 23.55 -32.26
C MET M 32 -26.54 23.17 -33.59
N ASN M 33 -27.08 22.13 -34.25
CA ASN M 33 -26.62 21.67 -35.54
C ASN M 33 -27.52 22.09 -36.67
N TRP M 34 -26.93 22.50 -37.81
CA TRP M 34 -27.67 22.94 -39.00
C TRP M 34 -27.30 22.11 -40.26
N VAL M 35 -28.33 21.72 -41.05
CA VAL M 35 -28.06 21.06 -42.32
C VAL M 35 -28.84 21.65 -43.46
N LYS M 36 -28.55 21.20 -44.65
CA LYS M 36 -29.15 21.69 -45.90
C LYS M 36 -29.64 20.53 -46.80
N GLN M 37 -30.80 20.71 -47.41
CA GLN M 37 -31.39 19.73 -48.32
C GLN M 37 -31.99 20.43 -49.56
N ARG M 38 -31.45 20.17 -50.73
CA ARG M 38 -32.00 20.75 -51.96
C ARG M 38 -33.17 19.89 -52.45
N PRO M 39 -34.13 20.49 -53.19
CA PRO M 39 -35.32 19.79 -53.70
C PRO M 39 -35.08 18.43 -54.36
N GLY M 40 -35.68 17.40 -53.76
CA GLY M 40 -35.56 16.05 -54.26
C GLY M 40 -34.19 15.45 -54.04
N GLN M 41 -33.37 16.10 -53.22
CA GLN M 41 -32.00 15.63 -53.00
C GLN M 41 -31.68 15.29 -51.54
N GLY M 42 -30.43 14.92 -51.29
CA GLY M 42 -29.99 14.56 -49.94
C GLY M 42 -29.58 15.62 -48.94
N LEU M 43 -29.12 15.16 -47.78
CA LEU M 43 -28.70 16.01 -46.66
C LEU M 43 -27.22 16.35 -46.64
N GLU M 44 -26.90 17.58 -46.27
CA GLU M 44 -25.51 18.03 -46.16
C GLU M 44 -25.32 18.78 -44.84
N TRP M 45 -24.17 18.57 -44.19
CA TRP M 45 -23.87 19.22 -42.92
C TRP M 45 -23.23 20.62 -43.07
N ILE M 46 -23.83 21.63 -42.37
CA ILE M 46 -23.27 22.98 -42.46
C ILE M 46 -22.29 23.27 -41.31
N GLY M 47 -22.78 23.11 -40.08
CA GLY M 47 -21.95 23.41 -38.93
C GLY M 47 -22.72 23.26 -37.65
N GLN M 48 -22.04 23.54 -36.55
CA GLN M 48 -22.62 23.48 -35.23
C GLN M 48 -21.97 24.52 -34.35
N ILE M 49 -22.73 25.04 -33.40
CA ILE M 49 -22.34 26.20 -32.63
C ILE M 49 -22.42 25.86 -31.17
N TYR M 50 -21.46 26.36 -30.40
CA TYR M 50 -21.58 26.33 -28.96
C TYR M 50 -21.96 27.76 -28.63
N PRO M 51 -23.24 27.99 -28.31
CA PRO M 51 -23.76 29.31 -27.95
C PRO M 51 -22.95 30.04 -26.88
N GLY M 52 -22.53 29.31 -25.84
CA GLY M 52 -21.85 29.90 -24.71
C GLY M 52 -20.75 30.91 -25.03
N ASP M 53 -19.79 30.48 -25.83
CA ASP M 53 -18.68 31.35 -26.20
C ASP M 53 -18.63 31.62 -27.71
N GLY M 54 -19.72 31.31 -28.40
CA GLY M 54 -19.77 31.43 -29.85
C GLY M 54 -18.81 30.56 -30.65
N ALA M 55 -18.27 29.50 -30.05
CA ALA M 55 -17.35 28.64 -30.80
C ALA M 55 -18.16 27.86 -31.82
N THR M 56 -17.55 27.52 -32.94
CA THR M 56 -18.27 26.79 -33.97
C THR M 56 -17.38 26.10 -34.97
N ASN M 57 -17.99 24.97 -35.55
CA ASN M 57 -17.12 24.30 -36.51
C ASN M 57 -17.79 24.48 -37.86
N TYR M 58 -16.98 24.65 -38.91
CA TYR M 58 -17.48 24.86 -40.26
C TYR M 58 -17.21 23.73 -41.25
N ASN M 59 -18.22 23.37 -42.03
CA ASN M 59 -17.99 22.52 -43.19
C ASN M 59 -17.35 23.45 -44.21
N GLY M 60 -16.20 23.06 -44.72
CA GLY M 60 -15.49 23.89 -45.69
C GLY M 60 -16.34 24.54 -46.76
N LYS M 61 -17.27 23.76 -47.32
CA LYS M 61 -18.21 24.25 -48.32
C LYS M 61 -18.96 25.52 -47.87
N PHE M 62 -19.25 25.63 -46.58
CA PHE M 62 -19.98 26.78 -46.08
C PHE M 62 -19.17 27.77 -45.23
N LYS M 63 -17.85 27.78 -45.39
CA LYS M 63 -16.99 28.69 -44.64
C LYS M 63 -17.24 30.20 -44.77
N GLY M 64 -17.16 30.74 -45.99
CA GLY M 64 -17.44 32.16 -46.16
C GLY M 64 -18.93 32.46 -46.27
N LYS M 65 -19.70 31.45 -46.66
CA LYS M 65 -21.13 31.56 -46.82
C LYS M 65 -21.91 31.61 -45.49
N ALA M 66 -21.53 30.77 -44.53
CA ALA M 66 -22.29 30.71 -43.29
C ALA M 66 -21.63 31.30 -42.05
N THR M 67 -22.44 31.91 -41.21
CA THR M 67 -22.00 32.37 -39.90
C THR M 67 -23.11 31.96 -38.92
N LEU M 68 -22.71 31.36 -37.81
CA LEU M 68 -23.64 30.96 -36.75
C LEU M 68 -23.57 31.81 -35.49
N THR M 69 -24.74 32.15 -34.94
CA THR M 69 -24.83 32.87 -33.68
C THR M 69 -26.00 32.35 -32.83
N ALA M 70 -26.06 32.75 -31.56
CA ALA M 70 -27.15 32.36 -30.68
C ALA M 70 -27.37 33.30 -29.47
N ASP M 71 -28.64 33.54 -29.15
CA ASP M 71 -29.05 34.43 -28.07
C ASP M 71 -29.37 33.60 -26.82
N LYS M 72 -28.40 33.48 -25.91
CA LYS M 72 -28.60 32.68 -24.69
C LYS M 72 -29.79 33.13 -23.84
N SER M 73 -30.05 34.42 -23.82
CA SER M 73 -31.11 34.98 -22.98
C SER M 73 -32.48 34.53 -23.45
N SER M 74 -32.58 34.26 -24.76
CA SER M 74 -33.84 33.78 -25.34
C SER M 74 -33.73 32.38 -25.94
N SER M 75 -32.58 31.75 -25.76
CA SER M 75 -32.33 30.39 -26.22
C SER M 75 -32.65 30.21 -27.71
N THR M 76 -32.05 31.05 -28.54
CA THR M 76 -32.35 30.99 -29.96
C THR M 76 -31.07 30.95 -30.78
N ALA M 77 -31.07 30.06 -31.79
CA ALA M 77 -29.94 29.91 -32.69
C ALA M 77 -30.24 30.72 -33.95
N PHE M 78 -29.19 31.22 -34.59
CA PHE M 78 -29.33 32.01 -35.81
C PHE M 78 -28.27 31.56 -36.82
N MET M 79 -28.63 31.61 -38.10
CA MET M 79 -27.69 31.31 -39.17
C MET M 79 -27.93 32.35 -40.26
N GLN M 80 -26.84 32.93 -40.77
CA GLN M 80 -26.93 33.91 -41.84
C GLN M 80 -26.14 33.39 -43.01
N ILE M 81 -26.67 33.63 -44.20
CA ILE M 81 -26.06 33.19 -45.45
C ILE M 81 -25.70 34.44 -46.25
N SER M 82 -24.52 34.47 -46.87
CA SER M 82 -24.10 35.62 -47.66
C SER M 82 -23.96 35.36 -49.14
N SER M 83 -24.14 36.41 -49.95
CA SER M 83 -23.91 36.37 -51.41
C SER M 83 -24.67 35.20 -52.03
N LEU M 84 -25.98 35.20 -51.79
CA LEU M 84 -26.85 34.10 -52.18
C LEU M 84 -27.01 33.91 -53.69
N THR M 85 -26.97 32.65 -54.11
CA THR M 85 -27.10 32.29 -55.50
C THR M 85 -28.16 31.20 -55.66
N SER M 86 -28.37 30.74 -56.88
CA SER M 86 -29.34 29.70 -57.16
C SER M 86 -29.03 28.40 -56.41
N GLU M 87 -27.76 28.16 -56.12
CA GLU M 87 -27.37 26.95 -55.39
C GLU M 87 -27.76 26.99 -53.92
N ASP M 88 -28.12 28.16 -53.40
CA ASP M 88 -28.50 28.26 -52.00
C ASP M 88 -29.99 28.04 -51.76
N SER M 89 -30.76 27.86 -52.82
CA SER M 89 -32.18 27.63 -52.66
C SER M 89 -32.34 26.20 -52.15
N ALA M 90 -32.93 26.06 -50.97
CA ALA M 90 -33.02 24.78 -50.30
C ALA M 90 -33.83 24.94 -49.03
N VAL M 91 -34.12 23.81 -48.39
CA VAL M 91 -34.79 23.80 -47.09
C VAL M 91 -33.68 23.59 -46.06
N TYR M 92 -33.64 24.45 -45.05
CA TYR M 92 -32.62 24.38 -44.00
C TYR M 92 -33.24 23.88 -42.71
N PHE M 93 -32.52 23.03 -41.97
CA PHE M 93 -33.00 22.46 -40.70
C PHE M 93 -32.03 22.73 -39.57
N CYS M 94 -32.59 22.93 -38.38
CA CYS M 94 -31.80 23.06 -37.16
C CYS M 94 -32.04 21.76 -36.41
N ALA M 95 -31.05 21.31 -35.66
CA ALA M 95 -31.12 20.03 -34.94
C ALA M 95 -30.22 19.94 -33.71
N ARG M 96 -30.78 19.40 -32.63
CA ARG M 96 -30.07 19.29 -31.35
C ARG M 96 -29.25 18.00 -31.18
N PRO M 97 -27.85 18.16 -30.69
CA PRO M 97 -26.98 17.05 -30.33
C PRO M 97 -27.59 16.24 -29.21
N TYR M 98 -27.54 14.92 -29.36
CA TYR M 98 -28.23 14.05 -28.43
C TYR M 98 -27.68 14.25 -27.03
N ARG M 99 -26.28 14.37 -26.95
CA ARG M 99 -25.58 14.17 -25.69
C ARG M 99 -24.88 15.42 -25.18
N TYR M 100 -25.65 16.48 -24.92
CA TYR M 100 -25.17 17.72 -24.29
C TYR M 100 -24.12 18.45 -25.16
N ASP M 101 -22.84 18.40 -24.79
CA ASP M 101 -21.82 19.08 -25.57
C ASP M 101 -21.15 18.15 -26.57
N GLY M 102 -21.63 16.91 -26.66
CA GLY M 102 -21.07 15.93 -27.58
C GLY M 102 -21.88 15.86 -28.86
N GLY M 103 -21.23 15.55 -29.99
CA GLY M 103 -21.97 15.43 -31.25
C GLY M 103 -21.97 14.03 -31.84
N VAL M 104 -22.38 13.06 -31.04
CA VAL M 104 -22.41 11.65 -31.45
C VAL M 104 -23.80 11.11 -31.10
N TYR M 105 -24.08 9.86 -31.46
CA TYR M 105 -25.41 9.31 -31.21
C TYR M 105 -26.51 10.09 -31.91
N ALA M 106 -26.17 10.77 -33.00
CA ALA M 106 -27.15 11.34 -33.90
C ALA M 106 -27.86 12.60 -33.40
N MET M 107 -28.82 13.11 -34.18
CA MET M 107 -29.53 14.35 -33.87
C MET M 107 -30.91 13.87 -33.44
N ASP M 108 -31.26 14.02 -32.17
CA ASP M 108 -32.56 13.56 -31.68
C ASP M 108 -33.80 14.46 -31.76
N TYR M 109 -33.64 15.78 -31.87
CA TYR M 109 -34.77 16.73 -32.04
C TYR M 109 -34.49 17.66 -33.20
N TRP M 110 -35.51 17.73 -34.36
CA TRP M 110 -35.26 18.60 -35.50
C TRP M 110 -36.32 19.67 -35.59
N GLY M 111 -35.97 20.79 -36.22
CA GLY M 111 -36.92 21.86 -36.44
C GLY M 111 -37.81 21.49 -37.62
N GLN M 112 -38.86 22.26 -37.85
CA GLN M 112 -39.80 21.94 -38.92
C GLN M 112 -39.22 22.17 -40.33
N GLY M 113 -38.19 23.01 -40.41
CA GLY M 113 -37.57 23.34 -41.69
C GLY M 113 -38.00 24.70 -42.20
N THR M 114 -37.06 25.44 -42.77
CA THR M 114 -37.35 26.74 -43.36
C THR M 114 -36.86 26.79 -44.82
N SER M 115 -37.78 27.09 -45.72
CA SER M 115 -37.51 27.16 -47.15
C SER M 115 -37.01 28.54 -47.59
N VAL M 116 -35.91 28.53 -48.34
CA VAL M 116 -35.32 29.75 -48.87
C VAL M 116 -35.24 29.66 -50.40
N THR M 117 -35.79 30.67 -51.06
CA THR M 117 -35.74 30.78 -52.51
C THR M 117 -34.92 32.01 -52.90
N VAL M 118 -33.90 31.81 -53.73
CA VAL M 118 -33.08 32.93 -54.20
C VAL M 118 -33.51 33.20 -55.66
N SER M 119 -34.15 34.34 -55.90
CA SER M 119 -34.68 34.65 -57.23
C SER M 119 -34.99 36.11 -57.48
#